data_2MJH
#
_entry.id   2MJH
#
loop_
_entity.id
_entity.type
_entity.pdbx_description
1 polymer 'Female germline-specific tumor suppressor gld-1'
2 polymer "5'-CUACUCAUAU-3'"
#
loop_
_entity_poly.entity_id
_entity_poly.type
_entity_poly.pdbx_seq_one_letter_code
_entity_poly.pdbx_strand_id
1 'polypeptide(L)'
;LPEPAGDMISITEKIYVPKNEYPDYNFVGRILGPRGMTAKQLEQDTGCKIMVRGKGSMRDKSKESAHRGKANWEHLEDDL
HVLVQCEDTENRVHIKLQAALEQVKKLLIPAPEGTDELKRKQLMELAIINGTYRPMKSPNPA
;
A
2 'polyribonucleotide' CUACUCAUAU B
#
loop_
_chem_comp.id
_chem_comp.type
_chem_comp.name
_chem_comp.formula
A RNA linking ADENOSINE-5'-MONOPHOSPHATE 'C10 H14 N5 O7 P'
C RNA linking CYTIDINE-5'-MONOPHOSPHATE 'C9 H14 N3 O8 P'
U RNA linking URIDINE-5'-MONOPHOSPHATE 'C9 H13 N2 O9 P'
#
# COMPACT_ATOMS: atom_id res chain seq x y z
N LEU A 1 25.16 7.40 -0.23
CA LEU A 1 25.22 6.12 -0.96
C LEU A 1 26.63 5.89 -1.51
N PRO A 2 27.04 4.62 -1.65
CA PRO A 2 28.33 4.25 -2.19
C PRO A 2 28.36 4.47 -3.70
N GLU A 3 29.53 4.24 -4.31
CA GLU A 3 29.70 4.40 -5.75
C GLU A 3 29.07 3.20 -6.46
N PRO A 4 28.67 3.37 -7.74
CA PRO A 4 28.04 2.32 -8.52
C PRO A 4 28.92 1.09 -8.68
N ALA A 5 28.29 -0.04 -8.98
CA ALA A 5 28.97 -1.30 -9.22
C ALA A 5 29.15 -1.52 -10.73
N GLY A 6 29.34 -2.79 -11.12
CA GLY A 6 29.67 -3.13 -12.49
C GLY A 6 28.46 -3.28 -13.41
N ASP A 7 27.30 -3.66 -12.85
CA ASP A 7 26.09 -3.86 -13.63
C ASP A 7 24.83 -3.62 -12.81
N MET A 8 23.70 -3.46 -13.49
CA MET A 8 22.42 -3.19 -12.86
C MET A 8 21.80 -4.48 -12.32
N ILE A 9 21.31 -4.42 -11.08
CA ILE A 9 20.73 -5.57 -10.40
C ILE A 9 19.23 -5.35 -10.23
N SER A 10 18.47 -6.45 -10.06
CA SER A 10 17.04 -6.37 -9.80
C SER A 10 16.64 -7.46 -8.81
N ILE A 11 15.81 -7.11 -7.83
CA ILE A 11 15.35 -8.06 -6.83
C ILE A 11 14.01 -7.59 -6.23
N THR A 12 13.34 -8.47 -5.49
CA THR A 12 12.09 -8.12 -4.80
C THR A 12 11.96 -8.89 -3.50
N GLU A 13 11.15 -8.36 -2.59
CA GLU A 13 10.87 -8.99 -1.29
C GLU A 13 9.37 -9.20 -1.15
N LYS A 14 9.00 -10.34 -0.54
CA LYS A 14 7.61 -10.72 -0.35
C LYS A 14 7.34 -10.78 1.15
N ILE A 15 6.41 -9.95 1.62
CA ILE A 15 6.10 -9.83 3.03
C ILE A 15 4.59 -9.81 3.22
N TYR A 16 4.07 -10.82 3.91
CA TYR A 16 2.64 -10.93 4.13
C TYR A 16 2.17 -9.94 5.19
N VAL A 17 0.91 -9.53 5.08
CA VAL A 17 0.27 -8.61 6.02
C VAL A 17 -0.11 -9.36 7.29
N PRO A 18 0.18 -8.80 8.47
CA PRO A 18 -0.13 -9.39 9.76
C PRO A 18 -1.61 -9.28 10.13
N LYS A 19 -2.49 -9.34 9.13
CA LYS A 19 -3.93 -9.17 9.31
C LYS A 19 -4.54 -10.24 10.21
N ASN A 20 -3.78 -11.26 10.61
CA ASN A 20 -4.26 -12.27 11.54
C ASN A 20 -4.34 -11.70 12.96
N GLU A 21 -3.84 -10.48 13.14
CA GLU A 21 -3.90 -9.76 14.42
C GLU A 21 -4.83 -8.56 14.29
N TYR A 22 -5.08 -8.14 13.06
CA TYR A 22 -5.96 -7.02 12.73
C TYR A 22 -7.02 -7.46 11.70
N PRO A 23 -7.86 -8.45 12.04
CA PRO A 23 -8.81 -9.05 11.12
C PRO A 23 -9.93 -8.08 10.74
N ASP A 24 -9.99 -6.91 11.38
CA ASP A 24 -11.00 -5.89 11.11
C ASP A 24 -10.38 -4.67 10.43
N TYR A 25 -9.13 -4.76 9.98
CA TYR A 25 -8.44 -3.63 9.37
C TYR A 25 -8.26 -3.83 7.85
N ASN A 26 -8.15 -2.71 7.13
CA ASN A 26 -8.04 -2.67 5.69
C ASN A 26 -6.70 -2.07 5.25
N PHE A 27 -5.68 -2.92 5.16
CA PHE A 27 -4.34 -2.48 4.82
C PHE A 27 -4.24 -1.99 3.37
N VAL A 28 -5.04 -2.55 2.46
CA VAL A 28 -4.98 -2.16 1.06
C VAL A 28 -5.35 -0.69 0.91
N GLY A 29 -6.25 -0.19 1.77
CA GLY A 29 -6.65 1.20 1.73
C GLY A 29 -5.64 2.09 2.44
N ARG A 30 -4.94 1.54 3.44
CA ARG A 30 -3.97 2.30 4.21
C ARG A 30 -2.65 2.50 3.45
N ILE A 31 -2.22 1.50 2.69
CA ILE A 31 -0.96 1.57 1.95
C ILE A 31 -1.14 2.30 0.63
N LEU A 32 -2.30 2.16 -0.03
CA LEU A 32 -2.52 2.81 -1.32
C LEU A 32 -3.08 4.22 -1.14
N GLY A 33 -3.86 4.45 -0.09
CA GLY A 33 -4.42 5.77 0.20
C GLY A 33 -5.46 6.18 -0.84
N PRO A 34 -5.98 7.41 -0.74
CA PRO A 34 -7.04 7.90 -1.61
C PRO A 34 -6.54 8.01 -3.05
N ARG A 35 -7.34 7.49 -3.99
CA ARG A 35 -7.00 7.43 -5.40
C ARG A 35 -5.60 6.88 -5.66
N GLY A 36 -5.08 6.07 -4.74
CA GLY A 36 -3.76 5.46 -4.90
C GLY A 36 -2.61 6.45 -4.67
N MET A 37 -2.91 7.67 -4.23
CA MET A 37 -1.91 8.71 -4.06
C MET A 37 -0.78 8.28 -3.11
N THR A 38 -1.10 7.53 -2.05
CA THR A 38 -0.08 7.14 -1.07
C THR A 38 0.84 6.07 -1.66
N ALA A 39 0.36 5.30 -2.64
CA ALA A 39 1.18 4.30 -3.30
C ALA A 39 2.22 4.98 -4.19
N LYS A 40 1.86 6.13 -4.77
CA LYS A 40 2.73 6.86 -5.68
C LYS A 40 3.77 7.66 -4.90
N GLN A 41 3.43 8.10 -3.69
CA GLN A 41 4.35 8.86 -2.86
C GLN A 41 5.42 7.94 -2.27
N LEU A 42 5.05 6.69 -1.97
CA LEU A 42 5.97 5.73 -1.40
C LEU A 42 6.98 5.26 -2.45
N GLU A 43 6.53 4.99 -3.69
CA GLU A 43 7.41 4.43 -4.71
C GLU A 43 8.37 5.47 -5.29
N GLN A 44 8.07 6.76 -5.16
CA GLN A 44 8.99 7.79 -5.63
C GLN A 44 9.99 8.18 -4.55
N ASP A 45 9.59 8.04 -3.28
CA ASP A 45 10.44 8.42 -2.15
C ASP A 45 11.48 7.35 -1.84
N THR A 46 11.11 6.08 -2.02
CA THR A 46 12.02 4.96 -1.76
C THR A 46 12.68 4.48 -3.05
N GLY A 47 12.14 4.92 -4.19
CA GLY A 47 12.66 4.53 -5.49
C GLY A 47 12.34 3.06 -5.82
N CYS A 48 11.58 2.38 -4.94
CA CYS A 48 11.20 0.99 -5.14
C CYS A 48 9.75 0.90 -5.59
N LYS A 49 9.38 -0.19 -6.28
CA LYS A 49 8.04 -0.34 -6.81
C LYS A 49 7.13 -1.02 -5.79
N ILE A 50 5.92 -0.51 -5.62
CA ILE A 50 4.97 -1.02 -4.64
C ILE A 50 3.94 -1.93 -5.30
N MET A 51 3.61 -3.03 -4.63
CA MET A 51 2.64 -4.02 -5.06
C MET A 51 1.92 -4.57 -3.83
N VAL A 52 0.59 -4.62 -3.90
CA VAL A 52 -0.22 -5.06 -2.77
C VAL A 52 -1.49 -5.74 -3.30
N ARG A 53 -1.82 -6.93 -2.79
CA ARG A 53 -3.06 -7.62 -3.15
C ARG A 53 -3.34 -8.76 -2.18
N GLY A 54 -4.53 -9.34 -2.28
CA GLY A 54 -4.95 -10.47 -1.47
C GLY A 54 -6.44 -10.73 -1.65
N LYS A 55 -7.05 -11.42 -0.70
CA LYS A 55 -8.49 -11.67 -0.70
C LYS A 55 -9.28 -10.38 -0.59
N GLY A 56 -8.61 -9.23 -0.41
CA GLY A 56 -9.25 -7.94 -0.39
C GLY A 56 -9.59 -7.44 -1.81
N SER A 57 -8.96 -8.04 -2.84
CA SER A 57 -9.21 -7.68 -4.22
C SER A 57 -10.38 -8.47 -4.83
N MET A 58 -11.12 -9.24 -4.02
CA MET A 58 -12.24 -10.03 -4.50
C MET A 58 -13.33 -9.16 -5.13
N ARG A 59 -14.18 -9.78 -5.96
CA ARG A 59 -15.26 -9.12 -6.68
C ARG A 59 -16.63 -9.65 -6.26
N ASP A 60 -16.74 -10.09 -5.00
CA ASP A 60 -17.96 -10.65 -4.44
C ASP A 60 -19.08 -9.60 -4.35
N LYS A 61 -18.78 -8.36 -4.74
CA LYS A 61 -19.76 -7.26 -4.75
C LYS A 61 -20.82 -7.47 -5.83
N SER A 62 -20.58 -8.42 -6.75
CA SER A 62 -21.49 -8.83 -7.81
C SER A 62 -21.81 -7.74 -8.84
N LYS A 63 -21.27 -6.53 -8.65
CA LYS A 63 -21.46 -5.40 -9.55
C LYS A 63 -20.25 -4.48 -9.51
N GLU A 64 -19.19 -4.93 -8.83
CA GLU A 64 -18.02 -4.13 -8.54
C GLU A 64 -16.81 -5.06 -8.36
N SER A 65 -15.61 -4.55 -8.60
CA SER A 65 -14.38 -5.33 -8.45
C SER A 65 -13.38 -4.59 -7.56
N ALA A 66 -13.56 -3.27 -7.40
CA ALA A 66 -12.71 -2.42 -6.58
C ALA A 66 -11.21 -2.53 -6.88
N HIS A 67 -10.84 -3.12 -8.03
CA HIS A 67 -9.43 -3.27 -8.39
C HIS A 67 -9.15 -2.80 -9.82
N ARG A 68 -10.03 -1.93 -10.35
CA ARG A 68 -9.90 -1.30 -11.67
C ARG A 68 -9.75 -2.32 -12.80
N GLY A 69 -10.90 -2.77 -13.34
CA GLY A 69 -10.92 -3.65 -14.49
C GLY A 69 -10.41 -5.05 -14.17
N LYS A 70 -9.94 -5.76 -15.19
CA LYS A 70 -9.39 -7.11 -15.06
C LYS A 70 -8.00 -7.05 -14.42
N ALA A 71 -7.54 -8.19 -13.91
CA ALA A 71 -6.25 -8.29 -13.23
C ALA A 71 -5.57 -9.61 -13.56
N ASN A 72 -4.35 -9.81 -13.04
CA ASN A 72 -3.52 -10.96 -13.39
C ASN A 72 -3.04 -11.74 -12.17
N TRP A 73 -3.66 -11.50 -11.00
CA TRP A 73 -3.26 -12.14 -9.74
C TRP A 73 -3.81 -13.55 -9.61
N GLU A 74 -3.90 -14.30 -10.73
CA GLU A 74 -4.50 -15.62 -10.75
C GLU A 74 -5.91 -15.58 -10.16
N HIS A 75 -6.32 -16.64 -9.45
CA HIS A 75 -7.66 -16.72 -8.87
C HIS A 75 -7.79 -16.01 -7.53
N LEU A 76 -6.85 -15.11 -7.22
CA LEU A 76 -6.82 -14.35 -5.99
C LEU A 76 -6.92 -15.27 -4.76
N GLU A 77 -6.39 -16.49 -4.87
CA GLU A 77 -6.45 -17.47 -3.79
C GLU A 77 -5.41 -17.16 -2.70
N ASP A 78 -4.73 -16.02 -2.79
CA ASP A 78 -3.69 -15.65 -1.82
C ASP A 78 -4.20 -14.58 -0.87
N ASP A 79 -3.71 -14.61 0.38
CA ASP A 79 -4.10 -13.67 1.42
C ASP A 79 -3.45 -12.31 1.21
N LEU A 80 -3.84 -11.33 2.05
CA LEU A 80 -3.27 -9.99 1.98
C LEU A 80 -1.76 -10.07 2.11
N HIS A 81 -1.04 -9.51 1.12
CA HIS A 81 0.40 -9.51 1.14
C HIS A 81 0.95 -8.23 0.52
N VAL A 82 2.24 -7.98 0.77
CA VAL A 82 2.95 -6.85 0.20
C VAL A 82 4.17 -7.35 -0.55
N LEU A 83 4.53 -6.67 -1.64
CA LEU A 83 5.72 -6.97 -2.41
C LEU A 83 6.44 -5.66 -2.70
N VAL A 84 7.78 -5.69 -2.74
CA VAL A 84 8.56 -4.48 -2.98
C VAL A 84 9.73 -4.81 -3.89
N GLN A 85 9.71 -4.23 -5.10
CA GLN A 85 10.74 -4.48 -6.08
C GLN A 85 11.73 -3.32 -6.16
N CYS A 86 13.01 -3.64 -6.36
CA CYS A 86 14.06 -2.63 -6.41
C CYS A 86 15.10 -3.00 -7.47
N GLU A 87 15.64 -1.98 -8.14
CA GLU A 87 16.71 -2.18 -9.10
C GLU A 87 17.75 -1.07 -9.01
N ASP A 88 19.01 -1.47 -8.82
CA ASP A 88 20.16 -0.59 -8.76
C ASP A 88 21.42 -1.45 -8.83
N THR A 89 22.60 -0.86 -8.63
CA THR A 89 23.84 -1.61 -8.63
C THR A 89 23.95 -2.46 -7.37
N GLU A 90 24.91 -3.39 -7.36
CA GLU A 90 25.11 -4.31 -6.24
C GLU A 90 25.42 -3.54 -4.95
N ASN A 91 25.63 -2.23 -5.05
CA ASN A 91 26.01 -1.41 -3.91
C ASN A 91 24.86 -0.53 -3.43
N ARG A 92 23.77 -0.42 -4.21
CA ARG A 92 22.68 0.49 -3.84
C ARG A 92 21.30 -0.16 -3.90
N VAL A 93 21.19 -1.33 -4.54
CA VAL A 93 19.91 -2.01 -4.68
C VAL A 93 19.40 -2.50 -3.33
N HIS A 94 20.31 -2.77 -2.39
CA HIS A 94 19.95 -3.27 -1.08
C HIS A 94 19.53 -2.15 -0.14
N ILE A 95 20.19 -1.00 -0.21
CA ILE A 95 19.92 0.12 0.69
C ILE A 95 18.52 0.68 0.43
N LYS A 96 18.13 0.76 -0.84
CA LYS A 96 16.81 1.26 -1.21
C LYS A 96 15.74 0.23 -0.92
N LEU A 97 16.07 -1.06 -1.06
CA LEU A 97 15.13 -2.14 -0.80
C LEU A 97 14.78 -2.21 0.68
N GLN A 98 15.80 -2.10 1.53
CA GLN A 98 15.62 -2.15 2.98
C GLN A 98 14.84 -0.93 3.46
N ALA A 99 15.06 0.23 2.82
CA ALA A 99 14.37 1.45 3.21
C ALA A 99 12.90 1.39 2.78
N ALA A 100 12.62 0.81 1.61
CA ALA A 100 11.27 0.71 1.11
C ALA A 100 10.44 -0.20 2.01
N LEU A 101 10.98 -1.36 2.37
CA LEU A 101 10.25 -2.28 3.22
C LEU A 101 10.15 -1.75 4.65
N GLU A 102 10.91 -0.71 5.00
CA GLU A 102 10.77 -0.12 6.33
C GLU A 102 9.48 0.70 6.37
N GLN A 103 9.10 1.31 5.24
CA GLN A 103 7.89 2.12 5.19
C GLN A 103 6.65 1.23 5.20
N VAL A 104 6.74 0.02 4.62
CA VAL A 104 5.54 -0.78 4.51
C VAL A 104 5.20 -1.37 5.87
N LYS A 105 6.21 -1.87 6.59
CA LYS A 105 6.00 -2.52 7.88
C LYS A 105 5.37 -1.58 8.89
N LYS A 106 5.81 -0.31 8.92
CA LYS A 106 5.22 0.67 9.81
C LYS A 106 3.77 0.98 9.43
N LEU A 107 3.37 0.64 8.20
CA LEU A 107 1.96 0.72 7.79
C LEU A 107 1.19 -0.58 8.06
N LEU A 108 1.87 -1.67 8.40
CA LEU A 108 1.22 -2.93 8.76
C LEU A 108 0.97 -3.01 10.27
N ILE A 109 1.25 -1.91 10.99
CA ILE A 109 1.09 -1.83 12.43
C ILE A 109 0.25 -0.62 12.84
N PRO A 110 -0.96 -0.49 12.29
CA PRO A 110 -1.90 0.59 12.57
C PRO A 110 -2.44 0.50 13.99
N ALA A 111 -3.23 1.50 14.39
CA ALA A 111 -3.80 1.56 15.73
C ALA A 111 -5.33 1.53 15.66
N PRO A 112 -6.00 1.25 16.79
CA PRO A 112 -7.45 1.25 16.89
C PRO A 112 -8.09 2.55 16.42
N GLU A 113 -9.40 2.51 16.17
CA GLU A 113 -10.12 3.68 15.71
C GLU A 113 -10.07 4.80 16.74
N GLY A 114 -10.06 6.05 16.26
CA GLY A 114 -9.98 7.23 17.10
C GLY A 114 -8.57 7.44 17.66
N THR A 115 -7.60 6.60 17.28
CA THR A 115 -6.22 6.73 17.75
C THR A 115 -5.23 6.70 16.58
N ASP A 116 -5.75 6.55 15.36
CA ASP A 116 -4.93 6.48 14.15
C ASP A 116 -5.39 7.56 13.18
N GLU A 117 -4.96 8.80 13.41
CA GLU A 117 -5.39 9.92 12.59
C GLU A 117 -4.79 9.87 11.19
N LEU A 118 -3.80 9.00 10.97
CA LEU A 118 -3.13 8.90 9.69
C LEU A 118 -4.05 8.31 8.63
N LYS A 119 -5.11 7.61 9.04
CA LYS A 119 -6.10 7.09 8.10
C LYS A 119 -7.41 7.88 8.14
N ARG A 120 -7.68 8.62 9.22
CA ARG A 120 -8.91 9.39 9.29
C ARG A 120 -8.78 10.67 8.46
N LYS A 121 -7.55 11.16 8.30
CA LYS A 121 -7.27 12.34 7.50
C LYS A 121 -7.25 12.01 6.01
N GLN A 122 -7.01 10.74 5.66
CA GLN A 122 -7.05 10.27 4.29
C GLN A 122 -8.51 10.15 3.83
N LEU A 123 -9.40 9.83 4.77
CA LEU A 123 -10.81 9.63 4.47
C LEU A 123 -11.56 10.94 4.32
N MET A 124 -11.03 12.02 4.90
CA MET A 124 -11.66 13.32 4.71
C MET A 124 -11.41 13.78 3.28
N GLU A 125 -10.19 13.63 2.79
CA GLU A 125 -9.82 14.07 1.45
C GLU A 125 -10.43 13.15 0.41
N LEU A 126 -10.57 11.86 0.72
CA LEU A 126 -11.23 10.91 -0.15
C LEU A 126 -12.69 11.34 -0.35
N ALA A 127 -13.25 11.98 0.67
CA ALA A 127 -14.63 12.42 0.64
C ALA A 127 -14.79 13.77 -0.07
N ILE A 128 -13.70 14.51 -0.28
CA ILE A 128 -13.74 15.74 -1.07
C ILE A 128 -13.59 15.36 -2.54
N ILE A 129 -12.85 14.27 -2.78
CA ILE A 129 -12.54 13.76 -4.11
C ILE A 129 -13.79 13.17 -4.76
N ASN A 130 -14.66 12.53 -3.98
CA ASN A 130 -15.89 11.94 -4.51
C ASN A 130 -17.11 12.80 -4.18
N GLY A 131 -16.91 13.87 -3.40
CA GLY A 131 -17.96 14.82 -3.10
C GLY A 131 -18.97 14.32 -2.07
N THR A 132 -18.63 13.29 -1.29
CA THR A 132 -19.56 12.71 -0.32
C THR A 132 -19.23 13.13 1.12
N TYR A 133 -18.35 14.13 1.30
CA TYR A 133 -17.93 14.55 2.62
C TYR A 133 -19.11 15.06 3.45
N ARG A 134 -18.98 14.98 4.78
CA ARG A 134 -20.01 15.46 5.69
C ARG A 134 -19.37 16.30 6.81
N PRO A 135 -20.03 17.40 7.20
CA PRO A 135 -19.57 18.31 8.23
C PRO A 135 -19.89 17.81 9.64
N MET A 136 -20.55 16.66 9.74
CA MET A 136 -21.07 16.11 10.99
C MET A 136 -21.98 17.10 11.73
N LYS A 137 -22.50 16.69 12.89
CA LYS A 137 -23.35 17.52 13.72
C LYS A 137 -23.16 17.18 15.19
N SER A 138 -23.58 18.08 16.07
CA SER A 138 -23.44 17.92 17.52
C SER A 138 -24.66 18.51 18.23
N PRO A 139 -24.99 18.01 19.43
CA PRO A 139 -26.09 18.51 20.22
C PRO A 139 -25.75 19.88 20.82
N ASN A 140 -26.78 20.61 21.24
CA ASN A 140 -26.65 21.95 21.82
C ASN A 140 -25.71 22.84 21.00
N PRO A 141 -25.98 23.02 19.69
CA PRO A 141 -25.15 23.81 18.80
C PRO A 141 -25.29 25.31 19.10
N ALA A 142 -24.36 26.11 18.57
CA ALA A 142 -24.29 27.55 18.75
C ALA A 142 -24.48 27.95 20.21
N LEU A 1 26.52 6.05 1.98
CA LEU A 1 26.41 4.94 1.02
C LEU A 1 27.75 4.67 0.33
N PRO A 2 28.01 3.42 -0.06
CA PRO A 2 29.24 3.02 -0.74
C PRO A 2 29.23 3.47 -2.20
N GLU A 3 30.35 3.24 -2.89
CA GLU A 3 30.46 3.56 -4.30
C GLU A 3 29.66 2.54 -5.11
N PRO A 4 29.16 2.92 -6.29
CA PRO A 4 28.35 2.06 -7.12
C PRO A 4 29.15 0.88 -7.66
N ALA A 5 28.45 -0.18 -8.08
CA ALA A 5 29.07 -1.39 -8.58
C ALA A 5 29.16 -1.35 -10.10
N GLY A 6 29.41 -2.51 -10.71
CA GLY A 6 29.71 -2.62 -12.13
C GLY A 6 28.53 -3.03 -13.00
N ASP A 7 27.46 -3.55 -12.38
CA ASP A 7 26.29 -4.03 -13.11
C ASP A 7 25.01 -3.65 -12.38
N MET A 8 23.90 -3.59 -13.13
CA MET A 8 22.60 -3.26 -12.57
C MET A 8 21.88 -4.52 -12.13
N ILE A 9 21.31 -4.46 -10.93
CA ILE A 9 20.69 -5.62 -10.28
C ILE A 9 19.19 -5.39 -10.12
N SER A 10 18.43 -6.47 -9.97
CA SER A 10 17.00 -6.39 -9.74
C SER A 10 16.58 -7.47 -8.74
N ILE A 11 15.74 -7.10 -7.77
CA ILE A 11 15.27 -8.04 -6.76
C ILE A 11 13.94 -7.55 -6.17
N THR A 12 13.25 -8.43 -5.42
CA THR A 12 12.01 -8.07 -4.75
C THR A 12 11.88 -8.81 -3.42
N GLU A 13 11.06 -8.26 -2.51
CA GLU A 13 10.80 -8.86 -1.22
C GLU A 13 9.32 -9.19 -1.08
N LYS A 14 9.03 -10.29 -0.40
CA LYS A 14 7.68 -10.78 -0.20
C LYS A 14 7.35 -10.67 1.29
N ILE A 15 6.38 -9.84 1.63
CA ILE A 15 6.03 -9.59 3.03
C ILE A 15 4.52 -9.65 3.19
N TYR A 16 4.04 -10.66 3.91
CA TYR A 16 2.61 -10.82 4.14
C TYR A 16 2.11 -9.83 5.18
N VAL A 17 0.85 -9.41 5.05
CA VAL A 17 0.22 -8.49 5.98
C VAL A 17 -0.14 -9.24 7.26
N PRO A 18 0.15 -8.66 8.45
CA PRO A 18 -0.13 -9.26 9.74
C PRO A 18 -1.62 -9.20 10.10
N LYS A 19 -2.48 -9.27 9.09
CA LYS A 19 -3.93 -9.21 9.25
C LYS A 19 -4.48 -10.30 10.18
N ASN A 20 -3.65 -11.27 10.57
CA ASN A 20 -4.06 -12.30 11.51
C ASN A 20 -4.18 -11.74 12.93
N GLU A 21 -3.73 -10.49 13.11
CA GLU A 21 -3.80 -9.79 14.39
C GLU A 21 -4.76 -8.61 14.29
N TYR A 22 -4.98 -8.15 13.05
CA TYR A 22 -5.89 -7.04 12.75
C TYR A 22 -6.93 -7.47 11.71
N PRO A 23 -7.74 -8.49 12.00
CA PRO A 23 -8.68 -9.07 11.04
C PRO A 23 -9.82 -8.13 10.68
N ASP A 24 -9.91 -6.98 11.36
CA ASP A 24 -10.95 -5.98 11.10
C ASP A 24 -10.37 -4.73 10.45
N TYR A 25 -9.10 -4.77 10.02
CA TYR A 25 -8.43 -3.61 9.44
C TYR A 25 -8.35 -3.71 7.92
N ASN A 26 -8.28 -2.54 7.26
CA ASN A 26 -8.22 -2.43 5.81
C ASN A 26 -6.85 -1.90 5.38
N PHE A 27 -5.89 -2.81 5.18
CA PHE A 27 -4.53 -2.43 4.83
C PHE A 27 -4.43 -1.93 3.39
N VAL A 28 -5.21 -2.50 2.48
CA VAL A 28 -5.14 -2.11 1.07
C VAL A 28 -5.46 -0.63 0.93
N GLY A 29 -6.38 -0.13 1.75
CA GLY A 29 -6.75 1.27 1.72
C GLY A 29 -5.72 2.13 2.45
N ARG A 30 -5.06 1.59 3.47
CA ARG A 30 -4.07 2.33 4.24
C ARG A 30 -2.77 2.51 3.46
N ILE A 31 -2.40 1.54 2.62
CA ILE A 31 -1.16 1.60 1.86
C ILE A 31 -1.36 2.33 0.54
N LEU A 32 -2.52 2.20 -0.11
CA LEU A 32 -2.77 2.87 -1.37
C LEU A 32 -3.31 4.28 -1.19
N GLY A 33 -4.10 4.50 -0.14
CA GLY A 33 -4.67 5.81 0.16
C GLY A 33 -5.69 6.24 -0.90
N PRO A 34 -6.17 7.49 -0.82
CA PRO A 34 -7.16 8.02 -1.74
C PRO A 34 -6.56 8.14 -3.14
N ARG A 35 -7.32 7.66 -4.14
CA ARG A 35 -6.90 7.66 -5.55
C ARG A 35 -5.50 7.09 -5.75
N GLY A 36 -5.00 6.26 -4.82
CA GLY A 36 -3.68 5.66 -4.94
C GLY A 36 -2.55 6.62 -4.57
N MET A 37 -2.89 7.82 -4.08
CA MET A 37 -1.91 8.85 -3.81
C MET A 37 -0.82 8.41 -2.82
N THR A 38 -1.12 7.50 -1.89
CA THR A 38 -0.13 7.06 -0.92
C THR A 38 0.80 6.03 -1.56
N ALA A 39 0.33 5.31 -2.58
CA ALA A 39 1.14 4.34 -3.27
C ALA A 39 2.12 5.02 -4.22
N LYS A 40 1.71 6.15 -4.82
CA LYS A 40 2.55 6.91 -5.73
C LYS A 40 3.65 7.63 -4.94
N GLN A 41 3.35 8.02 -3.70
CA GLN A 41 4.32 8.71 -2.86
C GLN A 41 5.38 7.74 -2.37
N LEU A 42 5.00 6.47 -2.13
CA LEU A 42 5.93 5.47 -1.66
C LEU A 42 6.94 5.10 -2.74
N GLU A 43 6.50 4.93 -3.98
CA GLU A 43 7.38 4.46 -5.05
C GLU A 43 8.28 5.56 -5.61
N GLN A 44 7.93 6.82 -5.39
CA GLN A 44 8.79 7.92 -5.83
C GLN A 44 9.82 8.27 -4.76
N ASP A 45 9.48 8.06 -3.48
CA ASP A 45 10.36 8.39 -2.38
C ASP A 45 11.45 7.35 -2.18
N THR A 46 11.12 6.07 -2.40
CA THR A 46 12.04 4.97 -2.17
C THR A 46 12.66 4.48 -3.47
N GLY A 47 12.08 4.88 -4.61
CA GLY A 47 12.55 4.43 -5.91
C GLY A 47 12.21 2.95 -6.16
N CYS A 48 11.54 2.32 -5.19
CA CYS A 48 11.12 0.92 -5.29
C CYS A 48 9.66 0.87 -5.71
N LYS A 49 9.21 -0.22 -6.35
CA LYS A 49 7.85 -0.29 -6.83
C LYS A 49 6.96 -1.07 -5.87
N ILE A 50 5.75 -0.55 -5.63
CA ILE A 50 4.84 -1.12 -4.65
C ILE A 50 3.77 -1.97 -5.32
N MET A 51 3.44 -3.09 -4.67
CA MET A 51 2.43 -4.03 -5.11
C MET A 51 1.71 -4.59 -3.89
N VAL A 52 0.38 -4.68 -3.97
CA VAL A 52 -0.45 -5.12 -2.86
C VAL A 52 -1.66 -5.86 -3.38
N ARG A 53 -1.89 -7.09 -2.89
CA ARG A 53 -3.07 -7.87 -3.28
C ARG A 53 -3.47 -8.80 -2.13
N GLY A 54 -4.63 -9.42 -2.27
CA GLY A 54 -5.15 -10.39 -1.31
C GLY A 54 -6.64 -10.64 -1.57
N LYS A 55 -7.25 -11.50 -0.76
CA LYS A 55 -8.66 -11.81 -0.88
C LYS A 55 -9.48 -10.54 -0.68
N GLY A 56 -10.40 -10.27 -1.61
CA GLY A 56 -11.27 -9.11 -1.54
C GLY A 56 -10.57 -7.81 -1.95
N SER A 57 -9.35 -7.86 -2.52
CA SER A 57 -8.66 -6.67 -2.94
C SER A 57 -9.17 -6.12 -4.27
N MET A 58 -10.27 -6.69 -4.80
CA MET A 58 -10.87 -6.24 -6.04
C MET A 58 -12.30 -5.79 -5.82
N ARG A 59 -12.82 -4.97 -6.75
CA ARG A 59 -14.18 -4.47 -6.71
C ARG A 59 -14.80 -4.34 -8.10
N ASP A 60 -13.99 -4.25 -9.15
CA ASP A 60 -14.46 -4.18 -10.53
C ASP A 60 -13.43 -4.76 -11.50
N LYS A 61 -12.37 -5.41 -10.97
CA LYS A 61 -11.27 -5.90 -11.79
C LYS A 61 -11.51 -7.31 -12.31
N SER A 62 -12.72 -7.85 -12.14
CA SER A 62 -13.05 -9.18 -12.63
C SER A 62 -13.06 -9.21 -14.16
N LYS A 63 -13.16 -8.02 -14.78
CA LYS A 63 -13.16 -7.88 -16.23
C LYS A 63 -11.73 -7.77 -16.78
N GLU A 64 -10.74 -7.73 -15.89
CA GLU A 64 -9.34 -7.59 -16.25
C GLU A 64 -8.71 -8.95 -16.53
N SER A 65 -9.29 -10.02 -15.97
CA SER A 65 -8.80 -11.37 -16.13
C SER A 65 -9.30 -11.97 -17.43
N ALA A 66 -8.62 -13.02 -17.90
CA ALA A 66 -8.98 -13.73 -19.13
C ALA A 66 -9.06 -12.80 -20.34
N HIS A 67 -8.41 -11.63 -20.28
CA HIS A 67 -8.42 -10.65 -21.36
C HIS A 67 -7.70 -11.16 -22.60
N ARG A 68 -6.89 -12.21 -22.44
CA ARG A 68 -6.15 -12.85 -23.52
C ARG A 68 -6.06 -14.36 -23.25
N GLY A 69 -7.06 -14.90 -22.54
CA GLY A 69 -7.06 -16.29 -22.11
C GLY A 69 -6.15 -16.51 -20.91
N LYS A 70 -5.51 -15.43 -20.42
CA LYS A 70 -4.58 -15.46 -19.31
C LYS A 70 -4.76 -14.22 -18.44
N ALA A 71 -4.11 -14.20 -17.28
CA ALA A 71 -4.16 -13.07 -16.35
C ALA A 71 -2.83 -12.94 -15.61
N ASN A 72 -2.67 -11.85 -14.85
CA ASN A 72 -1.45 -11.57 -14.11
C ASN A 72 -1.61 -11.86 -12.62
N TRP A 73 -2.65 -12.61 -12.26
CA TRP A 73 -2.91 -13.02 -10.89
C TRP A 73 -3.65 -14.35 -10.86
N GLU A 74 -3.38 -15.14 -9.82
CA GLU A 74 -4.02 -16.43 -9.59
C GLU A 74 -4.11 -16.67 -8.08
N HIS A 75 -3.24 -15.99 -7.33
CA HIS A 75 -3.25 -15.94 -5.87
C HIS A 75 -4.12 -14.80 -5.38
N LEU A 76 -5.02 -14.32 -6.25
CA LEU A 76 -5.89 -13.19 -5.96
C LEU A 76 -6.93 -13.50 -4.87
N GLU A 77 -6.89 -14.72 -4.32
CA GLU A 77 -7.81 -15.15 -3.27
C GLU A 77 -7.04 -15.59 -2.01
N ASP A 78 -5.73 -15.39 -2.00
CA ASP A 78 -4.88 -15.70 -0.85
C ASP A 78 -4.91 -14.53 0.13
N ASP A 79 -4.32 -14.68 1.32
CA ASP A 79 -4.34 -13.63 2.33
C ASP A 79 -3.59 -12.40 1.85
N LEU A 80 -3.90 -11.25 2.47
CA LEU A 80 -3.32 -9.96 2.13
C LEU A 80 -1.79 -10.05 2.21
N HIS A 81 -1.12 -9.52 1.19
CA HIS A 81 0.33 -9.50 1.16
C HIS A 81 0.85 -8.25 0.47
N VAL A 82 2.13 -7.95 0.71
CA VAL A 82 2.80 -6.81 0.09
C VAL A 82 4.06 -7.30 -0.63
N LEU A 83 4.41 -6.63 -1.72
CA LEU A 83 5.61 -6.92 -2.48
C LEU A 83 6.33 -5.60 -2.76
N VAL A 84 7.67 -5.63 -2.79
CA VAL A 84 8.45 -4.42 -3.01
C VAL A 84 9.62 -4.75 -3.92
N GLN A 85 9.59 -4.21 -5.14
CA GLN A 85 10.63 -4.47 -6.13
C GLN A 85 11.62 -3.30 -6.21
N CYS A 86 12.89 -3.61 -6.41
CA CYS A 86 13.94 -2.60 -6.46
C CYS A 86 15.02 -2.99 -7.47
N GLU A 87 15.63 -1.99 -8.11
CA GLU A 87 16.72 -2.21 -9.03
C GLU A 87 17.78 -1.12 -8.89
N ASP A 88 19.04 -1.54 -8.69
CA ASP A 88 20.19 -0.66 -8.58
C ASP A 88 21.46 -1.52 -8.62
N THR A 89 22.63 -0.92 -8.39
CA THR A 89 23.88 -1.65 -8.36
C THR A 89 23.94 -2.57 -7.14
N GLU A 90 24.89 -3.51 -7.16
CA GLU A 90 25.07 -4.49 -6.10
C GLU A 90 25.36 -3.82 -4.76
N ASN A 91 25.65 -2.52 -4.77
CA ASN A 91 26.04 -1.78 -3.58
C ASN A 91 24.97 -0.77 -3.16
N ARG A 92 23.88 -0.64 -3.93
CA ARG A 92 22.86 0.36 -3.60
C ARG A 92 21.44 -0.22 -3.71
N VAL A 93 21.27 -1.36 -4.36
CA VAL A 93 19.97 -2.00 -4.52
C VAL A 93 19.41 -2.44 -3.17
N HIS A 94 20.29 -2.72 -2.20
CA HIS A 94 19.88 -3.18 -0.90
C HIS A 94 19.45 -2.00 -0.01
N ILE A 95 20.09 -0.84 -0.15
CA ILE A 95 19.80 0.31 0.69
C ILE A 95 18.40 0.85 0.38
N LYS A 96 18.03 0.88 -0.90
CA LYS A 96 16.71 1.37 -1.29
C LYS A 96 15.64 0.33 -0.95
N LEU A 97 15.98 -0.96 -1.03
CA LEU A 97 15.06 -2.04 -0.74
C LEU A 97 14.71 -2.07 0.74
N GLN A 98 15.73 -1.93 1.59
CA GLN A 98 15.54 -1.95 3.03
C GLN A 98 14.78 -0.72 3.50
N ALA A 99 14.98 0.42 2.84
CA ALA A 99 14.28 1.65 3.17
C ALA A 99 12.82 1.56 2.73
N ALA A 100 12.57 0.93 1.57
CA ALA A 100 11.22 0.81 1.04
C ALA A 100 10.38 -0.06 1.96
N LEU A 101 10.90 -1.23 2.34
CA LEU A 101 10.15 -2.15 3.19
C LEU A 101 10.00 -1.60 4.61
N GLU A 102 10.80 -0.59 4.98
CA GLU A 102 10.65 0.02 6.29
C GLU A 102 9.38 0.86 6.33
N GLN A 103 9.00 1.49 5.21
CA GLN A 103 7.82 2.33 5.20
C GLN A 103 6.56 1.48 5.09
N VAL A 104 6.63 0.34 4.39
CA VAL A 104 5.44 -0.47 4.23
C VAL A 104 5.11 -1.16 5.54
N LYS A 105 6.13 -1.72 6.22
CA LYS A 105 5.92 -2.46 7.45
C LYS A 105 5.44 -1.54 8.58
N LYS A 106 5.73 -0.24 8.49
CA LYS A 106 5.19 0.73 9.44
C LYS A 106 3.73 1.06 9.13
N LEU A 107 3.27 0.71 7.92
CA LEU A 107 1.85 0.81 7.58
C LEU A 107 1.10 -0.50 7.87
N LEU A 108 1.83 -1.59 8.13
CA LEU A 108 1.22 -2.86 8.50
C LEU A 108 1.03 -2.96 10.02
N ILE A 109 1.34 -1.89 10.73
CA ILE A 109 1.23 -1.83 12.18
C ILE A 109 0.40 -0.60 12.62
N PRO A 110 -0.84 -0.50 12.11
CA PRO A 110 -1.75 0.60 12.40
C PRO A 110 -2.24 0.57 13.84
N ALA A 111 -3.02 1.57 14.22
CA ALA A 111 -3.55 1.71 15.57
C ALA A 111 -5.08 1.66 15.54
N PRO A 112 -5.71 1.48 16.72
CA PRO A 112 -7.16 1.49 16.87
C PRO A 112 -7.78 2.79 16.36
N GLU A 113 -9.12 2.81 16.29
CA GLU A 113 -9.84 3.98 15.83
C GLU A 113 -9.74 5.13 16.84
N GLY A 114 -9.89 6.36 16.34
CA GLY A 114 -9.81 7.56 17.16
C GLY A 114 -8.39 7.88 17.62
N THR A 115 -7.40 7.10 17.20
CA THR A 115 -6.01 7.33 17.59
C THR A 115 -5.04 7.06 16.43
N ASP A 116 -5.57 6.89 15.22
CA ASP A 116 -4.74 6.69 14.03
C ASP A 116 -5.12 7.75 12.98
N GLU A 117 -4.59 8.96 13.17
CA GLU A 117 -4.85 10.07 12.26
C GLU A 117 -4.28 9.80 10.87
N LEU A 118 -3.38 8.82 10.73
CA LEU A 118 -2.78 8.53 9.43
C LEU A 118 -3.80 7.82 8.54
N LYS A 119 -4.83 7.20 9.13
CA LYS A 119 -5.93 6.60 8.38
C LYS A 119 -7.12 7.54 8.34
N ARG A 120 -7.25 8.41 9.34
CA ARG A 120 -8.38 9.34 9.42
C ARG A 120 -8.15 10.56 8.51
N LYS A 121 -6.89 10.92 8.26
CA LYS A 121 -6.56 11.98 7.32
C LYS A 121 -6.67 11.47 5.87
N GLN A 122 -6.60 10.15 5.66
CA GLN A 122 -6.78 9.58 4.33
C GLN A 122 -8.26 9.55 3.98
N LEU A 123 -9.12 9.21 4.96
CA LEU A 123 -10.56 9.16 4.73
C LEU A 123 -11.16 10.56 4.68
N MET A 124 -10.47 11.54 5.26
CA MET A 124 -10.91 12.92 5.15
C MET A 124 -10.75 13.38 3.71
N GLU A 125 -9.53 13.24 3.16
CA GLU A 125 -9.24 13.68 1.81
C GLU A 125 -9.99 12.83 0.78
N LEU A 126 -10.16 11.53 1.04
CA LEU A 126 -10.90 10.66 0.16
C LEU A 126 -12.33 11.17 -0.01
N ALA A 127 -12.88 11.78 1.04
CA ALA A 127 -14.24 12.27 1.01
C ALA A 127 -14.34 13.62 0.29
N ILE A 128 -13.26 14.40 0.26
CA ILE A 128 -13.24 15.65 -0.51
C ILE A 128 -13.05 15.33 -2.00
N ILE A 129 -12.33 14.24 -2.29
CA ILE A 129 -12.00 13.86 -3.66
C ILE A 129 -13.16 13.14 -4.33
N ASN A 130 -14.06 12.56 -3.54
CA ASN A 130 -15.23 11.86 -4.04
C ASN A 130 -16.51 12.70 -3.85
N GLY A 131 -16.40 13.84 -3.15
CA GLY A 131 -17.54 14.72 -2.93
C GLY A 131 -18.54 14.13 -1.95
N THR A 132 -18.14 13.11 -1.18
CA THR A 132 -19.04 12.43 -0.26
C THR A 132 -18.79 12.85 1.19
N TYR A 133 -18.03 13.93 1.40
CA TYR A 133 -17.73 14.39 2.75
C TYR A 133 -18.96 14.97 3.43
N ARG A 134 -18.91 15.05 4.76
CA ARG A 134 -19.97 15.62 5.57
C ARG A 134 -19.39 16.68 6.52
N PRO A 135 -20.11 17.79 6.71
CA PRO A 135 -19.71 18.85 7.62
C PRO A 135 -19.92 18.39 9.06
N MET A 136 -18.84 18.06 9.76
CA MET A 136 -18.89 17.62 11.15
C MET A 136 -18.62 18.77 12.11
N LYS A 137 -18.73 20.00 11.62
CA LYS A 137 -18.51 21.21 12.41
C LYS A 137 -19.41 22.33 11.88
N SER A 138 -19.81 23.25 12.76
CA SER A 138 -20.67 24.38 12.41
C SER A 138 -20.36 25.58 13.30
N PRO A 139 -20.77 26.78 12.87
CA PRO A 139 -20.63 28.01 13.63
C PRO A 139 -21.30 27.91 15.00
N ASN A 140 -20.90 28.82 15.92
CA ASN A 140 -21.44 28.85 17.27
C ASN A 140 -21.59 30.30 17.74
N PRO A 141 -22.45 31.08 17.09
CA PRO A 141 -22.69 32.48 17.42
C PRO A 141 -23.45 32.61 18.74
N ALA A 142 -23.43 33.81 19.32
CA ALA A 142 -24.11 34.09 20.59
C ALA A 142 -24.61 35.54 20.60
N LEU A 1 26.45 7.15 -0.55
CA LEU A 1 26.31 5.82 -1.16
C LEU A 1 27.66 5.28 -1.62
N PRO A 2 27.81 3.96 -1.70
CA PRO A 2 29.04 3.30 -2.15
C PRO A 2 29.21 3.41 -3.66
N GLU A 3 30.35 2.94 -4.16
CA GLU A 3 30.67 2.99 -5.58
C GLU A 3 29.95 1.85 -6.31
N PRO A 4 29.78 1.97 -7.63
CA PRO A 4 29.14 0.96 -8.45
C PRO A 4 29.82 -0.41 -8.33
N ALA A 5 29.08 -1.47 -8.65
CA ALA A 5 29.58 -2.83 -8.56
C ALA A 5 29.99 -3.39 -9.93
N GLY A 6 29.43 -2.83 -11.00
CA GLY A 6 29.80 -3.19 -12.37
C GLY A 6 28.63 -3.65 -13.23
N ASP A 7 27.50 -4.00 -12.61
CA ASP A 7 26.32 -4.41 -13.34
C ASP A 7 25.04 -4.02 -12.59
N MET A 8 23.91 -4.05 -13.31
CA MET A 8 22.61 -3.68 -12.75
C MET A 8 21.92 -4.93 -12.21
N ILE A 9 21.41 -4.83 -10.98
CA ILE A 9 20.77 -5.95 -10.31
C ILE A 9 19.29 -5.66 -10.13
N SER A 10 18.48 -6.71 -10.00
CA SER A 10 17.05 -6.57 -9.79
C SER A 10 16.57 -7.62 -8.79
N ILE A 11 15.75 -7.22 -7.82
CA ILE A 11 15.25 -8.13 -6.80
C ILE A 11 13.92 -7.60 -6.22
N THR A 12 13.22 -8.44 -5.46
CA THR A 12 11.98 -8.04 -4.79
C THR A 12 11.84 -8.77 -3.47
N GLU A 13 11.02 -8.23 -2.57
CA GLU A 13 10.73 -8.84 -1.27
C GLU A 13 9.23 -9.07 -1.15
N LYS A 14 8.85 -10.20 -0.53
CA LYS A 14 7.47 -10.61 -0.39
C LYS A 14 7.13 -10.68 1.09
N ILE A 15 6.51 -9.62 1.60
CA ILE A 15 6.24 -9.46 3.02
C ILE A 15 4.74 -9.46 3.24
N TYR A 16 4.23 -10.47 3.95
CA TYR A 16 2.80 -10.58 4.22
C TYR A 16 2.36 -9.56 5.26
N VAL A 17 1.08 -9.17 5.18
CA VAL A 17 0.48 -8.24 6.12
C VAL A 17 0.11 -8.99 7.41
N PRO A 18 0.39 -8.41 8.59
CA PRO A 18 0.02 -8.97 9.89
C PRO A 18 -1.49 -8.97 10.14
N LYS A 19 -2.30 -9.11 9.09
CA LYS A 19 -3.76 -9.07 9.16
C LYS A 19 -4.35 -10.14 10.07
N ASN A 20 -3.52 -11.04 10.59
CA ASN A 20 -3.97 -12.06 11.52
C ASN A 20 -4.13 -11.47 12.94
N GLU A 21 -3.73 -10.21 13.11
CA GLU A 21 -3.87 -9.49 14.38
C GLU A 21 -4.81 -8.31 14.21
N TYR A 22 -5.01 -7.88 12.96
CA TYR A 22 -5.89 -6.78 12.59
C TYR A 22 -6.90 -7.23 11.53
N PRO A 23 -7.72 -8.25 11.82
CA PRO A 23 -8.63 -8.85 10.86
C PRO A 23 -9.77 -7.91 10.48
N ASP A 24 -9.88 -6.76 11.14
CA ASP A 24 -10.93 -5.79 10.89
C ASP A 24 -10.36 -4.51 10.27
N TYR A 25 -9.07 -4.51 9.91
CA TYR A 25 -8.41 -3.34 9.35
C TYR A 25 -8.27 -3.46 7.82
N ASN A 26 -8.20 -2.31 7.14
CA ASN A 26 -8.12 -2.24 5.69
C ASN A 26 -6.77 -1.67 5.27
N PHE A 27 -5.77 -2.54 5.15
CA PHE A 27 -4.41 -2.13 4.82
C PHE A 27 -4.31 -1.63 3.38
N VAL A 28 -5.08 -2.22 2.46
CA VAL A 28 -5.01 -1.82 1.07
C VAL A 28 -5.46 -0.37 0.93
N GLY A 29 -6.43 0.05 1.74
CA GLY A 29 -6.91 1.42 1.71
C GLY A 29 -5.98 2.37 2.47
N ARG A 30 -5.09 1.84 3.31
CA ARG A 30 -4.14 2.65 4.05
C ARG A 30 -2.82 2.83 3.30
N ILE A 31 -2.36 1.79 2.61
CA ILE A 31 -1.10 1.85 1.86
C ILE A 31 -1.31 2.56 0.52
N LEU A 32 -2.47 2.37 -0.11
CA LEU A 32 -2.75 3.05 -1.37
C LEU A 32 -3.33 4.44 -1.10
N GLY A 33 -4.11 4.58 -0.03
CA GLY A 33 -4.72 5.86 0.33
C GLY A 33 -5.73 6.29 -0.74
N PRO A 34 -6.25 7.52 -0.62
CA PRO A 34 -7.19 8.07 -1.56
C PRO A 34 -6.54 8.26 -2.93
N ARG A 35 -7.24 7.86 -3.98
CA ARG A 35 -6.79 7.94 -5.37
C ARG A 35 -5.38 7.38 -5.60
N GLY A 36 -4.89 6.52 -4.69
CA GLY A 36 -3.60 5.88 -4.84
C GLY A 36 -2.42 6.84 -4.59
N MET A 37 -2.70 8.06 -4.16
CA MET A 37 -1.66 9.07 -3.98
C MET A 37 -0.61 8.64 -2.96
N THR A 38 -0.98 7.79 -2.00
CA THR A 38 -0.07 7.37 -0.95
C THR A 38 0.86 6.27 -1.47
N ALA A 39 0.39 5.49 -2.46
CA ALA A 39 1.21 4.47 -3.08
C ALA A 39 2.25 5.12 -4.00
N LYS A 40 1.87 6.24 -4.64
CA LYS A 40 2.75 6.95 -5.55
C LYS A 40 3.81 7.74 -4.78
N GLN A 41 3.49 8.13 -3.54
CA GLN A 41 4.43 8.89 -2.70
C GLN A 41 5.52 7.95 -2.18
N LEU A 42 5.17 6.70 -1.89
CA LEU A 42 6.14 5.73 -1.39
C LEU A 42 7.10 5.28 -2.50
N GLU A 43 6.60 5.05 -3.72
CA GLU A 43 7.45 4.53 -4.78
C GLU A 43 8.36 5.59 -5.39
N GLN A 44 8.04 6.87 -5.21
CA GLN A 44 8.92 7.93 -5.70
C GLN A 44 9.95 8.32 -4.64
N ASP A 45 9.62 8.12 -3.36
CA ASP A 45 10.52 8.46 -2.26
C ASP A 45 11.62 7.42 -2.09
N THR A 46 11.29 6.15 -2.31
CA THR A 46 12.23 5.06 -2.13
C THR A 46 12.83 4.61 -3.45
N GLY A 47 12.19 4.99 -4.56
CA GLY A 47 12.62 4.57 -5.89
C GLY A 47 12.29 3.09 -6.15
N CYS A 48 11.61 2.43 -5.20
CA CYS A 48 11.22 1.04 -5.32
C CYS A 48 9.77 0.95 -5.77
N LYS A 49 9.38 -0.16 -6.40
CA LYS A 49 8.03 -0.30 -6.92
C LYS A 49 7.14 -1.00 -5.89
N ILE A 50 5.94 -0.46 -5.67
CA ILE A 50 5.02 -0.97 -4.66
C ILE A 50 3.93 -1.80 -5.32
N MET A 51 3.59 -2.93 -4.68
CA MET A 51 2.55 -3.85 -5.11
C MET A 51 1.87 -4.43 -3.87
N VAL A 52 0.54 -4.52 -3.91
CA VAL A 52 -0.25 -4.97 -2.78
C VAL A 52 -1.48 -5.73 -3.29
N ARG A 53 -1.68 -6.97 -2.83
CA ARG A 53 -2.84 -7.78 -3.23
C ARG A 53 -3.19 -8.76 -2.10
N GLY A 54 -4.34 -9.41 -2.24
CA GLY A 54 -4.82 -10.41 -1.30
C GLY A 54 -6.28 -10.75 -1.60
N LYS A 55 -6.89 -11.60 -0.78
CA LYS A 55 -8.30 -11.92 -0.93
C LYS A 55 -9.13 -10.67 -0.68
N GLY A 56 -10.08 -10.40 -1.58
CA GLY A 56 -10.97 -9.26 -1.46
C GLY A 56 -10.29 -7.94 -1.85
N SER A 57 -9.07 -7.97 -2.40
CA SER A 57 -8.39 -6.75 -2.81
C SER A 57 -8.90 -6.22 -4.15
N MET A 58 -9.98 -6.80 -4.68
CA MET A 58 -10.58 -6.36 -5.93
C MET A 58 -12.02 -5.89 -5.70
N ARG A 59 -12.55 -5.10 -6.64
CA ARG A 59 -13.88 -4.54 -6.55
C ARG A 59 -14.58 -4.49 -7.92
N ASP A 60 -14.02 -5.17 -8.91
CA ASP A 60 -14.60 -5.23 -10.24
C ASP A 60 -14.33 -6.60 -10.85
N LYS A 61 -15.40 -7.36 -11.11
CA LYS A 61 -15.32 -8.70 -11.67
C LYS A 61 -16.52 -8.99 -12.57
N SER A 62 -16.94 -10.26 -12.65
CA SER A 62 -18.00 -10.74 -13.53
C SER A 62 -17.57 -10.69 -14.99
N LYS A 63 -16.27 -10.47 -15.21
CA LYS A 63 -15.61 -10.51 -16.51
C LYS A 63 -14.16 -10.94 -16.31
N GLU A 64 -13.86 -11.50 -15.12
CA GLU A 64 -12.52 -11.87 -14.72
C GLU A 64 -12.01 -13.09 -15.49
N SER A 65 -10.68 -13.28 -15.47
CA SER A 65 -10.03 -14.39 -16.17
C SER A 65 -8.75 -14.79 -15.44
N ALA A 66 -8.17 -15.93 -15.84
CA ALA A 66 -6.95 -16.45 -15.26
C ALA A 66 -6.14 -17.18 -16.32
N HIS A 67 -4.85 -17.43 -16.04
CA HIS A 67 -3.96 -18.12 -16.96
C HIS A 67 -2.91 -18.94 -16.19
N ARG A 68 -2.16 -19.77 -16.92
CA ARG A 68 -1.14 -20.64 -16.35
C ARG A 68 0.05 -19.83 -15.84
N GLY A 69 0.90 -20.46 -15.01
CA GLY A 69 2.06 -19.82 -14.44
C GLY A 69 1.69 -18.92 -13.27
N LYS A 70 2.63 -18.08 -12.83
CA LYS A 70 2.42 -17.15 -11.72
C LYS A 70 2.55 -15.72 -12.21
N ALA A 71 1.81 -14.80 -11.59
CA ALA A 71 1.77 -13.40 -11.97
C ALA A 71 1.27 -12.54 -10.81
N ASN A 72 1.30 -11.22 -10.99
CA ASN A 72 0.90 -10.25 -9.97
C ASN A 72 -0.62 -10.18 -9.81
N TRP A 73 -1.35 -11.09 -10.45
CA TRP A 73 -2.80 -11.17 -10.37
C TRP A 73 -3.27 -12.63 -10.36
N GLU A 74 -2.39 -13.55 -9.96
CA GLU A 74 -2.71 -14.98 -9.84
C GLU A 74 -2.54 -15.46 -8.40
N HIS A 75 -2.37 -14.52 -7.45
CA HIS A 75 -2.20 -14.82 -6.04
C HIS A 75 -3.25 -14.11 -5.19
N LEU A 76 -4.41 -13.80 -5.81
CA LEU A 76 -5.55 -13.20 -5.12
C LEU A 76 -6.24 -14.21 -4.20
N GLU A 77 -5.78 -15.46 -4.20
CA GLU A 77 -6.37 -16.53 -3.42
C GLU A 77 -5.66 -16.71 -2.07
N ASP A 78 -4.87 -15.71 -1.67
CA ASP A 78 -4.09 -15.76 -0.43
C ASP A 78 -4.29 -14.47 0.36
N ASP A 79 -3.97 -14.51 1.67
CA ASP A 79 -4.15 -13.38 2.56
C ASP A 79 -3.36 -12.16 2.08
N LEU A 80 -3.74 -10.99 2.62
CA LEU A 80 -3.13 -9.72 2.26
C LEU A 80 -1.61 -9.80 2.36
N HIS A 81 -0.93 -9.30 1.32
CA HIS A 81 0.51 -9.28 1.30
C HIS A 81 1.02 -8.04 0.59
N VAL A 82 2.30 -7.73 0.81
CA VAL A 82 2.96 -6.60 0.18
C VAL A 82 4.19 -7.09 -0.58
N LEU A 83 4.50 -6.42 -1.69
CA LEU A 83 5.67 -6.73 -2.50
C LEU A 83 6.41 -5.43 -2.78
N VAL A 84 7.75 -5.48 -2.80
CA VAL A 84 8.56 -4.28 -3.02
C VAL A 84 9.74 -4.63 -3.91
N GLN A 85 9.69 -4.14 -5.16
CA GLN A 85 10.70 -4.43 -6.14
C GLN A 85 11.73 -3.31 -6.20
N CYS A 86 13.01 -3.66 -6.39
CA CYS A 86 14.09 -2.70 -6.41
C CYS A 86 15.18 -3.15 -7.38
N GLU A 87 15.83 -2.17 -8.02
CA GLU A 87 16.94 -2.45 -8.92
C GLU A 87 18.01 -1.36 -8.85
N ASP A 88 19.26 -1.81 -8.72
CA ASP A 88 20.46 -0.96 -8.71
C ASP A 88 21.68 -1.86 -8.73
N THR A 89 22.88 -1.32 -8.53
CA THR A 89 24.10 -2.12 -8.43
C THR A 89 24.08 -3.00 -7.20
N GLU A 90 25.01 -3.96 -7.15
CA GLU A 90 25.12 -4.91 -6.05
C GLU A 90 25.41 -4.20 -4.72
N ASN A 91 25.67 -2.89 -4.77
CA ASN A 91 26.04 -2.12 -3.59
C ASN A 91 24.96 -1.09 -3.24
N ARG A 92 23.94 -0.92 -4.09
CA ARG A 92 22.92 0.10 -3.88
C ARG A 92 21.51 -0.47 -3.91
N VAL A 93 21.33 -1.66 -4.50
CA VAL A 93 20.02 -2.28 -4.62
C VAL A 93 19.48 -2.69 -3.25
N HIS A 94 20.38 -2.92 -2.30
CA HIS A 94 19.98 -3.32 -0.96
C HIS A 94 19.58 -2.13 -0.11
N ILE A 95 20.23 -0.97 -0.30
CA ILE A 95 19.95 0.20 0.50
C ILE A 95 18.56 0.75 0.22
N LYS A 96 18.16 0.77 -1.06
CA LYS A 96 16.84 1.26 -1.43
C LYS A 96 15.77 0.24 -1.06
N LEU A 97 16.10 -1.05 -1.15
CA LEU A 97 15.17 -2.12 -0.82
C LEU A 97 14.85 -2.14 0.66
N GLN A 98 15.88 -2.03 1.50
CA GLN A 98 15.73 -2.04 2.94
C GLN A 98 14.98 -0.81 3.42
N ALA A 99 15.20 0.35 2.79
CA ALA A 99 14.54 1.58 3.16
C ALA A 99 13.07 1.52 2.74
N ALA A 100 12.79 0.93 1.57
CA ALA A 100 11.43 0.84 1.08
C ALA A 100 10.60 -0.06 1.99
N LEU A 101 11.12 -1.24 2.34
CA LEU A 101 10.39 -2.17 3.17
C LEU A 101 10.29 -1.70 4.62
N GLU A 102 11.06 -0.66 5.00
CA GLU A 102 10.94 -0.10 6.33
C GLU A 102 9.67 0.75 6.42
N GLN A 103 9.32 1.43 5.33
CA GLN A 103 8.13 2.28 5.34
C GLN A 103 6.87 1.44 5.26
N VAL A 104 6.93 0.29 4.56
CA VAL A 104 5.72 -0.49 4.39
C VAL A 104 5.34 -1.12 5.73
N LYS A 105 6.29 -1.72 6.44
CA LYS A 105 6.01 -2.38 7.70
C LYS A 105 5.51 -1.40 8.77
N LYS A 106 5.86 -0.12 8.64
CA LYS A 106 5.33 0.91 9.53
C LYS A 106 3.89 1.25 9.16
N LEU A 107 3.44 0.87 7.96
CA LEU A 107 2.04 1.00 7.57
C LEU A 107 1.25 -0.29 7.85
N LEU A 108 1.94 -1.40 8.17
CA LEU A 108 1.28 -2.66 8.49
C LEU A 108 1.10 -2.82 10.00
N ILE A 109 1.36 -1.73 10.76
CA ILE A 109 1.26 -1.74 12.21
C ILE A 109 0.40 -0.57 12.73
N PRO A 110 -0.82 -0.41 12.19
CA PRO A 110 -1.75 0.62 12.58
C PRO A 110 -2.28 0.41 13.99
N ALA A 111 -3.04 1.39 14.50
CA ALA A 111 -3.61 1.35 15.83
C ALA A 111 -5.08 0.88 15.76
N PRO A 112 -5.65 0.43 16.88
CA PRO A 112 -7.05 0.06 16.96
C PRO A 112 -7.96 1.25 16.62
N GLU A 113 -9.25 0.96 16.44
CA GLU A 113 -10.22 1.95 15.99
C GLU A 113 -10.46 3.06 17.02
N GLY A 114 -10.83 4.25 16.51
CA GLY A 114 -11.17 5.40 17.31
C GLY A 114 -9.97 6.06 17.99
N THR A 115 -8.75 5.56 17.76
CA THR A 115 -7.55 6.12 18.35
C THR A 115 -6.43 6.26 17.29
N ASP A 116 -6.82 6.22 16.01
CA ASP A 116 -5.89 6.38 14.90
C ASP A 116 -6.38 7.53 14.03
N GLU A 117 -5.56 8.57 13.85
CA GLU A 117 -6.00 9.72 13.06
C GLU A 117 -5.68 9.55 11.59
N LEU A 118 -4.73 8.68 11.23
CA LEU A 118 -4.35 8.48 9.84
C LEU A 118 -5.50 7.77 9.12
N LYS A 119 -6.22 6.92 9.85
CA LYS A 119 -7.37 6.18 9.35
C LYS A 119 -8.60 7.07 9.21
N ARG A 120 -8.63 8.20 9.92
CA ARG A 120 -9.77 9.12 9.88
C ARG A 120 -9.55 10.25 8.89
N LYS A 121 -8.33 10.82 8.89
CA LYS A 121 -8.02 11.98 8.07
C LYS A 121 -7.90 11.62 6.59
N GLN A 122 -7.58 10.35 6.28
CA GLN A 122 -7.50 9.92 4.89
C GLN A 122 -8.87 9.56 4.35
N LEU A 123 -9.80 9.13 5.23
CA LEU A 123 -11.16 8.87 4.81
C LEU A 123 -11.95 10.17 4.70
N MET A 124 -11.52 11.22 5.40
CA MET A 124 -12.14 12.52 5.25
C MET A 124 -11.70 13.13 3.93
N GLU A 125 -10.42 12.98 3.57
CA GLU A 125 -9.88 13.53 2.34
C GLU A 125 -10.48 12.79 1.14
N LEU A 126 -10.70 11.47 1.28
CA LEU A 126 -11.37 10.69 0.26
C LEU A 126 -12.78 11.21 0.06
N ALA A 127 -13.39 11.71 1.14
CA ALA A 127 -14.75 12.20 1.11
C ALA A 127 -14.86 13.59 0.51
N ILE A 128 -13.75 14.34 0.39
CA ILE A 128 -13.75 15.63 -0.27
C ILE A 128 -13.56 15.40 -1.76
N ILE A 129 -12.85 14.33 -2.09
CA ILE A 129 -12.51 13.96 -3.45
C ILE A 129 -13.72 13.42 -4.20
N ASN A 130 -14.59 12.68 -3.51
CA ASN A 130 -15.80 12.13 -4.12
C ASN A 130 -17.02 12.96 -3.76
N GLY A 131 -16.84 13.99 -2.92
CA GLY A 131 -17.91 14.91 -2.56
C GLY A 131 -18.94 14.29 -1.61
N THR A 132 -18.58 13.21 -0.90
CA THR A 132 -19.53 12.53 -0.02
C THR A 132 -19.28 12.85 1.46
N TYR A 133 -18.42 13.83 1.75
CA TYR A 133 -18.11 14.18 3.13
C TYR A 133 -19.36 14.68 3.85
N ARG A 134 -19.36 14.64 5.19
CA ARG A 134 -20.50 15.09 5.97
C ARG A 134 -20.04 15.94 7.15
N PRO A 135 -20.65 17.12 7.33
CA PRO A 135 -20.38 17.98 8.47
C PRO A 135 -21.14 17.46 9.70
N MET A 136 -20.40 16.95 10.68
CA MET A 136 -20.97 16.50 11.95
C MET A 136 -20.56 17.44 13.09
N LYS A 137 -20.21 18.68 12.74
CA LYS A 137 -19.78 19.69 13.71
C LYS A 137 -20.93 20.00 14.68
N SER A 138 -20.59 20.28 15.94
CA SER A 138 -21.57 20.57 16.98
C SER A 138 -22.02 22.03 16.92
N PRO A 139 -23.24 22.32 17.37
CA PRO A 139 -23.79 23.66 17.42
C PRO A 139 -23.13 24.47 18.55
N ASN A 140 -23.36 25.79 18.56
CA ASN A 140 -22.80 26.67 19.56
C ASN A 140 -23.84 27.75 19.94
N PRO A 141 -24.90 27.37 20.65
CA PRO A 141 -25.96 28.27 21.07
C PRO A 141 -25.47 29.19 22.20
N ALA A 142 -26.24 30.26 22.45
CA ALA A 142 -25.92 31.23 23.49
C ALA A 142 -27.20 31.79 24.11
N LEU A 1 25.33 8.55 -1.86
CA LEU A 1 25.21 7.17 -2.33
C LEU A 1 26.58 6.56 -2.66
N PRO A 2 26.71 5.23 -2.61
CA PRO A 2 27.94 4.53 -2.94
C PRO A 2 28.20 4.55 -4.44
N GLU A 3 29.40 4.11 -4.83
CA GLU A 3 29.83 4.05 -6.21
C GLU A 3 29.39 2.73 -6.84
N PRO A 4 29.30 2.65 -8.18
CA PRO A 4 28.83 1.47 -8.87
C PRO A 4 29.63 0.20 -8.52
N ALA A 5 28.95 -0.95 -8.54
CA ALA A 5 29.56 -2.24 -8.23
C ALA A 5 30.10 -2.94 -9.48
N GLY A 6 29.55 -2.60 -10.65
CA GLY A 6 30.01 -3.13 -11.93
C GLY A 6 28.89 -3.76 -12.75
N ASP A 7 27.78 -4.13 -12.11
CA ASP A 7 26.63 -4.70 -12.80
C ASP A 7 25.33 -4.21 -12.17
N MET A 8 24.25 -4.20 -12.95
CA MET A 8 22.95 -3.78 -12.47
C MET A 8 22.16 -5.00 -12.01
N ILE A 9 21.49 -4.88 -10.87
CA ILE A 9 20.84 -6.01 -10.20
C ILE A 9 19.35 -5.74 -10.06
N SER A 10 18.55 -6.80 -9.91
CA SER A 10 17.12 -6.68 -9.69
C SER A 10 16.68 -7.73 -8.67
N ILE A 11 15.86 -7.31 -7.69
CA ILE A 11 15.37 -8.20 -6.65
C ILE A 11 14.09 -7.64 -6.04
N THR A 12 13.39 -8.46 -5.25
CA THR A 12 12.17 -8.03 -4.58
C THR A 12 12.04 -8.71 -3.22
N GLU A 13 11.23 -8.13 -2.33
CA GLU A 13 11.00 -8.68 -1.01
C GLU A 13 9.51 -8.97 -0.80
N LYS A 14 9.22 -10.13 -0.20
CA LYS A 14 7.87 -10.62 0.01
C LYS A 14 7.50 -10.44 1.47
N ILE A 15 6.65 -9.45 1.73
CA ILE A 15 6.26 -9.05 3.09
C ILE A 15 4.76 -9.20 3.25
N TYR A 16 4.34 -10.27 3.93
CA TYR A 16 2.92 -10.52 4.16
C TYR A 16 2.35 -9.54 5.18
N VAL A 17 1.03 -9.29 5.07
CA VAL A 17 0.33 -8.42 5.99
C VAL A 17 -0.04 -9.21 7.24
N PRO A 18 0.20 -8.65 8.45
CA PRO A 18 -0.08 -9.29 9.72
C PRO A 18 -1.57 -9.22 10.06
N LYS A 19 -2.44 -9.32 9.05
CA LYS A 19 -3.89 -9.20 9.20
C LYS A 19 -4.49 -10.27 10.13
N ASN A 20 -3.68 -11.22 10.58
CA ASN A 20 -4.15 -12.24 11.51
C ASN A 20 -4.25 -11.66 12.93
N GLU A 21 -3.71 -10.45 13.13
CA GLU A 21 -3.77 -9.74 14.40
C GLU A 21 -4.74 -8.57 14.30
N TYR A 22 -4.99 -8.13 13.06
CA TYR A 22 -5.89 -7.03 12.75
C TYR A 22 -6.92 -7.49 11.71
N PRO A 23 -7.75 -8.50 12.03
CA PRO A 23 -8.67 -9.13 11.10
C PRO A 23 -9.82 -8.20 10.69
N ASP A 24 -9.91 -7.03 11.30
CA ASP A 24 -10.95 -6.06 11.00
C ASP A 24 -10.39 -4.79 10.38
N TYR A 25 -9.11 -4.82 9.96
CA TYR A 25 -8.45 -3.66 9.39
C TYR A 25 -8.35 -3.73 7.86
N ASN A 26 -8.28 -2.57 7.23
CA ASN A 26 -8.23 -2.43 5.77
C ASN A 26 -6.86 -1.89 5.35
N PHE A 27 -5.89 -2.80 5.20
CA PHE A 27 -4.52 -2.41 4.88
C PHE A 27 -4.40 -1.90 3.45
N VAL A 28 -5.16 -2.45 2.51
CA VAL A 28 -5.07 -2.05 1.11
C VAL A 28 -5.46 -0.59 0.98
N GLY A 29 -6.36 -0.11 1.84
CA GLY A 29 -6.76 1.28 1.86
C GLY A 29 -5.73 2.15 2.59
N ARG A 30 -4.99 1.57 3.54
CA ARG A 30 -4.00 2.32 4.30
C ARG A 30 -2.68 2.48 3.54
N ILE A 31 -2.31 1.48 2.72
CA ILE A 31 -1.06 1.53 1.98
C ILE A 31 -1.23 2.30 0.66
N LEU A 32 -2.39 2.18 -0.01
CA LEU A 32 -2.60 2.85 -1.29
C LEU A 32 -3.13 4.26 -1.09
N GLY A 33 -3.98 4.48 -0.08
CA GLY A 33 -4.55 5.79 0.18
C GLY A 33 -5.53 6.22 -0.91
N PRO A 34 -6.10 7.42 -0.79
CA PRO A 34 -7.07 7.95 -1.73
C PRO A 34 -6.42 8.14 -3.10
N ARG A 35 -7.08 7.61 -4.14
CA ARG A 35 -6.59 7.67 -5.52
C ARG A 35 -5.13 7.27 -5.67
N GLY A 36 -4.62 6.42 -4.77
CA GLY A 36 -3.25 5.93 -4.84
C GLY A 36 -2.22 6.93 -4.30
N MET A 37 -2.66 8.01 -3.66
CA MET A 37 -1.77 9.06 -3.20
C MET A 37 -0.69 8.55 -2.25
N THR A 38 -0.99 7.52 -1.44
CA THR A 38 -0.02 7.01 -0.48
C THR A 38 0.95 6.04 -1.16
N ALA A 39 0.49 5.36 -2.21
CA ALA A 39 1.34 4.44 -2.96
C ALA A 39 2.29 5.24 -3.86
N LYS A 40 1.83 6.37 -4.40
CA LYS A 40 2.64 7.23 -5.24
C LYS A 40 3.70 7.97 -4.42
N GLN A 41 3.39 8.25 -3.15
CA GLN A 41 4.35 8.93 -2.29
C GLN A 41 5.48 7.96 -1.91
N LEU A 42 5.14 6.67 -1.75
CA LEU A 42 6.12 5.67 -1.39
C LEU A 42 7.04 5.32 -2.56
N GLU A 43 6.49 5.08 -3.76
CA GLU A 43 7.31 4.63 -4.88
C GLU A 43 8.17 5.75 -5.48
N GLN A 44 7.85 7.01 -5.19
CA GLN A 44 8.68 8.11 -5.65
C GLN A 44 9.78 8.45 -4.64
N ASP A 45 9.51 8.19 -3.36
CA ASP A 45 10.44 8.50 -2.28
C ASP A 45 11.58 7.49 -2.21
N THR A 46 11.26 6.21 -2.47
CA THR A 46 12.22 5.13 -2.37
C THR A 46 12.73 4.69 -3.73
N GLY A 47 12.05 5.11 -4.80
CA GLY A 47 12.40 4.71 -6.15
C GLY A 47 12.09 3.23 -6.40
N CYS A 48 11.43 2.57 -5.43
CA CYS A 48 11.09 1.15 -5.54
C CYS A 48 9.65 1.00 -6.00
N LYS A 49 9.32 -0.15 -6.61
CA LYS A 49 8.00 -0.40 -7.14
C LYS A 49 7.13 -1.06 -6.07
N ILE A 50 5.96 -0.48 -5.80
CA ILE A 50 5.04 -1.00 -4.78
C ILE A 50 3.94 -1.84 -5.44
N MET A 51 3.60 -2.95 -4.80
CA MET A 51 2.54 -3.86 -5.23
C MET A 51 1.83 -4.44 -4.02
N VAL A 52 0.51 -4.59 -4.15
CA VAL A 52 -0.35 -5.06 -3.08
C VAL A 52 -1.48 -5.91 -3.67
N ARG A 53 -1.81 -7.04 -3.03
CA ARG A 53 -2.97 -7.84 -3.42
C ARG A 53 -3.37 -8.84 -2.34
N GLY A 54 -4.57 -9.37 -2.46
CA GLY A 54 -5.12 -10.35 -1.54
C GLY A 54 -6.65 -10.33 -1.58
N LYS A 55 -7.29 -11.03 -0.64
CA LYS A 55 -8.75 -11.04 -0.56
C LYS A 55 -9.32 -9.68 -0.14
N GLY A 56 -8.46 -8.68 0.09
CA GLY A 56 -8.89 -7.35 0.50
C GLY A 56 -8.92 -6.35 -0.66
N SER A 57 -8.42 -6.72 -1.84
CA SER A 57 -8.41 -5.81 -2.98
C SER A 57 -9.57 -6.09 -3.94
N MET A 58 -10.22 -7.25 -3.80
CA MET A 58 -11.39 -7.60 -4.60
C MET A 58 -12.33 -8.54 -3.85
N ARG A 59 -13.49 -8.80 -4.45
CA ARG A 59 -14.50 -9.69 -3.90
C ARG A 59 -15.04 -10.65 -4.95
N ASP A 60 -14.69 -10.41 -6.22
CA ASP A 60 -15.08 -11.22 -7.37
C ASP A 60 -16.59 -11.42 -7.51
N LYS A 61 -17.39 -10.63 -6.77
CA LYS A 61 -18.85 -10.70 -6.79
C LYS A 61 -19.48 -9.32 -6.85
N SER A 62 -18.64 -8.27 -7.04
CA SER A 62 -19.10 -6.89 -7.08
C SER A 62 -18.93 -6.29 -8.48
N LYS A 63 -18.25 -7.01 -9.38
CA LYS A 63 -18.06 -6.62 -10.77
C LYS A 63 -18.29 -7.82 -11.68
N GLU A 64 -18.83 -8.90 -11.12
CA GLU A 64 -19.08 -10.14 -11.82
C GLU A 64 -20.08 -9.90 -12.95
N SER A 65 -19.76 -10.37 -14.16
CA SER A 65 -20.57 -10.18 -15.35
C SER A 65 -20.92 -8.70 -15.60
N ALA A 66 -20.14 -7.78 -15.02
CA ALA A 66 -20.40 -6.35 -15.15
C ALA A 66 -19.09 -5.55 -15.30
N HIS A 67 -17.95 -6.23 -15.41
CA HIS A 67 -16.66 -5.57 -15.55
C HIS A 67 -16.42 -5.08 -16.97
N ARG A 68 -17.33 -5.42 -17.90
CA ARG A 68 -17.25 -5.03 -19.31
C ARG A 68 -15.97 -5.50 -19.99
N GLY A 69 -15.21 -6.40 -19.35
CA GLY A 69 -13.96 -6.89 -19.87
C GLY A 69 -13.36 -7.96 -18.96
N LYS A 70 -12.19 -8.49 -19.35
CA LYS A 70 -11.49 -9.51 -18.59
C LYS A 70 -10.57 -8.87 -17.56
N ALA A 71 -9.93 -9.71 -16.73
CA ALA A 71 -9.02 -9.26 -15.70
C ALA A 71 -7.75 -10.12 -15.71
N ASN A 72 -6.76 -9.73 -14.90
CA ASN A 72 -5.47 -10.40 -14.84
C ASN A 72 -5.15 -10.87 -13.42
N TRP A 73 -6.13 -10.79 -12.52
CA TRP A 73 -5.97 -11.13 -11.11
C TRP A 73 -7.20 -11.84 -10.55
N GLU A 74 -8.05 -12.37 -11.44
CA GLU A 74 -9.29 -13.04 -11.05
C GLU A 74 -9.03 -14.46 -10.55
N HIS A 75 -7.78 -14.77 -10.20
CA HIS A 75 -7.35 -16.09 -9.74
C HIS A 75 -6.58 -16.01 -8.43
N LEU A 76 -6.62 -14.85 -7.76
CA LEU A 76 -5.90 -14.64 -6.52
C LEU A 76 -6.62 -15.31 -5.36
N GLU A 77 -6.31 -16.58 -5.13
CA GLU A 77 -6.77 -17.32 -3.95
C GLU A 77 -5.86 -17.01 -2.77
N ASP A 78 -4.90 -16.09 -2.96
CA ASP A 78 -3.93 -15.70 -1.96
C ASP A 78 -4.52 -14.71 -0.95
N ASP A 79 -3.75 -14.42 0.10
CA ASP A 79 -4.14 -13.51 1.16
C ASP A 79 -3.40 -12.17 1.03
N LEU A 80 -3.73 -11.21 1.90
CA LEU A 80 -3.13 -9.89 1.87
C LEU A 80 -1.62 -10.00 2.02
N HIS A 81 -0.87 -9.55 1.01
CA HIS A 81 0.58 -9.49 1.10
C HIS A 81 1.11 -8.31 0.29
N VAL A 82 2.27 -7.81 0.71
CA VAL A 82 2.90 -6.67 0.07
C VAL A 82 4.18 -7.12 -0.64
N LEU A 83 4.57 -6.41 -1.70
CA LEU A 83 5.77 -6.72 -2.46
C LEU A 83 6.48 -5.41 -2.80
N VAL A 84 7.80 -5.43 -2.82
CA VAL A 84 8.60 -4.24 -3.10
C VAL A 84 9.77 -4.63 -3.99
N GLN A 85 9.74 -4.18 -5.25
CA GLN A 85 10.77 -4.50 -6.20
C GLN A 85 11.71 -3.31 -6.40
N CYS A 86 13.01 -3.59 -6.58
CA CYS A 86 14.00 -2.55 -6.78
C CYS A 86 15.15 -3.07 -7.65
N GLU A 87 15.76 -2.17 -8.43
CA GLU A 87 16.91 -2.51 -9.24
C GLU A 87 17.99 -1.43 -9.14
N ASP A 88 19.21 -1.87 -8.83
CA ASP A 88 20.38 -1.01 -8.75
C ASP A 88 21.63 -1.89 -8.65
N THR A 89 22.80 -1.29 -8.39
CA THR A 89 24.04 -2.02 -8.24
C THR A 89 24.02 -2.92 -7.00
N GLU A 90 24.95 -3.87 -6.96
CA GLU A 90 25.05 -4.87 -5.90
C GLU A 90 25.25 -4.25 -4.52
N ASN A 91 25.50 -2.93 -4.46
CA ASN A 91 25.76 -2.25 -3.21
C ASN A 91 24.81 -1.08 -2.98
N ARG A 92 23.80 -0.92 -3.85
CA ARG A 92 22.82 0.16 -3.71
C ARG A 92 21.39 -0.34 -3.87
N VAL A 93 21.21 -1.51 -4.48
CA VAL A 93 19.89 -2.11 -4.66
C VAL A 93 19.28 -2.51 -3.32
N HIS A 94 20.13 -2.81 -2.34
CA HIS A 94 19.68 -3.22 -1.03
C HIS A 94 19.29 -2.02 -0.17
N ILE A 95 19.99 -0.90 -0.29
CA ILE A 95 19.74 0.26 0.54
C ILE A 95 18.38 0.86 0.21
N LYS A 96 18.03 0.90 -1.08
CA LYS A 96 16.77 1.47 -1.51
C LYS A 96 15.59 0.55 -1.18
N LEU A 97 15.80 -0.77 -1.29
CA LEU A 97 14.73 -1.72 -1.02
C LEU A 97 14.49 -1.85 0.49
N GLN A 98 15.55 -1.89 1.28
CA GLN A 98 15.43 -2.03 2.73
C GLN A 98 14.73 -0.81 3.32
N ALA A 99 14.98 0.38 2.76
CA ALA A 99 14.32 1.59 3.22
C ALA A 99 12.85 1.56 2.82
N ALA A 100 12.54 1.03 1.64
CA ALA A 100 11.17 0.96 1.17
C ALA A 100 10.34 0.03 2.03
N LEU A 101 10.87 -1.15 2.36
CA LEU A 101 10.12 -2.11 3.16
C LEU A 101 10.05 -1.68 4.63
N GLU A 102 10.82 -0.66 5.01
CA GLU A 102 10.72 -0.12 6.36
C GLU A 102 9.44 0.71 6.46
N GLN A 103 9.07 1.41 5.38
CA GLN A 103 7.88 2.25 5.40
C GLN A 103 6.61 1.41 5.30
N VAL A 104 6.67 0.27 4.59
CA VAL A 104 5.47 -0.52 4.42
C VAL A 104 5.09 -1.15 5.75
N LYS A 105 6.06 -1.70 6.50
CA LYS A 105 5.79 -2.34 7.78
C LYS A 105 5.20 -1.36 8.77
N LYS A 106 5.64 -0.10 8.72
CA LYS A 106 5.06 0.95 9.56
C LYS A 106 3.60 1.20 9.19
N LEU A 107 3.17 0.78 7.98
CA LEU A 107 1.76 0.82 7.60
C LEU A 107 1.05 -0.51 7.87
N LEU A 108 1.78 -1.57 8.20
CA LEU A 108 1.19 -2.86 8.57
C LEU A 108 1.01 -2.96 10.08
N ILE A 109 1.26 -1.85 10.79
CA ILE A 109 1.15 -1.80 12.25
C ILE A 109 0.26 -0.63 12.69
N PRO A 110 -0.97 -0.55 12.15
CA PRO A 110 -1.93 0.50 12.45
C PRO A 110 -2.43 0.39 13.90
N ALA A 111 -3.19 1.40 14.33
CA ALA A 111 -3.71 1.45 15.69
C ALA A 111 -5.23 1.31 15.68
N PRO A 112 -5.84 1.04 16.86
CA PRO A 112 -7.28 0.97 17.02
C PRO A 112 -7.99 2.24 16.56
N GLU A 113 -9.32 2.20 16.52
CA GLU A 113 -10.13 3.33 16.09
C GLU A 113 -10.05 4.49 17.10
N GLY A 114 -10.25 5.71 16.61
CA GLY A 114 -10.19 6.91 17.41
C GLY A 114 -8.77 7.27 17.88
N THR A 115 -7.76 6.54 17.41
CA THR A 115 -6.37 6.79 17.82
C THR A 115 -5.38 6.57 16.68
N ASP A 116 -5.86 6.60 15.42
CA ASP A 116 -5.00 6.50 14.25
C ASP A 116 -5.37 7.65 13.31
N GLU A 117 -4.75 8.81 13.51
CA GLU A 117 -5.11 10.00 12.76
C GLU A 117 -4.68 9.92 11.30
N LEU A 118 -3.77 8.99 10.97
CA LEU A 118 -3.33 8.83 9.59
C LEU A 118 -4.47 8.22 8.78
N LYS A 119 -5.32 7.42 9.43
CA LYS A 119 -6.46 6.80 8.78
C LYS A 119 -7.64 7.77 8.72
N ARG A 120 -7.71 8.73 9.65
CA ARG A 120 -8.78 9.72 9.65
C ARG A 120 -8.54 10.75 8.55
N LYS A 121 -7.30 11.21 8.43
CA LYS A 121 -6.93 12.26 7.48
C LYS A 121 -7.05 11.80 6.04
N GLN A 122 -6.87 10.50 5.77
CA GLN A 122 -6.93 10.00 4.40
C GLN A 122 -8.36 9.70 3.99
N LEU A 123 -9.25 9.41 4.94
CA LEU A 123 -10.66 9.18 4.65
C LEU A 123 -11.38 10.52 4.50
N MET A 124 -10.81 11.58 5.08
CA MET A 124 -11.35 12.92 4.91
C MET A 124 -11.08 13.38 3.47
N GLU A 125 -9.83 13.25 3.02
CA GLU A 125 -9.44 13.62 1.67
C GLU A 125 -10.17 12.76 0.64
N LEU A 126 -10.37 11.47 0.94
CA LEU A 126 -11.10 10.59 0.04
C LEU A 126 -12.54 11.10 -0.12
N ALA A 127 -13.08 11.69 0.95
CA ALA A 127 -14.44 12.18 0.95
C ALA A 127 -14.59 13.49 0.18
N ILE A 128 -13.48 14.21 -0.07
CA ILE A 128 -13.52 15.42 -0.88
C ILE A 128 -13.44 15.02 -2.36
N ILE A 129 -12.83 13.86 -2.61
CA ILE A 129 -12.57 13.34 -3.93
C ILE A 129 -13.81 12.64 -4.50
N ASN A 130 -14.60 11.98 -3.65
CA ASN A 130 -15.82 11.31 -4.10
C ASN A 130 -17.06 12.15 -3.79
N GLY A 131 -16.87 13.29 -3.13
CA GLY A 131 -17.97 14.22 -2.86
C GLY A 131 -18.90 13.74 -1.75
N THR A 132 -18.47 12.80 -0.89
CA THR A 132 -19.32 12.25 0.15
C THR A 132 -18.97 12.82 1.53
N TYR A 133 -18.14 13.87 1.57
CA TYR A 133 -17.73 14.48 2.83
C TYR A 133 -18.91 15.08 3.58
N ARG A 134 -18.72 15.34 4.88
CA ARG A 134 -19.73 15.97 5.71
C ARG A 134 -19.09 17.11 6.50
N PRO A 135 -19.84 18.18 6.83
CA PRO A 135 -19.33 19.31 7.58
C PRO A 135 -18.80 18.95 8.96
N MET A 136 -19.21 17.79 9.49
CA MET A 136 -18.87 17.31 10.83
C MET A 136 -19.05 18.40 11.90
N LYS A 137 -19.98 19.34 11.69
CA LYS A 137 -20.21 20.45 12.60
C LYS A 137 -21.69 20.76 12.71
N SER A 138 -22.11 21.23 13.89
CA SER A 138 -23.49 21.53 14.25
C SER A 138 -24.41 20.29 14.17
N PRO A 139 -25.55 20.32 14.88
CA PRO A 139 -26.53 19.24 14.86
C PRO A 139 -27.06 18.98 13.46
N ASN A 140 -27.50 17.74 13.20
CA ASN A 140 -28.04 17.31 11.93
C ASN A 140 -27.22 17.82 10.74
N PRO A 141 -25.93 17.47 10.68
CA PRO A 141 -25.03 17.93 9.63
C PRO A 141 -25.41 17.30 8.29
N ALA A 142 -25.03 17.97 7.19
CA ALA A 142 -25.33 17.51 5.84
C ALA A 142 -24.65 16.18 5.55
N LEU A 1 26.54 6.15 0.59
CA LEU A 1 26.38 5.85 -0.85
C LEU A 1 27.68 5.27 -1.41
N PRO A 2 27.77 3.93 -1.53
CA PRO A 2 28.94 3.26 -2.05
C PRO A 2 29.07 3.45 -3.55
N GLU A 3 30.18 2.97 -4.12
CA GLU A 3 30.47 3.08 -5.54
C GLU A 3 29.80 1.95 -6.31
N PRO A 4 29.60 2.11 -7.62
CA PRO A 4 28.99 1.10 -8.47
C PRO A 4 29.71 -0.24 -8.40
N ALA A 5 28.96 -1.32 -8.65
CA ALA A 5 29.50 -2.68 -8.57
C ALA A 5 29.90 -3.21 -9.95
N GLY A 6 29.33 -2.65 -11.02
CA GLY A 6 29.72 -3.00 -12.39
C GLY A 6 28.55 -3.49 -13.24
N ASP A 7 27.43 -3.86 -12.62
CA ASP A 7 26.26 -4.32 -13.36
C ASP A 7 24.97 -3.93 -12.63
N MET A 8 23.85 -3.98 -13.35
CA MET A 8 22.54 -3.63 -12.83
C MET A 8 21.85 -4.88 -12.28
N ILE A 9 21.37 -4.79 -11.05
CA ILE A 9 20.73 -5.91 -10.37
C ILE A 9 19.24 -5.64 -10.19
N SER A 10 18.45 -6.69 -10.00
CA SER A 10 17.01 -6.55 -9.75
C SER A 10 16.59 -7.57 -8.69
N ILE A 11 15.79 -7.13 -7.72
CA ILE A 11 15.31 -8.00 -6.66
C ILE A 11 13.98 -7.50 -6.11
N THR A 12 13.27 -8.35 -5.37
CA THR A 12 12.03 -7.97 -4.71
C THR A 12 11.91 -8.67 -3.36
N GLU A 13 11.09 -8.12 -2.47
CA GLU A 13 10.87 -8.68 -1.14
C GLU A 13 9.39 -8.95 -0.93
N LYS A 14 9.09 -10.07 -0.27
CA LYS A 14 7.74 -10.45 0.11
C LYS A 14 7.54 -10.05 1.57
N ILE A 15 6.48 -9.28 1.83
CA ILE A 15 6.16 -8.86 3.18
C ILE A 15 4.64 -9.02 3.38
N TYR A 16 4.24 -10.19 3.88
CA TYR A 16 2.84 -10.47 4.15
C TYR A 16 2.32 -9.55 5.25
N VAL A 17 1.04 -9.17 5.14
CA VAL A 17 0.36 -8.31 6.10
C VAL A 17 0.05 -9.10 7.36
N PRO A 18 0.26 -8.53 8.56
CA PRO A 18 -0.05 -9.15 9.84
C PRO A 18 -1.53 -8.98 10.22
N LYS A 19 -2.43 -9.17 9.25
CA LYS A 19 -3.86 -9.00 9.46
C LYS A 19 -4.41 -9.93 10.54
N ASN A 20 -3.65 -10.96 10.93
CA ASN A 20 -4.07 -11.87 11.97
C ASN A 20 -4.07 -11.18 13.34
N GLU A 21 -3.57 -9.94 13.38
CA GLU A 21 -3.57 -9.14 14.60
C GLU A 21 -4.53 -7.95 14.45
N TYR A 22 -4.89 -7.63 13.21
CA TYR A 22 -5.80 -6.55 12.87
C TYR A 22 -6.88 -7.04 11.90
N PRO A 23 -7.71 -8.01 12.31
CA PRO A 23 -8.68 -8.66 11.43
C PRO A 23 -9.82 -7.74 11.01
N ASP A 24 -9.87 -6.53 11.58
CA ASP A 24 -10.90 -5.55 11.26
C ASP A 24 -10.30 -4.32 10.55
N TYR A 25 -9.05 -4.44 10.07
CA TYR A 25 -8.36 -3.33 9.44
C TYR A 25 -8.29 -3.49 7.92
N ASN A 26 -8.19 -2.36 7.21
CA ASN A 26 -8.16 -2.32 5.75
C ASN A 26 -6.81 -1.81 5.28
N PHE A 27 -5.84 -2.72 5.15
CA PHE A 27 -4.47 -2.35 4.80
C PHE A 27 -4.37 -1.84 3.38
N VAL A 28 -5.16 -2.37 2.46
CA VAL A 28 -5.09 -1.97 1.06
C VAL A 28 -5.54 -0.52 0.91
N GLY A 29 -6.48 -0.09 1.76
CA GLY A 29 -6.93 1.29 1.76
C GLY A 29 -6.00 2.20 2.55
N ARG A 30 -5.08 1.62 3.35
CA ARG A 30 -4.12 2.40 4.12
C ARG A 30 -2.80 2.56 3.37
N ILE A 31 -2.33 1.50 2.71
CA ILE A 31 -1.05 1.55 1.99
C ILE A 31 -1.20 2.28 0.66
N LEU A 32 -2.38 2.18 0.02
CA LEU A 32 -2.62 2.89 -1.22
C LEU A 32 -3.18 4.29 -0.95
N GLY A 33 -4.01 4.43 0.09
CA GLY A 33 -4.63 5.71 0.41
C GLY A 33 -5.60 6.14 -0.67
N PRO A 34 -6.16 7.36 -0.55
CA PRO A 34 -7.12 7.89 -1.50
C PRO A 34 -6.44 8.14 -2.85
N ARG A 35 -7.07 7.69 -3.94
CA ARG A 35 -6.56 7.82 -5.30
C ARG A 35 -5.11 7.33 -5.43
N GLY A 36 -4.65 6.46 -4.53
CA GLY A 36 -3.30 5.91 -4.58
C GLY A 36 -2.23 6.90 -4.10
N MET A 37 -2.65 7.99 -3.44
CA MET A 37 -1.74 9.04 -3.00
C MET A 37 -0.65 8.51 -2.07
N THR A 38 -0.94 7.48 -1.26
CA THR A 38 0.05 6.96 -0.32
C THR A 38 0.99 6.00 -1.03
N ALA A 39 0.52 5.31 -2.07
CA ALA A 39 1.35 4.39 -2.83
C ALA A 39 2.28 5.17 -3.75
N LYS A 40 1.80 6.28 -4.32
CA LYS A 40 2.58 7.10 -5.22
C LYS A 40 3.69 7.83 -4.45
N GLN A 41 3.43 8.17 -3.19
CA GLN A 41 4.41 8.87 -2.37
C GLN A 41 5.52 7.91 -1.94
N LEU A 42 5.18 6.64 -1.71
CA LEU A 42 6.17 5.65 -1.30
C LEU A 42 7.10 5.27 -2.45
N GLU A 43 6.56 5.08 -3.66
CA GLU A 43 7.36 4.64 -4.80
C GLU A 43 8.25 5.74 -5.37
N GLN A 44 7.92 7.01 -5.11
CA GLN A 44 8.77 8.11 -5.58
C GLN A 44 9.84 8.47 -4.55
N ASP A 45 9.55 8.22 -3.27
CA ASP A 45 10.48 8.54 -2.19
C ASP A 45 11.59 7.50 -2.09
N THR A 46 11.26 6.23 -2.33
CA THR A 46 12.21 5.13 -2.22
C THR A 46 12.74 4.70 -3.58
N GLY A 47 12.08 5.15 -4.65
CA GLY A 47 12.46 4.77 -6.01
C GLY A 47 12.12 3.30 -6.28
N CYS A 48 11.42 2.64 -5.35
CA CYS A 48 11.05 1.24 -5.48
C CYS A 48 9.62 1.11 -5.98
N LYS A 49 9.30 -0.04 -6.58
CA LYS A 49 7.98 -0.32 -7.14
C LYS A 49 7.14 -1.04 -6.09
N ILE A 50 5.98 -0.47 -5.75
CA ILE A 50 5.12 -1.03 -4.72
C ILE A 50 4.01 -1.87 -5.35
N MET A 51 3.66 -2.97 -4.67
CA MET A 51 2.60 -3.87 -5.08
C MET A 51 1.88 -4.41 -3.85
N VAL A 52 0.55 -4.54 -3.95
CA VAL A 52 -0.30 -4.99 -2.86
C VAL A 52 -1.47 -5.79 -3.41
N ARG A 53 -1.65 -7.03 -2.95
CA ARG A 53 -2.77 -7.88 -3.38
C ARG A 53 -3.20 -8.77 -2.22
N GLY A 54 -4.34 -9.45 -2.40
CA GLY A 54 -4.87 -10.37 -1.41
C GLY A 54 -6.31 -10.76 -1.73
N LYS A 55 -6.98 -11.41 -0.76
CA LYS A 55 -8.38 -11.78 -0.87
C LYS A 55 -9.24 -10.61 -1.31
N GLY A 56 -9.98 -10.77 -2.40
CA GLY A 56 -10.97 -9.80 -2.86
C GLY A 56 -10.38 -8.43 -3.21
N SER A 57 -9.07 -8.34 -3.49
CA SER A 57 -8.44 -7.07 -3.80
C SER A 57 -8.83 -6.52 -5.17
N MET A 58 -9.71 -7.21 -5.90
CA MET A 58 -10.20 -6.73 -7.19
C MET A 58 -11.29 -5.67 -7.01
N ARG A 59 -11.72 -5.06 -8.11
CA ARG A 59 -12.71 -3.99 -8.09
C ARG A 59 -13.85 -4.24 -9.08
N ASP A 60 -13.96 -5.46 -9.59
CA ASP A 60 -15.00 -5.84 -10.54
C ASP A 60 -15.96 -6.86 -9.92
N LYS A 61 -15.74 -7.25 -8.66
CA LYS A 61 -16.52 -8.25 -7.96
C LYS A 61 -17.99 -7.84 -7.82
N SER A 62 -18.30 -6.57 -8.09
CA SER A 62 -19.65 -6.03 -8.00
C SER A 62 -20.50 -6.43 -9.21
N LYS A 63 -19.86 -6.91 -10.28
CA LYS A 63 -20.54 -7.24 -11.53
C LYS A 63 -19.90 -8.45 -12.23
N GLU A 64 -18.91 -9.07 -11.59
CA GLU A 64 -18.14 -10.16 -12.18
C GLU A 64 -17.74 -11.17 -11.11
N SER A 65 -17.49 -12.42 -11.53
CA SER A 65 -17.06 -13.48 -10.62
C SER A 65 -15.78 -14.15 -11.11
N ALA A 66 -15.41 -13.92 -12.37
CA ALA A 66 -14.17 -14.43 -12.96
C ALA A 66 -13.77 -13.55 -14.15
N HIS A 67 -12.47 -13.38 -14.35
CA HIS A 67 -11.96 -12.56 -15.45
C HIS A 67 -12.06 -13.33 -16.77
N ARG A 68 -12.00 -12.60 -17.89
CA ARG A 68 -12.02 -13.19 -19.22
C ARG A 68 -10.68 -12.95 -19.90
N GLY A 69 -10.28 -13.84 -20.80
CA GLY A 69 -8.98 -13.75 -21.46
C GLY A 69 -7.87 -13.87 -20.43
N LYS A 70 -6.74 -13.21 -20.67
CA LYS A 70 -5.62 -13.18 -19.73
C LYS A 70 -5.56 -11.81 -19.06
N ALA A 71 -5.11 -11.80 -17.80
CA ALA A 71 -5.01 -10.56 -17.03
C ALA A 71 -3.84 -10.64 -16.04
N ASN A 72 -3.56 -9.52 -15.36
CA ASN A 72 -2.45 -9.41 -14.43
C ASN A 72 -2.90 -9.60 -12.98
N TRP A 73 -4.17 -10.00 -12.77
CA TRP A 73 -4.73 -10.15 -11.44
C TRP A 73 -5.74 -11.31 -11.40
N GLU A 74 -5.37 -12.43 -12.03
CA GLU A 74 -6.18 -13.64 -11.98
C GLU A 74 -5.89 -14.42 -10.70
N HIS A 75 -6.83 -15.27 -10.29
CA HIS A 75 -6.70 -16.15 -9.13
C HIS A 75 -6.17 -15.42 -7.90
N LEU A 76 -6.87 -14.34 -7.48
CA LEU A 76 -6.51 -13.58 -6.29
C LEU A 76 -6.89 -14.33 -5.01
N GLU A 77 -6.73 -15.65 -5.01
CA GLU A 77 -7.05 -16.50 -3.86
C GLU A 77 -5.96 -16.38 -2.79
N ASP A 78 -4.98 -15.49 -2.99
CA ASP A 78 -3.91 -15.27 -2.03
C ASP A 78 -4.36 -14.39 -0.88
N ASP A 79 -3.59 -14.37 0.20
CA ASP A 79 -3.88 -13.57 1.38
C ASP A 79 -3.23 -12.19 1.26
N LEU A 80 -3.69 -11.22 2.05
CA LEU A 80 -3.17 -9.86 1.99
C LEU A 80 -1.66 -9.87 2.17
N HIS A 81 -0.95 -9.31 1.19
CA HIS A 81 0.49 -9.23 1.25
C HIS A 81 1.00 -7.97 0.55
N VAL A 82 2.25 -7.62 0.84
CA VAL A 82 2.90 -6.49 0.21
C VAL A 82 4.15 -6.97 -0.50
N LEU A 83 4.52 -6.32 -1.61
CA LEU A 83 5.71 -6.65 -2.38
C LEU A 83 6.44 -5.35 -2.72
N VAL A 84 7.78 -5.40 -2.79
CA VAL A 84 8.58 -4.22 -3.07
C VAL A 84 9.74 -4.62 -3.97
N GLN A 85 9.73 -4.12 -5.20
CA GLN A 85 10.75 -4.43 -6.19
C GLN A 85 11.64 -3.22 -6.46
N CYS A 86 12.94 -3.45 -6.67
CA CYS A 86 13.87 -2.38 -6.99
C CYS A 86 15.03 -2.89 -7.84
N GLU A 87 15.72 -1.99 -8.53
CA GLU A 87 16.87 -2.33 -9.34
C GLU A 87 17.98 -1.27 -9.21
N ASP A 88 19.20 -1.74 -8.94
CA ASP A 88 20.39 -0.90 -8.83
C ASP A 88 21.62 -1.81 -8.81
N THR A 89 22.80 -1.25 -8.57
CA THR A 89 24.02 -2.05 -8.47
C THR A 89 23.99 -2.94 -7.24
N GLU A 90 24.92 -3.88 -7.18
CA GLU A 90 25.04 -4.84 -6.08
C GLU A 90 25.30 -4.14 -4.75
N ASN A 91 25.54 -2.83 -4.79
CA ASN A 91 25.88 -2.05 -3.61
C ASN A 91 24.80 -1.04 -3.26
N ARG A 92 23.79 -0.87 -4.12
CA ARG A 92 22.77 0.15 -3.92
C ARG A 92 21.35 -0.43 -3.99
N VAL A 93 21.19 -1.61 -4.61
CA VAL A 93 19.88 -2.22 -4.76
C VAL A 93 19.32 -2.67 -3.41
N HIS A 94 20.21 -2.93 -2.44
CA HIS A 94 19.81 -3.38 -1.12
C HIS A 94 19.41 -2.20 -0.23
N ILE A 95 20.10 -1.06 -0.37
CA ILE A 95 19.82 0.10 0.47
C ILE A 95 18.43 0.64 0.17
N LYS A 96 18.05 0.65 -1.10
CA LYS A 96 16.74 1.15 -1.51
C LYS A 96 15.64 0.16 -1.14
N LEU A 97 15.91 -1.14 -1.22
CA LEU A 97 14.90 -2.15 -0.89
C LEU A 97 14.63 -2.13 0.62
N GLN A 98 15.69 -2.01 1.44
CA GLN A 98 15.56 -2.03 2.88
C GLN A 98 14.83 -0.79 3.39
N ALA A 99 15.07 0.37 2.77
CA ALA A 99 14.41 1.60 3.17
C ALA A 99 12.94 1.55 2.75
N ALA A 100 12.64 0.94 1.60
CA ALA A 100 11.28 0.85 1.12
C ALA A 100 10.46 -0.07 2.00
N LEU A 101 11.01 -1.23 2.38
CA LEU A 101 10.28 -2.17 3.23
C LEU A 101 10.18 -1.65 4.66
N GLU A 102 10.92 -0.60 5.01
CA GLU A 102 10.79 0.00 6.33
C GLU A 102 9.51 0.81 6.38
N GLN A 103 9.13 1.47 5.28
CA GLN A 103 7.94 2.29 5.27
C GLN A 103 6.69 1.43 5.17
N VAL A 104 6.76 0.27 4.50
CA VAL A 104 5.57 -0.54 4.35
C VAL A 104 5.20 -1.15 5.68
N LYS A 105 6.17 -1.73 6.41
CA LYS A 105 5.89 -2.39 7.67
C LYS A 105 5.47 -1.41 8.76
N LYS A 106 5.78 -0.12 8.59
CA LYS A 106 5.27 0.92 9.48
C LYS A 106 3.81 1.25 9.14
N LEU A 107 3.34 0.83 7.97
CA LEU A 107 1.92 0.92 7.63
C LEU A 107 1.17 -0.37 7.97
N LEU A 108 1.90 -1.46 8.25
CA LEU A 108 1.30 -2.73 8.64
C LEU A 108 1.13 -2.83 10.15
N ILE A 109 1.38 -1.73 10.87
CA ILE A 109 1.32 -1.68 12.32
C ILE A 109 0.41 -0.55 12.82
N PRO A 110 -0.83 -0.46 12.31
CA PRO A 110 -1.80 0.55 12.70
C PRO A 110 -2.30 0.32 14.12
N ALA A 111 -3.07 1.28 14.64
CA ALA A 111 -3.66 1.19 15.97
C ALA A 111 -5.03 0.53 15.88
N PRO A 112 -5.62 0.15 17.04
CA PRO A 112 -6.97 -0.39 17.10
C PRO A 112 -8.01 0.57 16.50
N GLU A 113 -9.21 0.06 16.27
CA GLU A 113 -10.28 0.85 15.67
C GLU A 113 -10.75 1.94 16.65
N GLY A 114 -11.29 3.03 16.08
CA GLY A 114 -11.81 4.16 16.85
C GLY A 114 -10.70 5.02 17.45
N THR A 115 -9.43 4.69 17.20
CA THR A 115 -8.31 5.46 17.72
C THR A 115 -7.17 5.57 16.71
N ASP A 116 -7.31 4.95 15.54
CA ASP A 116 -6.31 5.04 14.48
C ASP A 116 -6.65 6.21 13.56
N GLU A 117 -6.18 7.41 13.90
CA GLU A 117 -6.45 8.59 13.10
C GLU A 117 -5.91 8.45 11.69
N LEU A 118 -4.99 7.51 11.45
CA LEU A 118 -4.35 7.40 10.14
C LEU A 118 -5.30 6.82 9.10
N LYS A 119 -6.20 5.91 9.50
CA LYS A 119 -7.22 5.38 8.61
C LYS A 119 -8.43 6.31 8.58
N ARG A 120 -8.61 7.06 9.67
CA ARG A 120 -9.75 7.94 9.88
C ARG A 120 -9.56 9.27 9.16
N LYS A 121 -8.32 9.76 9.04
CA LYS A 121 -8.04 11.02 8.37
C LYS A 121 -7.91 10.86 6.85
N GLN A 122 -7.55 9.66 6.39
CA GLN A 122 -7.43 9.40 4.96
C GLN A 122 -8.81 9.18 4.34
N LEU A 123 -9.80 8.78 5.14
CA LEU A 123 -11.16 8.64 4.65
C LEU A 123 -11.84 10.00 4.53
N MET A 124 -11.32 11.02 5.23
CA MET A 124 -11.84 12.36 5.07
C MET A 124 -11.31 12.94 3.76
N GLU A 125 -10.04 12.65 3.44
CA GLU A 125 -9.43 13.15 2.21
C GLU A 125 -10.03 12.46 1.00
N LEU A 126 -10.40 11.19 1.14
CA LEU A 126 -11.09 10.45 0.09
C LEU A 126 -12.43 11.12 -0.18
N ALA A 127 -13.01 11.74 0.86
CA ALA A 127 -14.31 12.35 0.77
C ALA A 127 -14.25 13.78 0.24
N ILE A 128 -13.07 14.43 0.24
CA ILE A 128 -12.93 15.75 -0.35
C ILE A 128 -12.76 15.57 -1.86
N ILE A 129 -12.12 14.45 -2.23
CA ILE A 129 -11.85 14.08 -3.60
C ILE A 129 -13.12 13.60 -4.29
N ASN A 130 -13.99 12.91 -3.55
CA ASN A 130 -15.25 12.40 -4.10
C ASN A 130 -16.39 13.38 -3.84
N GLY A 131 -16.12 14.45 -3.07
CA GLY A 131 -17.12 15.47 -2.79
C GLY A 131 -18.23 14.97 -1.87
N THR A 132 -18.01 13.83 -1.20
CA THR A 132 -19.02 13.22 -0.34
C THR A 132 -18.73 13.47 1.15
N TYR A 133 -17.79 14.37 1.46
CA TYR A 133 -17.43 14.64 2.84
C TYR A 133 -18.60 15.28 3.60
N ARG A 134 -18.57 15.17 4.93
CA ARG A 134 -19.59 15.76 5.79
C ARG A 134 -18.92 16.67 6.82
N PRO A 135 -19.40 17.91 6.97
CA PRO A 135 -18.88 18.84 7.95
C PRO A 135 -19.36 18.46 9.34
N MET A 136 -18.44 17.96 10.17
CA MET A 136 -18.74 17.62 11.56
C MET A 136 -18.21 18.70 12.50
N LYS A 137 -17.91 19.88 11.94
CA LYS A 137 -17.38 21.02 12.67
C LYS A 137 -18.52 21.87 13.23
N SER A 138 -18.23 22.65 14.29
CA SER A 138 -19.21 23.52 14.93
C SER A 138 -18.55 24.83 15.33
N PRO A 139 -19.26 25.96 15.23
CA PRO A 139 -18.78 27.27 15.64
C PRO A 139 -18.74 27.41 17.17
N ASN A 140 -19.13 26.35 17.91
CA ASN A 140 -19.12 26.34 19.36
C ASN A 140 -19.78 27.59 19.95
N PRO A 141 -21.09 27.78 19.72
CA PRO A 141 -21.84 28.93 20.17
C PRO A 141 -22.04 28.90 21.69
N ALA A 142 -22.46 30.04 22.25
CA ALA A 142 -22.70 30.22 23.68
C ALA A 142 -21.55 29.66 24.53
N LEU A 1 25.40 7.11 -0.83
CA LEU A 1 25.48 5.78 -1.48
C LEU A 1 26.91 5.47 -1.89
N PRO A 2 27.29 4.18 -1.88
CA PRO A 2 28.62 3.73 -2.28
C PRO A 2 28.81 3.84 -3.78
N GLU A 3 30.04 3.56 -4.25
CA GLU A 3 30.37 3.59 -5.67
C GLU A 3 29.68 2.42 -6.38
N PRO A 4 29.40 2.54 -7.68
CA PRO A 4 28.67 1.52 -8.41
C PRO A 4 29.47 0.22 -8.51
N ALA A 5 28.76 -0.91 -8.60
CA ALA A 5 29.39 -2.23 -8.64
C ALA A 5 29.77 -2.63 -10.06
N GLY A 6 29.09 -2.09 -11.07
CA GLY A 6 29.45 -2.30 -12.46
C GLY A 6 28.27 -2.69 -13.35
N ASP A 7 27.18 -3.20 -12.77
CA ASP A 7 26.00 -3.59 -13.55
C ASP A 7 24.72 -3.35 -12.75
N MET A 8 23.59 -3.34 -13.46
CA MET A 8 22.28 -3.10 -12.87
C MET A 8 21.66 -4.41 -12.43
N ILE A 9 21.17 -4.44 -11.18
CA ILE A 9 20.57 -5.62 -10.59
C ILE A 9 19.08 -5.38 -10.41
N SER A 10 18.29 -6.44 -10.29
CA SER A 10 16.85 -6.33 -10.04
C SER A 10 16.42 -7.42 -9.06
N ILE A 11 15.67 -7.03 -8.02
CA ILE A 11 15.19 -7.96 -7.02
C ILE A 11 13.91 -7.45 -6.38
N THR A 12 13.24 -8.30 -5.58
CA THR A 12 12.03 -7.91 -4.86
C THR A 12 11.94 -8.66 -3.54
N GLU A 13 11.25 -8.06 -2.57
CA GLU A 13 11.01 -8.66 -1.26
C GLU A 13 9.53 -8.98 -1.10
N LYS A 14 9.24 -10.05 -0.34
CA LYS A 14 7.89 -10.55 -0.14
C LYS A 14 7.59 -10.50 1.35
N ILE A 15 6.60 -9.69 1.74
CA ILE A 15 6.29 -9.50 3.15
C ILE A 15 4.77 -9.53 3.34
N TYR A 16 4.27 -10.53 4.09
CA TYR A 16 2.85 -10.67 4.31
C TYR A 16 2.32 -9.68 5.35
N VAL A 17 1.04 -9.32 5.23
CA VAL A 17 0.39 -8.41 6.15
C VAL A 17 -0.04 -9.19 7.40
N PRO A 18 0.18 -8.65 8.60
CA PRO A 18 -0.16 -9.26 9.87
C PRO A 18 -1.68 -9.20 10.16
N LYS A 19 -2.49 -9.26 9.11
CA LYS A 19 -3.95 -9.17 9.20
C LYS A 19 -4.57 -10.28 10.05
N ASN A 20 -3.75 -11.23 10.52
CA ASN A 20 -4.23 -12.29 11.37
C ASN A 20 -4.35 -11.81 12.82
N GLU A 21 -3.94 -10.57 13.08
CA GLU A 21 -4.04 -9.93 14.40
C GLU A 21 -4.94 -8.70 14.31
N TYR A 22 -5.12 -8.19 13.09
CA TYR A 22 -5.96 -7.04 12.81
C TYR A 22 -6.97 -7.35 11.70
N PRO A 23 -7.80 -8.39 11.86
CA PRO A 23 -8.77 -8.80 10.84
C PRO A 23 -9.88 -7.75 10.67
N ASP A 24 -9.87 -6.73 11.53
CA ASP A 24 -10.83 -5.64 11.51
C ASP A 24 -10.26 -4.41 10.82
N TYR A 25 -9.04 -4.50 10.28
CA TYR A 25 -8.36 -3.37 9.68
C TYR A 25 -8.23 -3.53 8.16
N ASN A 26 -8.15 -2.39 7.44
CA ASN A 26 -8.06 -2.35 5.99
C ASN A 26 -6.70 -1.81 5.55
N PHE A 27 -5.73 -2.71 5.37
CA PHE A 27 -4.37 -2.32 5.01
C PHE A 27 -4.27 -1.84 3.57
N VAL A 28 -5.07 -2.39 2.66
CA VAL A 28 -5.00 -2.01 1.26
C VAL A 28 -5.36 -0.54 1.11
N GLY A 29 -6.33 -0.08 1.90
CA GLY A 29 -6.74 1.32 1.86
C GLY A 29 -5.78 2.22 2.62
N ARG A 30 -5.00 1.66 3.55
CA ARG A 30 -4.01 2.43 4.31
C ARG A 30 -2.72 2.62 3.53
N ILE A 31 -2.27 1.60 2.80
CA ILE A 31 -1.03 1.66 2.04
C ILE A 31 -1.24 2.38 0.71
N LEU A 32 -2.42 2.26 0.09
CA LEU A 32 -2.69 2.93 -1.17
C LEU A 32 -3.22 4.35 -0.93
N GLY A 33 -4.01 4.54 0.12
CA GLY A 33 -4.59 5.83 0.45
C GLY A 33 -5.60 6.27 -0.61
N PRO A 34 -6.05 7.53 -0.57
CA PRO A 34 -7.01 8.06 -1.52
C PRO A 34 -6.38 8.16 -2.91
N ARG A 35 -7.11 7.68 -3.92
CA ARG A 35 -6.67 7.68 -5.32
C ARG A 35 -5.27 7.11 -5.51
N GLY A 36 -4.80 6.28 -4.58
CA GLY A 36 -3.49 5.64 -4.68
C GLY A 36 -2.35 6.60 -4.34
N MET A 37 -2.66 7.78 -3.81
CA MET A 37 -1.65 8.80 -3.54
C MET A 37 -0.58 8.29 -2.59
N THR A 38 -0.93 7.50 -1.57
CA THR A 38 0.05 7.04 -0.59
C THR A 38 1.00 6.02 -1.23
N ALA A 39 0.53 5.30 -2.25
CA ALA A 39 1.35 4.32 -2.94
C ALA A 39 2.32 5.01 -3.90
N LYS A 40 1.92 6.15 -4.47
CA LYS A 40 2.75 6.88 -5.42
C LYS A 40 3.79 7.73 -4.69
N GLN A 41 3.50 8.15 -3.46
CA GLN A 41 4.44 8.93 -2.67
C GLN A 41 5.54 8.03 -2.12
N LEU A 42 5.21 6.77 -1.79
CA LEU A 42 6.20 5.83 -1.29
C LEU A 42 7.17 5.39 -2.39
N GLU A 43 6.68 5.14 -3.61
CA GLU A 43 7.51 4.63 -4.68
C GLU A 43 8.43 5.70 -5.28
N GLN A 44 8.10 6.98 -5.13
CA GLN A 44 8.98 8.04 -5.62
C GLN A 44 10.02 8.41 -4.57
N ASP A 45 9.69 8.23 -3.29
CA ASP A 45 10.60 8.55 -2.20
C ASP A 45 11.71 7.50 -2.05
N THR A 46 11.36 6.24 -2.30
CA THR A 46 12.30 5.13 -2.12
C THR A 46 12.88 4.66 -3.46
N GLY A 47 12.26 5.09 -4.56
CA GLY A 47 12.66 4.66 -5.89
C GLY A 47 12.31 3.19 -6.15
N CYS A 48 11.64 2.54 -5.18
CA CYS A 48 11.22 1.15 -5.29
C CYS A 48 9.75 1.11 -5.69
N LYS A 49 9.32 0.04 -6.35
CA LYS A 49 7.95 -0.06 -6.85
C LYS A 49 7.09 -0.82 -5.86
N ILE A 50 5.89 -0.28 -5.58
CA ILE A 50 5.00 -0.85 -4.58
C ILE A 50 3.96 -1.76 -5.23
N MET A 51 3.67 -2.88 -4.56
CA MET A 51 2.69 -3.85 -4.99
C MET A 51 2.00 -4.44 -3.76
N VAL A 52 0.69 -4.64 -3.84
CA VAL A 52 -0.11 -5.14 -2.74
C VAL A 52 -1.23 -6.01 -3.31
N ARG A 53 -1.39 -7.22 -2.77
CA ARG A 53 -2.47 -8.12 -3.21
C ARG A 53 -2.92 -9.03 -2.07
N GLY A 54 -4.01 -9.74 -2.30
CA GLY A 54 -4.62 -10.65 -1.35
C GLY A 54 -6.11 -10.74 -1.62
N LYS A 55 -6.85 -11.37 -0.71
CA LYS A 55 -8.30 -11.45 -0.84
C LYS A 55 -8.88 -10.04 -0.72
N GLY A 56 -9.76 -9.66 -1.66
CA GLY A 56 -10.38 -8.35 -1.67
C GLY A 56 -9.50 -7.27 -2.31
N SER A 57 -8.31 -7.61 -2.82
CA SER A 57 -7.44 -6.66 -3.48
C SER A 57 -7.74 -6.58 -4.98
N MET A 58 -9.01 -6.78 -5.36
CA MET A 58 -9.43 -6.82 -6.75
C MET A 58 -10.61 -5.89 -7.01
N ARG A 59 -11.03 -5.82 -8.27
CA ARG A 59 -12.11 -4.95 -8.73
C ARG A 59 -13.17 -5.72 -9.51
N ASP A 60 -13.28 -7.04 -9.26
CA ASP A 60 -14.25 -7.89 -9.91
C ASP A 60 -15.66 -7.49 -9.47
N LYS A 61 -16.49 -7.13 -10.46
CA LYS A 61 -17.89 -6.77 -10.24
C LYS A 61 -18.81 -7.83 -10.85
N SER A 62 -20.11 -7.63 -10.72
CA SER A 62 -21.12 -8.51 -11.29
C SER A 62 -21.06 -8.55 -12.81
N LYS A 63 -20.34 -7.61 -13.43
CA LYS A 63 -20.20 -7.52 -14.88
C LYS A 63 -18.83 -7.01 -15.30
N GLU A 64 -17.89 -6.87 -14.36
CA GLU A 64 -16.57 -6.32 -14.64
C GLU A 64 -15.46 -7.24 -14.15
N SER A 65 -14.41 -7.42 -14.95
CA SER A 65 -13.26 -8.23 -14.58
C SER A 65 -11.96 -7.71 -15.20
N ALA A 66 -12.04 -6.57 -15.91
CA ALA A 66 -10.91 -5.97 -16.61
C ALA A 66 -10.22 -6.92 -17.59
N HIS A 67 -10.87 -8.04 -17.93
CA HIS A 67 -10.33 -9.04 -18.84
C HIS A 67 -11.44 -9.65 -19.69
N ARG A 68 -11.08 -10.38 -20.75
CA ARG A 68 -12.02 -11.07 -21.61
C ARG A 68 -12.41 -12.44 -21.02
N GLY A 69 -11.72 -12.83 -19.93
CA GLY A 69 -11.95 -14.10 -19.25
C GLY A 69 -11.12 -14.15 -17.98
N LYS A 70 -10.86 -15.36 -17.46
CA LYS A 70 -10.05 -15.53 -16.26
C LYS A 70 -8.61 -15.12 -16.53
N ALA A 71 -7.87 -14.82 -15.46
CA ALA A 71 -6.48 -14.38 -15.55
C ALA A 71 -5.67 -14.92 -14.37
N ASN A 72 -4.35 -14.75 -14.44
CA ASN A 72 -3.42 -15.24 -13.42
C ASN A 72 -3.44 -14.40 -12.16
N TRP A 73 -4.46 -13.54 -12.01
CA TRP A 73 -4.49 -12.53 -10.97
C TRP A 73 -5.87 -12.42 -10.32
N GLU A 74 -6.73 -13.44 -10.53
CA GLU A 74 -8.08 -13.47 -10.01
C GLU A 74 -8.37 -14.79 -9.31
N HIS A 75 -7.31 -15.55 -8.98
CA HIS A 75 -7.42 -16.86 -8.35
C HIS A 75 -6.39 -17.01 -7.22
N LEU A 76 -5.98 -15.90 -6.61
CA LEU A 76 -4.95 -15.91 -5.59
C LEU A 76 -5.39 -16.72 -4.37
N GLU A 77 -6.62 -16.50 -3.91
CA GLU A 77 -7.20 -17.19 -2.75
C GLU A 77 -6.29 -17.13 -1.52
N ASP A 78 -5.42 -16.11 -1.44
CA ASP A 78 -4.48 -15.95 -0.35
C ASP A 78 -4.77 -14.67 0.46
N ASP A 79 -4.18 -14.57 1.64
CA ASP A 79 -4.33 -13.41 2.51
C ASP A 79 -3.55 -12.21 1.99
N LEU A 80 -3.76 -11.05 2.62
CA LEU A 80 -3.12 -9.81 2.26
C LEU A 80 -1.60 -9.92 2.38
N HIS A 81 -0.89 -9.40 1.38
CA HIS A 81 0.56 -9.37 1.41
C HIS A 81 1.08 -8.13 0.68
N VAL A 82 2.35 -7.82 0.91
CA VAL A 82 3.01 -6.67 0.30
C VAL A 82 4.25 -7.13 -0.46
N LEU A 83 4.58 -6.43 -1.55
CA LEU A 83 5.75 -6.72 -2.35
C LEU A 83 6.46 -5.40 -2.66
N VAL A 84 7.79 -5.42 -2.73
CA VAL A 84 8.57 -4.21 -2.98
C VAL A 84 9.73 -4.55 -3.92
N GLN A 85 9.66 -4.02 -5.13
CA GLN A 85 10.67 -4.29 -6.14
C GLN A 85 11.65 -3.13 -6.29
N CYS A 86 12.92 -3.44 -6.54
CA CYS A 86 13.95 -2.43 -6.68
C CYS A 86 15.02 -2.86 -7.68
N GLU A 87 15.64 -1.88 -8.34
CA GLU A 87 16.73 -2.15 -9.27
C GLU A 87 17.83 -1.09 -9.14
N ASP A 88 19.05 -1.56 -8.90
CA ASP A 88 20.24 -0.72 -8.78
C ASP A 88 21.47 -1.63 -8.77
N THR A 89 22.67 -1.08 -8.51
CA THR A 89 23.88 -1.87 -8.41
C THR A 89 23.82 -2.86 -7.25
N GLU A 90 24.77 -3.80 -7.24
CA GLU A 90 24.85 -4.86 -6.24
C GLU A 90 25.04 -4.31 -4.83
N ASN A 91 25.22 -3.00 -4.69
CA ASN A 91 25.44 -2.37 -3.39
C ASN A 91 24.56 -1.14 -3.18
N ARG A 92 23.57 -0.93 -4.05
CA ARG A 92 22.59 0.14 -3.87
C ARG A 92 21.17 -0.41 -3.94
N VAL A 93 20.99 -1.58 -4.58
CA VAL A 93 19.67 -2.18 -4.73
C VAL A 93 19.13 -2.62 -3.38
N HIS A 94 20.03 -2.92 -2.43
CA HIS A 94 19.64 -3.37 -1.10
C HIS A 94 19.27 -2.20 -0.21
N ILE A 95 20.01 -1.09 -0.29
CA ILE A 95 19.80 0.05 0.59
C ILE A 95 18.45 0.69 0.32
N LYS A 96 18.05 0.77 -0.95
CA LYS A 96 16.79 1.39 -1.32
C LYS A 96 15.61 0.48 -1.02
N LEU A 97 15.77 -0.84 -1.20
CA LEU A 97 14.69 -1.77 -0.94
C LEU A 97 14.46 -1.93 0.56
N GLN A 98 15.54 -2.00 1.35
CA GLN A 98 15.43 -2.13 2.80
C GLN A 98 14.75 -0.90 3.40
N ALA A 99 15.03 0.28 2.84
CA ALA A 99 14.40 1.50 3.29
C ALA A 99 12.93 1.51 2.90
N ALA A 100 12.61 0.98 1.72
CA ALA A 100 11.24 0.95 1.24
C ALA A 100 10.38 0.02 2.10
N LEU A 101 10.89 -1.17 2.41
CA LEU A 101 10.14 -2.12 3.22
C LEU A 101 10.09 -1.70 4.68
N GLU A 102 10.86 -0.68 5.07
CA GLU A 102 10.77 -0.15 6.42
C GLU A 102 9.53 0.74 6.54
N GLN A 103 9.15 1.42 5.45
CA GLN A 103 7.98 2.28 5.47
C GLN A 103 6.71 1.45 5.37
N VAL A 104 6.78 0.28 4.71
CA VAL A 104 5.55 -0.50 4.57
C VAL A 104 5.23 -1.16 5.89
N LYS A 105 6.24 -1.76 6.56
CA LYS A 105 6.00 -2.48 7.80
C LYS A 105 5.49 -1.57 8.92
N LYS A 106 5.83 -0.27 8.89
CA LYS A 106 5.28 0.67 9.87
C LYS A 106 3.85 1.07 9.51
N LEU A 107 3.41 0.76 8.27
CA LEU A 107 2.01 0.88 7.90
C LEU A 107 1.24 -0.42 8.17
N LEU A 108 1.93 -1.53 8.43
CA LEU A 108 1.28 -2.80 8.75
C LEU A 108 1.08 -2.95 10.25
N ILE A 109 1.39 -1.90 11.02
CA ILE A 109 1.27 -1.89 12.46
C ILE A 109 0.47 -0.66 12.93
N PRO A 110 -0.73 -0.46 12.38
CA PRO A 110 -1.60 0.65 12.70
C PRO A 110 -2.19 0.51 14.10
N ALA A 111 -2.91 1.55 14.54
CA ALA A 111 -3.55 1.56 15.84
C ALA A 111 -5.01 1.12 15.68
N PRO A 112 -5.69 0.78 16.78
CA PRO A 112 -7.10 0.44 16.76
C PRO A 112 -7.93 1.54 16.09
N GLU A 113 -9.10 1.19 15.58
CA GLU A 113 -9.95 2.16 14.90
C GLU A 113 -10.54 3.13 15.91
N GLY A 114 -10.72 4.39 15.49
CA GLY A 114 -11.23 5.46 16.33
C GLY A 114 -10.12 6.20 17.06
N THR A 115 -8.85 5.83 16.82
CA THR A 115 -7.71 6.48 17.47
C THR A 115 -6.48 6.53 16.57
N ASP A 116 -6.67 6.41 15.25
CA ASP A 116 -5.57 6.49 14.29
C ASP A 116 -5.88 7.58 13.26
N GLU A 117 -5.31 8.78 13.44
CA GLU A 117 -5.62 9.90 12.58
C GLU A 117 -5.06 9.73 11.17
N LEU A 118 -4.13 8.79 10.98
CA LEU A 118 -3.55 8.55 9.66
C LEU A 118 -4.59 7.87 8.78
N LYS A 119 -5.57 7.19 9.38
CA LYS A 119 -6.65 6.56 8.64
C LYS A 119 -7.85 7.50 8.53
N ARG A 120 -8.02 8.44 9.45
CA ARG A 120 -9.12 9.39 9.41
C ARG A 120 -8.88 10.44 8.33
N LYS A 121 -7.62 10.85 8.18
CA LYS A 121 -7.25 11.90 7.24
C LYS A 121 -7.22 11.39 5.80
N GLN A 122 -7.08 10.08 5.61
CA GLN A 122 -7.15 9.48 4.29
C GLN A 122 -8.60 9.42 3.82
N LEU A 123 -9.54 9.19 4.75
CA LEU A 123 -10.95 9.13 4.42
C LEU A 123 -11.57 10.53 4.34
N MET A 124 -10.90 11.53 4.90
CA MET A 124 -11.36 12.90 4.81
C MET A 124 -11.16 13.39 3.38
N GLU A 125 -9.92 13.29 2.88
CA GLU A 125 -9.59 13.78 1.55
C GLU A 125 -10.21 12.90 0.46
N LEU A 126 -10.42 11.61 0.75
CA LEU A 126 -11.06 10.70 -0.20
C LEU A 126 -12.47 11.21 -0.48
N ALA A 127 -13.09 11.85 0.51
CA ALA A 127 -14.45 12.34 0.40
C ALA A 127 -14.50 13.74 -0.21
N ILE A 128 -13.38 14.47 -0.23
CA ILE A 128 -13.31 15.76 -0.91
C ILE A 128 -13.13 15.51 -2.39
N ILE A 129 -12.44 14.41 -2.70
CA ILE A 129 -12.16 13.97 -4.05
C ILE A 129 -13.40 13.38 -4.69
N ASN A 130 -14.23 12.69 -3.91
CA ASN A 130 -15.45 12.07 -4.40
C ASN A 130 -16.66 12.99 -4.19
N GLY A 131 -16.46 14.12 -3.50
CA GLY A 131 -17.52 15.09 -3.28
C GLY A 131 -18.60 14.57 -2.33
N THR A 132 -18.31 13.48 -1.61
CA THR A 132 -19.28 12.84 -0.73
C THR A 132 -18.99 13.16 0.74
N TYR A 133 -18.15 14.16 1.00
CA TYR A 133 -17.75 14.49 2.36
C TYR A 133 -18.92 14.99 3.20
N ARG A 134 -18.75 14.89 4.51
CA ARG A 134 -19.72 15.35 5.49
C ARG A 134 -19.02 16.27 6.49
N PRO A 135 -19.64 17.40 6.84
CA PRO A 135 -19.10 18.33 7.82
C PRO A 135 -19.28 17.75 9.22
N MET A 136 -18.18 17.28 9.81
CA MET A 136 -18.18 16.75 11.18
C MET A 136 -17.62 17.78 12.15
N LYS A 137 -17.60 19.05 11.72
CA LYS A 137 -17.07 20.16 12.49
C LYS A 137 -18.21 20.97 13.10
N SER A 138 -17.96 21.57 14.28
CA SER A 138 -18.93 22.33 15.07
C SER A 138 -20.12 21.48 15.53
N PRO A 139 -20.58 21.67 16.78
CA PRO A 139 -21.72 20.96 17.33
C PRO A 139 -23.02 21.42 16.69
N ASN A 140 -24.07 20.61 16.79
CA ASN A 140 -25.38 20.91 16.24
C ASN A 140 -26.46 20.31 17.14
N PRO A 141 -27.29 21.14 17.78
CA PRO A 141 -28.41 20.72 18.61
C PRO A 141 -29.36 19.76 17.89
N ALA A 142 -30.12 18.97 18.66
CA ALA A 142 -31.07 18.01 18.13
C ALA A 142 -32.27 17.87 19.08
N LEU A 1 26.30 8.19 -2.82
CA LEU A 1 26.08 6.84 -3.37
C LEU A 1 27.38 6.06 -3.45
N PRO A 2 27.33 4.73 -3.30
CA PRO A 2 28.48 3.85 -3.37
C PRO A 2 29.00 3.74 -4.81
N GLU A 3 30.15 3.09 -4.96
CA GLU A 3 30.79 2.87 -6.25
C GLU A 3 30.00 1.81 -7.03
N PRO A 4 30.11 1.79 -8.37
CA PRO A 4 29.38 0.85 -9.19
C PRO A 4 29.86 -0.59 -8.96
N ALA A 5 28.97 -1.55 -9.19
CA ALA A 5 29.24 -2.97 -9.01
C ALA A 5 28.89 -3.76 -10.28
N GLY A 6 28.35 -4.97 -10.10
CA GLY A 6 28.04 -5.93 -11.15
C GLY A 6 26.82 -5.55 -11.99
N ASP A 7 26.83 -4.32 -12.51
CA ASP A 7 25.76 -3.79 -13.35
C ASP A 7 24.43 -3.66 -12.59
N MET A 8 23.37 -3.24 -13.29
CA MET A 8 22.06 -3.07 -12.69
C MET A 8 21.50 -4.43 -12.29
N ILE A 9 21.09 -4.52 -11.01
CA ILE A 9 20.53 -5.73 -10.45
C ILE A 9 19.04 -5.51 -10.24
N SER A 10 18.26 -6.58 -10.08
CA SER A 10 16.84 -6.47 -9.81
C SER A 10 16.42 -7.53 -8.79
N ILE A 11 15.66 -7.12 -7.77
CA ILE A 11 15.19 -8.03 -6.73
C ILE A 11 13.89 -7.52 -6.11
N THR A 12 13.20 -8.37 -5.35
CA THR A 12 11.99 -7.99 -4.64
C THR A 12 11.85 -8.76 -3.34
N GLU A 13 11.05 -8.24 -2.41
CA GLU A 13 10.82 -8.88 -1.11
C GLU A 13 9.33 -9.07 -0.87
N LYS A 14 8.98 -10.26 -0.37
CA LYS A 14 7.61 -10.64 -0.06
C LYS A 14 7.33 -10.34 1.41
N ILE A 15 6.56 -9.27 1.64
CA ILE A 15 6.25 -8.78 2.97
C ILE A 15 4.76 -8.95 3.22
N TYR A 16 4.39 -10.05 3.88
CA TYR A 16 3.01 -10.36 4.14
C TYR A 16 2.42 -9.41 5.19
N VAL A 17 1.12 -9.14 5.07
CA VAL A 17 0.41 -8.28 6.00
C VAL A 17 0.06 -9.07 7.26
N PRO A 18 0.34 -8.52 8.46
CA PRO A 18 0.08 -9.15 9.74
C PRO A 18 -1.39 -9.04 10.14
N LYS A 19 -2.30 -9.05 9.16
CA LYS A 19 -3.73 -8.94 9.39
C LYS A 19 -4.27 -10.11 10.23
N ASN A 20 -3.43 -11.08 10.56
CA ASN A 20 -3.79 -12.18 11.44
C ASN A 20 -3.92 -11.69 12.88
N GLU A 21 -3.57 -10.42 13.11
CA GLU A 21 -3.69 -9.77 14.43
C GLU A 21 -4.63 -8.58 14.35
N TYR A 22 -4.88 -8.10 13.12
CA TYR A 22 -5.77 -6.99 12.83
C TYR A 22 -6.80 -7.40 11.77
N PRO A 23 -7.61 -8.43 12.03
CA PRO A 23 -8.51 -9.03 11.06
C PRO A 23 -9.67 -8.11 10.67
N ASP A 24 -9.80 -6.96 11.35
CA ASP A 24 -10.84 -5.99 11.09
C ASP A 24 -10.30 -4.73 10.43
N TYR A 25 -9.02 -4.73 10.04
CA TYR A 25 -8.37 -3.57 9.45
C TYR A 25 -8.30 -3.67 7.93
N ASN A 26 -8.24 -2.50 7.27
CA ASN A 26 -8.20 -2.39 5.82
C ASN A 26 -6.82 -1.86 5.39
N PHE A 27 -5.85 -2.77 5.25
CA PHE A 27 -4.49 -2.39 4.91
C PHE A 27 -4.38 -1.90 3.47
N VAL A 28 -5.16 -2.49 2.56
CA VAL A 28 -5.09 -2.10 1.15
C VAL A 28 -5.48 -0.64 1.00
N GLY A 29 -6.43 -0.17 1.81
CA GLY A 29 -6.85 1.22 1.78
C GLY A 29 -5.90 2.13 2.56
N ARG A 30 -5.08 1.56 3.45
CA ARG A 30 -4.13 2.34 4.24
C ARG A 30 -2.81 2.51 3.50
N ILE A 31 -2.39 1.51 2.73
CA ILE A 31 -1.14 1.58 1.99
C ILE A 31 -1.32 2.35 0.68
N LEU A 32 -2.48 2.23 0.05
CA LEU A 32 -2.75 2.94 -1.20
C LEU A 32 -3.30 4.34 -0.96
N GLY A 33 -4.10 4.50 0.09
CA GLY A 33 -4.71 5.79 0.41
C GLY A 33 -5.68 6.24 -0.67
N PRO A 34 -6.17 7.49 -0.60
CA PRO A 34 -7.12 8.03 -1.55
C PRO A 34 -6.47 8.20 -2.92
N ARG A 35 -7.16 7.72 -3.96
CA ARG A 35 -6.69 7.78 -5.34
C ARG A 35 -5.26 7.25 -5.53
N GLY A 36 -4.80 6.40 -4.61
CA GLY A 36 -3.47 5.81 -4.70
C GLY A 36 -2.37 6.81 -4.31
N MET A 37 -2.74 7.97 -3.77
CA MET A 37 -1.78 9.01 -3.44
C MET A 37 -0.74 8.56 -2.43
N THR A 38 -1.08 7.61 -1.55
CA THR A 38 -0.14 7.13 -0.55
C THR A 38 0.80 6.09 -1.16
N ALA A 39 0.36 5.39 -2.21
CA ALA A 39 1.21 4.43 -2.90
C ALA A 39 2.19 5.17 -3.80
N LYS A 40 1.76 6.29 -4.40
CA LYS A 40 2.62 7.10 -5.25
C LYS A 40 3.66 7.83 -4.40
N GLN A 41 3.32 8.17 -3.15
CA GLN A 41 4.25 8.84 -2.26
C GLN A 41 5.31 7.85 -1.78
N LEU A 42 4.94 6.57 -1.67
CA LEU A 42 5.87 5.54 -1.23
C LEU A 42 6.89 5.21 -2.31
N GLU A 43 6.44 5.04 -3.56
CA GLU A 43 7.32 4.61 -4.64
C GLU A 43 8.22 5.73 -5.15
N GLN A 44 7.90 6.99 -4.85
CA GLN A 44 8.75 8.10 -5.24
C GLN A 44 9.76 8.44 -4.15
N ASP A 45 9.42 8.16 -2.89
CA ASP A 45 10.30 8.43 -1.77
C ASP A 45 11.37 7.36 -1.59
N THR A 46 11.01 6.10 -1.85
CA THR A 46 11.93 4.97 -1.69
C THR A 46 12.54 4.57 -3.02
N GLY A 47 11.98 5.06 -4.12
CA GLY A 47 12.45 4.73 -5.46
C GLY A 47 12.12 3.29 -5.85
N CYS A 48 11.41 2.56 -4.98
CA CYS A 48 11.03 1.18 -5.22
C CYS A 48 9.58 1.10 -5.69
N LYS A 49 9.21 0.00 -6.36
CA LYS A 49 7.86 -0.15 -6.91
C LYS A 49 7.00 -0.96 -5.95
N ILE A 50 5.81 -0.44 -5.64
CA ILE A 50 4.92 -1.03 -4.64
C ILE A 50 3.84 -1.88 -5.31
N MET A 51 3.47 -2.98 -4.65
CA MET A 51 2.43 -3.90 -5.08
C MET A 51 1.72 -4.46 -3.85
N VAL A 52 0.40 -4.64 -3.95
CA VAL A 52 -0.45 -5.08 -2.84
C VAL A 52 -1.58 -5.94 -3.38
N ARG A 53 -1.90 -7.06 -2.71
CA ARG A 53 -3.03 -7.90 -3.09
C ARG A 53 -3.38 -8.86 -1.97
N GLY A 54 -4.64 -9.30 -1.94
CA GLY A 54 -5.15 -10.30 -1.02
C GLY A 54 -6.13 -11.21 -1.75
N LYS A 55 -6.78 -12.11 -1.00
CA LYS A 55 -7.77 -13.05 -1.53
C LYS A 55 -9.08 -12.37 -1.95
N GLY A 56 -9.03 -11.09 -2.34
CA GLY A 56 -10.24 -10.37 -2.72
C GLY A 56 -9.98 -8.93 -3.18
N SER A 57 -8.76 -8.61 -3.63
CA SER A 57 -8.44 -7.25 -4.05
C SER A 57 -9.09 -6.84 -5.37
N MET A 58 -9.81 -7.75 -6.05
CA MET A 58 -10.48 -7.41 -7.28
C MET A 58 -11.73 -6.60 -7.00
N ARG A 59 -11.89 -5.47 -7.70
CA ARG A 59 -13.05 -4.60 -7.55
C ARG A 59 -13.40 -3.87 -8.85
N ASP A 60 -12.66 -4.11 -9.93
CA ASP A 60 -12.90 -3.45 -11.20
C ASP A 60 -12.46 -4.27 -12.41
N LYS A 61 -11.80 -5.42 -12.19
CA LYS A 61 -11.26 -6.24 -13.28
C LYS A 61 -11.43 -7.72 -12.99
N SER A 62 -11.37 -8.50 -14.08
CA SER A 62 -11.48 -9.96 -14.07
C SER A 62 -10.63 -10.52 -15.21
N LYS A 63 -9.51 -9.85 -15.51
CA LYS A 63 -8.66 -10.15 -16.66
C LYS A 63 -9.45 -10.06 -17.97
N GLU A 64 -10.49 -9.22 -17.97
CA GLU A 64 -11.35 -8.99 -19.11
C GLU A 64 -10.78 -7.86 -19.96
N SER A 65 -10.82 -8.01 -21.29
CA SER A 65 -10.29 -7.02 -22.24
C SER A 65 -8.85 -6.63 -21.93
N ALA A 66 -8.10 -7.49 -21.25
CA ALA A 66 -6.72 -7.23 -20.86
C ALA A 66 -5.90 -8.51 -20.89
N HIS A 67 -4.57 -8.38 -20.82
CA HIS A 67 -3.67 -9.52 -20.83
C HIS A 67 -3.66 -10.23 -19.48
N ARG A 68 -3.23 -11.49 -19.46
CA ARG A 68 -3.15 -12.28 -18.24
C ARG A 68 -1.72 -12.33 -17.73
N GLY A 69 -1.55 -12.76 -16.47
CA GLY A 69 -0.23 -12.88 -15.86
C GLY A 69 -0.36 -13.27 -14.39
N LYS A 70 0.77 -13.68 -13.79
CA LYS A 70 0.83 -14.08 -12.39
C LYS A 70 0.92 -12.84 -11.51
N ALA A 71 -0.18 -12.10 -11.42
CA ALA A 71 -0.24 -10.83 -10.71
C ALA A 71 -1.48 -10.74 -9.83
N ASN A 72 -1.89 -9.51 -9.50
CA ASN A 72 -2.96 -9.20 -8.57
C ASN A 72 -4.32 -9.78 -8.95
N TRP A 73 -4.42 -10.43 -10.11
CA TRP A 73 -5.69 -10.94 -10.63
C TRP A 73 -5.67 -12.44 -10.87
N GLU A 74 -4.62 -13.16 -10.42
CA GLU A 74 -4.58 -14.60 -10.55
C GLU A 74 -4.03 -15.26 -9.29
N HIS A 75 -3.59 -14.44 -8.32
CA HIS A 75 -3.20 -14.90 -6.99
C HIS A 75 -4.36 -14.72 -6.02
N LEU A 76 -5.60 -14.84 -6.53
CA LEU A 76 -6.83 -14.61 -5.78
C LEU A 76 -7.15 -15.76 -4.82
N GLU A 77 -6.13 -16.49 -4.39
CA GLU A 77 -6.26 -17.60 -3.45
C GLU A 77 -5.27 -17.45 -2.30
N ASP A 78 -4.68 -16.25 -2.16
CA ASP A 78 -3.65 -15.98 -1.17
C ASP A 78 -3.98 -14.74 -0.34
N ASP A 79 -3.52 -14.75 0.92
CA ASP A 79 -3.82 -13.74 1.92
C ASP A 79 -3.22 -12.38 1.59
N LEU A 80 -3.62 -11.33 2.33
CA LEU A 80 -3.14 -9.97 2.13
C LEU A 80 -1.62 -9.96 2.22
N HIS A 81 -0.97 -9.31 1.25
CA HIS A 81 0.48 -9.21 1.22
C HIS A 81 0.92 -7.89 0.60
N VAL A 82 2.21 -7.59 0.77
CA VAL A 82 2.84 -6.45 0.14
C VAL A 82 4.09 -6.94 -0.59
N LEU A 83 4.43 -6.31 -1.71
CA LEU A 83 5.62 -6.64 -2.47
C LEU A 83 6.36 -5.34 -2.78
N VAL A 84 7.70 -5.40 -2.80
CA VAL A 84 8.52 -4.23 -3.03
C VAL A 84 9.65 -4.58 -3.96
N GLN A 85 9.56 -4.10 -5.21
CA GLN A 85 10.56 -4.38 -6.22
C GLN A 85 11.52 -3.19 -6.39
N CYS A 86 12.80 -3.48 -6.62
CA CYS A 86 13.79 -2.44 -6.82
C CYS A 86 14.91 -2.89 -7.74
N GLU A 87 15.65 -1.93 -8.29
CA GLU A 87 16.79 -2.22 -9.14
C GLU A 87 17.90 -1.17 -8.97
N ASP A 88 19.13 -1.66 -8.74
CA ASP A 88 20.33 -0.85 -8.63
C ASP A 88 21.55 -1.77 -8.61
N THR A 89 22.75 -1.23 -8.38
CA THR A 89 23.97 -2.04 -8.32
C THR A 89 23.94 -3.01 -7.13
N GLU A 90 24.81 -4.02 -7.17
CA GLU A 90 24.89 -5.08 -6.16
C GLU A 90 25.14 -4.52 -4.76
N ASN A 91 25.48 -3.23 -4.65
CA ASN A 91 25.81 -2.61 -3.38
C ASN A 91 24.92 -1.40 -3.08
N ARG A 92 23.90 -1.15 -3.92
CA ARG A 92 22.97 -0.05 -3.72
C ARG A 92 21.51 -0.52 -3.80
N VAL A 93 21.27 -1.66 -4.46
CA VAL A 93 19.93 -2.22 -4.61
C VAL A 93 19.36 -2.63 -3.25
N HIS A 94 20.25 -2.94 -2.29
CA HIS A 94 19.83 -3.36 -0.97
C HIS A 94 19.47 -2.16 -0.10
N ILE A 95 20.16 -1.03 -0.28
CA ILE A 95 19.91 0.15 0.53
C ILE A 95 18.52 0.70 0.26
N LYS A 96 18.10 0.69 -1.02
CA LYS A 96 16.77 1.15 -1.38
C LYS A 96 15.72 0.12 -0.99
N LEU A 97 16.08 -1.16 -1.05
CA LEU A 97 15.16 -2.25 -0.71
C LEU A 97 14.82 -2.22 0.78
N GLN A 98 15.86 -2.05 1.61
CA GLN A 98 15.70 -2.03 3.06
C GLN A 98 14.95 -0.79 3.51
N ALA A 99 15.18 0.35 2.85
CA ALA A 99 14.49 1.59 3.21
C ALA A 99 13.03 1.51 2.79
N ALA A 100 12.75 0.85 1.66
CA ALA A 100 11.39 0.74 1.16
C ALA A 100 10.56 -0.18 2.05
N LEU A 101 11.09 -1.36 2.40
CA LEU A 101 10.37 -2.29 3.25
C LEU A 101 10.26 -1.76 4.68
N GLU A 102 11.00 -0.70 5.00
CA GLU A 102 10.90 -0.06 6.30
C GLU A 102 9.63 0.81 6.35
N GLN A 103 9.28 1.46 5.23
CA GLN A 103 8.09 2.30 5.22
C GLN A 103 6.83 1.45 5.23
N VAL A 104 6.88 0.26 4.61
CA VAL A 104 5.68 -0.55 4.50
C VAL A 104 5.33 -1.13 5.85
N LYS A 105 6.31 -1.68 6.58
CA LYS A 105 6.06 -2.30 7.88
C LYS A 105 5.53 -1.29 8.90
N LYS A 106 5.83 0.00 8.72
CA LYS A 106 5.24 1.05 9.57
C LYS A 106 3.77 1.28 9.18
N LEU A 107 3.37 0.88 7.97
CA LEU A 107 1.97 0.92 7.57
C LEU A 107 1.24 -0.38 7.88
N LEU A 108 1.97 -1.46 8.20
CA LEU A 108 1.37 -2.75 8.56
C LEU A 108 1.20 -2.86 10.07
N ILE A 109 1.47 -1.77 10.81
CA ILE A 109 1.35 -1.74 12.25
C ILE A 109 0.44 -0.60 12.73
N PRO A 110 -0.76 -0.49 12.15
CA PRO A 110 -1.74 0.53 12.47
C PRO A 110 -2.39 0.28 13.83
N ALA A 111 -3.19 1.24 14.28
CA ALA A 111 -3.94 1.12 15.52
C ALA A 111 -5.39 0.71 15.22
N PRO A 112 -6.14 0.26 16.23
CA PRO A 112 -7.55 -0.07 16.10
C PRO A 112 -8.38 1.12 15.63
N GLU A 113 -9.64 0.85 15.26
CA GLU A 113 -10.56 1.89 14.83
C GLU A 113 -10.86 2.84 15.99
N GLY A 114 -11.22 4.09 15.66
CA GLY A 114 -11.55 5.11 16.64
C GLY A 114 -10.32 5.69 17.32
N THR A 115 -9.11 5.25 16.96
CA THR A 115 -7.88 5.76 17.56
C THR A 115 -6.73 5.82 16.54
N ASP A 116 -6.98 5.46 15.28
CA ASP A 116 -5.99 5.55 14.22
C ASP A 116 -6.28 6.77 13.37
N GLU A 117 -5.87 7.95 13.84
CA GLU A 117 -6.14 9.20 13.16
C GLU A 117 -5.42 9.28 11.81
N LEU A 118 -4.47 8.38 11.53
CA LEU A 118 -3.70 8.39 10.30
C LEU A 118 -4.54 7.91 9.10
N LYS A 119 -5.63 7.19 9.37
CA LYS A 119 -6.57 6.80 8.31
C LYS A 119 -7.85 7.61 8.40
N ARG A 120 -8.16 8.14 9.58
CA ARG A 120 -9.34 8.97 9.82
C ARG A 120 -9.12 10.37 9.26
N LYS A 121 -7.86 10.82 9.18
CA LYS A 121 -7.52 12.10 8.56
C LYS A 121 -7.42 11.99 7.04
N GLN A 122 -7.40 10.75 6.51
CA GLN A 122 -7.30 10.52 5.08
C GLN A 122 -8.67 10.21 4.47
N LEU A 123 -9.62 9.71 5.27
CA LEU A 123 -10.94 9.38 4.74
C LEU A 123 -11.77 10.63 4.48
N MET A 124 -11.41 11.77 5.08
CA MET A 124 -12.11 13.01 4.77
C MET A 124 -11.66 13.50 3.40
N GLU A 125 -10.39 13.28 3.04
CA GLU A 125 -9.84 13.76 1.79
C GLU A 125 -10.34 12.88 0.63
N LEU A 126 -10.59 11.60 0.93
CA LEU A 126 -11.18 10.70 -0.05
C LEU A 126 -12.59 11.20 -0.40
N ALA A 127 -13.21 11.88 0.56
CA ALA A 127 -14.58 12.35 0.41
C ALA A 127 -14.66 13.73 -0.24
N ILE A 128 -13.56 14.49 -0.26
CA ILE A 128 -13.54 15.78 -0.96
C ILE A 128 -13.33 15.49 -2.45
N ILE A 129 -12.62 14.39 -2.71
CA ILE A 129 -12.29 13.91 -4.03
C ILE A 129 -13.50 13.24 -4.68
N ASN A 130 -14.30 12.51 -3.89
CA ASN A 130 -15.47 11.81 -4.40
C ASN A 130 -16.74 12.67 -4.24
N GLY A 131 -16.63 13.81 -3.55
CA GLY A 131 -17.76 14.71 -3.38
C GLY A 131 -18.80 14.15 -2.40
N THR A 132 -18.44 13.13 -1.63
CA THR A 132 -19.36 12.47 -0.71
C THR A 132 -19.10 12.89 0.74
N TYR A 133 -18.33 13.96 0.94
CA TYR A 133 -17.98 14.41 2.27
C TYR A 133 -19.19 14.93 3.04
N ARG A 134 -19.02 15.05 4.36
CA ARG A 134 -20.01 15.65 5.23
C ARG A 134 -19.34 16.70 6.10
N PRO A 135 -20.01 17.83 6.35
CA PRO A 135 -19.45 18.96 7.06
C PRO A 135 -19.30 18.64 8.55
N MET A 136 -18.07 18.47 8.99
CA MET A 136 -17.77 18.27 10.40
C MET A 136 -17.82 19.62 11.11
N LYS A 137 -18.54 19.66 12.25
CA LYS A 137 -18.67 20.87 13.05
C LYS A 137 -18.43 20.56 14.53
N SER A 138 -17.90 21.53 15.26
CA SER A 138 -17.60 21.40 16.68
C SER A 138 -17.73 22.76 17.37
N PRO A 139 -17.98 22.77 18.68
CA PRO A 139 -18.10 24.00 19.46
C PRO A 139 -16.74 24.69 19.61
N ASN A 140 -16.76 25.97 19.95
CA ASN A 140 -15.55 26.77 20.12
C ASN A 140 -15.76 27.82 21.21
N PRO A 141 -15.85 27.39 22.48
CA PRO A 141 -16.05 28.27 23.62
C PRO A 141 -14.80 29.09 23.92
N ALA A 142 -14.97 30.16 24.69
CA ALA A 142 -13.89 31.06 25.06
C ALA A 142 -14.13 31.62 26.47
N LEU A 1 26.26 6.33 0.89
CA LEU A 1 26.14 6.12 -0.57
C LEU A 1 27.48 5.66 -1.16
N PRO A 2 27.66 4.35 -1.34
CA PRO A 2 28.88 3.78 -1.90
C PRO A 2 28.96 4.03 -3.41
N GLU A 3 30.09 3.65 -4.01
CA GLU A 3 30.32 3.82 -5.44
C GLU A 3 29.61 2.72 -6.23
N PRO A 4 29.34 2.94 -7.52
CA PRO A 4 28.69 1.98 -8.38
C PRO A 4 29.44 0.64 -8.44
N ALA A 5 28.72 -0.43 -8.76
CA ALA A 5 29.29 -1.77 -8.82
C ALA A 5 29.65 -2.17 -10.24
N GLY A 6 28.98 -1.58 -11.24
CA GLY A 6 29.33 -1.78 -12.65
C GLY A 6 28.14 -2.24 -13.51
N ASP A 7 27.11 -2.81 -12.89
CA ASP A 7 25.92 -3.26 -13.62
C ASP A 7 24.66 -3.14 -12.76
N MET A 8 23.50 -3.09 -13.44
CA MET A 8 22.22 -2.96 -12.76
C MET A 8 21.74 -4.32 -12.26
N ILE A 9 21.23 -4.34 -11.03
CA ILE A 9 20.74 -5.56 -10.40
C ILE A 9 19.22 -5.43 -10.20
N SER A 10 18.53 -6.54 -10.02
CA SER A 10 17.10 -6.54 -9.76
C SER A 10 16.75 -7.58 -8.70
N ILE A 11 15.89 -7.20 -7.75
CA ILE A 11 15.47 -8.11 -6.68
C ILE A 11 14.12 -7.64 -6.11
N THR A 12 13.47 -8.49 -5.32
CA THR A 12 12.21 -8.14 -4.66
C THR A 12 12.08 -8.86 -3.33
N GLU A 13 11.25 -8.33 -2.45
CA GLU A 13 10.97 -8.92 -1.14
C GLU A 13 9.48 -9.19 -1.01
N LYS A 14 9.15 -10.28 -0.31
CA LYS A 14 7.77 -10.73 -0.13
C LYS A 14 7.47 -10.75 1.36
N ILE A 15 6.50 -9.93 1.77
CA ILE A 15 6.18 -9.77 3.18
C ILE A 15 4.67 -9.78 3.35
N TYR A 16 4.15 -10.77 4.07
CA TYR A 16 2.73 -10.89 4.31
C TYR A 16 2.24 -9.84 5.31
N VAL A 17 0.95 -9.46 5.18
CA VAL A 17 0.31 -8.52 6.09
C VAL A 17 -0.11 -9.28 7.34
N PRO A 18 0.13 -8.72 8.54
CA PRO A 18 -0.23 -9.32 9.82
C PRO A 18 -1.73 -9.23 10.10
N LYS A 19 -2.56 -9.28 9.05
CA LYS A 19 -4.01 -9.17 9.13
C LYS A 19 -4.64 -10.27 9.98
N ASN A 20 -3.85 -11.23 10.46
CA ASN A 20 -4.37 -12.27 11.34
C ASN A 20 -4.52 -11.75 12.77
N GLU A 21 -3.99 -10.55 13.03
CA GLU A 21 -4.11 -9.88 14.32
C GLU A 21 -5.02 -8.67 14.21
N TYR A 22 -5.19 -8.18 12.98
CA TYR A 22 -6.04 -7.03 12.66
C TYR A 22 -7.05 -7.40 11.58
N PRO A 23 -7.89 -8.42 11.80
CA PRO A 23 -8.82 -8.93 10.81
C PRO A 23 -9.94 -7.95 10.49
N ASP A 24 -10.02 -6.83 11.23
CA ASP A 24 -11.03 -5.81 11.03
C ASP A 24 -10.43 -4.55 10.40
N TYR A 25 -9.16 -4.60 10.01
CA TYR A 25 -8.47 -3.45 9.45
C TYR A 25 -8.34 -3.56 7.93
N ASN A 26 -8.26 -2.40 7.26
CA ASN A 26 -8.18 -2.31 5.80
C ASN A 26 -6.79 -1.80 5.38
N PHE A 27 -5.86 -2.73 5.18
CA PHE A 27 -4.49 -2.38 4.83
C PHE A 27 -4.37 -1.87 3.40
N VAL A 28 -5.13 -2.45 2.46
CA VAL A 28 -5.05 -2.04 1.06
C VAL A 28 -5.39 -0.57 0.95
N GLY A 29 -6.40 -0.13 1.71
CA GLY A 29 -6.81 1.26 1.70
C GLY A 29 -5.81 2.16 2.42
N ARG A 30 -5.07 1.62 3.39
CA ARG A 30 -4.09 2.40 4.15
C ARG A 30 -2.79 2.59 3.38
N ILE A 31 -2.35 1.56 2.64
CA ILE A 31 -1.09 1.63 1.91
C ILE A 31 -1.28 2.37 0.58
N LEU A 32 -2.42 2.19 -0.09
CA LEU A 32 -2.67 2.86 -1.36
C LEU A 32 -3.23 4.27 -1.16
N GLY A 33 -4.00 4.48 -0.10
CA GLY A 33 -4.58 5.78 0.21
C GLY A 33 -5.58 6.22 -0.85
N PRO A 34 -6.07 7.46 -0.77
CA PRO A 34 -7.07 7.99 -1.67
C PRO A 34 -6.52 8.07 -3.09
N ARG A 35 -7.29 7.59 -4.06
CA ARG A 35 -6.92 7.53 -5.48
C ARG A 35 -5.51 6.96 -5.71
N GLY A 36 -5.01 6.13 -4.80
CA GLY A 36 -3.71 5.52 -4.93
C GLY A 36 -2.56 6.51 -4.71
N MET A 37 -2.87 7.74 -4.30
CA MET A 37 -1.89 8.79 -4.14
C MET A 37 -0.82 8.44 -3.12
N THR A 38 -1.12 7.59 -2.13
CA THR A 38 -0.15 7.21 -1.12
C THR A 38 0.79 6.14 -1.67
N ALA A 39 0.33 5.34 -2.63
CA ALA A 39 1.16 4.33 -3.26
C ALA A 39 2.16 5.00 -4.20
N LYS A 40 1.73 6.05 -4.89
CA LYS A 40 2.59 6.78 -5.82
C LYS A 40 3.63 7.60 -5.08
N GLN A 41 3.29 8.09 -3.89
CA GLN A 41 4.20 8.89 -3.09
C GLN A 41 5.28 8.00 -2.47
N LEU A 42 4.92 6.77 -2.11
CA LEU A 42 5.88 5.84 -1.51
C LEU A 42 6.86 5.31 -2.56
N GLU A 43 6.37 4.96 -3.76
CA GLU A 43 7.23 4.36 -4.77
C GLU A 43 8.20 5.36 -5.40
N GLN A 44 7.91 6.66 -5.32
CA GLN A 44 8.81 7.67 -5.84
C GLN A 44 9.79 8.14 -4.77
N ASP A 45 9.41 8.00 -3.49
CA ASP A 45 10.27 8.42 -2.39
C ASP A 45 11.33 7.37 -2.07
N THR A 46 10.97 6.09 -2.18
CA THR A 46 11.90 5.00 -1.91
C THR A 46 12.54 4.49 -3.20
N GLY A 47 11.95 4.84 -4.34
CA GLY A 47 12.46 4.41 -5.63
C GLY A 47 12.13 2.94 -5.93
N CYS A 48 11.39 2.29 -5.04
CA CYS A 48 11.01 0.89 -5.21
C CYS A 48 9.53 0.78 -5.57
N LYS A 49 9.14 -0.32 -6.23
CA LYS A 49 7.76 -0.50 -6.65
C LYS A 49 6.93 -1.07 -5.50
N ILE A 50 5.69 -0.60 -5.40
CA ILE A 50 4.77 -1.03 -4.35
C ILE A 50 3.71 -1.94 -4.96
N MET A 51 3.44 -3.06 -4.27
CA MET A 51 2.48 -4.05 -4.72
C MET A 51 1.71 -4.59 -3.53
N VAL A 52 0.37 -4.67 -3.67
CA VAL A 52 -0.50 -5.13 -2.61
C VAL A 52 -1.62 -5.99 -3.21
N ARG A 53 -1.93 -7.12 -2.58
CA ARG A 53 -3.05 -7.96 -3.02
C ARG A 53 -3.43 -9.00 -1.98
N GLY A 54 -4.66 -9.51 -2.11
CA GLY A 54 -5.22 -10.53 -1.24
C GLY A 54 -6.75 -10.52 -1.33
N LYS A 55 -7.40 -11.17 -0.37
CA LYS A 55 -8.87 -11.22 -0.31
C LYS A 55 -9.49 -9.83 -0.17
N GLY A 56 -8.68 -8.81 0.12
CA GLY A 56 -9.15 -7.44 0.27
C GLY A 56 -9.16 -6.67 -1.05
N SER A 57 -8.71 -7.29 -2.15
CA SER A 57 -8.61 -6.64 -3.45
C SER A 57 -9.53 -7.27 -4.49
N MET A 58 -10.23 -8.35 -4.15
CA MET A 58 -11.17 -8.99 -5.07
C MET A 58 -12.55 -8.38 -4.97
N ARG A 59 -13.43 -8.71 -5.92
CA ARG A 59 -14.81 -8.24 -5.96
C ARG A 59 -15.79 -9.36 -5.63
N ASP A 60 -15.26 -10.53 -5.28
CA ASP A 60 -16.02 -11.71 -4.91
C ASP A 60 -17.01 -12.16 -6.00
N LYS A 61 -16.74 -11.81 -7.26
CA LYS A 61 -17.58 -12.22 -8.37
C LYS A 61 -17.19 -13.63 -8.83
N SER A 62 -18.17 -14.39 -9.35
CA SER A 62 -17.94 -15.77 -9.76
C SER A 62 -18.63 -16.09 -11.10
N LYS A 63 -19.46 -15.19 -11.61
CA LYS A 63 -20.19 -15.37 -12.86
C LYS A 63 -20.33 -14.04 -13.59
N GLU A 64 -19.53 -13.05 -13.19
CA GLU A 64 -19.59 -11.70 -13.71
C GLU A 64 -18.18 -11.12 -13.83
N SER A 65 -17.99 -10.15 -14.73
CA SER A 65 -16.70 -9.53 -14.98
C SER A 65 -16.88 -8.04 -15.27
N ALA A 66 -15.76 -7.30 -15.29
CA ALA A 66 -15.78 -5.87 -15.53
C ALA A 66 -14.62 -5.44 -16.44
N HIS A 67 -14.05 -6.40 -17.19
CA HIS A 67 -12.93 -6.15 -18.09
C HIS A 67 -13.20 -6.75 -19.46
N ARG A 68 -12.48 -6.25 -20.48
CA ARG A 68 -12.63 -6.71 -21.85
C ARG A 68 -11.75 -7.93 -22.14
N GLY A 69 -10.96 -8.35 -21.16
CA GLY A 69 -10.06 -9.49 -21.32
C GLY A 69 -9.57 -10.00 -19.97
N LYS A 70 -8.59 -10.91 -20.00
CA LYS A 70 -8.03 -11.52 -18.80
C LYS A 70 -7.14 -10.53 -18.04
N ALA A 71 -6.76 -10.90 -16.83
CA ALA A 71 -5.93 -10.08 -15.96
C ALA A 71 -4.66 -10.84 -15.57
N ASN A 72 -3.74 -10.16 -14.87
CA ASN A 72 -2.43 -10.72 -14.55
C ASN A 72 -2.37 -11.39 -13.18
N TRP A 73 -3.49 -11.44 -12.46
CA TRP A 73 -3.53 -12.03 -11.12
C TRP A 73 -3.47 -13.55 -11.20
N GLU A 74 -2.83 -14.17 -10.21
CA GLU A 74 -2.73 -15.61 -10.09
C GLU A 74 -2.74 -16.04 -8.62
N HIS A 75 -2.74 -15.05 -7.72
CA HIS A 75 -2.70 -15.27 -6.27
C HIS A 75 -3.60 -14.27 -5.55
N LEU A 76 -4.60 -13.72 -6.25
CA LEU A 76 -5.49 -12.73 -5.68
C LEU A 76 -6.47 -13.31 -4.65
N GLU A 77 -6.37 -14.61 -4.35
CA GLU A 77 -7.30 -15.30 -3.46
C GLU A 77 -6.66 -15.65 -2.11
N ASP A 78 -5.38 -15.32 -1.94
CA ASP A 78 -4.69 -15.58 -0.69
C ASP A 78 -4.86 -14.39 0.26
N ASP A 79 -4.41 -14.53 1.52
CA ASP A 79 -4.47 -13.45 2.48
C ASP A 79 -3.60 -12.28 1.99
N LEU A 80 -3.84 -11.10 2.56
CA LEU A 80 -3.13 -9.89 2.15
C LEU A 80 -1.63 -10.08 2.29
N HIS A 81 -0.90 -9.71 1.24
CA HIS A 81 0.56 -9.71 1.27
C HIS A 81 1.09 -8.52 0.48
N VAL A 82 2.33 -8.14 0.79
CA VAL A 82 2.98 -7.00 0.16
C VAL A 82 4.23 -7.48 -0.58
N LEU A 83 4.56 -6.82 -1.69
CA LEU A 83 5.76 -7.09 -2.44
C LEU A 83 6.47 -5.77 -2.72
N VAL A 84 7.79 -5.76 -2.75
CA VAL A 84 8.57 -4.55 -2.98
C VAL A 84 9.75 -4.86 -3.88
N GLN A 85 9.71 -4.33 -5.11
CA GLN A 85 10.74 -4.58 -6.09
C GLN A 85 11.69 -3.39 -6.22
N CYS A 86 12.98 -3.68 -6.43
CA CYS A 86 14.01 -2.66 -6.53
C CYS A 86 15.06 -3.06 -7.56
N GLU A 87 15.60 -2.06 -8.28
CA GLU A 87 16.70 -2.28 -9.20
C GLU A 87 17.73 -1.16 -9.08
N ASP A 88 18.99 -1.54 -8.85
CA ASP A 88 20.11 -0.64 -8.68
C ASP A 88 21.40 -1.46 -8.69
N THR A 89 22.55 -0.81 -8.49
CA THR A 89 23.84 -1.51 -8.44
C THR A 89 23.93 -2.44 -7.24
N GLU A 90 24.92 -3.34 -7.27
CA GLU A 90 25.13 -4.32 -6.22
C GLU A 90 25.40 -3.65 -4.86
N ASN A 91 25.63 -2.33 -4.87
CA ASN A 91 25.98 -1.58 -3.68
C ASN A 91 24.87 -0.61 -3.27
N ARG A 92 23.81 -0.49 -4.08
CA ARG A 92 22.76 0.48 -3.84
C ARG A 92 21.37 -0.14 -3.89
N VAL A 93 21.25 -1.35 -4.47
CA VAL A 93 19.97 -2.03 -4.58
C VAL A 93 19.48 -2.48 -3.22
N HIS A 94 20.39 -2.71 -2.27
CA HIS A 94 20.02 -3.16 -0.94
C HIS A 94 19.58 -1.99 -0.06
N ILE A 95 20.16 -0.81 -0.25
CA ILE A 95 19.86 0.34 0.58
C ILE A 95 18.44 0.84 0.30
N LYS A 96 18.05 0.88 -0.98
CA LYS A 96 16.72 1.33 -1.36
C LYS A 96 15.67 0.27 -1.04
N LEU A 97 16.04 -1.01 -1.15
CA LEU A 97 15.13 -2.11 -0.86
C LEU A 97 14.77 -2.13 0.62
N GLN A 98 15.78 -1.98 1.47
CA GLN A 98 15.60 -2.01 2.92
C GLN A 98 14.82 -0.79 3.39
N ALA A 99 15.02 0.36 2.75
CA ALA A 99 14.31 1.58 3.11
C ALA A 99 12.86 1.50 2.67
N ALA A 100 12.58 0.87 1.52
CA ALA A 100 11.23 0.73 1.02
C ALA A 100 10.41 -0.19 1.92
N LEU A 101 10.95 -1.37 2.24
CA LEU A 101 10.24 -2.31 3.09
C LEU A 101 10.16 -1.82 4.53
N GLU A 102 10.88 -0.74 4.86
CA GLU A 102 10.77 -0.11 6.17
C GLU A 102 9.50 0.74 6.23
N GLN A 103 9.14 1.41 5.14
CA GLN A 103 7.94 2.25 5.14
C GLN A 103 6.69 1.37 5.19
N VAL A 104 6.76 0.19 4.56
CA VAL A 104 5.56 -0.63 4.45
C VAL A 104 5.25 -1.27 5.79
N LYS A 105 6.27 -1.81 6.48
CA LYS A 105 6.06 -2.49 7.76
C LYS A 105 5.53 -1.53 8.82
N LYS A 106 5.78 -0.22 8.68
CA LYS A 106 5.20 0.77 9.59
C LYS A 106 3.74 1.02 9.23
N LEU A 107 3.32 0.68 8.00
CA LEU A 107 1.91 0.75 7.62
C LEU A 107 1.18 -0.56 7.87
N LEU A 108 1.90 -1.67 8.13
CA LEU A 108 1.28 -2.94 8.46
C LEU A 108 1.08 -3.08 9.97
N ILE A 109 1.39 -2.02 10.72
CA ILE A 109 1.27 -1.99 12.16
C ILE A 109 0.44 -0.79 12.63
N PRO A 110 -0.77 -0.63 12.07
CA PRO A 110 -1.67 0.48 12.35
C PRO A 110 -2.25 0.36 13.76
N ALA A 111 -2.97 1.41 14.18
CA ALA A 111 -3.62 1.46 15.48
C ALA A 111 -5.12 1.15 15.31
N PRO A 112 -5.81 0.77 16.38
CA PRO A 112 -7.24 0.52 16.36
C PRO A 112 -8.03 1.76 15.95
N GLU A 113 -9.30 1.58 15.63
CA GLU A 113 -10.18 2.66 15.21
C GLU A 113 -10.33 3.69 16.33
N GLY A 114 -10.45 4.97 15.96
CA GLY A 114 -10.61 6.06 16.91
C GLY A 114 -9.29 6.52 17.52
N THR A 115 -8.15 5.95 17.12
CA THR A 115 -6.86 6.31 17.70
C THR A 115 -5.79 6.56 16.63
N ASP A 116 -6.15 6.50 15.34
CA ASP A 116 -5.20 6.66 14.26
C ASP A 116 -5.56 7.89 13.43
N GLU A 117 -4.89 9.02 13.68
CA GLU A 117 -5.20 10.26 12.98
C GLU A 117 -4.74 10.21 11.53
N LEU A 118 -3.81 9.30 11.19
CA LEU A 118 -3.31 9.20 9.83
C LEU A 118 -4.39 8.58 8.94
N LYS A 119 -5.24 7.72 9.52
CA LYS A 119 -6.33 7.09 8.81
C LYS A 119 -7.56 8.01 8.76
N ARG A 120 -7.71 8.91 9.74
CA ARG A 120 -8.83 9.85 9.76
C ARG A 120 -8.61 10.96 8.75
N LYS A 121 -7.39 11.49 8.69
CA LYS A 121 -7.05 12.63 7.86
C LYS A 121 -6.97 12.30 6.38
N GLN A 122 -6.90 11.01 6.03
CA GLN A 122 -6.89 10.58 4.64
C GLN A 122 -8.28 10.18 4.17
N LEU A 123 -9.21 9.88 5.09
CA LEU A 123 -10.57 9.54 4.72
C LEU A 123 -11.41 10.80 4.52
N MET A 124 -11.04 11.91 5.16
CA MET A 124 -11.75 13.16 4.92
C MET A 124 -11.34 13.71 3.56
N GLU A 125 -10.09 13.47 3.16
CA GLU A 125 -9.59 13.93 1.87
C GLU A 125 -10.16 13.06 0.75
N LEU A 126 -10.33 11.76 1.02
CA LEU A 126 -10.99 10.85 0.08
C LEU A 126 -12.39 11.36 -0.18
N ALA A 127 -13.01 11.98 0.84
CA ALA A 127 -14.36 12.48 0.75
C ALA A 127 -14.44 13.85 0.08
N ILE A 128 -13.31 14.57 -0.06
CA ILE A 128 -13.30 15.82 -0.83
C ILE A 128 -13.17 15.45 -2.30
N ILE A 129 -12.46 14.34 -2.54
CA ILE A 129 -12.20 13.81 -3.87
C ILE A 129 -13.46 13.15 -4.44
N ASN A 130 -14.27 12.52 -3.57
CA ASN A 130 -15.49 11.85 -4.00
C ASN A 130 -16.71 12.75 -3.80
N GLY A 131 -16.51 13.91 -3.15
CA GLY A 131 -17.59 14.87 -2.94
C GLY A 131 -18.61 14.39 -1.91
N THR A 132 -18.27 13.36 -1.14
CA THR A 132 -19.19 12.78 -0.16
C THR A 132 -18.83 13.19 1.27
N TYR A 133 -18.02 14.23 1.43
CA TYR A 133 -17.60 14.68 2.76
C TYR A 133 -18.81 15.15 3.57
N ARG A 134 -18.70 15.10 4.89
CA ARG A 134 -19.77 15.50 5.79
C ARG A 134 -19.31 16.69 6.63
N PRO A 135 -20.14 17.73 6.76
CA PRO A 135 -19.82 18.93 7.51
C PRO A 135 -19.94 18.72 9.03
N MET A 136 -20.45 17.55 9.42
CA MET A 136 -20.73 17.17 10.81
C MET A 136 -21.51 18.25 11.55
N LYS A 137 -22.84 18.11 11.57
CA LYS A 137 -23.73 19.07 12.20
C LYS A 137 -24.87 18.38 12.94
N SER A 138 -25.63 19.15 13.71
CA SER A 138 -26.74 18.64 14.51
C SER A 138 -27.94 19.58 14.41
N PRO A 139 -29.14 19.10 14.79
CA PRO A 139 -30.36 19.89 14.77
C PRO A 139 -30.23 21.20 15.52
N ASN A 140 -31.04 22.19 15.12
CA ASN A 140 -31.03 23.54 15.67
C ASN A 140 -29.61 24.10 15.81
N PRO A 141 -28.95 24.39 14.68
CA PRO A 141 -27.59 24.92 14.66
C PRO A 141 -27.45 26.26 15.37
N ALA A 142 -28.57 26.91 15.72
CA ALA A 142 -28.62 28.20 16.38
C ALA A 142 -27.68 29.21 15.70
N LEU A 1 25.48 7.08 -0.56
CA LEU A 1 25.50 5.71 -1.12
C LEU A 1 26.91 5.36 -1.59
N PRO A 2 27.26 4.07 -1.57
CA PRO A 2 28.58 3.58 -1.96
C PRO A 2 28.78 3.68 -3.48
N GLU A 3 30.00 3.39 -3.94
CA GLU A 3 30.34 3.41 -5.36
C GLU A 3 29.65 2.23 -6.06
N PRO A 4 29.41 2.31 -7.37
CA PRO A 4 28.70 1.27 -8.10
C PRO A 4 29.50 -0.03 -8.12
N ALA A 5 28.79 -1.17 -8.19
CA ALA A 5 29.39 -2.48 -8.16
C ALA A 5 29.83 -2.95 -9.55
N GLY A 6 29.22 -2.41 -10.60
CA GLY A 6 29.62 -2.69 -11.98
C GLY A 6 28.52 -3.30 -12.84
N ASP A 7 27.43 -3.78 -12.22
CA ASP A 7 26.33 -4.38 -12.94
C ASP A 7 24.99 -3.95 -12.33
N MET A 8 23.93 -3.93 -13.14
CA MET A 8 22.60 -3.57 -12.68
C MET A 8 21.87 -4.82 -12.20
N ILE A 9 21.30 -4.76 -10.99
CA ILE A 9 20.65 -5.90 -10.37
C ILE A 9 19.15 -5.63 -10.24
N SER A 10 18.35 -6.69 -10.08
CA SER A 10 16.92 -6.56 -9.86
C SER A 10 16.48 -7.59 -8.84
N ILE A 11 15.65 -7.19 -7.88
CA ILE A 11 15.16 -8.08 -6.83
C ILE A 11 13.84 -7.58 -6.27
N THR A 12 13.13 -8.43 -5.53
CA THR A 12 11.89 -8.06 -4.85
C THR A 12 11.79 -8.79 -3.52
N GLU A 13 11.06 -8.19 -2.57
CA GLU A 13 10.84 -8.79 -1.26
C GLU A 13 9.34 -9.06 -1.04
N LYS A 14 9.05 -10.20 -0.41
CA LYS A 14 7.69 -10.64 -0.14
C LYS A 14 7.41 -10.46 1.36
N ILE A 15 6.65 -9.41 1.67
CA ILE A 15 6.37 -9.01 3.04
C ILE A 15 4.87 -9.14 3.29
N TYR A 16 4.47 -10.23 3.94
CA TYR A 16 3.07 -10.51 4.22
C TYR A 16 2.52 -9.57 5.28
N VAL A 17 1.23 -9.28 5.18
CA VAL A 17 0.53 -8.42 6.14
C VAL A 17 0.16 -9.21 7.40
N PRO A 18 0.47 -8.70 8.60
CA PRO A 18 0.10 -9.31 9.88
C PRO A 18 -1.40 -9.29 10.17
N LYS A 19 -2.25 -9.40 9.15
CA LYS A 19 -3.70 -9.30 9.29
C LYS A 19 -4.29 -10.37 10.20
N ASN A 20 -3.48 -11.33 10.67
CA ASN A 20 -3.94 -12.33 11.60
C ASN A 20 -4.11 -11.75 13.01
N GLU A 21 -3.58 -10.53 13.21
CA GLU A 21 -3.73 -9.80 14.46
C GLU A 21 -4.74 -8.68 14.30
N TYR A 22 -4.99 -8.29 13.05
CA TYR A 22 -5.94 -7.25 12.69
C TYR A 22 -6.94 -7.77 11.65
N PRO A 23 -7.72 -8.80 11.98
CA PRO A 23 -8.61 -9.49 11.05
C PRO A 23 -9.79 -8.62 10.62
N ASP A 24 -9.94 -7.43 11.21
CA ASP A 24 -11.01 -6.51 10.91
C ASP A 24 -10.49 -5.21 10.28
N TYR A 25 -9.22 -5.19 9.87
CA TYR A 25 -8.60 -4.00 9.31
C TYR A 25 -8.37 -4.13 7.80
N ASN A 26 -8.34 -3.00 7.10
CA ASN A 26 -8.17 -2.93 5.66
C ASN A 26 -6.83 -2.26 5.30
N PHE A 27 -5.78 -3.07 5.20
CA PHE A 27 -4.44 -2.57 4.90
C PHE A 27 -4.34 -2.06 3.47
N VAL A 28 -5.11 -2.64 2.54
CA VAL A 28 -5.05 -2.24 1.14
C VAL A 28 -5.50 -0.78 1.01
N GLY A 29 -6.41 -0.33 1.88
CA GLY A 29 -6.86 1.05 1.86
C GLY A 29 -5.85 1.97 2.55
N ARG A 30 -5.14 1.45 3.56
CA ARG A 30 -4.18 2.25 4.31
C ARG A 30 -2.90 2.50 3.53
N ILE A 31 -2.39 1.46 2.84
CA ILE A 31 -1.13 1.57 2.10
C ILE A 31 -1.35 2.30 0.77
N LEU A 32 -2.49 2.12 0.12
CA LEU A 32 -2.76 2.79 -1.15
C LEU A 32 -3.27 4.21 -0.93
N GLY A 33 -4.10 4.41 0.09
CA GLY A 33 -4.67 5.73 0.38
C GLY A 33 -5.66 6.16 -0.70
N PRO A 34 -6.12 7.42 -0.63
CA PRO A 34 -7.10 7.96 -1.56
C PRO A 34 -6.49 8.11 -2.95
N ARG A 35 -7.17 7.56 -3.96
CA ARG A 35 -6.70 7.58 -5.35
C ARG A 35 -5.25 7.13 -5.50
N GLY A 36 -4.76 6.31 -4.56
CA GLY A 36 -3.39 5.79 -4.60
C GLY A 36 -2.36 6.83 -4.16
N MET A 37 -2.80 7.94 -3.57
CA MET A 37 -1.90 9.03 -3.17
C MET A 37 -0.79 8.53 -2.25
N THR A 38 -1.07 7.54 -1.39
CA THR A 38 -0.07 7.03 -0.46
C THR A 38 0.85 6.04 -1.16
N ALA A 39 0.37 5.36 -2.21
CA ALA A 39 1.17 4.39 -2.94
C ALA A 39 2.13 5.08 -3.90
N LYS A 40 1.66 6.16 -4.56
CA LYS A 40 2.49 6.88 -5.51
C LYS A 40 3.54 7.72 -4.78
N GLN A 41 3.26 8.09 -3.53
CA GLN A 41 4.21 8.80 -2.70
C GLN A 41 5.29 7.85 -2.19
N LEU A 42 4.94 6.57 -1.99
CA LEU A 42 5.90 5.57 -1.53
C LEU A 42 6.92 5.24 -2.62
N GLU A 43 6.47 5.10 -3.88
CA GLU A 43 7.35 4.67 -4.96
C GLU A 43 8.24 5.82 -5.47
N GLN A 44 7.86 7.07 -5.24
CA GLN A 44 8.70 8.19 -5.66
C GLN A 44 9.73 8.53 -4.58
N ASP A 45 9.41 8.24 -3.32
CA ASP A 45 10.29 8.54 -2.19
C ASP A 45 11.38 7.50 -2.04
N THR A 46 11.05 6.23 -2.33
CA THR A 46 11.98 5.12 -2.15
C THR A 46 12.54 4.64 -3.48
N GLY A 47 11.95 5.09 -4.59
CA GLY A 47 12.38 4.69 -5.92
C GLY A 47 12.03 3.23 -6.21
N CYS A 48 11.30 2.57 -5.31
CA CYS A 48 10.93 1.18 -5.46
C CYS A 48 9.51 1.06 -6.00
N LYS A 49 9.21 -0.09 -6.63
CA LYS A 49 7.90 -0.38 -7.18
C LYS A 49 7.06 -1.07 -6.12
N ILE A 50 5.91 -0.48 -5.77
CA ILE A 50 5.06 -1.02 -4.73
C ILE A 50 3.93 -1.85 -5.33
N MET A 51 3.59 -2.95 -4.66
CA MET A 51 2.51 -3.84 -5.04
C MET A 51 1.81 -4.36 -3.78
N VAL A 52 0.48 -4.46 -3.85
CA VAL A 52 -0.34 -4.85 -2.73
C VAL A 52 -1.52 -5.68 -3.22
N ARG A 53 -1.65 -6.93 -2.74
CA ARG A 53 -2.74 -7.82 -3.16
C ARG A 53 -3.12 -8.75 -2.01
N GLY A 54 -4.23 -9.48 -2.20
CA GLY A 54 -4.73 -10.45 -1.26
C GLY A 54 -6.01 -11.07 -1.80
N LYS A 55 -6.58 -12.04 -1.08
CA LYS A 55 -7.84 -12.65 -1.50
C LYS A 55 -8.93 -11.58 -1.56
N GLY A 56 -9.75 -11.63 -2.61
CA GLY A 56 -10.86 -10.69 -2.80
C GLY A 56 -10.39 -9.28 -3.17
N SER A 57 -9.08 -9.08 -3.38
CA SER A 57 -8.54 -7.76 -3.71
C SER A 57 -8.39 -7.57 -5.22
N MET A 58 -8.61 -8.62 -6.01
CA MET A 58 -8.45 -8.57 -7.45
C MET A 58 -9.59 -7.80 -8.11
N ARG A 59 -9.43 -7.53 -9.40
CA ARG A 59 -10.38 -6.72 -10.19
C ARG A 59 -11.33 -7.61 -10.99
N ASP A 60 -11.25 -8.92 -10.75
CA ASP A 60 -12.00 -9.97 -11.43
C ASP A 60 -11.69 -10.07 -12.93
N LYS A 61 -11.23 -8.98 -13.55
CA LYS A 61 -10.83 -8.95 -14.95
C LYS A 61 -9.30 -8.87 -15.05
N SER A 62 -8.62 -9.10 -13.94
CA SER A 62 -7.17 -9.05 -13.84
C SER A 62 -6.50 -10.10 -14.73
N LYS A 63 -7.25 -11.16 -15.07
CA LYS A 63 -6.75 -12.26 -15.88
C LYS A 63 -6.71 -11.88 -17.36
N GLU A 64 -7.23 -10.70 -17.70
CA GLU A 64 -7.22 -10.21 -19.07
C GLU A 64 -5.89 -9.54 -19.38
N SER A 65 -5.32 -9.82 -20.57
CA SER A 65 -4.05 -9.27 -21.00
C SER A 65 -2.94 -9.43 -19.95
N ALA A 66 -3.05 -10.46 -19.11
CA ALA A 66 -2.11 -10.70 -18.01
C ALA A 66 -0.72 -11.08 -18.54
N HIS A 67 0.28 -11.02 -17.66
CA HIS A 67 1.67 -11.35 -17.97
C HIS A 67 2.22 -12.33 -16.96
N ARG A 68 3.33 -13.00 -17.31
CA ARG A 68 3.97 -13.98 -16.45
C ARG A 68 4.84 -13.30 -15.39
N GLY A 69 5.30 -14.09 -14.41
CA GLY A 69 6.15 -13.60 -13.32
C GLY A 69 5.32 -12.98 -12.20
N LYS A 70 5.98 -12.62 -11.09
CA LYS A 70 5.31 -12.04 -9.94
C LYS A 70 4.65 -10.73 -10.32
N ALA A 71 3.32 -10.68 -10.19
CA ALA A 71 2.52 -9.52 -10.56
C ALA A 71 1.16 -9.58 -9.88
N ASN A 72 0.29 -8.61 -10.17
CA ASN A 72 -1.02 -8.49 -9.55
C ASN A 72 -2.05 -9.42 -10.19
N TRP A 73 -1.65 -10.14 -11.25
CA TRP A 73 -2.54 -11.02 -11.99
C TRP A 73 -2.01 -12.45 -12.03
N GLU A 74 -1.06 -12.76 -11.16
CA GLU A 74 -0.52 -14.10 -10.99
C GLU A 74 -0.36 -14.37 -9.50
N HIS A 75 -0.62 -15.62 -9.07
CA HIS A 75 -0.61 -15.98 -7.66
C HIS A 75 -1.49 -15.05 -6.82
N LEU A 76 -2.54 -14.49 -7.44
CA LEU A 76 -3.45 -13.55 -6.79
C LEU A 76 -4.36 -14.23 -5.76
N GLU A 77 -4.15 -15.52 -5.50
CA GLU A 77 -4.93 -16.27 -4.53
C GLU A 77 -4.29 -16.24 -3.14
N ASP A 78 -3.16 -15.54 -3.00
CA ASP A 78 -2.47 -15.40 -1.73
C ASP A 78 -3.24 -14.48 -0.78
N ASP A 79 -2.95 -14.58 0.51
CA ASP A 79 -3.53 -13.72 1.53
C ASP A 79 -2.96 -12.30 1.39
N LEU A 80 -3.48 -11.35 2.19
CA LEU A 80 -3.01 -9.98 2.14
C LEU A 80 -1.49 -9.95 2.29
N HIS A 81 -0.81 -9.39 1.30
CA HIS A 81 0.64 -9.30 1.32
C HIS A 81 1.11 -8.04 0.61
N VAL A 82 2.36 -7.68 0.85
CA VAL A 82 2.98 -6.54 0.21
C VAL A 82 4.21 -7.02 -0.56
N LEU A 83 4.50 -6.39 -1.70
CA LEU A 83 5.65 -6.72 -2.52
C LEU A 83 6.39 -5.43 -2.85
N VAL A 84 7.71 -5.47 -2.89
CA VAL A 84 8.52 -4.29 -3.15
C VAL A 84 9.67 -4.67 -4.08
N GLN A 85 9.59 -4.23 -5.33
CA GLN A 85 10.60 -4.53 -6.33
C GLN A 85 11.49 -3.32 -6.59
N CYS A 86 12.79 -3.55 -6.82
CA CYS A 86 13.72 -2.47 -7.08
C CYS A 86 14.92 -2.97 -7.90
N GLU A 87 15.59 -2.04 -8.59
CA GLU A 87 16.77 -2.38 -9.38
C GLU A 87 17.86 -1.31 -9.21
N ASP A 88 19.08 -1.78 -8.90
CA ASP A 88 20.26 -0.94 -8.74
C ASP A 88 21.49 -1.86 -8.67
N THR A 89 22.66 -1.30 -8.38
CA THR A 89 23.88 -2.09 -8.21
C THR A 89 23.79 -3.03 -7.02
N GLU A 90 24.71 -3.99 -6.96
CA GLU A 90 24.77 -5.02 -5.93
C GLU A 90 24.89 -4.43 -4.52
N ASN A 91 25.12 -3.13 -4.42
CA ASN A 91 25.31 -2.46 -3.13
C ASN A 91 24.44 -1.22 -2.97
N ARG A 92 23.47 -1.01 -3.88
CA ARG A 92 22.50 0.06 -3.77
C ARG A 92 21.07 -0.47 -3.89
N VAL A 93 20.91 -1.66 -4.49
CA VAL A 93 19.60 -2.26 -4.69
C VAL A 93 19.00 -2.67 -3.35
N HIS A 94 19.85 -2.93 -2.36
CA HIS A 94 19.39 -3.33 -1.04
C HIS A 94 18.99 -2.11 -0.22
N ILE A 95 19.77 -1.03 -0.29
CA ILE A 95 19.51 0.16 0.52
C ILE A 95 18.13 0.72 0.20
N LYS A 96 17.75 0.71 -1.08
CA LYS A 96 16.43 1.17 -1.48
C LYS A 96 15.37 0.18 -1.02
N LEU A 97 15.66 -1.12 -1.06
CA LEU A 97 14.71 -2.13 -0.64
C LEU A 97 14.44 -2.05 0.86
N GLN A 98 15.49 -1.85 1.67
CA GLN A 98 15.35 -1.85 3.11
C GLN A 98 14.59 -0.61 3.59
N ALA A 99 14.80 0.54 2.93
CA ALA A 99 14.11 1.76 3.29
C ALA A 99 12.64 1.67 2.85
N ALA A 100 12.39 1.07 1.68
CA ALA A 100 11.04 0.96 1.17
C ALA A 100 10.18 0.11 2.10
N LEU A 101 10.68 -1.05 2.53
CA LEU A 101 9.93 -1.93 3.40
C LEU A 101 9.78 -1.32 4.79
N GLU A 102 10.61 -0.37 5.17
CA GLU A 102 10.48 0.23 6.49
C GLU A 102 9.22 1.09 6.54
N GLN A 103 8.83 1.69 5.41
CA GLN A 103 7.65 2.53 5.38
C GLN A 103 6.38 1.70 5.26
N VAL A 104 6.44 0.55 4.57
CA VAL A 104 5.24 -0.24 4.43
C VAL A 104 4.96 -0.95 5.74
N LYS A 105 5.99 -1.49 6.39
CA LYS A 105 5.83 -2.27 7.62
C LYS A 105 5.30 -1.41 8.76
N LYS A 106 5.64 -0.12 8.80
CA LYS A 106 5.07 0.78 9.79
C LYS A 106 3.61 1.08 9.48
N LEU A 107 3.16 0.79 8.25
CA LEU A 107 1.74 0.84 7.91
C LEU A 107 1.05 -0.51 8.13
N LEU A 108 1.79 -1.60 8.34
CA LEU A 108 1.19 -2.91 8.63
C LEU A 108 0.97 -3.09 10.13
N ILE A 109 1.17 -2.01 10.90
CA ILE A 109 1.00 -1.99 12.34
C ILE A 109 0.09 -0.83 12.77
N PRO A 110 -1.13 -0.77 12.22
CA PRO A 110 -2.11 0.26 12.50
C PRO A 110 -2.60 0.17 13.94
N ALA A 111 -3.46 1.12 14.33
CA ALA A 111 -3.96 1.22 15.69
C ALA A 111 -5.49 1.19 15.71
N PRO A 112 -6.10 0.96 16.87
CA PRO A 112 -7.55 0.99 17.05
C PRO A 112 -8.17 2.30 16.55
N GLU A 113 -9.49 2.30 16.36
CA GLU A 113 -10.18 3.47 15.84
C GLU A 113 -10.03 4.66 16.78
N GLY A 114 -9.88 5.86 16.20
CA GLY A 114 -9.73 7.09 16.95
C GLY A 114 -8.35 7.24 17.59
N THR A 115 -7.41 6.35 17.28
CA THR A 115 -6.05 6.42 17.84
C THR A 115 -5.00 6.47 16.74
N ASP A 116 -5.42 6.63 15.49
CA ASP A 116 -4.53 6.70 14.35
C ASP A 116 -4.94 7.88 13.49
N GLU A 117 -3.97 8.60 12.93
CA GLU A 117 -4.25 9.78 12.13
C GLU A 117 -4.06 9.52 10.64
N LEU A 118 -3.37 8.45 10.26
CA LEU A 118 -3.12 8.18 8.86
C LEU A 118 -4.42 7.72 8.19
N LYS A 119 -5.28 7.02 8.93
CA LYS A 119 -6.55 6.57 8.39
C LYS A 119 -7.61 7.68 8.40
N ARG A 120 -7.45 8.68 9.28
CA ARG A 120 -8.40 9.78 9.35
C ARG A 120 -8.09 10.81 8.27
N LYS A 121 -6.79 11.07 8.04
CA LYS A 121 -6.35 12.03 7.04
C LYS A 121 -6.56 11.50 5.62
N GLN A 122 -6.62 10.18 5.46
CA GLN A 122 -6.87 9.57 4.15
C GLN A 122 -8.35 9.61 3.82
N LEU A 123 -9.22 9.35 4.80
CA LEU A 123 -10.66 9.31 4.56
C LEU A 123 -11.23 10.72 4.44
N MET A 124 -10.53 11.73 4.97
CA MET A 124 -10.94 13.11 4.80
C MET A 124 -10.76 13.51 3.34
N GLU A 125 -9.56 13.35 2.81
CA GLU A 125 -9.25 13.74 1.44
C GLU A 125 -9.97 12.84 0.44
N LEU A 126 -10.24 11.58 0.79
CA LEU A 126 -10.98 10.68 -0.07
C LEU A 126 -12.38 11.23 -0.31
N ALA A 127 -12.94 11.91 0.71
CA ALA A 127 -14.28 12.44 0.64
C ALA A 127 -14.33 13.81 -0.05
N ILE A 128 -13.19 14.49 -0.19
CA ILE A 128 -13.15 15.75 -0.93
C ILE A 128 -13.03 15.41 -2.42
N ILE A 129 -12.40 14.26 -2.69
CA ILE A 129 -12.16 13.75 -4.02
C ILE A 129 -13.43 13.11 -4.59
N ASN A 130 -14.21 12.44 -3.74
CA ASN A 130 -15.43 11.76 -4.17
C ASN A 130 -16.65 12.66 -3.99
N GLY A 131 -16.47 13.81 -3.33
CA GLY A 131 -17.56 14.77 -3.14
C GLY A 131 -18.56 14.28 -2.09
N THR A 132 -18.19 13.28 -1.29
CA THR A 132 -19.09 12.70 -0.29
C THR A 132 -18.74 13.17 1.12
N TYR A 133 -17.93 14.24 1.24
CA TYR A 133 -17.55 14.78 2.53
C TYR A 133 -18.76 15.26 3.31
N ARG A 134 -18.61 15.39 4.63
CA ARG A 134 -19.69 15.84 5.50
C ARG A 134 -19.23 17.08 6.26
N PRO A 135 -20.10 18.09 6.38
CA PRO A 135 -19.79 19.32 7.08
C PRO A 135 -19.74 19.06 8.57
N MET A 136 -18.55 19.23 9.16
CA MET A 136 -18.37 19.07 10.60
C MET A 136 -19.26 20.07 11.34
N LYS A 137 -19.95 19.60 12.38
CA LYS A 137 -20.81 20.42 13.22
C LYS A 137 -20.65 20.04 14.70
N SER A 138 -21.07 20.95 15.58
CA SER A 138 -20.96 20.74 17.02
C SER A 138 -22.10 21.47 17.73
N PRO A 139 -22.46 21.04 18.95
CA PRO A 139 -23.50 21.66 19.76
C PRO A 139 -23.03 23.01 20.29
N ASN A 140 -23.98 23.79 20.85
CA ASN A 140 -23.69 25.10 21.40
C ASN A 140 -24.20 25.27 22.84
N PRO A 141 -25.37 24.72 23.19
CA PRO A 141 -25.90 24.77 24.54
C PRO A 141 -25.06 23.96 25.54
N ALA A 142 -24.11 23.17 25.04
CA ALA A 142 -23.24 22.35 25.88
C ALA A 142 -22.03 23.15 26.36
N LEU A 1 25.55 7.91 -1.06
CA LEU A 1 25.52 6.60 -1.75
C LEU A 1 26.91 6.19 -2.22
N PRO A 2 27.21 4.89 -2.21
CA PRO A 2 28.49 4.35 -2.65
C PRO A 2 28.62 4.40 -4.18
N GLU A 3 29.82 4.11 -4.68
CA GLU A 3 30.12 4.12 -6.10
C GLU A 3 29.55 2.86 -6.75
N PRO A 4 29.31 2.88 -8.07
CA PRO A 4 28.73 1.76 -8.79
C PRO A 4 29.54 0.47 -8.63
N ALA A 5 28.86 -0.68 -8.73
CA ALA A 5 29.50 -1.99 -8.61
C ALA A 5 29.90 -2.53 -9.98
N GLY A 6 29.22 -2.11 -11.06
CA GLY A 6 29.59 -2.48 -12.42
C GLY A 6 28.40 -2.81 -13.30
N ASP A 7 27.27 -3.22 -12.72
CA ASP A 7 26.08 -3.56 -13.49
C ASP A 7 24.81 -3.32 -12.68
N MET A 8 23.65 -3.30 -13.36
CA MET A 8 22.36 -3.08 -12.74
C MET A 8 21.77 -4.41 -12.29
N ILE A 9 21.30 -4.44 -11.03
CA ILE A 9 20.72 -5.63 -10.44
C ILE A 9 19.23 -5.40 -10.21
N SER A 10 18.46 -6.48 -10.07
CA SER A 10 17.04 -6.39 -9.78
C SER A 10 16.64 -7.47 -8.78
N ILE A 11 15.84 -7.10 -7.77
CA ILE A 11 15.37 -8.03 -6.77
C ILE A 11 14.00 -7.59 -6.22
N THR A 12 13.35 -8.46 -5.44
CA THR A 12 12.09 -8.12 -4.79
C THR A 12 11.95 -8.88 -3.48
N GLU A 13 11.10 -8.36 -2.58
CA GLU A 13 10.80 -8.99 -1.30
C GLU A 13 9.30 -9.20 -1.17
N LYS A 14 8.92 -10.28 -0.50
CA LYS A 14 7.53 -10.68 -0.32
C LYS A 14 7.23 -10.68 1.17
N ILE A 15 6.33 -9.80 1.60
CA ILE A 15 6.01 -9.62 3.01
C ILE A 15 4.50 -9.60 3.20
N TYR A 16 3.97 -10.58 3.93
CA TYR A 16 2.54 -10.67 4.16
C TYR A 16 2.05 -9.63 5.17
N VAL A 17 0.79 -9.24 5.02
CA VAL A 17 0.13 -8.31 5.93
C VAL A 17 -0.31 -9.06 7.18
N PRO A 18 -0.01 -8.53 8.39
CA PRO A 18 -0.34 -9.15 9.66
C PRO A 18 -1.82 -9.02 10.01
N LYS A 19 -2.70 -9.04 9.00
CA LYS A 19 -4.13 -8.86 9.17
C LYS A 19 -4.77 -9.94 10.05
N ASN A 20 -4.00 -10.94 10.47
CA ASN A 20 -4.49 -11.98 11.36
C ASN A 20 -4.51 -11.46 12.80
N GLU A 21 -3.91 -10.29 13.04
CA GLU A 21 -3.89 -9.64 14.34
C GLU A 21 -4.79 -8.40 14.31
N TYR A 22 -5.01 -7.88 13.10
CA TYR A 22 -5.85 -6.71 12.85
C TYR A 22 -6.94 -7.05 11.82
N PRO A 23 -7.81 -8.02 12.11
CA PRO A 23 -8.81 -8.51 11.18
C PRO A 23 -9.89 -7.47 10.88
N ASP A 24 -9.88 -6.35 11.61
CA ASP A 24 -10.84 -5.26 11.41
C ASP A 24 -10.19 -4.05 10.72
N TYR A 25 -8.96 -4.23 10.21
CA TYR A 25 -8.23 -3.13 9.59
C TYR A 25 -8.14 -3.31 8.07
N ASN A 26 -8.00 -2.20 7.35
CA ASN A 26 -7.93 -2.17 5.89
C ASN A 26 -6.58 -1.63 5.44
N PHE A 27 -5.62 -2.54 5.22
CA PHE A 27 -4.25 -2.16 4.88
C PHE A 27 -4.14 -1.69 3.44
N VAL A 28 -4.94 -2.25 2.53
CA VAL A 28 -4.88 -1.87 1.13
C VAL A 28 -5.22 -0.39 1.01
N GLY A 29 -6.14 0.08 1.85
CA GLY A 29 -6.52 1.48 1.85
C GLY A 29 -5.54 2.35 2.62
N ARG A 30 -4.74 1.76 3.52
CA ARG A 30 -3.75 2.51 4.29
C ARG A 30 -2.44 2.66 3.51
N ILE A 31 -2.08 1.67 2.70
CA ILE A 31 -0.83 1.72 1.95
C ILE A 31 -1.01 2.48 0.64
N LEU A 32 -2.18 2.36 0.00
CA LEU A 32 -2.42 3.05 -1.26
C LEU A 32 -3.05 4.43 -1.05
N GLY A 33 -3.85 4.59 -0.01
CA GLY A 33 -4.49 5.85 0.30
C GLY A 33 -5.54 6.23 -0.75
N PRO A 34 -6.14 7.42 -0.62
CA PRO A 34 -7.17 7.89 -1.54
C PRO A 34 -6.58 8.08 -2.92
N ARG A 35 -7.30 7.61 -3.94
CA ARG A 35 -6.88 7.65 -5.34
C ARG A 35 -5.44 7.17 -5.57
N GLY A 36 -4.91 6.33 -4.66
CA GLY A 36 -3.57 5.79 -4.82
C GLY A 36 -2.48 6.81 -4.51
N MET A 37 -2.85 7.97 -3.95
CA MET A 37 -1.91 9.05 -3.67
C MET A 37 -0.77 8.61 -2.75
N THR A 38 -1.02 7.70 -1.81
CA THR A 38 0.00 7.26 -0.88
C THR A 38 0.92 6.23 -1.54
N ALA A 39 0.42 5.53 -2.57
CA ALA A 39 1.21 4.53 -3.27
C ALA A 39 2.26 5.18 -4.16
N LYS A 40 1.87 6.25 -4.87
CA LYS A 40 2.77 6.93 -5.80
C LYS A 40 3.83 7.73 -5.04
N GLN A 41 3.51 8.19 -3.82
CA GLN A 41 4.47 8.92 -3.00
C GLN A 41 5.49 7.96 -2.39
N LEU A 42 5.09 6.71 -2.12
CA LEU A 42 5.99 5.72 -1.56
C LEU A 42 7.01 5.26 -2.59
N GLU A 43 6.57 4.99 -3.83
CA GLU A 43 7.45 4.43 -4.85
C GLU A 43 8.41 5.47 -5.43
N GLN A 44 8.10 6.76 -5.30
CA GLN A 44 9.02 7.79 -5.77
C GLN A 44 10.02 8.18 -4.68
N ASP A 45 9.64 8.02 -3.41
CA ASP A 45 10.49 8.40 -2.29
C ASP A 45 11.53 7.33 -1.98
N THR A 46 11.16 6.06 -2.11
CA THR A 46 12.08 4.94 -1.84
C THR A 46 12.72 4.45 -3.13
N GLY A 47 12.19 4.88 -4.27
CA GLY A 47 12.70 4.48 -5.57
C GLY A 47 12.37 3.02 -5.89
N CYS A 48 11.63 2.35 -5.01
CA CYS A 48 11.24 0.96 -5.18
C CYS A 48 9.80 0.87 -5.65
N LYS A 49 9.43 -0.24 -6.31
CA LYS A 49 8.09 -0.40 -6.85
C LYS A 49 7.19 -1.06 -5.82
N ILE A 50 5.99 -0.50 -5.62
CA ILE A 50 5.05 -0.99 -4.62
C ILE A 50 3.96 -1.82 -5.29
N MET A 51 3.60 -2.93 -4.64
CA MET A 51 2.55 -3.82 -5.09
C MET A 51 1.82 -4.38 -3.87
N VAL A 52 0.48 -4.44 -3.96
CA VAL A 52 -0.37 -4.88 -2.87
C VAL A 52 -1.53 -5.69 -3.46
N ARG A 53 -1.88 -6.81 -2.81
CA ARG A 53 -3.01 -7.62 -3.25
C ARG A 53 -3.44 -8.60 -2.17
N GLY A 54 -4.58 -9.24 -2.41
CA GLY A 54 -5.17 -10.24 -1.54
C GLY A 54 -6.69 -10.20 -1.68
N LYS A 55 -7.41 -10.98 -0.87
CA LYS A 55 -8.86 -10.93 -0.89
C LYS A 55 -9.32 -9.51 -0.55
N GLY A 56 -10.27 -9.00 -1.33
CA GLY A 56 -10.81 -7.65 -1.14
C GLY A 56 -10.09 -6.58 -1.98
N SER A 57 -9.05 -6.95 -2.75
CA SER A 57 -8.35 -5.99 -3.60
C SER A 57 -8.96 -5.93 -5.00
N MET A 58 -10.15 -6.50 -5.19
CA MET A 58 -10.79 -6.57 -6.50
C MET A 58 -12.02 -5.67 -6.61
N ARG A 59 -12.08 -4.60 -5.81
CA ARG A 59 -13.20 -3.66 -5.84
C ARG A 59 -13.25 -2.87 -7.14
N ASP A 60 -12.36 -3.18 -8.09
CA ASP A 60 -12.29 -2.51 -9.38
C ASP A 60 -13.07 -3.28 -10.43
N LYS A 61 -14.14 -3.96 -10.01
CA LYS A 61 -14.97 -4.82 -10.86
C LYS A 61 -14.14 -5.91 -11.55
N SER A 62 -12.97 -6.23 -11.00
CA SER A 62 -12.11 -7.27 -11.55
C SER A 62 -12.69 -8.66 -11.31
N LYS A 63 -13.63 -8.77 -10.38
CA LYS A 63 -14.32 -10.02 -10.06
C LYS A 63 -15.74 -10.03 -10.62
N GLU A 64 -16.09 -9.04 -11.44
CA GLU A 64 -17.39 -8.96 -12.09
C GLU A 64 -17.43 -9.91 -13.29
N SER A 65 -16.25 -10.33 -13.73
CA SER A 65 -16.04 -11.26 -14.83
C SER A 65 -14.93 -12.23 -14.45
N ALA A 66 -14.62 -13.20 -15.31
CA ALA A 66 -13.59 -14.18 -15.04
C ALA A 66 -12.77 -14.49 -16.29
N HIS A 67 -11.58 -15.06 -16.08
CA HIS A 67 -10.66 -15.41 -17.16
C HIS A 67 -9.89 -16.68 -16.80
N ARG A 68 -9.28 -17.32 -17.80
CA ARG A 68 -8.52 -18.55 -17.62
C ARG A 68 -7.20 -18.27 -16.89
N GLY A 69 -6.66 -19.26 -16.19
CA GLY A 69 -5.41 -19.14 -15.47
C GLY A 69 -5.59 -18.42 -14.13
N LYS A 70 -4.49 -17.85 -13.63
CA LYS A 70 -4.46 -17.15 -12.36
C LYS A 70 -3.74 -15.81 -12.54
N ALA A 71 -4.13 -14.80 -11.74
CA ALA A 71 -3.57 -13.46 -11.85
C ALA A 71 -3.55 -12.74 -10.51
N ASN A 72 -3.03 -11.51 -10.50
CA ASN A 72 -2.90 -10.69 -9.30
C ASN A 72 -4.14 -9.84 -9.06
N TRP A 73 -5.22 -10.08 -9.82
CA TRP A 73 -6.45 -9.33 -9.73
C TRP A 73 -7.68 -10.20 -10.02
N GLU A 74 -7.45 -11.49 -10.30
CA GLU A 74 -8.50 -12.46 -10.55
C GLU A 74 -8.09 -13.79 -9.89
N HIS A 75 -9.05 -14.48 -9.28
CA HIS A 75 -8.78 -15.73 -8.56
C HIS A 75 -7.58 -15.56 -7.63
N LEU A 76 -7.64 -14.57 -6.73
CA LEU A 76 -6.53 -14.25 -5.83
C LEU A 76 -6.15 -15.48 -5.00
N GLU A 77 -7.15 -16.13 -4.38
CA GLU A 77 -6.96 -17.30 -3.53
C GLU A 77 -5.87 -17.08 -2.47
N ASP A 78 -5.60 -15.83 -2.11
CA ASP A 78 -4.51 -15.51 -1.19
C ASP A 78 -4.91 -14.36 -0.26
N ASP A 79 -4.29 -14.34 0.93
CA ASP A 79 -4.52 -13.31 1.92
C ASP A 79 -3.76 -12.05 1.54
N LEU A 80 -4.01 -10.96 2.27
CA LEU A 80 -3.35 -9.68 2.00
C LEU A 80 -1.85 -9.83 2.14
N HIS A 81 -1.11 -9.41 1.11
CA HIS A 81 0.35 -9.42 1.16
C HIS A 81 0.91 -8.23 0.38
N VAL A 82 2.17 -7.91 0.67
CA VAL A 82 2.85 -6.79 0.03
C VAL A 82 4.10 -7.27 -0.69
N LEU A 83 4.46 -6.59 -1.78
CA LEU A 83 5.66 -6.88 -2.54
C LEU A 83 6.41 -5.57 -2.78
N VAL A 84 7.75 -5.63 -2.80
CA VAL A 84 8.57 -4.44 -3.00
C VAL A 84 9.74 -4.79 -3.91
N GLN A 85 9.74 -4.20 -5.11
CA GLN A 85 10.77 -4.46 -6.09
C GLN A 85 11.79 -3.32 -6.13
N CYS A 86 13.07 -3.65 -6.34
CA CYS A 86 14.14 -2.67 -6.35
C CYS A 86 15.19 -3.02 -7.41
N GLU A 87 15.79 -1.99 -8.00
CA GLU A 87 16.86 -2.19 -8.96
C GLU A 87 17.94 -1.11 -8.83
N ASP A 88 19.19 -1.56 -8.66
CA ASP A 88 20.37 -0.72 -8.57
C ASP A 88 21.61 -1.62 -8.62
N THR A 89 22.79 -1.05 -8.37
CA THR A 89 24.02 -1.82 -8.33
C THR A 89 24.03 -2.80 -7.16
N GLU A 90 24.99 -3.74 -7.20
CA GLU A 90 25.13 -4.78 -6.21
C GLU A 90 25.37 -4.23 -4.80
N ASN A 91 25.57 -2.91 -4.68
CA ASN A 91 25.86 -2.27 -3.40
C ASN A 91 24.89 -1.11 -3.11
N ARG A 92 23.85 -0.93 -3.93
CA ARG A 92 22.84 0.08 -3.66
C ARG A 92 21.42 -0.48 -3.77
N VAL A 93 21.27 -1.65 -4.42
CA VAL A 93 19.97 -2.27 -4.58
C VAL A 93 19.43 -2.73 -3.23
N HIS A 94 20.33 -2.97 -2.27
CA HIS A 94 19.94 -3.42 -0.93
C HIS A 94 19.57 -2.23 -0.05
N ILE A 95 20.26 -1.10 -0.20
CA ILE A 95 20.01 0.06 0.64
C ILE A 95 18.61 0.61 0.39
N LYS A 96 18.18 0.65 -0.89
CA LYS A 96 16.87 1.15 -1.25
C LYS A 96 15.80 0.12 -0.95
N LEU A 97 16.13 -1.17 -1.06
CA LEU A 97 15.18 -2.24 -0.77
C LEU A 97 14.83 -2.24 0.71
N GLN A 98 15.85 -2.11 1.56
CA GLN A 98 15.68 -2.11 3.00
C GLN A 98 14.93 -0.87 3.46
N ALA A 99 15.15 0.26 2.79
CA ALA A 99 14.47 1.50 3.14
C ALA A 99 13.02 1.45 2.69
N ALA A 100 12.74 0.78 1.56
CA ALA A 100 11.39 0.65 1.06
C ALA A 100 10.55 -0.26 1.95
N LEU A 101 11.08 -1.44 2.29
CA LEU A 101 10.36 -2.37 3.14
C LEU A 101 10.27 -1.85 4.57
N GLU A 102 11.00 -0.78 4.89
CA GLU A 102 10.90 -0.13 6.18
C GLU A 102 9.62 0.71 6.22
N GLN A 103 9.28 1.38 5.12
CA GLN A 103 8.08 2.21 5.14
C GLN A 103 6.83 1.34 5.13
N VAL A 104 6.88 0.17 4.49
CA VAL A 104 5.68 -0.63 4.38
C VAL A 104 5.34 -1.26 5.71
N LYS A 105 6.31 -1.84 6.42
CA LYS A 105 6.05 -2.52 7.68
C LYS A 105 5.63 -1.55 8.79
N LYS A 106 5.94 -0.26 8.64
CA LYS A 106 5.43 0.76 9.54
C LYS A 106 3.96 1.09 9.22
N LEU A 107 3.51 0.73 8.00
CA LEU A 107 2.09 0.85 7.66
C LEU A 107 1.31 -0.44 7.96
N LEU A 108 2.01 -1.54 8.25
CA LEU A 108 1.37 -2.80 8.63
C LEU A 108 1.18 -2.90 10.14
N ILE A 109 1.51 -1.82 10.86
CA ILE A 109 1.42 -1.79 12.32
C ILE A 109 0.62 -0.58 12.81
N PRO A 110 -0.62 -0.43 12.31
CA PRO A 110 -1.51 0.67 12.67
C PRO A 110 -2.02 0.53 14.11
N ALA A 111 -2.70 1.56 14.59
CA ALA A 111 -3.25 1.59 15.94
C ALA A 111 -4.70 1.11 15.93
N PRO A 112 -5.27 0.80 17.11
CA PRO A 112 -6.66 0.45 17.26
C PRO A 112 -7.60 1.53 16.72
N GLU A 113 -8.88 1.19 16.59
CA GLU A 113 -9.89 2.11 16.09
C GLU A 113 -10.11 3.28 17.05
N GLY A 114 -10.55 4.41 16.51
CA GLY A 114 -10.81 5.62 17.28
C GLY A 114 -9.53 6.31 17.75
N THR A 115 -8.35 5.79 17.39
CA THR A 115 -7.08 6.38 17.79
C THR A 115 -6.02 6.28 16.69
N ASP A 116 -6.40 5.83 15.50
CA ASP A 116 -5.49 5.76 14.36
C ASP A 116 -5.85 6.89 13.39
N GLU A 117 -5.41 8.11 13.71
CA GLU A 117 -5.72 9.29 12.91
C GLU A 117 -5.22 9.14 11.47
N LEU A 118 -4.28 8.23 11.21
CA LEU A 118 -3.63 8.14 9.92
C LEU A 118 -4.58 7.67 8.82
N LYS A 119 -5.66 6.96 9.19
CA LYS A 119 -6.70 6.60 8.21
C LYS A 119 -7.93 7.48 8.38
N ARG A 120 -8.11 8.05 9.56
CA ARG A 120 -9.23 8.92 9.89
C ARG A 120 -9.06 10.29 9.22
N LYS A 121 -7.81 10.76 9.10
CA LYS A 121 -7.51 12.02 8.44
C LYS A 121 -7.46 11.89 6.92
N GLN A 122 -7.37 10.66 6.41
CA GLN A 122 -7.31 10.42 4.97
C GLN A 122 -8.68 10.04 4.41
N LEU A 123 -9.61 9.55 5.25
CA LEU A 123 -10.93 9.19 4.78
C LEU A 123 -11.80 10.41 4.55
N MET A 124 -11.48 11.55 5.17
CA MET A 124 -12.25 12.75 4.89
C MET A 124 -11.86 13.30 3.52
N GLU A 125 -10.59 13.15 3.13
CA GLU A 125 -10.10 13.66 1.85
C GLU A 125 -10.61 12.77 0.73
N LEU A 126 -10.79 11.48 1.01
CA LEU A 126 -11.38 10.55 0.06
C LEU A 126 -12.81 10.99 -0.23
N ALA A 127 -13.46 11.60 0.76
CA ALA A 127 -14.85 11.99 0.66
C ALA A 127 -15.01 13.36 -0.02
N ILE A 128 -13.94 14.17 -0.10
CA ILE A 128 -14.00 15.43 -0.83
C ILE A 128 -13.78 15.11 -2.31
N ILE A 129 -13.02 14.05 -2.56
CA ILE A 129 -12.69 13.56 -3.89
C ILE A 129 -13.87 12.83 -4.51
N ASN A 130 -14.64 12.10 -3.71
CA ASN A 130 -15.79 11.35 -4.19
C ASN A 130 -17.09 12.13 -4.00
N GLY A 131 -17.01 13.29 -3.35
CA GLY A 131 -18.17 14.14 -3.14
C GLY A 131 -19.16 13.54 -2.14
N THR A 132 -18.73 12.54 -1.36
CA THR A 132 -19.60 11.84 -0.42
C THR A 132 -19.35 12.29 1.02
N TYR A 133 -18.65 13.42 1.20
CA TYR A 133 -18.34 13.91 2.53
C TYR A 133 -19.60 14.35 3.28
N ARG A 134 -19.48 14.52 4.59
CA ARG A 134 -20.58 14.97 5.44
C ARG A 134 -20.19 16.29 6.11
N PRO A 135 -21.12 17.25 6.19
CA PRO A 135 -20.90 18.57 6.76
C PRO A 135 -20.93 18.55 8.28
N MET A 136 -20.28 17.56 8.91
CA MET A 136 -20.21 17.48 10.35
C MET A 136 -19.64 18.78 10.89
N LYS A 137 -20.33 19.38 11.86
CA LYS A 137 -19.96 20.68 12.42
C LYS A 137 -19.33 20.51 13.80
N SER A 138 -18.34 21.35 14.12
CA SER A 138 -17.64 21.29 15.39
C SER A 138 -18.54 21.76 16.54
N PRO A 139 -18.29 21.29 17.76
CA PRO A 139 -19.03 21.69 18.95
C PRO A 139 -18.67 23.12 19.36
N ASN A 140 -19.46 23.70 20.27
CA ASN A 140 -19.24 25.05 20.77
C ASN A 140 -19.64 25.12 22.24
N PRO A 141 -18.72 24.82 23.16
CA PRO A 141 -18.95 24.80 24.59
C PRO A 141 -19.00 26.20 25.20
N ALA A 142 -18.75 27.24 24.39
CA ALA A 142 -18.76 28.62 24.88
C ALA A 142 -20.18 29.14 25.04
N LEU A 1 25.36 7.13 -0.50
CA LEU A 1 25.37 6.90 -1.96
C LEU A 1 26.74 6.36 -2.39
N PRO A 2 26.88 5.02 -2.44
CA PRO A 2 28.12 4.37 -2.84
C PRO A 2 28.34 4.45 -4.36
N GLU A 3 29.53 4.07 -4.79
CA GLU A 3 29.88 4.03 -6.20
C GLU A 3 29.27 2.78 -6.83
N PRO A 4 29.04 2.77 -8.15
CA PRO A 4 28.43 1.64 -8.83
C PRO A 4 29.31 0.41 -8.77
N ALA A 5 28.71 -0.77 -8.80
CA ALA A 5 29.42 -2.04 -8.70
C ALA A 5 29.84 -2.57 -10.07
N GLY A 6 29.14 -2.18 -11.13
CA GLY A 6 29.51 -2.53 -12.49
C GLY A 6 28.34 -3.02 -13.35
N ASP A 7 27.28 -3.52 -12.72
CA ASP A 7 26.12 -4.02 -13.44
C ASP A 7 24.83 -3.67 -12.69
N MET A 8 23.72 -3.59 -13.43
CA MET A 8 22.42 -3.28 -12.84
C MET A 8 21.76 -4.56 -12.38
N ILE A 9 21.27 -4.56 -11.13
CA ILE A 9 20.67 -5.74 -10.52
C ILE A 9 19.18 -5.48 -10.27
N SER A 10 18.41 -6.54 -10.08
CA SER A 10 16.99 -6.42 -9.77
C SER A 10 16.60 -7.46 -8.72
N ILE A 11 15.78 -7.05 -7.75
CA ILE A 11 15.32 -7.92 -6.69
C ILE A 11 13.97 -7.46 -6.15
N THR A 12 13.28 -8.33 -5.41
CA THR A 12 12.01 -7.99 -4.79
C THR A 12 11.89 -8.70 -3.44
N GLU A 13 11.11 -8.11 -2.52
CA GLU A 13 10.88 -8.69 -1.20
C GLU A 13 9.40 -8.95 -0.97
N LYS A 14 9.10 -10.08 -0.32
CA LYS A 14 7.75 -10.47 0.05
C LYS A 14 7.53 -10.11 1.51
N ILE A 15 6.47 -9.34 1.78
CA ILE A 15 6.12 -8.95 3.13
C ILE A 15 4.62 -9.10 3.33
N TYR A 16 4.20 -10.28 3.80
CA TYR A 16 2.80 -10.53 4.08
C TYR A 16 2.27 -9.63 5.20
N VAL A 17 0.99 -9.29 5.12
CA VAL A 17 0.33 -8.43 6.09
C VAL A 17 0.01 -9.23 7.35
N PRO A 18 0.26 -8.67 8.55
CA PRO A 18 -0.06 -9.29 9.83
C PRO A 18 -1.55 -9.15 10.17
N LYS A 19 -2.41 -9.27 9.15
CA LYS A 19 -3.85 -9.04 9.28
C LYS A 19 -4.52 -9.94 10.33
N ASN A 20 -3.83 -10.98 10.79
CA ASN A 20 -4.38 -11.90 11.78
C ASN A 20 -4.41 -11.26 13.17
N GLU A 21 -3.74 -10.10 13.31
CA GLU A 21 -3.74 -9.35 14.57
C GLU A 21 -4.63 -8.12 14.46
N TYR A 22 -4.98 -7.76 13.22
CA TYR A 22 -5.84 -6.64 12.90
C TYR A 22 -6.95 -7.10 11.93
N PRO A 23 -7.77 -8.07 12.33
CA PRO A 23 -8.76 -8.71 11.47
C PRO A 23 -9.90 -7.77 11.07
N ASP A 24 -9.93 -6.56 11.63
CA ASP A 24 -10.95 -5.57 11.35
C ASP A 24 -10.36 -4.35 10.64
N TYR A 25 -9.11 -4.45 10.18
CA TYR A 25 -8.41 -3.34 9.55
C TYR A 25 -8.34 -3.48 8.03
N ASN A 26 -8.23 -2.35 7.34
CA ASN A 26 -8.17 -2.30 5.88
C ASN A 26 -6.80 -1.77 5.45
N PHE A 27 -5.84 -2.69 5.28
CA PHE A 27 -4.48 -2.33 4.94
C PHE A 27 -4.38 -1.82 3.51
N VAL A 28 -5.17 -2.38 2.58
CA VAL A 28 -5.09 -1.99 1.18
C VAL A 28 -5.46 -0.53 1.02
N GLY A 29 -6.39 -0.04 1.85
CA GLY A 29 -6.79 1.36 1.79
C GLY A 29 -5.85 2.26 2.59
N ARG A 30 -5.08 1.69 3.52
CA ARG A 30 -4.11 2.46 4.31
C ARG A 30 -2.79 2.63 3.57
N ILE A 31 -2.34 1.60 2.85
CA ILE A 31 -1.07 1.65 2.14
C ILE A 31 -1.23 2.39 0.82
N LEU A 32 -2.40 2.29 0.16
CA LEU A 32 -2.62 2.99 -1.10
C LEU A 32 -3.16 4.40 -0.86
N GLY A 33 -4.00 4.57 0.18
CA GLY A 33 -4.59 5.86 0.48
C GLY A 33 -5.58 6.31 -0.59
N PRO A 34 -6.07 7.55 -0.50
CA PRO A 34 -7.05 8.08 -1.43
C PRO A 34 -6.42 8.25 -2.81
N ARG A 35 -7.11 7.77 -3.85
CA ARG A 35 -6.64 7.81 -5.23
C ARG A 35 -5.23 7.27 -5.39
N GLY A 36 -4.76 6.43 -4.46
CA GLY A 36 -3.44 5.83 -4.53
C GLY A 36 -2.32 6.81 -4.13
N MET A 37 -2.68 8.00 -3.63
CA MET A 37 -1.71 9.04 -3.33
C MET A 37 -0.65 8.58 -2.34
N THR A 38 -0.97 7.67 -1.43
CA THR A 38 0.00 7.19 -0.45
C THR A 38 0.96 6.20 -1.09
N ALA A 39 0.52 5.50 -2.14
CA ALA A 39 1.35 4.55 -2.85
C ALA A 39 2.29 5.27 -3.81
N LYS A 40 1.83 6.37 -4.42
CA LYS A 40 2.65 7.16 -5.34
C LYS A 40 3.74 7.89 -4.56
N GLN A 41 3.45 8.28 -3.32
CA GLN A 41 4.41 8.99 -2.49
C GLN A 41 5.47 8.01 -1.98
N LEU A 42 5.09 6.75 -1.75
CA LEU A 42 6.01 5.74 -1.27
C LEU A 42 7.01 5.34 -2.36
N GLU A 43 6.54 5.13 -3.59
CA GLU A 43 7.41 4.63 -4.65
C GLU A 43 8.32 5.71 -5.23
N GLN A 44 8.01 6.99 -5.02
CA GLN A 44 8.88 8.05 -5.47
C GLN A 44 9.92 8.41 -4.40
N ASP A 45 9.58 8.19 -3.13
CA ASP A 45 10.46 8.54 -2.02
C ASP A 45 11.52 7.47 -1.77
N THR A 46 11.15 6.20 -1.95
CA THR A 46 12.06 5.07 -1.74
C THR A 46 12.65 4.61 -3.06
N GLY A 47 12.09 5.06 -4.18
CA GLY A 47 12.55 4.68 -5.50
C GLY A 47 12.20 3.24 -5.86
N CYS A 48 11.48 2.54 -4.97
CA CYS A 48 11.09 1.15 -5.20
C CYS A 48 9.62 1.08 -5.60
N LYS A 49 9.23 0.03 -6.33
CA LYS A 49 7.85 -0.14 -6.75
C LYS A 49 7.05 -0.82 -5.64
N ILE A 50 5.84 -0.32 -5.40
CA ILE A 50 4.96 -0.87 -4.38
C ILE A 50 3.90 -1.74 -5.03
N MET A 51 3.58 -2.86 -4.39
CA MET A 51 2.58 -3.80 -4.85
C MET A 51 1.82 -4.35 -3.65
N VAL A 52 0.49 -4.41 -3.78
CA VAL A 52 -0.39 -4.83 -2.70
C VAL A 52 -1.60 -5.55 -3.29
N ARG A 53 -1.94 -6.72 -2.74
CA ARG A 53 -3.13 -7.45 -3.17
C ARG A 53 -3.58 -8.44 -2.10
N GLY A 54 -4.78 -8.98 -2.28
CA GLY A 54 -5.35 -9.97 -1.37
C GLY A 54 -6.69 -10.46 -1.89
N LYS A 55 -7.38 -11.29 -1.10
CA LYS A 55 -8.70 -11.79 -1.47
C LYS A 55 -9.67 -10.62 -1.66
N GLY A 56 -10.50 -10.69 -2.70
CA GLY A 56 -11.53 -9.70 -2.95
C GLY A 56 -11.00 -8.35 -3.39
N SER A 57 -9.72 -8.25 -3.80
CA SER A 57 -9.15 -6.98 -4.22
C SER A 57 -9.82 -6.45 -5.49
N MET A 58 -10.46 -7.32 -6.26
CA MET A 58 -11.23 -6.94 -7.44
C MET A 58 -12.40 -7.90 -7.66
N ARG A 59 -13.20 -7.64 -8.70
CA ARG A 59 -14.38 -8.44 -8.98
C ARG A 59 -14.17 -9.45 -10.11
N ASP A 60 -13.04 -9.37 -10.82
CA ASP A 60 -12.70 -10.28 -11.90
C ASP A 60 -13.81 -10.39 -12.96
N LYS A 61 -14.45 -9.26 -13.28
CA LYS A 61 -15.52 -9.16 -14.26
C LYS A 61 -15.33 -7.91 -15.11
N SER A 62 -16.39 -7.50 -15.82
CA SER A 62 -16.38 -6.36 -16.72
C SER A 62 -15.38 -6.55 -17.87
N LYS A 63 -15.76 -7.43 -18.82
CA LYS A 63 -14.99 -7.71 -20.03
C LYS A 63 -13.58 -8.19 -19.71
N GLU A 64 -13.42 -8.84 -18.55
CA GLU A 64 -12.14 -9.37 -18.10
C GLU A 64 -12.36 -10.65 -17.30
N SER A 65 -11.46 -11.62 -17.43
CA SER A 65 -11.60 -12.87 -16.69
C SER A 65 -10.28 -13.63 -16.51
N ALA A 66 -9.22 -13.26 -17.25
CA ALA A 66 -7.94 -13.96 -17.15
C ALA A 66 -6.78 -13.08 -17.61
N HIS A 67 -5.58 -13.42 -17.15
CA HIS A 67 -4.33 -12.75 -17.52
C HIS A 67 -3.19 -13.78 -17.55
N ARG A 68 -2.02 -13.37 -18.03
CA ARG A 68 -0.84 -14.23 -18.12
C ARG A 68 0.35 -13.64 -17.35
N GLY A 69 0.20 -12.42 -16.83
CA GLY A 69 1.26 -11.74 -16.10
C GLY A 69 1.40 -12.23 -14.66
N LYS A 70 0.48 -13.09 -14.20
CA LYS A 70 0.47 -13.63 -12.84
C LYS A 70 0.64 -12.54 -11.78
N ALA A 71 0.06 -11.36 -12.04
CA ALA A 71 0.15 -10.21 -11.17
C ALA A 71 -1.06 -10.14 -10.22
N ASN A 72 -1.36 -8.93 -9.74
CA ASN A 72 -2.43 -8.69 -8.77
C ASN A 72 -3.80 -9.19 -9.24
N TRP A 73 -3.96 -9.39 -10.55
CA TRP A 73 -5.21 -9.81 -11.15
C TRP A 73 -5.29 -11.33 -11.37
N GLU A 74 -4.37 -12.07 -10.76
CA GLU A 74 -4.36 -13.53 -10.80
C GLU A 74 -4.26 -14.05 -9.37
N HIS A 75 -4.51 -15.35 -9.17
CA HIS A 75 -4.50 -15.97 -7.86
C HIS A 75 -5.36 -15.17 -6.86
N LEU A 76 -6.61 -14.89 -7.25
CA LEU A 76 -7.53 -14.08 -6.46
C LEU A 76 -7.83 -14.70 -5.09
N GLU A 77 -7.34 -15.92 -4.83
CA GLU A 77 -7.53 -16.59 -3.56
C GLU A 77 -6.36 -16.35 -2.59
N ASP A 78 -5.38 -15.53 -3.00
CA ASP A 78 -4.23 -15.23 -2.18
C ASP A 78 -4.56 -14.17 -1.12
N ASP A 79 -3.96 -14.30 0.06
CA ASP A 79 -4.22 -13.42 1.20
C ASP A 79 -3.50 -12.08 1.05
N LEU A 80 -3.84 -11.13 1.94
CA LEU A 80 -3.26 -9.80 1.93
C LEU A 80 -1.74 -9.91 2.05
N HIS A 81 -1.01 -9.39 1.07
CA HIS A 81 0.44 -9.35 1.12
C HIS A 81 0.97 -8.10 0.44
N VAL A 82 2.19 -7.72 0.81
CA VAL A 82 2.87 -6.58 0.21
C VAL A 82 4.12 -7.07 -0.50
N LEU A 83 4.48 -6.41 -1.61
CA LEU A 83 5.68 -6.73 -2.37
C LEU A 83 6.42 -5.43 -2.69
N VAL A 84 7.75 -5.47 -2.72
CA VAL A 84 8.54 -4.30 -3.02
C VAL A 84 9.69 -4.67 -3.95
N GLN A 85 9.66 -4.11 -5.17
CA GLN A 85 10.66 -4.41 -6.18
C GLN A 85 11.53 -3.19 -6.49
N CYS A 86 12.82 -3.41 -6.75
CA CYS A 86 13.73 -2.32 -7.10
C CYS A 86 14.92 -2.84 -7.90
N GLU A 87 15.64 -1.92 -8.53
CA GLU A 87 16.84 -2.26 -9.30
C GLU A 87 17.94 -1.22 -9.09
N ASP A 88 19.15 -1.70 -8.83
CA ASP A 88 20.34 -0.89 -8.67
C ASP A 88 21.59 -1.78 -8.70
N THR A 89 22.77 -1.23 -8.44
CA THR A 89 24.00 -1.99 -8.41
C THR A 89 24.05 -2.98 -7.25
N GLU A 90 24.96 -3.95 -7.34
CA GLU A 90 25.10 -5.03 -6.37
C GLU A 90 25.37 -4.52 -4.95
N ASN A 91 25.67 -3.23 -4.81
CA ASN A 91 26.02 -2.64 -3.53
C ASN A 91 25.09 -1.50 -3.15
N ARG A 92 24.03 -1.28 -3.93
CA ARG A 92 23.09 -0.20 -3.67
C ARG A 92 21.63 -0.66 -3.80
N VAL A 93 21.40 -1.76 -4.50
CA VAL A 93 20.07 -2.32 -4.70
C VAL A 93 19.46 -2.77 -3.37
N HIS A 94 20.32 -3.10 -2.39
CA HIS A 94 19.86 -3.54 -1.08
C HIS A 94 19.47 -2.36 -0.21
N ILE A 95 20.16 -1.22 -0.36
CA ILE A 95 19.90 -0.04 0.47
C ILE A 95 18.51 0.53 0.15
N LYS A 96 18.14 0.54 -1.12
CA LYS A 96 16.84 1.07 -1.52
C LYS A 96 15.72 0.10 -1.13
N LEU A 97 15.96 -1.21 -1.28
CA LEU A 97 14.93 -2.19 -0.98
C LEU A 97 14.67 -2.24 0.53
N GLN A 98 15.73 -2.18 1.34
CA GLN A 98 15.60 -2.25 2.79
C GLN A 98 14.90 -1.01 3.33
N ALA A 99 15.14 0.16 2.72
CA ALA A 99 14.50 1.38 3.16
C ALA A 99 13.03 1.39 2.76
N ALA A 100 12.71 0.82 1.58
CA ALA A 100 11.35 0.78 1.11
C ALA A 100 10.51 -0.13 1.99
N LEU A 101 11.03 -1.31 2.35
CA LEU A 101 10.28 -2.23 3.20
C LEU A 101 10.23 -1.71 4.64
N GLU A 102 11.04 -0.71 5.00
CA GLU A 102 10.94 -0.15 6.34
C GLU A 102 9.67 0.69 6.42
N GLN A 103 9.28 1.33 5.32
CA GLN A 103 8.08 2.15 5.32
C GLN A 103 6.83 1.29 5.31
N VAL A 104 6.88 0.12 4.67
CA VAL A 104 5.65 -0.66 4.53
C VAL A 104 5.27 -1.26 5.87
N LYS A 105 6.26 -1.79 6.61
CA LYS A 105 6.02 -2.41 7.90
C LYS A 105 5.43 -1.40 8.89
N LYS A 106 5.89 -0.15 8.82
CA LYS A 106 5.31 0.92 9.63
C LYS A 106 3.85 1.19 9.25
N LEU A 107 3.41 0.74 8.07
CA LEU A 107 2.01 0.82 7.69
C LEU A 107 1.24 -0.48 7.99
N LEU A 108 1.94 -1.57 8.32
CA LEU A 108 1.31 -2.83 8.70
C LEU A 108 1.14 -2.93 10.20
N ILE A 109 1.43 -1.85 10.92
CA ILE A 109 1.35 -1.80 12.38
C ILE A 109 0.46 -0.66 12.87
N PRO A 110 -0.77 -0.55 12.35
CA PRO A 110 -1.74 0.47 12.72
C PRO A 110 -2.24 0.27 14.14
N ALA A 111 -2.96 1.28 14.65
CA ALA A 111 -3.53 1.24 15.98
C ALA A 111 -5.00 0.80 15.92
N PRO A 112 -5.62 0.49 17.07
CA PRO A 112 -7.03 0.15 17.15
C PRO A 112 -7.93 1.24 16.57
N GLU A 113 -9.22 0.92 16.41
CA GLU A 113 -10.19 1.83 15.84
C GLU A 113 -10.44 3.02 16.78
N GLY A 114 -10.62 4.20 16.20
CA GLY A 114 -10.88 5.44 16.93
C GLY A 114 -9.62 6.02 17.55
N THR A 115 -8.46 5.40 17.31
CA THR A 115 -7.17 5.89 17.80
C THR A 115 -6.08 5.76 16.72
N ASP A 116 -6.48 5.46 15.48
CA ASP A 116 -5.59 5.40 14.34
C ASP A 116 -6.01 6.47 13.35
N GLU A 117 -5.63 7.73 13.61
CA GLU A 117 -6.08 8.84 12.79
C GLU A 117 -5.51 8.75 11.37
N LEU A 118 -4.48 7.92 11.17
CA LEU A 118 -3.78 7.84 9.90
C LEU A 118 -4.69 7.31 8.80
N LYS A 119 -5.80 6.65 9.17
CA LYS A 119 -6.79 6.20 8.19
C LYS A 119 -8.06 7.05 8.23
N ARG A 120 -8.33 7.74 9.35
CA ARG A 120 -9.54 8.55 9.45
C ARG A 120 -9.34 9.88 8.72
N LYS A 121 -8.08 10.33 8.64
CA LYS A 121 -7.73 11.56 7.93
C LYS A 121 -7.60 11.32 6.43
N GLN A 122 -7.36 10.08 6.02
CA GLN A 122 -7.31 9.71 4.61
C GLN A 122 -8.72 9.62 4.05
N LEU A 123 -9.68 9.22 4.88
CA LEU A 123 -11.07 9.08 4.47
C LEU A 123 -11.76 10.44 4.38
N MET A 124 -11.19 11.47 5.00
CA MET A 124 -11.75 12.80 4.92
C MET A 124 -11.55 13.35 3.51
N GLU A 125 -10.31 13.33 3.02
CA GLU A 125 -9.99 13.86 1.71
C GLU A 125 -10.52 12.94 0.61
N LEU A 126 -10.67 11.64 0.89
CA LEU A 126 -11.25 10.71 -0.07
C LEU A 126 -12.68 11.13 -0.37
N ALA A 127 -13.35 11.69 0.63
CA ALA A 127 -14.74 12.08 0.50
C ALA A 127 -14.88 13.45 -0.15
N ILE A 128 -13.81 14.26 -0.19
CA ILE A 128 -13.84 15.54 -0.88
C ILE A 128 -13.61 15.28 -2.36
N ILE A 129 -12.84 14.22 -2.63
CA ILE A 129 -12.48 13.78 -3.97
C ILE A 129 -13.65 13.06 -4.64
N ASN A 130 -14.41 12.29 -3.86
CA ASN A 130 -15.55 11.55 -4.39
C ASN A 130 -16.85 12.31 -4.23
N GLY A 131 -16.81 13.46 -3.55
CA GLY A 131 -17.98 14.30 -3.36
C GLY A 131 -18.99 13.68 -2.41
N THR A 132 -18.57 12.67 -1.64
CA THR A 132 -19.46 11.96 -0.73
C THR A 132 -19.25 12.39 0.73
N TYR A 133 -18.57 13.52 0.93
CA TYR A 133 -18.29 14.03 2.26
C TYR A 133 -19.57 14.40 2.99
N ARG A 134 -19.47 14.55 4.32
CA ARG A 134 -20.58 14.96 5.16
C ARG A 134 -20.26 16.30 5.80
N PRO A 135 -21.24 17.22 5.87
CA PRO A 135 -21.09 18.52 6.47
C PRO A 135 -21.16 18.43 7.99
N MET A 136 -20.35 17.56 8.60
CA MET A 136 -20.32 17.41 10.05
C MET A 136 -20.03 18.77 10.67
N LYS A 137 -20.84 19.18 11.65
CA LYS A 137 -20.76 20.51 12.23
C LYS A 137 -20.54 20.43 13.75
N SER A 138 -19.98 21.49 14.33
CA SER A 138 -19.73 21.59 15.76
C SER A 138 -20.12 22.98 16.26
N PRO A 139 -20.40 23.14 17.55
CA PRO A 139 -20.76 24.41 18.15
C PRO A 139 -19.54 25.33 18.25
N ASN A 140 -19.78 26.64 18.37
CA ASN A 140 -18.73 27.63 18.47
C ASN A 140 -19.18 28.80 19.35
N PRO A 141 -19.36 28.56 20.66
CA PRO A 141 -19.81 29.57 21.61
C PRO A 141 -18.72 30.60 21.88
N ALA A 142 -19.11 31.74 22.43
CA ALA A 142 -18.19 32.83 22.75
C ALA A 142 -18.66 33.58 24.00
N LEU A 1 26.51 6.82 0.85
CA LEU A 1 26.28 5.64 -0.01
C LEU A 1 27.60 5.12 -0.57
N PRO A 2 27.70 3.80 -0.80
CA PRO A 2 28.88 3.16 -1.34
C PRO A 2 29.04 3.45 -2.83
N GLU A 3 30.16 3.00 -3.40
CA GLU A 3 30.45 3.20 -4.81
C GLU A 3 29.77 2.12 -5.65
N PRO A 4 29.57 2.36 -6.95
CA PRO A 4 28.94 1.41 -7.85
C PRO A 4 29.66 0.06 -7.88
N ALA A 5 28.91 -1.00 -8.22
CA ALA A 5 29.43 -2.36 -8.24
C ALA A 5 29.85 -2.78 -9.65
N GLY A 6 29.28 -2.14 -10.68
CA GLY A 6 29.68 -2.37 -12.06
C GLY A 6 28.52 -2.80 -12.96
N ASP A 7 27.41 -3.25 -12.39
CA ASP A 7 26.25 -3.67 -13.16
C ASP A 7 24.94 -3.38 -12.41
N MET A 8 23.83 -3.41 -13.14
CA MET A 8 22.51 -3.15 -12.59
C MET A 8 21.87 -4.46 -12.14
N ILE A 9 21.37 -4.47 -10.90
CA ILE A 9 20.77 -5.65 -10.29
C ILE A 9 19.27 -5.42 -10.14
N SER A 10 18.50 -6.51 -10.03
CA SER A 10 17.07 -6.41 -9.79
C SER A 10 16.63 -7.51 -8.82
N ILE A 11 15.82 -7.14 -7.83
CA ILE A 11 15.32 -8.10 -6.85
C ILE A 11 14.04 -7.57 -6.20
N THR A 12 13.31 -8.44 -5.48
CA THR A 12 12.08 -8.05 -4.81
C THR A 12 11.92 -8.80 -3.48
N GLU A 13 11.20 -8.19 -2.55
CA GLU A 13 10.87 -8.81 -1.27
C GLU A 13 9.37 -9.09 -1.20
N LYS A 14 9.00 -10.17 -0.53
CA LYS A 14 7.62 -10.61 -0.41
C LYS A 14 7.24 -10.66 1.06
N ILE A 15 6.58 -9.62 1.53
CA ILE A 15 6.25 -9.44 2.94
C ILE A 15 4.74 -9.49 3.12
N TYR A 16 4.26 -10.49 3.86
CA TYR A 16 2.84 -10.65 4.08
C TYR A 16 2.32 -9.65 5.11
N VAL A 17 1.04 -9.31 4.99
CA VAL A 17 0.36 -8.41 5.91
C VAL A 17 0.00 -9.17 7.19
N PRO A 18 0.27 -8.60 8.38
CA PRO A 18 0.01 -9.21 9.66
C PRO A 18 -1.48 -9.18 10.03
N LYS A 19 -2.36 -9.25 9.02
CA LYS A 19 -3.81 -9.22 9.22
C LYS A 19 -4.31 -10.35 10.11
N ASN A 20 -3.45 -11.30 10.47
CA ASN A 20 -3.83 -12.37 11.39
C ASN A 20 -3.91 -11.83 12.83
N GLU A 21 -3.55 -10.57 13.02
CA GLU A 21 -3.64 -9.89 14.32
C GLU A 21 -4.60 -8.71 14.22
N TYR A 22 -4.86 -8.25 13.00
CA TYR A 22 -5.77 -7.15 12.71
C TYR A 22 -6.80 -7.59 11.66
N PRO A 23 -7.60 -8.62 11.96
CA PRO A 23 -8.53 -9.23 11.00
C PRO A 23 -9.69 -8.29 10.63
N ASP A 24 -9.79 -7.14 11.30
CA ASP A 24 -10.83 -6.16 11.04
C ASP A 24 -10.26 -4.91 10.36
N TYR A 25 -8.99 -4.95 9.93
CA TYR A 25 -8.33 -3.80 9.35
C TYR A 25 -8.19 -3.94 7.82
N ASN A 26 -8.13 -2.80 7.13
CA ASN A 26 -8.05 -2.74 5.68
C ASN A 26 -6.73 -2.12 5.23
N PHE A 27 -5.69 -2.95 5.16
CA PHE A 27 -4.36 -2.49 4.82
C PHE A 27 -4.28 -2.00 3.37
N VAL A 28 -5.11 -2.54 2.48
CA VAL A 28 -5.10 -2.12 1.08
C VAL A 28 -5.46 -0.65 0.98
N GLY A 29 -6.34 -0.16 1.86
CA GLY A 29 -6.72 1.24 1.86
C GLY A 29 -5.68 2.10 2.58
N ARG A 30 -4.95 1.50 3.53
CA ARG A 30 -3.96 2.22 4.31
C ARG A 30 -2.64 2.41 3.54
N ILE A 31 -2.31 1.47 2.65
CA ILE A 31 -1.07 1.54 1.89
C ILE A 31 -1.28 2.29 0.57
N LEU A 32 -2.46 2.18 -0.05
CA LEU A 32 -2.70 2.85 -1.32
C LEU A 32 -3.21 4.27 -1.13
N GLY A 33 -4.00 4.50 -0.07
CA GLY A 33 -4.53 5.84 0.22
C GLY A 33 -5.53 6.29 -0.84
N PRO A 34 -5.99 7.55 -0.75
CA PRO A 34 -6.98 8.09 -1.66
C PRO A 34 -6.41 8.22 -3.07
N ARG A 35 -7.18 7.78 -4.06
CA ARG A 35 -6.79 7.76 -5.46
C ARG A 35 -5.40 7.13 -5.69
N GLY A 36 -4.94 6.29 -4.78
CA GLY A 36 -3.65 5.62 -4.91
C GLY A 36 -2.47 6.57 -4.67
N MET A 37 -2.74 7.81 -4.25
CA MET A 37 -1.71 8.82 -4.09
C MET A 37 -0.66 8.43 -3.07
N THR A 38 -1.00 7.59 -2.09
CA THR A 38 -0.03 7.18 -1.07
C THR A 38 0.88 6.08 -1.61
N ALA A 39 0.40 5.30 -2.58
CA ALA A 39 1.20 4.26 -3.21
C ALA A 39 2.23 4.89 -4.16
N LYS A 40 1.83 5.96 -4.86
CA LYS A 40 2.71 6.62 -5.80
C LYS A 40 3.74 7.48 -5.06
N GLN A 41 3.40 7.91 -3.84
CA GLN A 41 4.31 8.69 -3.01
C GLN A 41 5.41 7.80 -2.45
N LEU A 42 5.07 6.53 -2.16
CA LEU A 42 6.03 5.59 -1.63
C LEU A 42 7.07 5.19 -2.69
N GLU A 43 6.63 4.96 -3.94
CA GLU A 43 7.51 4.46 -4.97
C GLU A 43 8.39 5.55 -5.59
N GLN A 44 8.02 6.83 -5.41
CA GLN A 44 8.86 7.91 -5.90
C GLN A 44 9.89 8.32 -4.85
N ASP A 45 9.55 8.14 -3.57
CA ASP A 45 10.45 8.48 -2.47
C ASP A 45 11.54 7.44 -2.28
N THR A 46 11.22 6.16 -2.47
CA THR A 46 12.15 5.07 -2.24
C THR A 46 12.76 4.58 -3.55
N GLY A 47 12.14 4.93 -4.68
CA GLY A 47 12.60 4.47 -5.98
C GLY A 47 12.26 3.00 -6.20
N CYS A 48 11.60 2.35 -5.25
CA CYS A 48 11.19 0.96 -5.34
C CYS A 48 9.72 0.88 -5.76
N LYS A 49 9.33 -0.18 -6.44
CA LYS A 49 7.97 -0.30 -6.95
C LYS A 49 7.09 -1.01 -5.92
N ILE A 50 5.89 -0.46 -5.66
CA ILE A 50 4.97 -1.00 -4.69
C ILE A 50 3.92 -1.87 -5.37
N MET A 51 3.62 -3.01 -4.75
CA MET A 51 2.64 -3.97 -5.24
C MET A 51 1.89 -4.55 -4.04
N VAL A 52 0.58 -4.78 -4.22
CA VAL A 52 -0.29 -5.28 -3.17
C VAL A 52 -1.28 -6.26 -3.78
N ARG A 53 -1.59 -7.35 -3.07
CA ARG A 53 -2.55 -8.34 -3.54
C ARG A 53 -3.04 -9.18 -2.36
N GLY A 54 -4.06 -10.00 -2.60
CA GLY A 54 -4.61 -10.90 -1.60
C GLY A 54 -6.11 -11.08 -1.79
N LYS A 55 -6.79 -11.59 -0.77
CA LYS A 55 -8.24 -11.73 -0.78
C LYS A 55 -8.92 -10.38 -0.98
N GLY A 56 -8.20 -9.28 -0.71
CA GLY A 56 -8.72 -7.94 -0.92
C GLY A 56 -8.72 -7.56 -2.40
N SER A 57 -7.93 -8.26 -3.23
CA SER A 57 -7.90 -8.03 -4.67
C SER A 57 -8.80 -9.02 -5.41
N MET A 58 -9.57 -9.83 -4.69
CA MET A 58 -10.47 -10.81 -5.28
C MET A 58 -11.88 -10.21 -5.43
N ARG A 59 -12.85 -11.08 -5.74
CA ARG A 59 -14.25 -10.74 -5.97
C ARG A 59 -14.45 -9.59 -6.97
N ASP A 60 -13.41 -9.30 -7.76
CA ASP A 60 -13.46 -8.29 -8.80
C ASP A 60 -14.01 -6.95 -8.31
N LYS A 61 -13.68 -6.56 -7.07
CA LYS A 61 -14.13 -5.32 -6.44
C LYS A 61 -15.65 -5.13 -6.50
N SER A 62 -16.39 -6.22 -6.72
CA SER A 62 -17.84 -6.20 -6.89
C SER A 62 -18.33 -5.36 -8.08
N LYS A 63 -17.43 -4.66 -8.78
CA LYS A 63 -17.81 -3.82 -9.92
C LYS A 63 -16.65 -3.57 -10.89
N GLU A 64 -15.45 -4.06 -10.59
CA GLU A 64 -14.27 -3.82 -11.40
C GLU A 64 -14.07 -4.95 -12.41
N SER A 65 -13.37 -4.66 -13.51
CA SER A 65 -13.01 -5.66 -14.51
C SER A 65 -11.70 -5.28 -15.18
N ALA A 66 -10.78 -6.26 -15.29
CA ALA A 66 -9.49 -6.05 -15.91
C ALA A 66 -8.90 -7.37 -16.44
N HIS A 67 -9.66 -8.46 -16.34
CA HIS A 67 -9.18 -9.79 -16.71
C HIS A 67 -10.27 -10.57 -17.45
N ARG A 68 -9.89 -11.71 -18.05
CA ARG A 68 -10.78 -12.53 -18.86
C ARG A 68 -11.25 -13.79 -18.12
N GLY A 69 -11.01 -13.86 -16.81
CA GLY A 69 -11.42 -15.00 -16.00
C GLY A 69 -10.39 -16.13 -16.02
N LYS A 70 -9.25 -15.91 -16.70
CA LYS A 70 -8.19 -16.92 -16.81
C LYS A 70 -6.82 -16.29 -16.66
N ALA A 71 -6.75 -15.14 -15.99
CA ALA A 71 -5.50 -14.42 -15.78
C ALA A 71 -4.69 -15.00 -14.63
N ASN A 72 -3.44 -14.54 -14.50
CA ASN A 72 -2.53 -14.97 -13.46
C ASN A 72 -2.85 -14.31 -12.12
N TRP A 73 -3.97 -13.59 -12.05
CA TRP A 73 -4.29 -12.74 -10.90
C TRP A 73 -5.71 -12.98 -10.39
N GLU A 74 -6.29 -14.12 -10.74
CA GLU A 74 -7.64 -14.47 -10.35
C GLU A 74 -7.64 -15.78 -9.56
N HIS A 75 -8.65 -15.98 -8.70
CA HIS A 75 -8.76 -17.17 -7.86
C HIS A 75 -7.48 -17.44 -7.07
N LEU A 76 -6.79 -16.37 -6.66
CA LEU A 76 -5.53 -16.48 -5.95
C LEU A 76 -5.73 -17.06 -4.54
N GLU A 77 -6.83 -16.67 -3.89
CA GLU A 77 -7.21 -17.11 -2.55
C GLU A 77 -6.10 -16.92 -1.51
N ASP A 78 -5.10 -16.09 -1.79
CA ASP A 78 -4.00 -15.85 -0.86
C ASP A 78 -4.32 -14.67 0.05
N ASP A 79 -3.86 -14.72 1.30
CA ASP A 79 -4.09 -13.63 2.25
C ASP A 79 -3.32 -12.39 1.82
N LEU A 80 -3.71 -11.24 2.38
CA LEU A 80 -3.13 -9.95 2.02
C LEU A 80 -1.61 -10.01 2.14
N HIS A 81 -0.92 -9.55 1.11
CA HIS A 81 0.52 -9.49 1.10
C HIS A 81 1.03 -8.26 0.36
N VAL A 82 2.27 -7.90 0.63
CA VAL A 82 2.91 -6.76 -0.01
C VAL A 82 4.17 -7.22 -0.73
N LEU A 83 4.48 -6.58 -1.86
CA LEU A 83 5.68 -6.88 -2.63
C LEU A 83 6.40 -5.57 -2.91
N VAL A 84 7.74 -5.58 -2.88
CA VAL A 84 8.53 -4.38 -3.10
C VAL A 84 9.72 -4.70 -3.97
N GLN A 85 9.68 -4.21 -5.21
CA GLN A 85 10.72 -4.48 -6.18
C GLN A 85 11.70 -3.31 -6.28
N CYS A 86 12.98 -3.61 -6.49
CA CYS A 86 14.02 -2.59 -6.57
C CYS A 86 15.10 -2.99 -7.55
N GLU A 87 15.73 -1.99 -8.18
CA GLU A 87 16.86 -2.21 -9.06
C GLU A 87 17.92 -1.13 -8.87
N ASP A 88 19.17 -1.58 -8.67
CA ASP A 88 20.34 -0.73 -8.55
C ASP A 88 21.59 -1.60 -8.52
N THR A 89 22.75 -1.04 -8.23
CA THR A 89 23.99 -1.80 -8.12
C THR A 89 23.96 -2.76 -6.95
N GLU A 90 24.90 -3.71 -6.94
CA GLU A 90 24.99 -4.73 -5.90
C GLU A 90 25.23 -4.10 -4.53
N ASN A 91 25.49 -2.79 -4.48
CA ASN A 91 25.82 -2.08 -3.26
C ASN A 91 24.73 -1.08 -2.86
N ARG A 92 23.73 -0.86 -3.72
CA ARG A 92 22.70 0.14 -3.45
C ARG A 92 21.28 -0.39 -3.66
N VAL A 93 21.12 -1.53 -4.33
CA VAL A 93 19.81 -2.13 -4.55
C VAL A 93 19.19 -2.58 -3.23
N HIS A 94 20.03 -2.92 -2.24
CA HIS A 94 19.55 -3.38 -0.95
C HIS A 94 19.18 -2.22 -0.04
N ILE A 95 19.93 -1.11 -0.12
CA ILE A 95 19.69 0.04 0.74
C ILE A 95 18.34 0.67 0.40
N LYS A 96 17.99 0.69 -0.89
CA LYS A 96 16.74 1.26 -1.36
C LYS A 96 15.57 0.36 -0.98
N LEU A 97 15.74 -0.96 -1.11
CA LEU A 97 14.66 -1.90 -0.83
C LEU A 97 14.40 -2.00 0.68
N GLN A 98 15.47 -2.01 1.48
CA GLN A 98 15.33 -2.09 2.93
C GLN A 98 14.65 -0.85 3.48
N ALA A 99 14.89 0.31 2.85
CA ALA A 99 14.24 1.55 3.24
C ALA A 99 12.78 1.53 2.79
N ALA A 100 12.51 0.97 1.62
CA ALA A 100 11.16 0.91 1.09
C ALA A 100 10.27 0.06 2.00
N LEU A 101 10.74 -1.13 2.38
CA LEU A 101 9.96 -2.01 3.24
C LEU A 101 9.83 -1.45 4.65
N GLU A 102 10.70 -0.53 5.04
CA GLU A 102 10.60 0.04 6.37
C GLU A 102 9.35 0.93 6.46
N GLN A 103 8.98 1.57 5.34
CA GLN A 103 7.81 2.44 5.35
C GLN A 103 6.53 1.64 5.22
N VAL A 104 6.55 0.52 4.49
CA VAL A 104 5.33 -0.25 4.33
C VAL A 104 5.01 -0.97 5.63
N LYS A 105 6.04 -1.51 6.30
CA LYS A 105 5.86 -2.25 7.55
C LYS A 105 5.34 -1.33 8.66
N LYS A 106 5.68 -0.04 8.61
CA LYS A 106 5.11 0.94 9.53
C LYS A 106 3.64 1.21 9.19
N LEU A 107 3.19 0.85 7.99
CA LEU A 107 1.77 0.90 7.64
C LEU A 107 1.06 -0.43 7.92
N LEU A 108 1.82 -1.50 8.21
CA LEU A 108 1.23 -2.79 8.58
C LEU A 108 1.03 -2.89 10.09
N ILE A 109 1.29 -1.79 10.80
CA ILE A 109 1.18 -1.73 12.25
C ILE A 109 0.30 -0.54 12.70
N PRO A 110 -0.94 -0.47 12.20
CA PRO A 110 -1.89 0.59 12.50
C PRO A 110 -2.34 0.53 13.96
N ALA A 111 -3.13 1.53 14.37
CA ALA A 111 -3.60 1.67 15.73
C ALA A 111 -5.13 1.68 15.79
N PRO A 112 -5.72 1.52 16.98
CA PRO A 112 -7.15 1.61 17.20
C PRO A 112 -7.76 2.91 16.70
N GLU A 113 -9.09 2.99 16.70
CA GLU A 113 -9.79 4.18 16.26
C GLU A 113 -9.61 5.30 17.27
N GLY A 114 -9.56 6.54 16.78
CA GLY A 114 -9.33 7.73 17.60
C GLY A 114 -7.87 7.87 18.01
N THR A 115 -7.00 6.96 17.55
CA THR A 115 -5.57 7.01 17.85
C THR A 115 -4.74 6.86 16.59
N ASP A 116 -5.38 6.79 15.42
CA ASP A 116 -4.70 6.63 14.14
C ASP A 116 -5.17 7.72 13.17
N GLU A 117 -4.55 8.89 13.26
CA GLU A 117 -4.91 10.00 12.39
C GLU A 117 -4.55 9.73 10.94
N LEU A 118 -3.70 8.73 10.66
CA LEU A 118 -3.29 8.45 9.30
C LEU A 118 -4.45 7.81 8.53
N LYS A 119 -5.27 7.03 9.22
CA LYS A 119 -6.46 6.43 8.64
C LYS A 119 -7.64 7.40 8.65
N ARG A 120 -7.58 8.40 9.55
CA ARG A 120 -8.65 9.36 9.72
C ARG A 120 -8.47 10.59 8.83
N LYS A 121 -7.22 11.00 8.58
CA LYS A 121 -6.94 12.17 7.76
C LYS A 121 -7.00 11.86 6.27
N GLN A 122 -6.84 10.58 5.89
CA GLN A 122 -6.97 10.17 4.51
C GLN A 122 -8.44 10.00 4.13
N LEU A 123 -9.31 9.71 5.11
CA LEU A 123 -10.73 9.58 4.85
C LEU A 123 -11.39 10.96 4.70
N MET A 124 -10.71 12.02 5.12
CA MET A 124 -11.23 13.37 4.96
C MET A 124 -11.14 13.78 3.50
N GLU A 125 -9.94 13.76 2.92
CA GLU A 125 -9.72 14.19 1.55
C GLU A 125 -10.35 13.22 0.55
N LEU A 126 -10.48 11.94 0.93
CA LEU A 126 -11.13 10.96 0.06
C LEU A 126 -12.59 11.36 -0.14
N ALA A 127 -13.20 11.95 0.90
CA ALA A 127 -14.60 12.34 0.86
C ALA A 127 -14.80 13.67 0.12
N ILE A 128 -13.73 14.45 -0.05
CA ILE A 128 -13.80 15.68 -0.83
C ILE A 128 -13.60 15.32 -2.31
N ILE A 129 -12.89 14.22 -2.55
CA ILE A 129 -12.53 13.74 -3.87
C ILE A 129 -13.72 13.06 -4.55
N ASN A 130 -14.57 12.36 -3.78
CA ASN A 130 -15.73 11.68 -4.33
C ASN A 130 -17.03 12.44 -4.02
N GLY A 131 -16.92 13.56 -3.29
CA GLY A 131 -18.05 14.43 -3.01
C GLY A 131 -19.04 13.85 -2.00
N THR A 132 -18.62 12.87 -1.20
CA THR A 132 -19.50 12.23 -0.23
C THR A 132 -19.24 12.71 1.20
N TYR A 133 -18.48 13.80 1.35
CA TYR A 133 -18.15 14.34 2.66
C TYR A 133 -19.41 14.76 3.42
N ARG A 134 -19.27 14.90 4.75
CA ARG A 134 -20.38 15.30 5.60
C ARG A 134 -20.01 16.58 6.36
N PRO A 135 -20.94 17.53 6.47
CA PRO A 135 -20.77 18.76 7.22
C PRO A 135 -20.96 18.54 8.73
N MET A 136 -21.24 17.30 9.12
CA MET A 136 -21.50 16.90 10.50
C MET A 136 -22.52 17.82 11.19
N LYS A 137 -23.57 18.21 10.46
CA LYS A 137 -24.60 19.12 10.96
C LYS A 137 -25.65 18.37 11.79
N SER A 138 -25.36 17.13 12.17
CA SER A 138 -26.24 16.31 12.98
C SER A 138 -26.45 16.93 14.36
N PRO A 139 -27.58 16.63 15.01
CA PRO A 139 -27.91 17.12 16.34
C PRO A 139 -27.03 16.44 17.40
N ASN A 140 -27.02 17.00 18.62
CA ASN A 140 -26.25 16.46 19.72
C ASN A 140 -26.96 16.78 21.04
N PRO A 141 -27.82 15.86 21.52
CA PRO A 141 -28.56 16.03 22.76
C PRO A 141 -27.68 15.81 23.99
N ALA A 142 -26.42 15.41 23.79
CA ALA A 142 -25.46 15.14 24.86
C ALA A 142 -26.07 14.27 25.95
N LEU A 1 25.10 7.20 -0.30
CA LEU A 1 25.09 7.04 -1.77
C LEU A 1 26.47 6.62 -2.28
N PRO A 2 26.72 5.31 -2.38
CA PRO A 2 27.98 4.77 -2.85
C PRO A 2 28.13 4.91 -4.36
N GLU A 3 29.33 4.62 -4.86
CA GLU A 3 29.61 4.63 -6.29
C GLU A 3 29.01 3.38 -6.92
N PRO A 4 28.66 3.43 -8.21
CA PRO A 4 28.03 2.31 -8.89
C PRO A 4 28.99 1.12 -9.02
N ALA A 5 28.42 -0.08 -9.10
CA ALA A 5 29.16 -1.31 -9.24
C ALA A 5 29.29 -1.68 -10.73
N GLY A 6 29.49 -2.97 -11.00
CA GLY A 6 29.80 -3.45 -12.34
C GLY A 6 28.56 -3.74 -13.20
N ASP A 7 27.43 -4.04 -12.57
CA ASP A 7 26.20 -4.41 -13.29
C ASP A 7 24.95 -3.94 -12.56
N MET A 8 23.83 -3.87 -13.28
CA MET A 8 22.53 -3.51 -12.71
C MET A 8 21.85 -4.77 -12.19
N ILE A 9 21.34 -4.71 -10.96
CA ILE A 9 20.72 -5.85 -10.29
C ILE A 9 19.24 -5.61 -10.10
N SER A 10 18.48 -6.70 -9.92
CA SER A 10 17.05 -6.60 -9.66
C SER A 10 16.64 -7.65 -8.62
N ILE A 11 15.79 -7.26 -7.67
CA ILE A 11 15.31 -8.15 -6.62
C ILE A 11 13.98 -7.65 -6.06
N THR A 12 13.29 -8.50 -5.30
CA THR A 12 12.02 -8.12 -4.67
C THR A 12 11.88 -8.80 -3.31
N GLU A 13 11.08 -8.21 -2.43
CA GLU A 13 10.83 -8.76 -1.09
C GLU A 13 9.34 -9.04 -0.91
N LYS A 14 9.06 -10.13 -0.18
CA LYS A 14 7.71 -10.54 0.17
C LYS A 14 7.46 -10.19 1.63
N ILE A 15 6.40 -9.42 1.88
CA ILE A 15 6.05 -9.01 3.23
C ILE A 15 4.55 -9.16 3.41
N TYR A 16 4.12 -10.32 3.93
CA TYR A 16 2.72 -10.57 4.19
C TYR A 16 2.19 -9.62 5.27
N VAL A 17 0.91 -9.26 5.15
CA VAL A 17 0.26 -8.35 6.08
C VAL A 17 -0.14 -9.10 7.35
N PRO A 18 0.23 -8.61 8.55
CA PRO A 18 -0.14 -9.19 9.83
C PRO A 18 -1.63 -9.05 10.16
N LYS A 19 -2.51 -9.05 9.16
CA LYS A 19 -3.94 -8.82 9.37
C LYS A 19 -4.60 -9.93 10.18
N ASN A 20 -3.85 -10.97 10.54
CA ASN A 20 -4.37 -12.02 11.42
C ASN A 20 -4.48 -11.49 12.85
N GLU A 21 -3.94 -10.29 13.09
CA GLU A 21 -4.02 -9.61 14.38
C GLU A 21 -4.96 -8.42 14.27
N TYR A 22 -5.14 -7.93 13.04
CA TYR A 22 -5.99 -6.79 12.73
C TYR A 22 -7.01 -7.17 11.64
N PRO A 23 -7.86 -8.18 11.86
CA PRO A 23 -8.82 -8.66 10.88
C PRO A 23 -9.91 -7.63 10.61
N ASP A 24 -9.93 -6.54 11.41
CA ASP A 24 -10.88 -5.46 11.29
C ASP A 24 -10.30 -4.26 10.53
N TYR A 25 -9.07 -4.40 10.03
CA TYR A 25 -8.38 -3.29 9.38
C TYR A 25 -8.29 -3.46 7.87
N ASN A 26 -8.18 -2.33 7.15
CA ASN A 26 -8.10 -2.28 5.70
C ASN A 26 -6.74 -1.75 5.27
N PHE A 27 -5.77 -2.65 5.12
CA PHE A 27 -4.40 -2.26 4.78
C PHE A 27 -4.28 -1.79 3.34
N VAL A 28 -5.07 -2.37 2.42
CA VAL A 28 -4.98 -1.98 1.03
C VAL A 28 -5.37 -0.52 0.87
N GLY A 29 -6.30 -0.06 1.72
CA GLY A 29 -6.73 1.33 1.68
C GLY A 29 -5.77 2.24 2.45
N ARG A 30 -4.98 1.68 3.36
CA ARG A 30 -4.03 2.46 4.14
C ARG A 30 -2.72 2.67 3.38
N ILE A 31 -2.25 1.64 2.67
CA ILE A 31 -0.99 1.72 1.95
C ILE A 31 -1.16 2.47 0.62
N LEU A 32 -2.32 2.33 -0.03
CA LEU A 32 -2.57 3.03 -1.28
C LEU A 32 -3.13 4.42 -1.05
N GLY A 33 -3.90 4.60 0.02
CA GLY A 33 -4.50 5.88 0.36
C GLY A 33 -5.52 6.31 -0.69
N PRO A 34 -6.03 7.54 -0.59
CA PRO A 34 -7.02 8.07 -1.51
C PRO A 34 -6.39 8.24 -2.90
N ARG A 35 -7.11 7.79 -3.94
CA ARG A 35 -6.70 7.92 -5.33
C ARG A 35 -5.27 7.43 -5.59
N GLY A 36 -4.75 6.54 -4.75
CA GLY A 36 -3.41 5.98 -4.92
C GLY A 36 -2.30 6.96 -4.51
N MET A 37 -2.68 8.11 -3.94
CA MET A 37 -1.74 9.16 -3.59
C MET A 37 -0.62 8.67 -2.67
N THR A 38 -0.93 7.76 -1.75
CA THR A 38 0.06 7.30 -0.78
C THR A 38 0.99 6.26 -1.40
N ALA A 39 0.52 5.53 -2.42
CA ALA A 39 1.33 4.54 -3.10
C ALA A 39 2.31 5.21 -4.03
N LYS A 40 1.91 6.31 -4.68
CA LYS A 40 2.76 7.04 -5.61
C LYS A 40 3.83 7.81 -4.84
N GLN A 41 3.54 8.20 -3.59
CA GLN A 41 4.49 8.94 -2.78
C GLN A 41 5.58 8.01 -2.26
N LEU A 42 5.24 6.75 -1.97
CA LEU A 42 6.20 5.78 -1.47
C LEU A 42 7.15 5.31 -2.58
N GLU A 43 6.64 5.09 -3.79
CA GLU A 43 7.47 4.57 -4.88
C GLU A 43 8.38 5.63 -5.48
N GLN A 44 8.07 6.93 -5.28
CA GLN A 44 8.93 7.98 -5.77
C GLN A 44 9.95 8.42 -4.73
N ASP A 45 9.66 8.15 -3.44
CA ASP A 45 10.57 8.47 -2.35
C ASP A 45 11.67 7.42 -2.22
N THR A 46 11.33 6.15 -2.48
CA THR A 46 12.27 5.06 -2.32
C THR A 46 12.81 4.58 -3.67
N GLY A 47 12.12 4.95 -4.75
CA GLY A 47 12.49 4.51 -6.10
C GLY A 47 12.15 3.04 -6.33
N CYS A 48 11.50 2.39 -5.35
CA CYS A 48 11.11 0.99 -5.43
C CYS A 48 9.64 0.89 -5.83
N LYS A 49 9.25 -0.23 -6.44
CA LYS A 49 7.86 -0.41 -6.88
C LYS A 49 7.04 -1.03 -5.76
N ILE A 50 5.85 -0.48 -5.55
CA ILE A 50 4.94 -0.94 -4.52
C ILE A 50 3.85 -1.81 -5.15
N MET A 51 3.52 -2.90 -4.48
CA MET A 51 2.49 -3.84 -4.91
C MET A 51 1.74 -4.36 -3.69
N VAL A 52 0.41 -4.40 -3.80
CA VAL A 52 -0.45 -4.81 -2.71
C VAL A 52 -1.64 -5.57 -3.25
N ARG A 53 -1.89 -6.78 -2.75
CA ARG A 53 -3.06 -7.56 -3.16
C ARG A 53 -3.31 -8.74 -2.22
N GLY A 54 -4.50 -9.31 -2.37
CA GLY A 54 -4.99 -10.44 -1.59
C GLY A 54 -6.50 -10.51 -1.72
N LYS A 55 -7.16 -11.25 -0.84
CA LYS A 55 -8.62 -11.33 -0.84
C LYS A 55 -9.19 -9.96 -0.50
N GLY A 56 -10.29 -9.60 -1.17
CA GLY A 56 -10.96 -8.31 -0.96
C GLY A 56 -10.23 -7.13 -1.60
N SER A 57 -9.14 -7.37 -2.34
CA SER A 57 -8.42 -6.30 -3.02
C SER A 57 -9.12 -5.86 -4.31
N MET A 58 -10.29 -6.44 -4.61
CA MET A 58 -11.07 -6.06 -5.77
C MET A 58 -12.56 -5.99 -5.40
N ARG A 59 -13.33 -5.22 -6.19
CA ARG A 59 -14.76 -5.02 -5.97
C ARG A 59 -15.52 -4.92 -7.29
N ASP A 60 -14.81 -5.08 -8.41
CA ASP A 60 -15.38 -4.93 -9.75
C ASP A 60 -15.32 -6.24 -10.56
N LYS A 61 -14.90 -7.34 -9.93
CA LYS A 61 -14.77 -8.63 -10.61
C LYS A 61 -16.00 -9.50 -10.40
N SER A 62 -17.13 -8.88 -10.01
CA SER A 62 -18.40 -9.55 -9.79
C SER A 62 -19.10 -9.89 -11.10
N LYS A 63 -18.36 -10.51 -12.03
CA LYS A 63 -18.86 -10.90 -13.35
C LYS A 63 -19.41 -9.72 -14.13
N GLU A 64 -18.86 -8.52 -13.86
CA GLU A 64 -19.26 -7.30 -14.51
C GLU A 64 -18.89 -7.31 -15.99
N SER A 65 -19.64 -6.56 -16.81
CA SER A 65 -19.43 -6.48 -18.25
C SER A 65 -18.17 -5.67 -18.57
N ALA A 66 -17.87 -5.56 -19.87
CA ALA A 66 -16.71 -4.84 -20.38
C ALA A 66 -15.38 -5.36 -19.83
N HIS A 67 -15.36 -6.58 -19.32
CA HIS A 67 -14.15 -7.23 -18.81
C HIS A 67 -14.13 -8.69 -19.22
N ARG A 68 -12.94 -9.22 -19.53
CA ARG A 68 -12.75 -10.60 -19.94
C ARG A 68 -11.30 -11.04 -19.70
N GLY A 69 -11.07 -12.35 -19.79
CA GLY A 69 -9.74 -12.93 -19.64
C GLY A 69 -9.27 -12.96 -18.19
N LYS A 70 -8.07 -13.49 -17.96
CA LYS A 70 -7.47 -13.60 -16.63
C LYS A 70 -6.71 -12.32 -16.26
N ALA A 71 -6.32 -11.53 -17.25
CA ALA A 71 -5.49 -10.35 -17.06
C ALA A 71 -4.28 -10.68 -16.18
N ASN A 72 -3.81 -9.71 -15.38
CA ASN A 72 -2.61 -9.88 -14.57
C ASN A 72 -2.92 -10.35 -13.13
N TRP A 73 -4.13 -10.86 -12.89
CA TRP A 73 -4.53 -11.31 -11.56
C TRP A 73 -4.31 -12.81 -11.42
N GLU A 74 -3.72 -13.22 -10.30
CA GLU A 74 -3.54 -14.62 -9.96
C GLU A 74 -3.50 -14.76 -8.43
N HIS A 75 -4.11 -15.83 -7.91
CA HIS A 75 -4.21 -16.08 -6.48
C HIS A 75 -4.80 -14.88 -5.72
N LEU A 76 -5.68 -14.11 -6.35
CA LEU A 76 -6.32 -12.96 -5.72
C LEU A 76 -7.22 -13.38 -4.55
N GLU A 77 -7.38 -14.69 -4.32
CA GLU A 77 -8.20 -15.20 -3.22
C GLU A 77 -7.32 -15.58 -2.01
N ASP A 78 -6.01 -15.35 -2.11
CA ASP A 78 -5.07 -15.66 -1.04
C ASP A 78 -5.06 -14.52 -0.01
N ASP A 79 -4.23 -14.64 1.03
CA ASP A 79 -4.17 -13.67 2.12
C ASP A 79 -3.50 -12.37 1.65
N LEU A 80 -3.78 -11.28 2.37
CA LEU A 80 -3.21 -9.97 2.09
C LEU A 80 -1.70 -10.04 2.20
N HIS A 81 -0.98 -9.57 1.17
CA HIS A 81 0.47 -9.49 1.24
C HIS A 81 0.97 -8.27 0.46
N VAL A 82 2.18 -7.82 0.83
CA VAL A 82 2.83 -6.70 0.17
C VAL A 82 4.09 -7.18 -0.54
N LEU A 83 4.44 -6.53 -1.64
CA LEU A 83 5.65 -6.85 -2.38
C LEU A 83 6.38 -5.55 -2.70
N VAL A 84 7.72 -5.57 -2.69
CA VAL A 84 8.51 -4.39 -2.97
C VAL A 84 9.68 -4.77 -3.86
N GLN A 85 9.67 -4.26 -5.09
CA GLN A 85 10.71 -4.55 -6.06
C GLN A 85 11.68 -3.38 -6.19
N CYS A 86 12.96 -3.68 -6.39
CA CYS A 86 14.00 -2.67 -6.49
C CYS A 86 15.07 -3.11 -7.48
N GLU A 87 15.71 -2.14 -8.14
CA GLU A 87 16.81 -2.40 -9.05
C GLU A 87 17.88 -1.32 -8.96
N ASP A 88 19.12 -1.76 -8.73
CA ASP A 88 20.30 -0.90 -8.67
C ASP A 88 21.55 -1.78 -8.68
N THR A 89 22.73 -1.18 -8.47
CA THR A 89 23.99 -1.92 -8.42
C THR A 89 24.06 -2.81 -7.19
N GLU A 90 24.99 -3.76 -7.21
CA GLU A 90 25.16 -4.77 -6.18
C GLU A 90 25.44 -4.16 -4.81
N ASN A 91 25.67 -2.85 -4.75
CA ASN A 91 26.01 -2.17 -3.51
C ASN A 91 25.02 -1.06 -3.16
N ARG A 92 23.95 -0.89 -3.97
CA ARG A 92 22.97 0.16 -3.74
C ARG A 92 21.55 -0.36 -3.85
N VAL A 93 21.35 -1.52 -4.47
CA VAL A 93 20.03 -2.13 -4.62
C VAL A 93 19.49 -2.55 -3.26
N HIS A 94 20.37 -2.81 -2.29
CA HIS A 94 19.97 -3.25 -0.96
C HIS A 94 19.54 -2.06 -0.10
N ILE A 95 20.19 -0.90 -0.26
CA ILE A 95 19.91 0.25 0.56
C ILE A 95 18.51 0.80 0.25
N LYS A 96 18.14 0.83 -1.03
CA LYS A 96 16.82 1.31 -1.44
C LYS A 96 15.75 0.29 -1.13
N LEU A 97 16.10 -1.01 -1.17
CA LEU A 97 15.18 -2.08 -0.87
C LEU A 97 14.81 -2.08 0.61
N GLN A 98 15.82 -1.98 1.47
CA GLN A 98 15.63 -2.01 2.91
C GLN A 98 14.88 -0.78 3.40
N ALA A 99 15.10 0.37 2.76
CA ALA A 99 14.42 1.60 3.12
C ALA A 99 12.95 1.54 2.70
N ALA A 100 12.67 0.93 1.55
CA ALA A 100 11.32 0.83 1.05
C ALA A 100 10.48 -0.09 1.92
N LEU A 101 11.01 -1.28 2.22
CA LEU A 101 10.28 -2.25 3.04
C LEU A 101 10.20 -1.79 4.49
N GLU A 102 10.96 -0.76 4.87
CA GLU A 102 10.88 -0.19 6.20
C GLU A 102 9.62 0.67 6.32
N GLN A 103 9.24 1.37 5.24
CA GLN A 103 8.05 2.20 5.30
C GLN A 103 6.79 1.35 5.24
N VAL A 104 6.84 0.22 4.53
CA VAL A 104 5.62 -0.56 4.37
C VAL A 104 5.27 -1.22 5.70
N LYS A 105 6.25 -1.81 6.39
CA LYS A 105 6.01 -2.49 7.65
C LYS A 105 5.49 -1.52 8.72
N LYS A 106 5.83 -0.23 8.63
CA LYS A 106 5.28 0.77 9.53
C LYS A 106 3.82 1.08 9.18
N LEU A 107 3.38 0.71 7.98
CA LEU A 107 1.98 0.82 7.59
C LEU A 107 1.20 -0.47 7.86
N LEU A 108 1.89 -1.59 8.16
CA LEU A 108 1.24 -2.84 8.50
C LEU A 108 1.07 -3.00 10.01
N ILE A 109 1.34 -1.93 10.76
CA ILE A 109 1.26 -1.91 12.21
C ILE A 109 0.42 -0.72 12.72
N PRO A 110 -0.80 -0.55 12.20
CA PRO A 110 -1.70 0.52 12.55
C PRO A 110 -2.21 0.37 13.99
N ALA A 111 -2.91 1.40 14.47
CA ALA A 111 -3.46 1.44 15.82
C ALA A 111 -4.96 1.11 15.81
N PRO A 112 -5.54 0.82 16.98
CA PRO A 112 -6.97 0.57 17.13
C PRO A 112 -7.82 1.73 16.60
N GLU A 113 -9.12 1.46 16.41
CA GLU A 113 -10.04 2.45 15.88
C GLU A 113 -10.14 3.66 16.81
N GLY A 114 -10.34 4.85 16.22
CA GLY A 114 -10.45 6.10 16.95
C GLY A 114 -9.09 6.59 17.48
N THR A 115 -8.00 5.90 17.16
CA THR A 115 -6.66 6.29 17.61
C THR A 115 -5.68 6.38 16.45
N ASP A 116 -6.13 6.06 15.23
CA ASP A 116 -5.31 6.06 14.03
C ASP A 116 -5.79 7.16 13.09
N GLU A 117 -5.39 8.40 13.38
CA GLU A 117 -5.73 9.56 12.57
C GLU A 117 -5.15 9.44 11.16
N LEU A 118 -4.24 8.49 10.93
CA LEU A 118 -3.54 8.37 9.67
C LEU A 118 -4.45 7.78 8.60
N LYS A 119 -5.30 6.81 8.98
CA LYS A 119 -6.31 6.31 8.05
C LYS A 119 -7.57 7.16 8.08
N ARG A 120 -7.78 7.89 9.18
CA ARG A 120 -8.95 8.74 9.33
C ARG A 120 -8.79 10.04 8.54
N LYS A 121 -7.56 10.52 8.37
CA LYS A 121 -7.29 11.68 7.53
C LYS A 121 -7.30 11.29 6.05
N GLN A 122 -7.03 10.02 5.74
CA GLN A 122 -7.12 9.53 4.37
C GLN A 122 -8.58 9.41 3.96
N LEU A 123 -9.45 9.02 4.89
CA LEU A 123 -10.87 8.86 4.62
C LEU A 123 -11.59 10.19 4.56
N MET A 124 -11.05 11.22 5.24
CA MET A 124 -11.66 12.53 5.15
C MET A 124 -11.40 13.10 3.76
N GLU A 125 -10.15 13.01 3.29
CA GLU A 125 -9.75 13.55 2.00
C GLU A 125 -10.41 12.77 0.86
N LEU A 126 -10.59 11.45 1.04
CA LEU A 126 -11.25 10.63 0.05
C LEU A 126 -12.69 11.11 -0.13
N ALA A 127 -13.28 11.62 0.94
CA ALA A 127 -14.67 12.06 0.93
C ALA A 127 -14.81 13.49 0.39
N ILE A 128 -13.71 14.25 0.32
CA ILE A 128 -13.76 15.59 -0.28
C ILE A 128 -13.59 15.43 -1.79
N ILE A 129 -12.83 14.40 -2.18
CA ILE A 129 -12.51 14.10 -3.56
C ILE A 129 -13.73 13.54 -4.31
N ASN A 130 -14.56 12.75 -3.64
CA ASN A 130 -15.76 12.19 -4.26
C ASN A 130 -17.00 13.00 -3.89
N GLY A 131 -16.83 14.02 -3.03
CA GLY A 131 -17.92 14.92 -2.66
C GLY A 131 -18.95 14.28 -1.74
N THR A 132 -18.60 13.18 -1.07
CA THR A 132 -19.54 12.46 -0.20
C THR A 132 -19.30 12.74 1.27
N TYR A 133 -18.42 13.69 1.60
CA TYR A 133 -18.08 13.95 2.99
C TYR A 133 -19.29 14.41 3.80
N ARG A 134 -19.23 14.23 5.12
CA ARG A 134 -20.29 14.63 6.02
C ARG A 134 -19.71 15.28 7.27
N PRO A 135 -20.37 16.34 7.77
CA PRO A 135 -19.94 17.08 8.95
C PRO A 135 -20.30 16.37 10.26
N MET A 136 -20.88 15.18 10.16
CA MET A 136 -21.33 14.39 11.31
C MET A 136 -22.23 15.19 12.25
N LYS A 137 -22.95 16.18 11.71
CA LYS A 137 -23.85 17.03 12.48
C LYS A 137 -25.08 16.23 12.92
N SER A 138 -25.66 16.60 14.07
CA SER A 138 -26.83 15.93 14.61
C SER A 138 -28.11 16.44 13.93
N PRO A 139 -29.14 15.58 13.83
CA PRO A 139 -30.42 15.90 13.24
C PRO A 139 -31.25 16.78 14.18
N ASN A 140 -32.39 17.29 13.69
CA ASN A 140 -33.29 18.12 14.47
C ASN A 140 -34.75 17.81 14.10
N PRO A 141 -35.22 16.60 14.42
CA PRO A 141 -36.58 16.16 14.12
C PRO A 141 -37.60 16.87 15.01
N ALA A 142 -38.88 16.81 14.60
CA ALA A 142 -39.98 17.43 15.32
C ALA A 142 -41.25 16.61 15.16
N LEU A 1 26.38 6.18 0.43
CA LEU A 1 26.33 6.01 -1.03
C LEU A 1 27.59 5.33 -1.54
N PRO A 2 27.55 4.00 -1.73
CA PRO A 2 28.67 3.21 -2.20
C PRO A 2 28.92 3.45 -3.69
N GLU A 3 30.05 2.94 -4.18
CA GLU A 3 30.43 3.07 -5.59
C GLU A 3 29.79 1.93 -6.37
N PRO A 4 29.61 2.10 -7.70
CA PRO A 4 28.97 1.10 -8.54
C PRO A 4 29.66 -0.27 -8.46
N ALA A 5 28.86 -1.34 -8.61
CA ALA A 5 29.37 -2.70 -8.55
C ALA A 5 29.78 -3.20 -9.94
N GLY A 6 29.19 -2.62 -11.00
CA GLY A 6 29.57 -2.92 -12.37
C GLY A 6 28.39 -3.30 -13.26
N ASP A 7 27.27 -3.70 -12.66
CA ASP A 7 26.08 -4.08 -13.41
C ASP A 7 24.80 -3.65 -12.68
N MET A 8 23.71 -3.50 -13.43
CA MET A 8 22.41 -3.15 -12.87
C MET A 8 21.67 -4.43 -12.49
N ILE A 9 21.13 -4.46 -11.27
CA ILE A 9 20.46 -5.63 -10.72
C ILE A 9 18.99 -5.32 -10.48
N SER A 10 18.18 -6.37 -10.33
CA SER A 10 16.77 -6.22 -10.02
C SER A 10 16.36 -7.28 -9.01
N ILE A 11 15.61 -6.88 -7.97
CA ILE A 11 15.18 -7.79 -6.92
C ILE A 11 13.90 -7.27 -6.26
N THR A 12 13.24 -8.13 -5.48
CA THR A 12 12.02 -7.74 -4.77
C THR A 12 11.92 -8.51 -3.45
N GLU A 13 11.15 -7.96 -2.51
CA GLU A 13 10.93 -8.59 -1.21
C GLU A 13 9.44 -8.86 -0.98
N LYS A 14 9.16 -9.99 -0.32
CA LYS A 14 7.82 -10.47 -0.04
C LYS A 14 7.50 -10.20 1.43
N ILE A 15 6.67 -9.18 1.68
CA ILE A 15 6.36 -8.72 3.02
C ILE A 15 4.86 -8.89 3.27
N TYR A 16 4.50 -9.96 3.98
CA TYR A 16 3.11 -10.27 4.27
C TYR A 16 2.53 -9.31 5.29
N VAL A 17 1.20 -9.08 5.21
CA VAL A 17 0.49 -8.23 6.14
C VAL A 17 0.14 -9.02 7.40
N PRO A 18 0.46 -8.51 8.61
CA PRO A 18 0.07 -9.11 9.88
C PRO A 18 -1.42 -8.96 10.18
N LYS A 19 -2.30 -9.08 9.18
CA LYS A 19 -3.73 -8.90 9.36
C LYS A 19 -4.32 -9.90 10.36
N ASN A 20 -3.51 -10.89 10.76
CA ASN A 20 -3.91 -11.88 11.75
C ASN A 20 -4.10 -11.22 13.11
N GLU A 21 -3.57 -10.00 13.26
CA GLU A 21 -3.66 -9.23 14.50
C GLU A 21 -4.67 -8.09 14.32
N TYR A 22 -4.93 -7.73 13.08
CA TYR A 22 -5.86 -6.67 12.71
C TYR A 22 -6.92 -7.19 11.73
N PRO A 23 -7.72 -8.19 12.12
CA PRO A 23 -8.67 -8.85 11.24
C PRO A 23 -9.83 -7.92 10.83
N ASP A 24 -9.90 -6.72 11.41
CA ASP A 24 -10.94 -5.75 11.09
C ASP A 24 -10.35 -4.50 10.41
N TYR A 25 -9.09 -4.57 9.97
CA TYR A 25 -8.41 -3.44 9.37
C TYR A 25 -8.30 -3.59 7.86
N ASN A 26 -8.21 -2.45 7.15
CA ASN A 26 -8.14 -2.39 5.70
C ASN A 26 -6.79 -1.83 5.26
N PHE A 27 -5.81 -2.72 5.04
CA PHE A 27 -4.46 -2.31 4.70
C PHE A 27 -4.35 -1.84 3.25
N VAL A 28 -5.15 -2.42 2.35
CA VAL A 28 -5.11 -2.05 0.94
C VAL A 28 -5.46 -0.57 0.82
N GLY A 29 -6.36 -0.09 1.68
CA GLY A 29 -6.75 1.30 1.67
C GLY A 29 -5.74 2.19 2.40
N ARG A 30 -5.05 1.66 3.41
CA ARG A 30 -4.08 2.44 4.18
C ARG A 30 -2.79 2.65 3.40
N ILE A 31 -2.36 1.65 2.62
CA ILE A 31 -1.11 1.72 1.87
C ILE A 31 -1.32 2.48 0.56
N LEU A 32 -2.50 2.39 -0.06
CA LEU A 32 -2.74 3.07 -1.33
C LEU A 32 -3.30 4.47 -1.10
N GLY A 33 -4.12 4.65 -0.07
CA GLY A 33 -4.72 5.94 0.24
C GLY A 33 -5.69 6.39 -0.86
N PRO A 34 -6.17 7.64 -0.79
CA PRO A 34 -7.10 8.19 -1.75
C PRO A 34 -6.43 8.33 -3.12
N ARG A 35 -7.11 7.85 -4.17
CA ARG A 35 -6.64 7.88 -5.55
C ARG A 35 -5.20 7.40 -5.71
N GLY A 36 -4.72 6.52 -4.82
CA GLY A 36 -3.38 5.97 -4.92
C GLY A 36 -2.30 6.94 -4.46
N MET A 37 -2.70 8.08 -3.87
CA MET A 37 -1.75 9.12 -3.47
C MET A 37 -0.72 8.61 -2.47
N THR A 38 -1.08 7.69 -1.58
CA THR A 38 -0.15 7.20 -0.58
C THR A 38 0.80 6.16 -1.18
N ALA A 39 0.36 5.46 -2.24
CA ALA A 39 1.20 4.49 -2.91
C ALA A 39 2.27 5.19 -3.73
N LYS A 40 1.91 6.30 -4.38
CA LYS A 40 2.83 7.05 -5.20
C LYS A 40 3.83 7.82 -4.35
N GLN A 41 3.46 8.14 -3.10
CA GLN A 41 4.36 8.84 -2.19
C GLN A 41 5.43 7.89 -1.67
N LEU A 42 5.07 6.61 -1.47
CA LEU A 42 6.01 5.61 -0.99
C LEU A 42 7.06 5.27 -2.05
N GLU A 43 6.63 5.10 -3.30
CA GLU A 43 7.53 4.66 -4.35
C GLU A 43 8.41 5.77 -4.91
N GLN A 44 8.04 7.04 -4.69
CA GLN A 44 8.89 8.15 -5.12
C GLN A 44 9.93 8.48 -4.06
N ASP A 45 9.60 8.21 -2.79
CA ASP A 45 10.50 8.50 -1.68
C ASP A 45 11.59 7.44 -1.56
N THR A 46 11.23 6.17 -1.81
CA THR A 46 12.16 5.05 -1.66
C THR A 46 12.76 4.65 -3.00
N GLY A 47 12.14 5.07 -4.10
CA GLY A 47 12.58 4.70 -5.43
C GLY A 47 12.20 3.26 -5.77
N CYS A 48 11.57 2.55 -4.83
CA CYS A 48 11.13 1.17 -5.03
C CYS A 48 9.63 1.15 -5.30
N LYS A 49 9.16 0.27 -6.19
CA LYS A 49 7.75 0.28 -6.56
C LYS A 49 6.93 -0.62 -5.64
N ILE A 50 5.73 -0.14 -5.30
CA ILE A 50 4.84 -0.83 -4.37
C ILE A 50 3.79 -1.63 -5.12
N MET A 51 3.47 -2.82 -4.58
CA MET A 51 2.45 -3.71 -5.12
C MET A 51 1.73 -4.39 -3.96
N VAL A 52 0.41 -4.55 -4.08
CA VAL A 52 -0.43 -5.06 -3.00
C VAL A 52 -1.58 -5.89 -3.55
N ARG A 53 -1.86 -7.04 -2.93
CA ARG A 53 -3.05 -7.84 -3.22
C ARG A 53 -3.26 -8.93 -2.17
N GLY A 54 -4.42 -9.57 -2.23
CA GLY A 54 -4.78 -10.68 -1.34
C GLY A 54 -6.28 -10.95 -1.41
N LYS A 55 -6.75 -11.92 -0.62
CA LYS A 55 -8.18 -12.23 -0.56
C LYS A 55 -8.96 -10.99 -0.10
N GLY A 56 -10.06 -10.70 -0.80
CA GLY A 56 -10.92 -9.58 -0.45
C GLY A 56 -10.30 -8.21 -0.73
N SER A 57 -9.19 -8.15 -1.48
CA SER A 57 -8.55 -6.87 -1.77
C SER A 57 -9.40 -6.03 -2.73
N MET A 58 -10.41 -6.65 -3.37
CA MET A 58 -11.27 -5.97 -4.33
C MET A 58 -12.74 -6.15 -3.98
N ARG A 59 -13.60 -5.36 -4.63
CA ARG A 59 -15.03 -5.32 -4.35
C ARG A 59 -15.86 -5.01 -5.59
N ASP A 60 -15.30 -5.19 -6.79
CA ASP A 60 -16.00 -4.89 -8.02
C ASP A 60 -16.02 -6.10 -8.96
N LYS A 61 -17.22 -6.49 -9.37
CA LYS A 61 -17.48 -7.54 -10.35
C LYS A 61 -18.65 -7.14 -11.26
N SER A 62 -19.04 -5.86 -11.21
CA SER A 62 -20.16 -5.35 -12.00
C SER A 62 -19.72 -4.94 -13.41
N LYS A 63 -18.41 -4.85 -13.64
CA LYS A 63 -17.84 -4.50 -14.93
C LYS A 63 -16.52 -5.24 -15.16
N GLU A 64 -16.30 -6.32 -14.40
CA GLU A 64 -15.09 -7.12 -14.45
C GLU A 64 -15.45 -8.59 -14.59
N SER A 65 -14.65 -9.34 -15.37
CA SER A 65 -14.90 -10.75 -15.65
C SER A 65 -13.63 -11.58 -15.61
N ALA A 66 -12.58 -11.07 -14.96
CA ALA A 66 -11.28 -11.73 -14.88
C ALA A 66 -10.76 -12.10 -16.28
N HIS A 67 -9.87 -13.10 -16.37
CA HIS A 67 -9.31 -13.56 -17.63
C HIS A 67 -9.63 -15.03 -17.86
N ARG A 68 -9.51 -15.48 -19.11
CA ARG A 68 -9.84 -16.83 -19.53
C ARG A 68 -8.61 -17.74 -19.63
N GLY A 69 -7.47 -17.31 -19.08
CA GLY A 69 -6.23 -18.05 -19.13
C GLY A 69 -5.29 -17.64 -18.01
N LYS A 70 -4.02 -18.07 -18.09
CA LYS A 70 -3.01 -17.77 -17.10
C LYS A 70 -2.80 -16.26 -16.99
N ALA A 71 -2.55 -15.79 -15.77
CA ALA A 71 -2.35 -14.36 -15.51
C ALA A 71 -1.30 -14.15 -14.41
N ASN A 72 -0.91 -12.90 -14.21
CA ASN A 72 0.12 -12.51 -13.25
C ASN A 72 -0.47 -12.09 -11.90
N TRP A 73 -1.78 -12.31 -11.71
CA TRP A 73 -2.49 -11.89 -10.51
C TRP A 73 -3.52 -12.92 -10.08
N GLU A 74 -3.44 -14.14 -10.63
CA GLU A 74 -4.36 -15.22 -10.29
C GLU A 74 -4.06 -15.80 -8.90
N HIS A 75 -2.96 -15.35 -8.28
CA HIS A 75 -2.56 -15.80 -6.95
C HIS A 75 -3.20 -14.92 -5.86
N LEU A 76 -4.24 -14.17 -6.22
CA LEU A 76 -4.94 -13.30 -5.29
C LEU A 76 -5.76 -14.10 -4.26
N GLU A 77 -5.73 -15.42 -4.36
CA GLU A 77 -6.45 -16.32 -3.45
C GLU A 77 -5.65 -16.55 -2.16
N ASP A 78 -4.54 -15.83 -1.98
CA ASP A 78 -3.71 -15.93 -0.79
C ASP A 78 -3.95 -14.72 0.11
N ASP A 79 -3.41 -14.75 1.33
CA ASP A 79 -3.59 -13.67 2.30
C ASP A 79 -2.99 -12.36 1.79
N LEU A 80 -3.42 -11.25 2.40
CA LEU A 80 -2.92 -9.92 2.08
C LEU A 80 -1.40 -9.93 2.18
N HIS A 81 -0.73 -9.51 1.11
CA HIS A 81 0.72 -9.40 1.15
C HIS A 81 1.18 -8.21 0.33
N VAL A 82 2.32 -7.64 0.76
CA VAL A 82 2.91 -6.49 0.10
C VAL A 82 4.16 -6.94 -0.65
N LEU A 83 4.50 -6.25 -1.73
CA LEU A 83 5.68 -6.55 -2.51
C LEU A 83 6.39 -5.23 -2.83
N VAL A 84 7.72 -5.26 -2.90
CA VAL A 84 8.50 -4.05 -3.15
C VAL A 84 9.64 -4.38 -4.10
N GLN A 85 9.55 -3.86 -5.33
CA GLN A 85 10.55 -4.11 -6.34
C GLN A 85 11.49 -2.93 -6.56
N CYS A 86 12.77 -3.21 -6.81
CA CYS A 86 13.76 -2.16 -7.06
C CYS A 86 14.90 -2.66 -7.96
N GLU A 87 15.63 -1.72 -8.55
CA GLU A 87 16.79 -2.05 -9.36
C GLU A 87 17.93 -1.05 -9.13
N ASP A 88 19.13 -1.59 -8.88
CA ASP A 88 20.35 -0.82 -8.67
C ASP A 88 21.54 -1.77 -8.72
N THR A 89 22.74 -1.29 -8.37
CA THR A 89 23.94 -2.13 -8.32
C THR A 89 23.85 -3.18 -7.21
N GLU A 90 24.71 -4.19 -7.31
CA GLU A 90 24.73 -5.32 -6.39
C GLU A 90 24.95 -4.90 -4.94
N ASN A 91 25.37 -3.64 -4.72
CA ASN A 91 25.69 -3.15 -3.40
C ASN A 91 24.83 -1.95 -3.01
N ARG A 92 23.83 -1.60 -3.83
CA ARG A 92 22.96 -0.47 -3.55
C ARG A 92 21.48 -0.82 -3.77
N VAL A 93 21.20 -1.90 -4.50
CA VAL A 93 19.84 -2.35 -4.76
C VAL A 93 19.17 -2.85 -3.48
N HIS A 94 19.97 -3.31 -2.52
CA HIS A 94 19.43 -3.80 -1.26
C HIS A 94 19.21 -2.67 -0.25
N ILE A 95 20.03 -1.61 -0.32
CA ILE A 95 19.88 -0.49 0.60
C ILE A 95 18.56 0.22 0.33
N LYS A 96 18.18 0.33 -0.95
CA LYS A 96 16.92 0.94 -1.32
C LYS A 96 15.76 0.02 -0.94
N LEU A 97 15.94 -1.30 -1.11
CA LEU A 97 14.88 -2.25 -0.79
C LEU A 97 14.62 -2.27 0.71
N GLN A 98 15.67 -2.20 1.53
CA GLN A 98 15.53 -2.26 2.98
C GLN A 98 14.86 -1.00 3.52
N ALA A 99 15.16 0.16 2.93
CA ALA A 99 14.54 1.40 3.35
C ALA A 99 13.07 1.40 2.94
N ALA A 100 12.77 0.85 1.77
CA ALA A 100 11.41 0.81 1.27
C ALA A 100 10.55 -0.07 2.16
N LEU A 101 11.03 -1.26 2.51
CA LEU A 101 10.25 -2.19 3.32
C LEU A 101 10.17 -1.73 4.77
N GLU A 102 10.96 -0.73 5.16
CA GLU A 102 10.87 -0.18 6.51
C GLU A 102 9.63 0.71 6.61
N GLN A 103 9.28 1.40 5.53
CA GLN A 103 8.12 2.28 5.54
C GLN A 103 6.84 1.48 5.41
N VAL A 104 6.87 0.35 4.70
CA VAL A 104 5.64 -0.40 4.50
C VAL A 104 5.24 -1.05 5.81
N LYS A 105 6.19 -1.65 6.54
CA LYS A 105 5.89 -2.32 7.80
C LYS A 105 5.37 -1.34 8.84
N LYS A 106 5.73 -0.06 8.74
CA LYS A 106 5.16 0.98 9.61
C LYS A 106 3.71 1.26 9.23
N LEU A 107 3.30 0.87 8.01
CA LEU A 107 1.89 0.95 7.60
C LEU A 107 1.15 -0.37 7.86
N LEU A 108 1.87 -1.46 8.19
CA LEU A 108 1.25 -2.74 8.50
C LEU A 108 1.11 -2.92 10.01
N ILE A 109 1.36 -1.84 10.77
CA ILE A 109 1.27 -1.84 12.23
C ILE A 109 0.39 -0.70 12.73
N PRO A 110 -0.83 -0.55 12.19
CA PRO A 110 -1.76 0.50 12.52
C PRO A 110 -2.29 0.36 13.95
N ALA A 111 -3.01 1.38 14.42
CA ALA A 111 -3.57 1.42 15.76
C ALA A 111 -5.08 1.17 15.71
N PRO A 112 -5.70 0.88 16.86
CA PRO A 112 -7.14 0.70 16.98
C PRO A 112 -7.92 1.92 16.48
N GLU A 113 -9.23 1.76 16.32
CA GLU A 113 -10.09 2.83 15.87
C GLU A 113 -10.24 3.91 16.94
N GLY A 114 -10.41 5.16 16.52
CA GLY A 114 -10.55 6.30 17.41
C GLY A 114 -9.20 6.80 17.92
N THR A 115 -8.09 6.19 17.46
CA THR A 115 -6.75 6.58 17.87
C THR A 115 -5.75 6.46 16.72
N ASP A 116 -6.25 6.35 15.47
CA ASP A 116 -5.42 6.26 14.29
C ASP A 116 -5.83 7.36 13.30
N GLU A 117 -5.38 8.59 13.55
CA GLU A 117 -5.70 9.73 12.70
C GLU A 117 -5.19 9.56 11.28
N LEU A 118 -4.23 8.66 11.04
CA LEU A 118 -3.67 8.49 9.72
C LEU A 118 -4.69 7.85 8.78
N LYS A 119 -5.63 7.08 9.33
CA LYS A 119 -6.70 6.48 8.56
C LYS A 119 -7.93 7.37 8.56
N ARG A 120 -8.08 8.19 9.60
CA ARG A 120 -9.17 9.13 9.75
C ARG A 120 -9.00 10.31 8.78
N LYS A 121 -7.74 10.69 8.53
CA LYS A 121 -7.42 11.79 7.62
C LYS A 121 -7.41 11.33 6.17
N GLN A 122 -7.19 10.04 5.92
CA GLN A 122 -7.24 9.51 4.56
C GLN A 122 -8.69 9.46 4.07
N LEU A 123 -9.62 9.09 4.96
CA LEU A 123 -11.02 8.99 4.60
C LEU A 123 -11.67 10.37 4.47
N MET A 124 -11.04 11.41 5.04
CA MET A 124 -11.55 12.76 4.94
C MET A 124 -11.36 13.25 3.49
N GLU A 125 -10.12 13.22 3.01
CA GLU A 125 -9.80 13.72 1.69
C GLU A 125 -10.39 12.82 0.61
N LEU A 126 -10.54 11.52 0.90
CA LEU A 126 -11.14 10.58 -0.03
C LEU A 126 -12.57 10.97 -0.33
N ALA A 127 -13.27 11.50 0.69
CA ALA A 127 -14.68 11.83 0.56
C ALA A 127 -14.88 13.18 -0.13
N ILE A 128 -13.87 14.05 -0.12
CA ILE A 128 -13.96 15.31 -0.86
C ILE A 128 -13.70 15.03 -2.35
N ILE A 129 -12.93 13.98 -2.63
CA ILE A 129 -12.55 13.60 -3.98
C ILE A 129 -13.64 12.77 -4.65
N ASN A 130 -14.43 12.04 -3.87
CA ASN A 130 -15.51 11.23 -4.40
C ASN A 130 -16.87 11.94 -4.25
N GLY A 131 -16.89 13.10 -3.60
CA GLY A 131 -18.11 13.88 -3.44
C GLY A 131 -19.09 13.22 -2.47
N THR A 132 -18.62 12.26 -1.67
CA THR A 132 -19.46 11.51 -0.74
C THR A 132 -19.27 11.99 0.69
N TYR A 133 -18.70 13.18 0.87
CA TYR A 133 -18.45 13.73 2.19
C TYR A 133 -19.73 13.92 2.99
N ARG A 134 -19.61 13.95 4.32
CA ARG A 134 -20.74 14.16 5.21
C ARG A 134 -20.81 15.63 5.62
N PRO A 135 -22.00 16.25 5.54
CA PRO A 135 -22.24 17.64 5.88
C PRO A 135 -22.43 17.84 7.39
N MET A 136 -21.67 17.10 8.22
CA MET A 136 -21.82 17.19 9.67
C MET A 136 -21.13 18.42 10.26
N LYS A 137 -20.76 19.38 9.40
CA LYS A 137 -20.16 20.67 9.73
C LYS A 137 -19.01 20.59 10.72
N SER A 138 -18.63 21.75 11.27
CA SER A 138 -17.52 21.94 12.20
C SER A 138 -16.16 21.60 11.58
N PRO A 139 -15.08 22.21 12.08
CA PRO A 139 -13.73 21.99 11.60
C PRO A 139 -13.15 20.65 12.08
N ASN A 140 -13.99 19.81 12.71
CA ASN A 140 -13.58 18.51 13.22
C ASN A 140 -12.30 18.60 14.06
N PRO A 141 -12.33 19.33 15.18
CA PRO A 141 -11.18 19.57 16.03
C PRO A 141 -10.80 18.31 16.80
N ALA A 142 -9.59 18.30 17.36
CA ALA A 142 -9.06 17.18 18.13
C ALA A 142 -8.13 17.69 19.23
N LEU A 1 26.69 5.17 1.55
CA LEU A 1 26.46 4.96 0.11
C LEU A 1 27.76 4.58 -0.58
N PRO A 2 27.97 3.29 -0.90
CA PRO A 2 29.17 2.80 -1.54
C PRO A 2 29.21 3.20 -3.01
N GLU A 3 30.34 2.91 -3.68
CA GLU A 3 30.51 3.23 -5.08
C GLU A 3 29.75 2.22 -5.94
N PRO A 4 29.41 2.57 -7.19
CA PRO A 4 28.69 1.70 -8.10
C PRO A 4 29.43 0.38 -8.35
N ALA A 5 28.67 -0.62 -8.81
CA ALA A 5 29.20 -1.94 -9.11
C ALA A 5 29.43 -2.09 -10.61
N GLY A 6 29.47 -3.33 -11.09
CA GLY A 6 29.84 -3.64 -12.47
C GLY A 6 28.64 -3.80 -13.40
N ASP A 7 27.45 -4.05 -12.83
CA ASP A 7 26.25 -4.24 -13.63
C ASP A 7 25.00 -3.88 -12.82
N MET A 8 23.87 -3.74 -13.50
CA MET A 8 22.60 -3.38 -12.88
C MET A 8 21.85 -4.63 -12.44
N ILE A 9 21.30 -4.58 -11.22
CA ILE A 9 20.64 -5.73 -10.60
C ILE A 9 19.16 -5.43 -10.40
N SER A 10 18.35 -6.47 -10.24
CA SER A 10 16.93 -6.33 -9.99
C SER A 10 16.48 -7.37 -8.97
N ILE A 11 15.70 -6.95 -7.98
CA ILE A 11 15.22 -7.86 -6.95
C ILE A 11 13.90 -7.36 -6.36
N THR A 12 13.22 -8.22 -5.61
CA THR A 12 11.99 -7.85 -4.92
C THR A 12 11.88 -8.59 -3.58
N GLU A 13 11.15 -8.00 -2.64
CA GLU A 13 10.90 -8.60 -1.34
C GLU A 13 9.40 -8.75 -1.14
N LYS A 14 9.01 -9.87 -0.51
CA LYS A 14 7.62 -10.18 -0.25
C LYS A 14 7.42 -10.28 1.25
N ILE A 15 6.47 -9.50 1.77
CA ILE A 15 6.22 -9.41 3.20
C ILE A 15 4.72 -9.44 3.44
N TYR A 16 4.24 -10.49 4.11
CA TYR A 16 2.82 -10.65 4.39
C TYR A 16 2.32 -9.63 5.41
N VAL A 17 1.03 -9.27 5.29
CA VAL A 17 0.37 -8.35 6.18
C VAL A 17 -0.04 -9.10 7.45
N PRO A 18 0.22 -8.52 8.64
CA PRO A 18 -0.11 -9.11 9.94
C PRO A 18 -1.59 -9.03 10.26
N LYS A 19 -2.45 -9.11 9.23
CA LYS A 19 -3.90 -9.01 9.37
C LYS A 19 -4.49 -10.08 10.28
N ASN A 20 -3.69 -11.07 10.71
CA ASN A 20 -4.15 -12.08 11.64
C ASN A 20 -4.30 -11.49 13.04
N GLU A 21 -3.85 -10.24 13.23
CA GLU A 21 -3.94 -9.52 14.50
C GLU A 21 -4.88 -8.34 14.34
N TYR A 22 -5.07 -7.89 13.10
CA TYR A 22 -5.94 -6.78 12.76
C TYR A 22 -6.97 -7.20 11.69
N PRO A 23 -7.81 -8.20 11.99
CA PRO A 23 -8.74 -8.77 11.02
C PRO A 23 -9.85 -7.80 10.61
N ASP A 24 -9.93 -6.65 11.28
CA ASP A 24 -10.95 -5.64 11.00
C ASP A 24 -10.34 -4.40 10.33
N TYR A 25 -9.07 -4.49 9.92
CA TYR A 25 -8.37 -3.35 9.32
C TYR A 25 -8.24 -3.50 7.80
N ASN A 26 -8.14 -2.38 7.10
CA ASN A 26 -8.03 -2.32 5.65
C ASN A 26 -6.66 -1.79 5.25
N PHE A 27 -5.67 -2.69 5.15
CA PHE A 27 -4.30 -2.30 4.83
C PHE A 27 -4.17 -1.83 3.39
N VAL A 28 -4.93 -2.43 2.47
CA VAL A 28 -4.86 -2.04 1.06
C VAL A 28 -5.24 -0.57 0.93
N GLY A 29 -6.22 -0.14 1.72
CA GLY A 29 -6.68 1.24 1.68
C GLY A 29 -5.75 2.17 2.44
N ARG A 30 -4.89 1.65 3.31
CA ARG A 30 -3.94 2.47 4.06
C ARG A 30 -2.60 2.61 3.34
N ILE A 31 -2.15 1.58 2.62
CA ILE A 31 -0.90 1.62 1.90
C ILE A 31 -1.08 2.36 0.57
N LEU A 32 -2.25 2.22 -0.07
CA LEU A 32 -2.51 2.93 -1.31
C LEU A 32 -3.07 4.32 -1.04
N GLY A 33 -3.85 4.47 0.03
CA GLY A 33 -4.46 5.74 0.38
C GLY A 33 -5.50 6.17 -0.66
N PRO A 34 -6.02 7.39 -0.55
CA PRO A 34 -7.03 7.90 -1.45
C PRO A 34 -6.43 8.13 -2.84
N ARG A 35 -7.12 7.66 -3.88
CA ARG A 35 -6.69 7.78 -5.26
C ARG A 35 -5.25 7.31 -5.47
N GLY A 36 -4.76 6.40 -4.62
CA GLY A 36 -3.42 5.84 -4.73
C GLY A 36 -2.34 6.85 -4.33
N MET A 37 -2.71 7.94 -3.68
CA MET A 37 -1.77 8.99 -3.31
C MET A 37 -0.66 8.47 -2.40
N THR A 38 -0.96 7.53 -1.49
CA THR A 38 0.03 7.04 -0.55
C THR A 38 0.98 6.06 -1.24
N ALA A 39 0.52 5.40 -2.31
CA ALA A 39 1.35 4.46 -3.04
C ALA A 39 2.39 5.19 -3.88
N LYS A 40 2.00 6.31 -4.51
CA LYS A 40 2.90 7.05 -5.38
C LYS A 40 3.90 7.88 -4.58
N GLN A 41 3.54 8.29 -3.36
CA GLN A 41 4.45 9.07 -2.52
C GLN A 41 5.53 8.16 -1.93
N LEU A 42 5.18 6.91 -1.61
CA LEU A 42 6.13 5.96 -1.06
C LEU A 42 7.15 5.54 -2.12
N GLU A 43 6.68 5.20 -3.33
CA GLU A 43 7.55 4.65 -4.35
C GLU A 43 8.50 5.69 -4.95
N GLN A 44 8.18 6.98 -4.84
CA GLN A 44 9.09 8.01 -5.32
C GLN A 44 10.12 8.38 -4.24
N ASP A 45 9.77 8.19 -2.98
CA ASP A 45 10.64 8.53 -1.87
C ASP A 45 11.70 7.45 -1.64
N THR A 46 11.33 6.18 -1.82
CA THR A 46 12.26 5.07 -1.64
C THR A 46 12.86 4.62 -2.96
N GLY A 47 12.28 5.09 -4.07
CA GLY A 47 12.74 4.72 -5.40
C GLY A 47 12.35 3.29 -5.77
N CYS A 48 11.63 2.58 -4.88
CA CYS A 48 11.21 1.21 -5.12
C CYS A 48 9.73 1.19 -5.47
N LYS A 49 9.31 0.26 -6.33
CA LYS A 49 7.93 0.17 -6.76
C LYS A 49 7.11 -0.63 -5.75
N ILE A 50 5.90 -0.14 -5.45
CA ILE A 50 5.03 -0.77 -4.47
C ILE A 50 3.99 -1.64 -5.17
N MET A 51 3.68 -2.78 -4.56
CA MET A 51 2.69 -3.73 -5.05
C MET A 51 1.97 -4.36 -3.86
N VAL A 52 0.66 -4.60 -4.02
CA VAL A 52 -0.19 -5.10 -2.95
C VAL A 52 -1.26 -6.02 -3.52
N ARG A 53 -1.57 -7.12 -2.83
CA ARG A 53 -2.66 -8.00 -3.23
C ARG A 53 -3.12 -8.88 -2.07
N GLY A 54 -4.27 -9.53 -2.26
CA GLY A 54 -4.88 -10.43 -1.30
C GLY A 54 -6.40 -10.33 -1.40
N LYS A 55 -7.11 -10.88 -0.43
CA LYS A 55 -8.56 -10.79 -0.39
C LYS A 55 -8.98 -9.32 -0.42
N GLY A 56 -9.99 -9.00 -1.23
CA GLY A 56 -10.53 -7.65 -1.32
C GLY A 56 -9.64 -6.67 -2.08
N SER A 57 -8.52 -7.14 -2.66
CA SER A 57 -7.62 -6.26 -3.40
C SER A 57 -7.97 -6.20 -4.89
N MET A 58 -9.19 -6.59 -5.26
CA MET A 58 -9.61 -6.57 -6.67
C MET A 58 -11.04 -6.09 -6.86
N ARG A 59 -11.66 -5.55 -5.80
CA ARG A 59 -13.04 -5.10 -5.85
C ARG A 59 -13.19 -3.78 -6.60
N ASP A 60 -12.28 -3.55 -7.56
CA ASP A 60 -12.26 -2.36 -8.40
C ASP A 60 -11.91 -2.70 -9.85
N LYS A 61 -11.19 -3.81 -10.06
CA LYS A 61 -10.78 -4.27 -11.38
C LYS A 61 -11.02 -5.77 -11.56
N SER A 62 -12.04 -6.31 -10.89
CA SER A 62 -12.36 -7.72 -10.94
C SER A 62 -12.75 -8.18 -12.35
N LYS A 63 -13.06 -7.24 -13.24
CA LYS A 63 -13.46 -7.53 -14.61
C LYS A 63 -12.45 -6.98 -15.62
N GLU A 64 -11.31 -6.47 -15.13
CA GLU A 64 -10.28 -5.91 -16.00
C GLU A 64 -9.45 -7.03 -16.61
N SER A 65 -8.98 -6.84 -17.85
CA SER A 65 -8.19 -7.85 -18.55
C SER A 65 -7.19 -7.20 -19.53
N ALA A 66 -6.11 -7.91 -19.82
CA ALA A 66 -5.06 -7.45 -20.71
C ALA A 66 -4.27 -8.64 -21.26
N HIS A 67 -3.27 -8.35 -22.10
CA HIS A 67 -2.39 -9.36 -22.70
C HIS A 67 -3.14 -10.44 -23.48
N ARG A 68 -4.42 -10.21 -23.79
CA ARG A 68 -5.26 -11.13 -24.55
C ARG A 68 -5.23 -12.56 -24.00
N GLY A 69 -5.02 -12.71 -22.69
CA GLY A 69 -4.94 -14.03 -22.07
C GLY A 69 -5.01 -13.94 -20.54
N LYS A 70 -4.75 -15.07 -19.87
CA LYS A 70 -4.80 -15.15 -18.42
C LYS A 70 -3.55 -14.53 -17.80
N ALA A 71 -3.58 -14.32 -16.48
CA ALA A 71 -2.49 -13.69 -15.76
C ALA A 71 -2.33 -14.30 -14.36
N ASN A 72 -1.30 -13.83 -13.64
CA ASN A 72 -0.95 -14.32 -12.30
C ASN A 72 -1.91 -13.83 -11.22
N TRP A 73 -3.11 -13.39 -11.60
CA TRP A 73 -4.00 -12.69 -10.69
C TRP A 73 -5.41 -13.28 -10.68
N GLU A 74 -5.52 -14.59 -10.93
CA GLU A 74 -6.79 -15.30 -10.86
C GLU A 74 -6.95 -15.98 -9.49
N HIS A 75 -5.85 -16.04 -8.71
CA HIS A 75 -5.83 -16.70 -7.41
C HIS A 75 -5.63 -15.68 -6.28
N LEU A 76 -6.30 -14.53 -6.39
CA LEU A 76 -6.21 -13.47 -5.39
C LEU A 76 -6.97 -13.81 -4.11
N GLU A 77 -7.39 -15.07 -3.95
CA GLU A 77 -8.12 -15.52 -2.77
C GLU A 77 -7.21 -15.70 -1.56
N ASP A 78 -5.89 -15.55 -1.74
CA ASP A 78 -4.93 -15.66 -0.65
C ASP A 78 -4.98 -14.42 0.22
N ASP A 79 -4.42 -14.51 1.43
CA ASP A 79 -4.42 -13.40 2.38
C ASP A 79 -3.51 -12.27 1.91
N LEU A 80 -3.66 -11.11 2.56
CA LEU A 80 -2.98 -9.89 2.20
C LEU A 80 -1.47 -10.03 2.34
N HIS A 81 -0.74 -9.60 1.31
CA HIS A 81 0.71 -9.50 1.38
C HIS A 81 1.20 -8.31 0.56
N VAL A 82 2.39 -7.83 0.89
CA VAL A 82 2.98 -6.67 0.23
C VAL A 82 4.22 -7.09 -0.55
N LEU A 83 4.51 -6.39 -1.65
CA LEU A 83 5.68 -6.65 -2.46
C LEU A 83 6.39 -5.33 -2.79
N VAL A 84 7.72 -5.36 -2.89
CA VAL A 84 8.49 -4.16 -3.19
C VAL A 84 9.62 -4.53 -4.14
N GLN A 85 9.59 -3.96 -5.35
CA GLN A 85 10.59 -4.24 -6.36
C GLN A 85 11.48 -3.04 -6.64
N CYS A 86 12.78 -3.27 -6.89
CA CYS A 86 13.71 -2.19 -7.20
C CYS A 86 14.91 -2.71 -7.99
N GLU A 87 15.62 -1.80 -8.64
CA GLU A 87 16.81 -2.14 -9.41
C GLU A 87 17.92 -1.11 -9.19
N ASP A 88 19.13 -1.60 -8.94
CA ASP A 88 20.32 -0.78 -8.75
C ASP A 88 21.55 -1.70 -8.85
N THR A 89 22.75 -1.16 -8.61
CA THR A 89 23.97 -1.97 -8.61
C THR A 89 24.00 -2.92 -7.42
N GLU A 90 24.92 -3.89 -7.48
CA GLU A 90 25.07 -4.90 -6.43
C GLU A 90 25.40 -4.27 -5.08
N ASN A 91 25.69 -2.96 -5.08
CA ASN A 91 26.11 -2.26 -3.87
C ASN A 91 25.04 -1.29 -3.38
N ARG A 92 23.97 -1.09 -4.15
CA ARG A 92 22.94 -0.11 -3.81
C ARG A 92 21.52 -0.67 -3.89
N VAL A 93 21.33 -1.79 -4.59
CA VAL A 93 20.00 -2.36 -4.77
C VAL A 93 19.42 -2.83 -3.44
N HIS A 94 20.28 -3.19 -2.48
CA HIS A 94 19.85 -3.67 -1.18
C HIS A 94 19.48 -2.52 -0.26
N ILE A 95 20.19 -1.40 -0.36
CA ILE A 95 19.96 -0.25 0.53
C ILE A 95 18.58 0.35 0.26
N LYS A 96 18.19 0.43 -1.01
CA LYS A 96 16.90 1.00 -1.38
C LYS A 96 15.77 0.04 -1.05
N LEU A 97 15.98 -1.27 -1.23
CA LEU A 97 14.93 -2.25 -0.96
C LEU A 97 14.67 -2.32 0.54
N GLN A 98 15.73 -2.28 1.36
CA GLN A 98 15.59 -2.38 2.81
C GLN A 98 14.89 -1.15 3.38
N ALA A 99 15.18 0.03 2.82
CA ALA A 99 14.56 1.27 3.27
C ALA A 99 13.09 1.29 2.86
N ALA A 100 12.76 0.72 1.70
CA ALA A 100 11.39 0.70 1.22
C ALA A 100 10.53 -0.22 2.08
N LEU A 101 11.05 -1.41 2.43
CA LEU A 101 10.28 -2.34 3.25
C LEU A 101 10.22 -1.85 4.71
N GLU A 102 10.98 -0.82 5.06
CA GLU A 102 10.85 -0.21 6.37
C GLU A 102 9.62 0.70 6.40
N GLN A 103 9.27 1.33 5.28
CA GLN A 103 8.10 2.18 5.22
C GLN A 103 6.83 1.34 5.22
N VAL A 104 6.89 0.13 4.64
CA VAL A 104 5.67 -0.66 4.55
C VAL A 104 5.35 -1.24 5.92
N LYS A 105 6.34 -1.78 6.63
CA LYS A 105 6.11 -2.43 7.91
C LYS A 105 5.58 -1.46 8.97
N LYS A 106 5.89 -0.16 8.88
CA LYS A 106 5.30 0.81 9.79
C LYS A 106 3.87 1.15 9.39
N LEU A 107 3.47 0.83 8.16
CA LEU A 107 2.08 0.93 7.73
C LEU A 107 1.29 -0.34 8.04
N LEU A 108 1.97 -1.44 8.40
CA LEU A 108 1.31 -2.68 8.77
C LEU A 108 1.07 -2.76 10.28
N ILE A 109 1.34 -1.67 11.00
CA ILE A 109 1.18 -1.60 12.44
C ILE A 109 0.32 -0.40 12.87
N PRO A 110 -0.87 -0.25 12.28
CA PRO A 110 -1.80 0.84 12.54
C PRO A 110 -2.42 0.72 13.94
N ALA A 111 -3.21 1.72 14.31
CA ALA A 111 -3.88 1.78 15.61
C ALA A 111 -5.38 1.49 15.43
N PRO A 112 -6.08 1.10 16.51
CA PRO A 112 -7.51 0.84 16.48
C PRO A 112 -8.30 2.10 16.13
N GLU A 113 -9.59 1.91 15.83
CA GLU A 113 -10.47 3.01 15.44
C GLU A 113 -10.61 4.04 16.56
N GLY A 114 -10.82 5.30 16.17
CA GLY A 114 -10.92 6.42 17.09
C GLY A 114 -9.56 6.81 17.67
N THR A 115 -8.47 6.16 17.23
CA THR A 115 -7.12 6.47 17.70
C THR A 115 -6.14 6.60 16.53
N ASP A 116 -6.64 6.48 15.29
CA ASP A 116 -5.82 6.53 14.10
C ASP A 116 -6.36 7.62 13.16
N GLU A 117 -6.01 8.87 13.45
CA GLU A 117 -6.43 10.00 12.64
C GLU A 117 -5.80 9.95 11.24
N LEU A 118 -4.80 9.08 11.03
CA LEU A 118 -4.09 9.00 9.76
C LEU A 118 -4.96 8.40 8.68
N LYS A 119 -5.78 7.40 9.04
CA LYS A 119 -6.72 6.84 8.07
C LYS A 119 -8.05 7.61 8.09
N ARG A 120 -8.36 8.26 9.21
CA ARG A 120 -9.59 9.03 9.36
C ARG A 120 -9.49 10.35 8.59
N LYS A 121 -8.29 10.92 8.47
CA LYS A 121 -8.09 12.14 7.70
C LYS A 121 -7.97 11.85 6.21
N GLN A 122 -7.53 10.63 5.85
CA GLN A 122 -7.46 10.23 4.46
C GLN A 122 -8.85 9.88 3.94
N LEU A 123 -9.73 9.39 4.81
CA LEU A 123 -11.11 9.10 4.44
C LEU A 123 -11.91 10.39 4.36
N MET A 124 -11.46 11.46 5.03
CA MET A 124 -12.13 12.74 4.89
C MET A 124 -11.82 13.30 3.50
N GLU A 125 -10.55 13.21 3.08
CA GLU A 125 -10.12 13.74 1.80
C GLU A 125 -10.68 12.90 0.64
N LEU A 126 -10.80 11.58 0.85
CA LEU A 126 -11.41 10.71 -0.15
C LEU A 126 -12.86 11.16 -0.36
N ALA A 127 -13.47 11.69 0.69
CA ALA A 127 -14.86 12.11 0.66
C ALA A 127 -15.03 13.52 0.09
N ILE A 128 -13.95 14.30 -0.02
CA ILE A 128 -14.00 15.61 -0.68
C ILE A 128 -13.83 15.38 -2.17
N ILE A 129 -13.06 14.34 -2.52
CA ILE A 129 -12.73 13.98 -3.88
C ILE A 129 -13.94 13.39 -4.61
N ASN A 130 -14.78 12.62 -3.91
CA ASN A 130 -15.96 12.03 -4.50
C ASN A 130 -17.23 12.81 -4.12
N GLY A 131 -17.08 13.83 -3.28
CA GLY A 131 -18.18 14.72 -2.91
C GLY A 131 -19.18 14.08 -1.94
N THR A 132 -18.82 13.01 -1.24
CA THR A 132 -19.73 12.31 -0.34
C THR A 132 -19.44 12.63 1.13
N TYR A 133 -18.60 13.63 1.40
CA TYR A 133 -18.21 13.96 2.77
C TYR A 133 -19.41 14.38 3.61
N ARG A 134 -19.29 14.21 4.93
CA ARG A 134 -20.35 14.53 5.87
C ARG A 134 -20.01 15.83 6.61
N PRO A 135 -20.81 16.88 6.46
CA PRO A 135 -20.60 18.17 7.10
C PRO A 135 -21.07 18.15 8.56
N MET A 136 -20.43 17.32 9.40
CA MET A 136 -20.75 17.24 10.81
C MET A 136 -20.09 18.40 11.56
N LYS A 137 -20.14 19.60 10.98
CA LYS A 137 -19.52 20.80 11.54
C LYS A 137 -20.29 21.34 12.75
N SER A 138 -21.41 20.70 13.07
CA SER A 138 -22.33 21.02 14.17
C SER A 138 -22.88 22.46 14.14
N PRO A 139 -24.09 22.65 14.70
CA PRO A 139 -24.71 23.97 14.81
C PRO A 139 -24.05 24.79 15.92
N ASN A 140 -24.37 26.08 15.97
CA ASN A 140 -23.82 27.00 16.95
C ASN A 140 -24.93 27.89 17.53
N PRO A 141 -25.88 27.30 18.27
CA PRO A 141 -27.00 28.00 18.86
C PRO A 141 -26.54 28.87 20.04
N ALA A 142 -27.42 29.79 20.46
CA ALA A 142 -27.14 30.71 21.56
C ALA A 142 -28.43 31.01 22.34
N LEU A 1 25.48 8.96 -2.53
CA LEU A 1 25.36 7.60 -3.10
C LEU A 1 26.72 6.90 -3.16
N PRO A 2 26.75 5.58 -3.01
CA PRO A 2 27.97 4.78 -3.09
C PRO A 2 28.45 4.66 -4.54
N GLU A 3 29.65 4.09 -4.71
CA GLU A 3 30.22 3.86 -6.03
C GLU A 3 29.55 2.66 -6.69
N PRO A 4 29.48 2.64 -8.02
CA PRO A 4 28.84 1.56 -8.75
C PRO A 4 29.63 0.26 -8.60
N ALA A 5 28.91 -0.84 -8.40
CA ALA A 5 29.51 -2.15 -8.22
C ALA A 5 29.94 -2.78 -9.54
N GLY A 6 29.36 -2.35 -10.66
CA GLY A 6 29.76 -2.78 -11.99
C GLY A 6 28.65 -3.47 -12.79
N ASP A 7 27.55 -3.84 -12.14
CA ASP A 7 26.42 -4.46 -12.81
C ASP A 7 25.10 -4.00 -12.20
N MET A 8 24.02 -4.14 -12.97
CA MET A 8 22.69 -3.68 -12.57
C MET A 8 21.86 -4.88 -12.10
N ILE A 9 21.29 -4.75 -10.90
CA ILE A 9 20.64 -5.85 -10.21
C ILE A 9 19.15 -5.59 -10.03
N SER A 10 18.38 -6.66 -9.84
CA SER A 10 16.96 -6.56 -9.56
C SER A 10 16.56 -7.59 -8.51
N ILE A 11 15.72 -7.19 -7.55
CA ILE A 11 15.28 -8.09 -6.49
C ILE A 11 13.96 -7.59 -5.91
N THR A 12 13.29 -8.42 -5.09
CA THR A 12 12.05 -8.03 -4.44
C THR A 12 11.90 -8.75 -3.09
N GLU A 13 11.06 -8.22 -2.21
CA GLU A 13 10.79 -8.79 -0.89
C GLU A 13 9.30 -9.03 -0.71
N LYS A 14 8.96 -10.23 -0.23
CA LYS A 14 7.59 -10.63 0.04
C LYS A 14 7.26 -10.34 1.50
N ILE A 15 6.43 -9.32 1.72
CA ILE A 15 6.03 -8.91 3.06
C ILE A 15 4.52 -9.10 3.22
N TYR A 16 4.11 -10.26 3.73
CA TYR A 16 2.71 -10.56 3.93
C TYR A 16 2.10 -9.65 5.00
N VAL A 17 0.81 -9.34 4.86
CA VAL A 17 0.09 -8.49 5.80
C VAL A 17 -0.32 -9.30 7.03
N PRO A 18 -0.04 -8.81 8.25
CA PRO A 18 -0.36 -9.48 9.50
C PRO A 18 -1.80 -9.27 9.94
N LYS A 19 -2.76 -9.24 9.00
CA LYS A 19 -4.16 -9.00 9.34
C LYS A 19 -4.74 -10.06 10.28
N ASN A 20 -3.99 -11.10 10.62
CA ASN A 20 -4.45 -12.10 11.57
C ASN A 20 -4.44 -11.52 13.00
N GLU A 21 -3.79 -10.36 13.17
CA GLU A 21 -3.77 -9.64 14.44
C GLU A 21 -4.69 -8.43 14.36
N TYR A 22 -5.02 -8.02 13.13
CA TYR A 22 -5.88 -6.88 12.85
C TYR A 22 -7.01 -7.30 11.90
N PRO A 23 -7.86 -8.27 12.31
CA PRO A 23 -8.88 -8.85 11.46
C PRO A 23 -10.00 -7.86 11.11
N ASP A 24 -9.95 -6.65 11.69
CA ASP A 24 -10.95 -5.62 11.43
C ASP A 24 -10.31 -4.40 10.75
N TYR A 25 -9.09 -4.56 10.23
CA TYR A 25 -8.37 -3.45 9.60
C TYR A 25 -8.28 -3.61 8.08
N ASN A 26 -8.14 -2.47 7.38
CA ASN A 26 -8.10 -2.42 5.93
C ASN A 26 -6.73 -1.88 5.48
N PHE A 27 -5.78 -2.79 5.25
CA PHE A 27 -4.42 -2.40 4.89
C PHE A 27 -4.32 -1.89 3.45
N VAL A 28 -5.12 -2.42 2.54
CA VAL A 28 -5.05 -2.00 1.14
C VAL A 28 -5.43 -0.54 1.03
N GLY A 29 -6.33 -0.06 1.90
CA GLY A 29 -6.73 1.34 1.91
C GLY A 29 -5.71 2.20 2.64
N ARG A 30 -5.00 1.63 3.63
CA ARG A 30 -4.00 2.38 4.39
C ARG A 30 -2.71 2.57 3.61
N ILE A 31 -2.30 1.58 2.82
CA ILE A 31 -1.06 1.65 2.07
C ILE A 31 -1.26 2.38 0.74
N LEU A 32 -2.43 2.25 0.09
CA LEU A 32 -2.67 2.91 -1.17
C LEU A 32 -3.22 4.32 -0.98
N GLY A 33 -4.07 4.52 0.04
CA GLY A 33 -4.65 5.82 0.32
C GLY A 33 -5.60 6.27 -0.78
N PRO A 34 -6.14 7.49 -0.68
CA PRO A 34 -7.09 8.04 -1.64
C PRO A 34 -6.43 8.22 -3.00
N ARG A 35 -7.12 7.76 -4.05
CA ARG A 35 -6.62 7.81 -5.43
C ARG A 35 -5.20 7.26 -5.58
N GLY A 36 -4.76 6.41 -4.65
CA GLY A 36 -3.43 5.81 -4.72
C GLY A 36 -2.33 6.78 -4.29
N MET A 37 -2.70 7.93 -3.73
CA MET A 37 -1.75 8.98 -3.37
C MET A 37 -0.68 8.51 -2.41
N THR A 38 -1.02 7.60 -1.48
CA THR A 38 -0.04 7.13 -0.49
C THR A 38 0.93 6.14 -1.13
N ALA A 39 0.48 5.40 -2.14
CA ALA A 39 1.33 4.46 -2.85
C ALA A 39 2.22 5.17 -3.85
N LYS A 40 1.71 6.25 -4.46
CA LYS A 40 2.45 7.04 -5.42
C LYS A 40 3.59 7.78 -4.70
N GLN A 41 3.34 8.19 -3.46
CA GLN A 41 4.33 8.88 -2.66
C GLN A 41 5.40 7.90 -2.18
N LEU A 42 5.02 6.63 -1.95
CA LEU A 42 5.95 5.60 -1.52
C LEU A 42 6.95 5.23 -2.62
N GLU A 43 6.47 5.03 -3.85
CA GLU A 43 7.34 4.56 -4.93
C GLU A 43 8.23 5.66 -5.49
N GLN A 44 7.88 6.93 -5.28
CA GLN A 44 8.73 8.02 -5.74
C GLN A 44 9.77 8.39 -4.70
N ASP A 45 9.47 8.14 -3.42
CA ASP A 45 10.39 8.45 -2.33
C ASP A 45 11.49 7.39 -2.19
N THR A 46 11.14 6.12 -2.41
CA THR A 46 12.07 5.02 -2.23
C THR A 46 12.65 4.54 -3.55
N GLY A 47 12.02 4.93 -4.67
CA GLY A 47 12.44 4.50 -5.99
C GLY A 47 12.11 3.03 -6.24
N CYS A 48 11.45 2.37 -5.29
CA CYS A 48 11.05 0.97 -5.40
C CYS A 48 9.58 0.89 -5.82
N LYS A 49 9.18 -0.24 -6.42
CA LYS A 49 7.82 -0.41 -6.88
C LYS A 49 6.98 -1.07 -5.80
N ILE A 50 5.80 -0.53 -5.58
CA ILE A 50 4.89 -1.02 -4.55
C ILE A 50 3.80 -1.86 -5.19
N MET A 51 3.45 -2.97 -4.54
CA MET A 51 2.42 -3.88 -4.97
C MET A 51 1.66 -4.39 -3.76
N VAL A 52 0.32 -4.38 -3.84
CA VAL A 52 -0.54 -4.77 -2.74
C VAL A 52 -1.77 -5.48 -3.29
N ARG A 53 -1.95 -6.76 -2.92
CA ARG A 53 -3.09 -7.55 -3.37
C ARG A 53 -3.42 -8.61 -2.33
N GLY A 54 -4.56 -9.27 -2.51
CA GLY A 54 -5.01 -10.36 -1.66
C GLY A 54 -6.26 -10.99 -2.25
N LYS A 55 -6.70 -12.12 -1.69
CA LYS A 55 -7.90 -12.79 -2.16
C LYS A 55 -9.12 -11.95 -1.82
N GLY A 56 -9.90 -11.59 -2.84
CA GLY A 56 -11.10 -10.78 -2.66
C GLY A 56 -10.78 -9.32 -2.35
N SER A 57 -9.53 -8.87 -2.54
CA SER A 57 -9.15 -7.50 -2.27
C SER A 57 -9.62 -6.54 -3.37
N MET A 58 -10.36 -7.05 -4.35
CA MET A 58 -10.91 -6.27 -5.46
C MET A 58 -12.31 -6.74 -5.80
N ARG A 59 -12.98 -6.01 -6.69
CA ARG A 59 -14.35 -6.29 -7.10
C ARG A 59 -14.57 -6.03 -8.59
N ASP A 60 -13.51 -5.70 -9.33
CA ASP A 60 -13.59 -5.39 -10.75
C ASP A 60 -12.42 -6.02 -11.53
N LYS A 61 -11.63 -6.85 -10.86
CA LYS A 61 -10.45 -7.51 -11.43
C LYS A 61 -10.36 -8.95 -10.95
N SER A 62 -11.51 -9.65 -10.96
CA SER A 62 -11.58 -11.05 -10.55
C SER A 62 -12.17 -11.92 -11.65
N LYS A 63 -12.90 -11.31 -12.61
CA LYS A 63 -13.54 -12.00 -13.72
C LYS A 63 -13.46 -11.15 -14.98
N GLU A 64 -12.43 -10.31 -15.06
CA GLU A 64 -12.29 -9.33 -16.14
C GLU A 64 -11.19 -9.71 -17.12
N SER A 65 -10.22 -10.51 -16.68
CA SER A 65 -9.08 -10.91 -17.50
C SER A 65 -8.66 -12.33 -17.17
N ALA A 66 -7.63 -12.84 -17.88
CA ALA A 66 -7.09 -14.16 -17.63
C ALA A 66 -5.59 -14.16 -17.94
N HIS A 67 -4.83 -15.04 -17.27
CA HIS A 67 -3.39 -15.15 -17.46
C HIS A 67 -2.94 -16.57 -17.10
N ARG A 68 -1.81 -17.01 -17.66
CA ARG A 68 -1.27 -18.34 -17.40
C ARG A 68 -0.47 -18.32 -16.10
N GLY A 69 -0.61 -19.39 -15.31
CA GLY A 69 0.07 -19.49 -14.03
C GLY A 69 -0.46 -18.45 -13.03
N LYS A 70 0.33 -18.14 -12.00
CA LYS A 70 -0.04 -17.17 -10.99
C LYS A 70 0.06 -15.76 -11.58
N ALA A 71 -0.74 -14.83 -11.04
CA ALA A 71 -0.76 -13.45 -11.51
C ALA A 71 -1.03 -12.47 -10.36
N ASN A 72 -0.91 -11.17 -10.66
CA ASN A 72 -1.13 -10.11 -9.69
C ASN A 72 -2.59 -9.65 -9.71
N TRP A 73 -3.45 -10.36 -10.45
CA TRP A 73 -4.85 -10.03 -10.59
C TRP A 73 -5.62 -11.27 -11.01
N GLU A 74 -6.96 -11.16 -11.04
CA GLU A 74 -7.90 -12.21 -11.41
C GLU A 74 -7.91 -13.41 -10.45
N HIS A 75 -6.76 -13.82 -9.93
CA HIS A 75 -6.65 -14.90 -8.96
C HIS A 75 -5.35 -14.73 -8.17
N LEU A 76 -5.47 -14.33 -6.90
CA LEU A 76 -4.31 -14.14 -6.04
C LEU A 76 -4.02 -15.42 -5.25
N GLU A 77 -5.05 -16.24 -5.01
CA GLU A 77 -4.97 -17.52 -4.32
C GLU A 77 -4.33 -17.43 -2.92
N ASP A 78 -4.11 -16.22 -2.39
CA ASP A 78 -3.48 -16.03 -1.09
C ASP A 78 -4.05 -14.80 -0.38
N ASP A 79 -3.75 -14.69 0.92
CA ASP A 79 -4.19 -13.58 1.75
C ASP A 79 -3.51 -12.27 1.34
N LEU A 80 -3.94 -11.17 1.97
CA LEU A 80 -3.35 -9.86 1.77
C LEU A 80 -1.84 -9.95 1.92
N HIS A 81 -1.11 -9.39 0.95
CA HIS A 81 0.34 -9.35 1.01
C HIS A 81 0.86 -8.07 0.36
N VAL A 82 2.12 -7.72 0.68
CA VAL A 82 2.78 -6.58 0.09
C VAL A 82 4.05 -7.07 -0.60
N LEU A 83 4.41 -6.44 -1.71
CA LEU A 83 5.62 -6.77 -2.45
C LEU A 83 6.35 -5.46 -2.75
N VAL A 84 7.69 -5.50 -2.74
CA VAL A 84 8.49 -4.31 -2.97
C VAL A 84 9.65 -4.67 -3.88
N GLN A 85 9.59 -4.22 -5.13
CA GLN A 85 10.62 -4.51 -6.10
C GLN A 85 11.61 -3.35 -6.21
N CYS A 86 12.90 -3.68 -6.38
CA CYS A 86 13.96 -2.69 -6.42
C CYS A 86 15.02 -3.09 -7.44
N GLU A 87 15.64 -2.10 -8.08
CA GLU A 87 16.73 -2.33 -9.00
C GLU A 87 17.80 -1.25 -8.89
N ASP A 88 19.05 -1.68 -8.68
CA ASP A 88 20.22 -0.83 -8.61
C ASP A 88 21.47 -1.72 -8.65
N THR A 89 22.65 -1.15 -8.44
CA THR A 89 23.88 -1.93 -8.39
C THR A 89 23.91 -2.81 -7.15
N GLU A 90 24.86 -3.77 -7.15
CA GLU A 90 25.04 -4.72 -6.05
C GLU A 90 25.38 -4.00 -4.75
N ASN A 91 25.58 -2.69 -4.81
CA ASN A 91 26.06 -1.87 -3.71
C ASN A 91 25.03 -0.80 -3.33
N ARG A 92 23.89 -0.74 -4.03
CA ARG A 92 22.87 0.26 -3.75
C ARG A 92 21.45 -0.31 -3.79
N VAL A 93 21.26 -1.47 -4.41
CA VAL A 93 19.94 -2.08 -4.54
C VAL A 93 19.40 -2.49 -3.17
N HIS A 94 20.29 -2.76 -2.22
CA HIS A 94 19.89 -3.18 -0.88
C HIS A 94 19.46 -1.99 -0.03
N ILE A 95 20.08 -0.82 -0.23
CA ILE A 95 19.78 0.35 0.58
C ILE A 95 18.39 0.86 0.27
N LYS A 96 18.01 0.86 -1.01
CA LYS A 96 16.67 1.30 -1.40
C LYS A 96 15.62 0.27 -1.02
N LEU A 97 16.00 -1.02 -1.06
CA LEU A 97 15.10 -2.10 -0.73
C LEU A 97 14.75 -2.09 0.75
N GLN A 98 15.77 -1.96 1.59
CA GLN A 98 15.61 -1.95 3.04
C GLN A 98 14.83 -0.72 3.49
N ALA A 99 15.01 0.42 2.83
CA ALA A 99 14.32 1.64 3.17
C ALA A 99 12.85 1.55 2.74
N ALA A 100 12.60 0.94 1.58
CA ALA A 100 11.25 0.82 1.07
C ALA A 100 10.41 -0.10 1.94
N LEU A 101 10.95 -1.26 2.31
CA LEU A 101 10.21 -2.20 3.15
C LEU A 101 10.07 -1.68 4.56
N GLU A 102 10.85 -0.66 4.95
CA GLU A 102 10.74 -0.06 6.26
C GLU A 102 9.47 0.78 6.33
N GLN A 103 9.08 1.39 5.21
CA GLN A 103 7.88 2.22 5.21
C GLN A 103 6.62 1.36 5.10
N VAL A 104 6.71 0.23 4.40
CA VAL A 104 5.51 -0.60 4.27
C VAL A 104 5.24 -1.32 5.58
N LYS A 105 6.29 -1.86 6.21
CA LYS A 105 6.12 -2.65 7.42
C LYS A 105 5.64 -1.80 8.60
N LYS A 106 5.90 -0.49 8.61
CA LYS A 106 5.35 0.40 9.63
C LYS A 106 3.90 0.75 9.34
N LEU A 107 3.45 0.51 8.10
CA LEU A 107 2.03 0.63 7.75
C LEU A 107 1.27 -0.68 8.01
N LEU A 108 1.97 -1.80 8.24
CA LEU A 108 1.32 -3.06 8.58
C LEU A 108 1.14 -3.21 10.08
N ILE A 109 1.48 -2.16 10.83
CA ILE A 109 1.37 -2.12 12.29
C ILE A 109 0.57 -0.88 12.74
N PRO A 110 -0.65 -0.71 12.20
CA PRO A 110 -1.52 0.42 12.48
C PRO A 110 -2.04 0.40 13.92
N ALA A 111 -2.75 1.46 14.29
CA ALA A 111 -3.30 1.62 15.63
C ALA A 111 -4.81 1.39 15.61
N PRO A 112 -5.42 1.13 16.77
CA PRO A 112 -6.87 0.99 16.90
C PRO A 112 -7.58 2.28 16.51
N GLU A 113 -8.91 2.22 16.42
CA GLU A 113 -9.72 3.35 16.00
C GLU A 113 -9.68 4.49 17.01
N GLY A 114 -9.98 5.70 16.53
CA GLY A 114 -10.05 6.90 17.34
C GLY A 114 -8.67 7.40 17.80
N THR A 115 -7.58 6.73 17.42
CA THR A 115 -6.24 7.14 17.82
C THR A 115 -5.24 7.06 16.66
N ASP A 116 -5.73 6.92 15.43
CA ASP A 116 -4.89 6.93 14.24
C ASP A 116 -5.32 8.11 13.36
N GLU A 117 -4.39 9.01 13.02
CA GLU A 117 -4.72 10.19 12.23
C GLU A 117 -4.48 9.95 10.74
N LEU A 118 -3.76 8.88 10.39
CA LEU A 118 -3.44 8.61 9.01
C LEU A 118 -4.66 8.05 8.30
N LYS A 119 -5.46 7.25 9.00
CA LYS A 119 -6.67 6.67 8.45
C LYS A 119 -7.82 7.67 8.45
N ARG A 120 -7.79 8.65 9.37
CA ARG A 120 -8.82 9.67 9.42
C ARG A 120 -8.65 10.66 8.28
N LYS A 121 -7.42 11.13 8.08
CA LYS A 121 -7.12 12.12 7.04
C LYS A 121 -7.16 11.52 5.64
N GLN A 122 -6.99 10.19 5.53
CA GLN A 122 -7.14 9.51 4.25
C GLN A 122 -8.62 9.44 3.87
N LEU A 123 -9.50 9.18 4.85
CA LEU A 123 -10.93 9.07 4.57
C LEU A 123 -11.58 10.45 4.44
N MET A 124 -10.94 11.49 4.98
CA MET A 124 -11.43 12.84 4.84
C MET A 124 -11.20 13.31 3.40
N GLU A 125 -9.97 13.15 2.90
CA GLU A 125 -9.62 13.58 1.56
C GLU A 125 -10.30 12.69 0.52
N LEU A 126 -10.53 11.42 0.84
CA LEU A 126 -11.24 10.51 -0.06
C LEU A 126 -12.67 10.99 -0.24
N ALA A 127 -13.24 11.59 0.81
CA ALA A 127 -14.61 12.07 0.79
C ALA A 127 -14.74 13.36 -0.02
N ILE A 128 -13.62 14.07 -0.24
CA ILE A 128 -13.62 15.24 -1.12
C ILE A 128 -13.46 14.76 -2.57
N ILE A 129 -12.87 13.58 -2.74
CA ILE A 129 -12.56 12.99 -4.02
C ILE A 129 -13.79 12.32 -4.64
N ASN A 130 -14.69 11.81 -3.81
CA ASN A 130 -15.91 11.15 -4.28
C ASN A 130 -17.15 12.01 -4.02
N GLY A 131 -16.98 13.16 -3.35
CA GLY A 131 -18.05 14.10 -3.12
C GLY A 131 -19.03 13.66 -2.03
N THR A 132 -18.62 12.71 -1.16
CA THR A 132 -19.50 12.19 -0.11
C THR A 132 -19.17 12.77 1.26
N TYR A 133 -18.35 13.83 1.30
CA TYR A 133 -17.94 14.43 2.57
C TYR A 133 -19.13 15.02 3.31
N ARG A 134 -18.96 15.25 4.61
CA ARG A 134 -19.99 15.83 5.46
C ARG A 134 -19.37 16.83 6.43
N PRO A 135 -20.06 17.96 6.68
CA PRO A 135 -19.58 19.04 7.52
C PRO A 135 -19.70 18.73 9.01
N MET A 136 -20.33 17.61 9.35
CA MET A 136 -20.59 17.18 10.72
C MET A 136 -21.22 18.29 11.59
N LYS A 137 -21.95 19.22 10.96
CA LYS A 137 -22.63 20.29 11.66
C LYS A 137 -23.96 20.58 10.98
N SER A 138 -25.05 20.47 11.75
CA SER A 138 -26.42 20.70 11.28
C SER A 138 -27.29 21.17 12.44
N PRO A 139 -28.42 21.82 12.15
CA PRO A 139 -29.38 22.23 13.15
C PRO A 139 -29.87 21.05 13.99
N ASN A 140 -30.22 21.31 15.25
CA ASN A 140 -30.71 20.28 16.15
C ASN A 140 -31.69 20.91 17.15
N PRO A 141 -32.96 20.46 17.17
CA PRO A 141 -33.98 20.90 18.10
C PRO A 141 -33.63 20.69 19.58
N ALA A 142 -32.50 20.03 19.87
CA ALA A 142 -32.07 19.75 21.24
C ALA A 142 -30.61 20.18 21.43
N LEU A 1 26.83 6.98 0.34
CA LEU A 1 26.59 5.82 -0.54
C LEU A 1 27.89 5.06 -0.83
N PRO A 2 27.81 3.74 -1.01
CA PRO A 2 28.96 2.91 -1.32
C PRO A 2 29.37 3.07 -2.78
N GLU A 3 30.48 2.44 -3.15
CA GLU A 3 30.98 2.46 -4.51
C GLU A 3 30.13 1.55 -5.39
N PRO A 4 30.07 1.80 -6.70
CA PRO A 4 29.28 1.00 -7.63
C PRO A 4 29.88 -0.41 -7.76
N ALA A 5 29.03 -1.37 -8.10
CA ALA A 5 29.45 -2.77 -8.17
C ALA A 5 29.84 -3.16 -9.60
N GLY A 6 29.34 -2.43 -10.60
CA GLY A 6 29.75 -2.61 -11.99
C GLY A 6 28.60 -3.05 -12.90
N ASP A 7 27.49 -3.50 -12.34
CA ASP A 7 26.33 -3.91 -13.13
C ASP A 7 25.03 -3.58 -12.41
N MET A 8 23.92 -3.57 -13.17
CA MET A 8 22.60 -3.26 -12.65
C MET A 8 21.91 -4.55 -12.22
N ILE A 9 21.38 -4.55 -10.99
CA ILE A 9 20.74 -5.72 -10.41
C ILE A 9 19.25 -5.46 -10.27
N SER A 10 18.45 -6.53 -10.17
CA SER A 10 17.03 -6.42 -9.95
C SER A 10 16.57 -7.51 -8.98
N ILE A 11 15.77 -7.14 -7.98
CA ILE A 11 15.30 -8.08 -6.98
C ILE A 11 13.98 -7.60 -6.37
N THR A 12 13.34 -8.46 -5.57
CA THR A 12 12.11 -8.10 -4.87
C THR A 12 12.00 -8.84 -3.53
N GLU A 13 11.19 -8.32 -2.63
CA GLU A 13 10.96 -8.92 -1.31
C GLU A 13 9.48 -9.19 -1.10
N LYS A 14 9.19 -10.31 -0.43
CA LYS A 14 7.84 -10.70 -0.07
C LYS A 14 7.63 -10.38 1.40
N ILE A 15 6.59 -9.60 1.71
CA ILE A 15 6.29 -9.21 3.06
C ILE A 15 4.78 -9.34 3.30
N TYR A 16 4.37 -10.46 3.89
CA TYR A 16 2.96 -10.71 4.17
C TYR A 16 2.45 -9.74 5.24
N VAL A 17 1.16 -9.39 5.13
CA VAL A 17 0.49 -8.50 6.07
C VAL A 17 0.14 -9.26 7.34
N PRO A 18 0.39 -8.67 8.53
CA PRO A 18 0.09 -9.27 9.82
C PRO A 18 -1.41 -9.25 10.13
N LYS A 19 -2.25 -9.35 9.10
CA LYS A 19 -3.70 -9.31 9.23
C LYS A 19 -4.25 -10.41 10.14
N ASN A 20 -3.41 -11.38 10.52
CA ASN A 20 -3.79 -12.42 11.46
C ASN A 20 -3.91 -11.87 12.88
N GLU A 21 -3.50 -10.61 13.08
CA GLU A 21 -3.64 -9.90 14.35
C GLU A 21 -4.69 -8.80 14.22
N TYR A 22 -4.88 -8.33 12.99
CA TYR A 22 -5.82 -7.26 12.66
C TYR A 22 -6.83 -7.73 11.60
N PRO A 23 -7.62 -8.77 11.88
CA PRO A 23 -8.52 -9.39 10.93
C PRO A 23 -9.69 -8.47 10.53
N ASP A 24 -9.82 -7.32 11.20
CA ASP A 24 -10.87 -6.35 10.92
C ASP A 24 -10.33 -5.08 10.29
N TYR A 25 -9.06 -5.08 9.86
CA TYR A 25 -8.42 -3.91 9.29
C TYR A 25 -8.22 -4.04 7.78
N ASN A 26 -8.18 -2.91 7.07
CA ASN A 26 -8.07 -2.84 5.62
C ASN A 26 -6.74 -2.20 5.20
N PHE A 27 -5.68 -3.01 5.14
CA PHE A 27 -4.35 -2.53 4.82
C PHE A 27 -4.24 -2.02 3.40
N VAL A 28 -5.04 -2.56 2.47
CA VAL A 28 -4.97 -2.15 1.08
C VAL A 28 -5.33 -0.67 0.95
N GLY A 29 -6.26 -0.19 1.77
CA GLY A 29 -6.66 1.20 1.74
C GLY A 29 -5.66 2.07 2.51
N ARG A 30 -4.97 1.49 3.49
CA ARG A 30 -4.02 2.22 4.31
C ARG A 30 -2.69 2.45 3.58
N ILE A 31 -2.23 1.47 2.81
CA ILE A 31 -0.96 1.57 2.11
C ILE A 31 -1.12 2.35 0.81
N LEU A 32 -2.29 2.28 0.15
CA LEU A 32 -2.50 2.99 -1.10
C LEU A 32 -3.02 4.41 -0.84
N GLY A 33 -3.85 4.60 0.18
CA GLY A 33 -4.43 5.90 0.49
C GLY A 33 -5.42 6.33 -0.59
N PRO A 34 -5.94 7.56 -0.51
CA PRO A 34 -6.94 8.06 -1.44
C PRO A 34 -6.35 8.17 -2.84
N ARG A 35 -7.04 7.59 -3.82
CA ARG A 35 -6.62 7.54 -5.22
C ARG A 35 -5.16 7.09 -5.39
N GLY A 36 -4.62 6.35 -4.41
CA GLY A 36 -3.26 5.83 -4.50
C GLY A 36 -2.20 6.87 -4.12
N MET A 37 -2.61 8.00 -3.56
CA MET A 37 -1.69 9.08 -3.22
C MET A 37 -0.55 8.61 -2.31
N THR A 38 -0.81 7.63 -1.44
CA THR A 38 0.21 7.13 -0.52
C THR A 38 1.13 6.14 -1.23
N ALA A 39 0.63 5.46 -2.27
CA ALA A 39 1.42 4.49 -3.01
C ALA A 39 2.33 5.19 -4.02
N LYS A 40 1.85 6.29 -4.62
CA LYS A 40 2.63 7.04 -5.59
C LYS A 40 3.76 7.79 -4.89
N GLN A 41 3.52 8.22 -3.64
CA GLN A 41 4.55 8.90 -2.87
C GLN A 41 5.58 7.89 -2.36
N LEU A 42 5.19 6.63 -2.16
CA LEU A 42 6.12 5.61 -1.72
C LEU A 42 7.08 5.20 -2.83
N GLU A 43 6.59 5.06 -4.06
CA GLU A 43 7.40 4.55 -5.17
C GLU A 43 8.31 5.64 -5.75
N GLN A 44 8.01 6.91 -5.51
CA GLN A 44 8.87 8.00 -5.99
C GLN A 44 9.93 8.35 -4.94
N ASP A 45 9.62 8.13 -3.66
CA ASP A 45 10.53 8.46 -2.57
C ASP A 45 11.63 7.40 -2.42
N THR A 46 11.29 6.14 -2.69
CA THR A 46 12.21 5.02 -2.53
C THR A 46 12.74 4.52 -3.86
N GLY A 47 12.10 4.95 -4.96
CA GLY A 47 12.48 4.51 -6.30
C GLY A 47 12.12 3.04 -6.52
N CYS A 48 11.47 2.40 -5.56
CA CYS A 48 11.07 1.01 -5.64
C CYS A 48 9.60 0.90 -6.05
N LYS A 49 9.21 -0.21 -6.66
CA LYS A 49 7.83 -0.39 -7.09
C LYS A 49 7.02 -1.03 -5.96
N ILE A 50 5.82 -0.50 -5.75
CA ILE A 50 4.93 -0.96 -4.69
C ILE A 50 3.85 -1.84 -5.29
N MET A 51 3.52 -2.94 -4.58
CA MET A 51 2.50 -3.89 -4.99
C MET A 51 1.78 -4.40 -3.75
N VAL A 52 0.45 -4.42 -3.81
CA VAL A 52 -0.39 -4.83 -2.70
C VAL A 52 -1.60 -5.59 -3.23
N ARG A 53 -1.91 -6.74 -2.61
CA ARG A 53 -3.08 -7.53 -3.00
C ARG A 53 -3.37 -8.59 -1.95
N GLY A 54 -4.53 -9.25 -2.09
CA GLY A 54 -4.96 -10.33 -1.22
C GLY A 54 -6.28 -10.91 -1.72
N LYS A 55 -6.86 -11.82 -0.94
CA LYS A 55 -8.13 -12.44 -1.31
C LYS A 55 -9.27 -11.45 -1.14
N GLY A 56 -10.10 -11.33 -2.18
CA GLY A 56 -11.26 -10.45 -2.17
C GLY A 56 -10.88 -8.96 -2.07
N SER A 57 -9.62 -8.60 -2.30
CA SER A 57 -9.20 -7.21 -2.17
C SER A 57 -9.78 -6.33 -3.26
N MET A 58 -10.16 -6.93 -4.39
CA MET A 58 -10.80 -6.23 -5.50
C MET A 58 -11.69 -7.20 -6.28
N ARG A 59 -12.67 -6.66 -7.01
CA ARG A 59 -13.59 -7.45 -7.81
C ARG A 59 -14.15 -6.64 -9.00
N ASP A 60 -13.57 -5.47 -9.26
CA ASP A 60 -14.11 -4.53 -10.23
C ASP A 60 -13.71 -4.85 -11.67
N LYS A 61 -12.80 -5.82 -11.88
CA LYS A 61 -12.37 -6.19 -13.23
C LYS A 61 -12.03 -7.67 -13.34
N SER A 62 -12.67 -8.51 -12.53
CA SER A 62 -12.38 -9.94 -12.46
C SER A 62 -12.63 -10.68 -13.77
N LYS A 63 -13.24 -10.02 -14.76
CA LYS A 63 -13.53 -10.63 -16.05
C LYS A 63 -13.09 -9.71 -17.20
N GLU A 64 -12.31 -8.68 -16.88
CA GLU A 64 -11.86 -7.71 -17.88
C GLU A 64 -10.60 -8.22 -18.60
N SER A 65 -9.89 -9.17 -17.99
CA SER A 65 -8.64 -9.69 -18.51
C SER A 65 -8.53 -11.19 -18.24
N ALA A 66 -7.56 -11.85 -18.89
CA ALA A 66 -7.33 -13.27 -18.71
C ALA A 66 -5.83 -13.55 -18.63
N HIS A 67 -5.44 -14.41 -17.69
CA HIS A 67 -4.04 -14.73 -17.42
C HIS A 67 -3.96 -15.99 -16.56
N ARG A 68 -2.73 -16.48 -16.34
CA ARG A 68 -2.48 -17.68 -15.54
C ARG A 68 -1.28 -17.47 -14.62
N GLY A 69 -1.06 -18.43 -13.70
CA GLY A 69 0.03 -18.35 -12.73
C GLY A 69 -0.26 -17.33 -11.63
N LYS A 70 0.66 -17.19 -10.68
CA LYS A 70 0.51 -16.25 -9.58
C LYS A 70 0.85 -14.84 -10.05
N ALA A 71 0.01 -13.87 -9.69
CA ALA A 71 0.15 -12.49 -10.11
C ALA A 71 -0.65 -11.58 -9.17
N ASN A 72 -0.59 -10.27 -9.41
CA ASN A 72 -1.30 -9.28 -8.59
C ASN A 72 -2.81 -9.32 -8.80
N TRP A 73 -3.29 -10.23 -9.66
CA TRP A 73 -4.69 -10.39 -10.01
C TRP A 73 -5.02 -11.86 -10.24
N GLU A 74 -4.37 -12.75 -9.49
CA GLU A 74 -4.58 -14.19 -9.59
C GLU A 74 -6.00 -14.57 -9.14
N HIS A 75 -6.26 -15.86 -8.92
CA HIS A 75 -7.57 -16.36 -8.51
C HIS A 75 -7.96 -15.94 -7.10
N LEU A 76 -7.26 -14.93 -6.56
CA LEU A 76 -7.52 -14.35 -5.25
C LEU A 76 -7.57 -15.40 -4.15
N GLU A 77 -6.77 -16.46 -4.27
CA GLU A 77 -6.76 -17.57 -3.32
C GLU A 77 -5.64 -17.44 -2.28
N ASP A 78 -5.04 -16.25 -2.18
CA ASP A 78 -3.93 -16.00 -1.26
C ASP A 78 -4.20 -14.75 -0.43
N ASP A 79 -3.74 -14.75 0.82
CA ASP A 79 -4.01 -13.69 1.78
C ASP A 79 -3.27 -12.40 1.45
N LEU A 80 -3.60 -11.33 2.20
CA LEU A 80 -3.00 -10.02 2.02
C LEU A 80 -1.49 -10.12 2.14
N HIS A 81 -0.77 -9.69 1.11
CA HIS A 81 0.68 -9.62 1.16
C HIS A 81 1.19 -8.42 0.37
N VAL A 82 2.38 -7.95 0.74
CA VAL A 82 3.01 -6.81 0.10
C VAL A 82 4.24 -7.27 -0.65
N LEU A 83 4.56 -6.59 -1.76
CA LEU A 83 5.75 -6.88 -2.54
C LEU A 83 6.45 -5.56 -2.87
N VAL A 84 7.78 -5.57 -2.94
CA VAL A 84 8.55 -4.37 -3.22
C VAL A 84 9.70 -4.72 -4.14
N GLN A 85 9.66 -4.21 -5.36
CA GLN A 85 10.68 -4.48 -6.35
C GLN A 85 11.66 -3.31 -6.46
N CYS A 86 12.94 -3.62 -6.67
CA CYS A 86 13.99 -2.61 -6.71
C CYS A 86 15.09 -3.00 -7.70
N GLU A 87 15.75 -2.00 -8.27
CA GLU A 87 16.88 -2.22 -9.15
C GLU A 87 17.97 -1.16 -8.94
N ASP A 88 19.20 -1.62 -8.75
CA ASP A 88 20.39 -0.79 -8.61
C ASP A 88 21.62 -1.70 -8.59
N THR A 89 22.80 -1.18 -8.28
CA THR A 89 24.01 -1.97 -8.17
C THR A 89 23.92 -2.94 -7.00
N GLU A 90 24.83 -3.91 -6.97
CA GLU A 90 24.89 -4.93 -5.94
C GLU A 90 25.09 -4.33 -4.54
N ASN A 91 25.35 -3.02 -4.48
CA ASN A 91 25.65 -2.34 -3.24
C ASN A 91 24.58 -1.30 -2.89
N ARG A 92 23.61 -1.05 -3.79
CA ARG A 92 22.60 -0.02 -3.55
C ARG A 92 21.18 -0.52 -3.76
N VAL A 93 21.02 -1.69 -4.40
CA VAL A 93 19.70 -2.25 -4.64
C VAL A 93 19.04 -2.65 -3.33
N HIS A 94 19.85 -3.02 -2.33
CA HIS A 94 19.34 -3.44 -1.04
C HIS A 94 18.99 -2.25 -0.16
N ILE A 95 19.72 -1.14 -0.29
CA ILE A 95 19.51 0.02 0.55
C ILE A 95 18.16 0.66 0.23
N LYS A 96 17.79 0.73 -1.04
CA LYS A 96 16.53 1.32 -1.44
C LYS A 96 15.36 0.39 -1.10
N LEU A 97 15.56 -0.92 -1.24
CA LEU A 97 14.49 -1.88 -0.96
C LEU A 97 14.23 -1.98 0.54
N GLN A 98 15.29 -2.00 1.35
CA GLN A 98 15.15 -2.10 2.80
C GLN A 98 14.48 -0.84 3.35
N ALA A 99 14.76 0.32 2.76
CA ALA A 99 14.13 1.57 3.17
C ALA A 99 12.66 1.57 2.76
N ALA A 100 12.35 1.00 1.59
CA ALA A 100 10.98 0.97 1.11
C ALA A 100 10.11 0.10 2.00
N LEU A 101 10.60 -1.10 2.36
CA LEU A 101 9.82 -2.00 3.19
C LEU A 101 9.75 -1.50 4.63
N GLU A 102 10.57 -0.51 5.00
CA GLU A 102 10.50 0.07 6.33
C GLU A 102 9.27 0.97 6.43
N GLN A 103 8.89 1.63 5.33
CA GLN A 103 7.73 2.51 5.36
C GLN A 103 6.44 1.71 5.28
N VAL A 104 6.46 0.58 4.55
CA VAL A 104 5.24 -0.19 4.41
C VAL A 104 4.95 -0.93 5.71
N LYS A 105 5.98 -1.48 6.36
CA LYS A 105 5.78 -2.26 7.59
C LYS A 105 5.34 -1.38 8.75
N LYS A 106 5.62 -0.07 8.69
CA LYS A 106 5.08 0.88 9.66
C LYS A 106 3.60 1.19 9.34
N LEU A 107 3.14 0.85 8.14
CA LEU A 107 1.72 0.91 7.81
C LEU A 107 1.00 -0.42 8.06
N LEU A 108 1.75 -1.50 8.33
CA LEU A 108 1.16 -2.79 8.68
C LEU A 108 0.93 -2.90 10.19
N ILE A 109 1.14 -1.78 10.90
CA ILE A 109 1.00 -1.72 12.35
C ILE A 109 0.12 -0.53 12.77
N PRO A 110 -1.12 -0.47 12.25
CA PRO A 110 -2.09 0.58 12.53
C PRO A 110 -2.57 0.51 13.98
N ALA A 111 -3.41 1.47 14.37
CA ALA A 111 -3.92 1.59 15.73
C ALA A 111 -5.44 1.49 15.76
N PRO A 112 -6.03 1.29 16.95
CA PRO A 112 -7.47 1.27 17.16
C PRO A 112 -8.17 2.53 16.64
N GLU A 113 -9.51 2.50 16.65
CA GLU A 113 -10.31 3.63 16.20
C GLU A 113 -10.19 4.80 17.17
N GLY A 114 -10.27 6.02 16.64
CA GLY A 114 -10.16 7.24 17.43
C GLY A 114 -8.72 7.53 17.86
N THR A 115 -7.74 6.74 17.42
CA THR A 115 -6.34 6.94 17.79
C THR A 115 -5.42 6.92 16.56
N ASP A 116 -5.97 6.70 15.37
CA ASP A 116 -5.19 6.58 14.14
C ASP A 116 -5.59 7.66 13.15
N GLU A 117 -5.08 8.88 13.35
CA GLU A 117 -5.37 9.99 12.47
C GLU A 117 -4.76 9.80 11.08
N LEU A 118 -3.82 8.86 10.94
CA LEU A 118 -3.13 8.63 9.67
C LEU A 118 -4.03 7.95 8.66
N LYS A 119 -5.18 7.44 9.10
CA LYS A 119 -6.19 6.89 8.20
C LYS A 119 -7.55 7.55 8.38
N ARG A 120 -7.67 8.43 9.38
CA ARG A 120 -8.88 9.22 9.61
C ARG A 120 -8.84 10.50 8.79
N LYS A 121 -7.64 11.07 8.60
CA LYS A 121 -7.46 12.27 7.80
C LYS A 121 -7.42 11.95 6.31
N GLN A 122 -7.16 10.69 5.97
CA GLN A 122 -7.21 10.22 4.59
C GLN A 122 -8.66 10.10 4.13
N LEU A 123 -9.57 9.81 5.05
CA LEU A 123 -10.97 9.60 4.71
C LEU A 123 -11.72 10.93 4.55
N MET A 124 -11.16 12.04 5.03
CA MET A 124 -11.77 13.33 4.77
C MET A 124 -11.46 13.74 3.34
N GLU A 125 -10.21 13.56 2.92
CA GLU A 125 -9.77 13.96 1.59
C GLU A 125 -10.35 13.02 0.53
N LEU A 126 -10.53 11.74 0.87
CA LEU A 126 -11.15 10.78 -0.03
C LEU A 126 -12.58 11.22 -0.30
N ALA A 127 -13.21 11.85 0.70
CA ALA A 127 -14.59 12.26 0.61
C ALA A 127 -14.74 13.57 -0.18
N ILE A 128 -13.65 14.33 -0.35
CA ILE A 128 -13.71 15.54 -1.18
C ILE A 128 -13.54 15.12 -2.64
N ILE A 129 -12.82 14.02 -2.84
CA ILE A 129 -12.49 13.47 -4.15
C ILE A 129 -13.71 12.81 -4.79
N ASN A 130 -14.54 12.13 -3.99
CA ASN A 130 -15.74 11.47 -4.51
C ASN A 130 -16.99 12.31 -4.23
N GLY A 131 -16.83 13.44 -3.54
CA GLY A 131 -17.92 14.37 -3.29
C GLY A 131 -18.93 13.87 -2.26
N THR A 132 -18.56 12.89 -1.43
CA THR A 132 -19.49 12.33 -0.44
C THR A 132 -19.19 12.83 0.98
N TYR A 133 -18.34 13.85 1.10
CA TYR A 133 -17.95 14.38 2.40
C TYR A 133 -19.12 15.01 3.14
N ARG A 134 -18.94 15.21 4.45
CA ARG A 134 -19.93 15.87 5.28
C ARG A 134 -19.23 16.97 6.09
N PRO A 135 -19.91 18.11 6.27
CA PRO A 135 -19.40 19.28 6.98
C PRO A 135 -19.46 19.08 8.49
N MET A 136 -18.85 17.99 8.99
CA MET A 136 -18.84 17.71 10.41
C MET A 136 -18.21 18.86 11.18
N LYS A 137 -18.84 19.25 12.29
CA LYS A 137 -18.33 20.32 13.15
C LYS A 137 -17.11 19.83 13.92
N SER A 138 -16.14 20.70 14.16
CA SER A 138 -14.91 20.33 14.85
C SER A 138 -15.14 20.18 16.35
N PRO A 139 -14.36 19.32 17.02
CA PRO A 139 -14.42 19.12 18.46
C PRO A 139 -14.13 20.42 19.21
N ASN A 140 -14.85 20.64 20.32
CA ASN A 140 -14.68 21.80 21.17
C ASN A 140 -14.96 21.38 22.62
N PRO A 141 -14.00 21.58 23.53
CA PRO A 141 -14.16 21.32 24.95
C PRO A 141 -15.33 22.12 25.55
N ALA A 142 -15.82 21.66 26.70
CA ALA A 142 -16.93 22.28 27.41
C ALA A 142 -16.76 22.11 28.92
N LEU A 1 26.51 6.77 0.74
CA LEU A 1 26.28 5.54 -0.05
C LEU A 1 27.59 5.02 -0.65
N PRO A 2 27.69 3.72 -0.91
CA PRO A 2 28.87 3.09 -1.48
C PRO A 2 28.99 3.40 -2.98
N GLU A 3 30.11 2.99 -3.58
CA GLU A 3 30.38 3.21 -4.99
C GLU A 3 29.71 2.13 -5.83
N PRO A 4 29.51 2.37 -7.13
CA PRO A 4 28.89 1.42 -8.05
C PRO A 4 29.61 0.07 -8.07
N ALA A 5 28.89 -0.99 -8.42
CA ALA A 5 29.43 -2.34 -8.44
C ALA A 5 29.86 -2.77 -9.85
N GLY A 6 29.26 -2.17 -10.88
CA GLY A 6 29.66 -2.41 -12.27
C GLY A 6 28.49 -2.69 -13.20
N ASP A 7 27.37 -3.20 -12.66
CA ASP A 7 26.19 -3.49 -13.46
C ASP A 7 24.90 -3.31 -12.65
N MET A 8 23.79 -3.16 -13.35
CA MET A 8 22.49 -2.92 -12.71
C MET A 8 21.84 -4.23 -12.30
N ILE A 9 21.34 -4.28 -11.07
CA ILE A 9 20.70 -5.46 -10.52
C ILE A 9 19.21 -5.22 -10.36
N SER A 10 18.41 -6.29 -10.27
CA SER A 10 16.99 -6.19 -10.05
C SER A 10 16.53 -7.29 -9.10
N ILE A 11 15.79 -6.92 -8.05
CA ILE A 11 15.33 -7.87 -7.05
C ILE A 11 14.04 -7.37 -6.39
N THR A 12 13.40 -8.23 -5.59
CA THR A 12 12.21 -7.86 -4.85
C THR A 12 12.09 -8.66 -3.55
N GLU A 13 11.34 -8.10 -2.59
CA GLU A 13 11.06 -8.75 -1.32
C GLU A 13 9.55 -8.80 -1.11
N LYS A 14 9.04 -9.97 -0.72
CA LYS A 14 7.62 -10.13 -0.49
C LYS A 14 7.36 -10.27 1.01
N ILE A 15 6.47 -9.42 1.50
CA ILE A 15 6.21 -9.24 2.92
C ILE A 15 4.71 -9.36 3.17
N TYR A 16 4.28 -10.43 3.85
CA TYR A 16 2.88 -10.65 4.10
C TYR A 16 2.32 -9.69 5.15
N VAL A 17 1.02 -9.39 5.03
CA VAL A 17 0.30 -8.53 5.94
C VAL A 17 -0.11 -9.34 7.18
N PRO A 18 0.16 -8.83 8.39
CA PRO A 18 -0.17 -9.49 9.65
C PRO A 18 -1.62 -9.27 10.07
N LYS A 19 -2.57 -9.30 9.14
CA LYS A 19 -3.98 -9.09 9.47
C LYS A 19 -4.54 -10.15 10.43
N ASN A 20 -3.73 -11.15 10.78
CA ASN A 20 -4.11 -12.15 11.77
C ASN A 20 -4.23 -11.51 13.16
N GLU A 21 -3.63 -10.32 13.33
CA GLU A 21 -3.66 -9.58 14.58
C GLU A 21 -4.62 -8.41 14.46
N TYR A 22 -4.93 -8.01 13.23
CA TYR A 22 -5.83 -6.92 12.90
C TYR A 22 -6.91 -7.39 11.93
N PRO A 23 -7.73 -8.38 12.30
CA PRO A 23 -8.70 -9.02 11.42
C PRO A 23 -9.84 -8.08 11.02
N ASP A 24 -9.90 -6.89 11.63
CA ASP A 24 -10.93 -5.89 11.33
C ASP A 24 -10.32 -4.66 10.65
N TYR A 25 -9.08 -4.76 10.16
CA TYR A 25 -8.38 -3.63 9.57
C TYR A 25 -8.27 -3.74 8.05
N ASN A 26 -8.17 -2.59 7.38
CA ASN A 26 -8.11 -2.48 5.92
C ASN A 26 -6.73 -1.99 5.48
N PHE A 27 -5.81 -2.92 5.24
CA PHE A 27 -4.44 -2.57 4.87
C PHE A 27 -4.36 -2.09 3.43
N VAL A 28 -5.16 -2.66 2.53
CA VAL A 28 -5.10 -2.28 1.12
C VAL A 28 -5.49 -0.81 0.97
N GLY A 29 -6.40 -0.33 1.83
CA GLY A 29 -6.81 1.06 1.81
C GLY A 29 -5.82 1.96 2.55
N ARG A 30 -5.02 1.40 3.45
CA ARG A 30 -4.03 2.17 4.21
C ARG A 30 -2.73 2.36 3.42
N ILE A 31 -2.32 1.34 2.66
CA ILE A 31 -1.08 1.40 1.90
C ILE A 31 -1.30 2.16 0.58
N LEU A 32 -2.49 2.05 -0.03
CA LEU A 32 -2.76 2.73 -1.29
C LEU A 32 -3.28 4.14 -1.08
N GLY A 33 -4.09 4.36 -0.04
CA GLY A 33 -4.65 5.67 0.25
C GLY A 33 -5.62 6.12 -0.85
N PRO A 34 -6.07 7.37 -0.79
CA PRO A 34 -7.04 7.91 -1.72
C PRO A 34 -6.44 8.06 -3.10
N ARG A 35 -7.13 7.52 -4.12
CA ARG A 35 -6.71 7.55 -5.51
C ARG A 35 -5.27 7.07 -5.72
N GLY A 36 -4.76 6.25 -4.79
CA GLY A 36 -3.41 5.70 -4.89
C GLY A 36 -2.33 6.69 -4.48
N MET A 37 -2.71 7.84 -3.91
CA MET A 37 -1.77 8.88 -3.56
C MET A 37 -0.72 8.42 -2.54
N THR A 38 -1.07 7.45 -1.69
CA THR A 38 -0.12 6.96 -0.69
C THR A 38 0.80 5.90 -1.31
N ALA A 39 0.32 5.18 -2.32
CA ALA A 39 1.15 4.22 -3.03
C ALA A 39 2.14 4.94 -3.93
N LYS A 40 1.72 6.08 -4.50
CA LYS A 40 2.56 6.88 -5.39
C LYS A 40 3.63 7.62 -4.60
N GLN A 41 3.33 7.97 -3.35
CA GLN A 41 4.28 8.67 -2.50
C GLN A 41 5.37 7.72 -2.03
N LEU A 42 5.04 6.45 -1.80
CA LEU A 42 6.00 5.45 -1.37
C LEU A 42 7.00 5.12 -2.48
N GLU A 43 6.53 4.99 -3.73
CA GLU A 43 7.38 4.57 -4.84
C GLU A 43 8.26 5.70 -5.38
N GLN A 44 7.90 6.97 -5.10
CA GLN A 44 8.73 8.08 -5.55
C GLN A 44 9.77 8.43 -4.48
N ASP A 45 9.45 8.19 -3.20
CA ASP A 45 10.34 8.48 -2.10
C ASP A 45 11.47 7.47 -2.00
N THR A 46 11.17 6.19 -2.27
CA THR A 46 12.15 5.12 -2.13
C THR A 46 12.74 4.72 -3.47
N GLY A 47 12.08 5.10 -4.56
CA GLY A 47 12.51 4.72 -5.90
C GLY A 47 12.19 3.25 -6.18
N CYS A 48 11.51 2.57 -5.25
CA CYS A 48 11.11 1.18 -5.40
C CYS A 48 9.66 1.11 -5.85
N LYS A 49 9.25 -0.02 -6.45
CA LYS A 49 7.90 -0.17 -6.96
C LYS A 49 7.04 -0.95 -5.96
N ILE A 50 5.83 -0.45 -5.69
CA ILE A 50 4.94 -1.04 -4.69
C ILE A 50 3.87 -1.90 -5.37
N MET A 51 3.56 -3.04 -4.73
CA MET A 51 2.54 -3.97 -5.17
C MET A 51 1.86 -4.59 -3.96
N VAL A 52 0.56 -4.86 -4.07
CA VAL A 52 -0.25 -5.39 -2.99
C VAL A 52 -1.33 -6.30 -3.59
N ARG A 53 -1.58 -7.46 -2.99
CA ARG A 53 -2.69 -8.32 -3.41
C ARG A 53 -3.01 -9.38 -2.36
N GLY A 54 -4.23 -9.91 -2.42
CA GLY A 54 -4.72 -10.94 -1.53
C GLY A 54 -6.17 -11.27 -1.83
N LYS A 55 -6.78 -12.14 -1.02
CA LYS A 55 -8.17 -12.54 -1.22
C LYS A 55 -9.14 -11.38 -0.99
N GLY A 56 -8.65 -10.25 -0.47
CA GLY A 56 -9.46 -9.07 -0.24
C GLY A 56 -9.57 -8.18 -1.47
N SER A 57 -8.80 -8.47 -2.53
CA SER A 57 -8.83 -7.68 -3.76
C SER A 57 -9.93 -8.13 -4.71
N MET A 58 -10.70 -9.16 -4.33
CA MET A 58 -11.79 -9.68 -5.14
C MET A 58 -12.86 -10.31 -4.25
N ARG A 59 -13.91 -10.86 -4.89
CA ARG A 59 -15.07 -11.47 -4.25
C ARG A 59 -15.67 -10.61 -3.14
N ASP A 60 -15.25 -9.34 -3.08
CA ASP A 60 -15.78 -8.40 -2.08
C ASP A 60 -17.21 -8.00 -2.45
N LYS A 61 -17.41 -7.60 -3.71
CA LYS A 61 -18.71 -7.26 -4.29
C LYS A 61 -19.55 -6.27 -3.47
N SER A 62 -18.94 -5.51 -2.55
CA SER A 62 -19.66 -4.52 -1.75
C SER A 62 -18.99 -3.14 -1.81
N LYS A 63 -17.70 -3.11 -2.17
CA LYS A 63 -16.94 -1.88 -2.37
C LYS A 63 -16.09 -1.99 -3.64
N GLU A 64 -16.25 -3.09 -4.37
CA GLU A 64 -15.46 -3.39 -5.55
C GLU A 64 -15.86 -2.50 -6.72
N SER A 65 -14.88 -1.94 -7.42
CA SER A 65 -15.10 -1.07 -8.56
C SER A 65 -13.91 -1.12 -9.51
N ALA A 66 -14.14 -0.75 -10.78
CA ALA A 66 -13.13 -0.75 -11.84
C ALA A 66 -12.41 -2.09 -11.99
N HIS A 67 -12.91 -3.15 -11.36
CA HIS A 67 -12.33 -4.48 -11.39
C HIS A 67 -13.40 -5.57 -11.38
N ARG A 68 -14.66 -5.19 -11.67
CA ARG A 68 -15.79 -6.13 -11.62
C ARG A 68 -15.79 -7.04 -12.86
N GLY A 69 -15.09 -6.64 -13.92
CA GLY A 69 -14.94 -7.45 -15.12
C GLY A 69 -13.75 -8.39 -14.97
N LYS A 70 -13.23 -8.91 -16.09
CA LYS A 70 -12.05 -9.75 -16.06
C LYS A 70 -10.87 -8.93 -15.56
N ALA A 71 -10.03 -9.54 -14.72
CA ALA A 71 -8.91 -8.84 -14.10
C ALA A 71 -7.68 -9.76 -14.00
N ASN A 72 -6.55 -9.17 -13.58
CA ASN A 72 -5.29 -9.88 -13.45
C ASN A 72 -5.19 -10.62 -12.11
N TRP A 73 -6.22 -10.51 -11.27
CA TRP A 73 -6.24 -11.13 -9.95
C TRP A 73 -7.62 -11.68 -9.62
N GLU A 74 -7.78 -13.00 -9.82
CA GLU A 74 -9.01 -13.70 -9.49
C GLU A 74 -8.67 -15.05 -8.88
N HIS A 75 -9.50 -15.50 -7.93
CA HIS A 75 -9.30 -16.77 -7.23
C HIS A 75 -7.89 -16.92 -6.66
N LEU A 76 -7.33 -15.84 -6.10
CA LEU A 76 -6.01 -15.88 -5.50
C LEU A 76 -5.97 -16.87 -4.32
N GLU A 77 -7.08 -16.99 -3.59
CA GLU A 77 -7.22 -17.90 -2.45
C GLU A 77 -6.04 -17.79 -1.47
N ASP A 78 -5.42 -16.62 -1.35
CA ASP A 78 -4.29 -16.41 -0.46
C ASP A 78 -4.44 -15.09 0.31
N ASP A 79 -3.69 -14.94 1.39
CA ASP A 79 -3.80 -13.80 2.28
C ASP A 79 -3.22 -12.52 1.68
N LEU A 80 -3.57 -11.39 2.30
CA LEU A 80 -3.04 -10.09 1.95
C LEU A 80 -1.51 -10.13 2.07
N HIS A 81 -0.82 -9.63 1.04
CA HIS A 81 0.63 -9.54 1.07
C HIS A 81 1.10 -8.28 0.34
N VAL A 82 2.34 -7.89 0.63
CA VAL A 82 2.95 -6.72 0.04
C VAL A 82 4.21 -7.12 -0.72
N LEU A 83 4.56 -6.40 -1.77
CA LEU A 83 5.76 -6.66 -2.55
C LEU A 83 6.47 -5.33 -2.82
N VAL A 84 7.80 -5.36 -2.88
CA VAL A 84 8.60 -4.16 -3.08
C VAL A 84 9.75 -4.48 -4.01
N GLN A 85 9.68 -3.97 -5.25
CA GLN A 85 10.69 -4.23 -6.26
C GLN A 85 11.69 -3.07 -6.35
N CYS A 86 12.96 -3.38 -6.58
CA CYS A 86 14.00 -2.38 -6.65
C CYS A 86 15.07 -2.78 -7.67
N GLU A 87 15.71 -1.78 -8.28
CA GLU A 87 16.82 -2.02 -9.19
C GLU A 87 17.91 -0.96 -9.00
N ASP A 88 19.13 -1.44 -8.75
CA ASP A 88 20.32 -0.62 -8.59
C ASP A 88 21.55 -1.52 -8.60
N THR A 89 22.73 -0.98 -8.30
CA THR A 89 23.95 -1.77 -8.25
C THR A 89 23.93 -2.74 -7.08
N GLU A 90 24.85 -3.71 -7.10
CA GLU A 90 24.94 -4.73 -6.05
C GLU A 90 25.20 -4.12 -4.68
N ASN A 91 25.47 -2.82 -4.64
CA ASN A 91 25.83 -2.13 -3.40
C ASN A 91 24.74 -1.14 -2.97
N ARG A 92 23.73 -0.90 -3.81
CA ARG A 92 22.73 0.12 -3.51
C ARG A 92 21.30 -0.38 -3.72
N VAL A 93 21.13 -1.51 -4.40
CA VAL A 93 19.80 -2.08 -4.64
C VAL A 93 19.17 -2.53 -3.33
N HIS A 94 19.99 -2.93 -2.35
CA HIS A 94 19.50 -3.41 -1.08
C HIS A 94 19.16 -2.25 -0.15
N ILE A 95 19.90 -1.14 -0.21
CA ILE A 95 19.69 -0.02 0.69
C ILE A 95 18.34 0.64 0.41
N LYS A 96 17.97 0.75 -0.87
CA LYS A 96 16.71 1.37 -1.25
C LYS A 96 15.54 0.43 -0.98
N LEU A 97 15.73 -0.87 -1.17
CA LEU A 97 14.66 -1.84 -0.95
C LEU A 97 14.39 -1.98 0.55
N GLN A 98 15.45 -2.06 1.37
CA GLN A 98 15.31 -2.21 2.80
C GLN A 98 14.63 -0.98 3.41
N ALA A 99 14.91 0.20 2.86
CA ALA A 99 14.28 1.44 3.33
C ALA A 99 12.81 1.45 2.92
N ALA A 100 12.50 0.91 1.73
CA ALA A 100 11.13 0.88 1.25
C ALA A 100 10.28 -0.07 2.07
N LEU A 101 10.77 -1.28 2.35
CA LEU A 101 10.01 -2.24 3.13
C LEU A 101 9.97 -1.85 4.61
N GLU A 102 10.75 -0.84 5.00
CA GLU A 102 10.70 -0.30 6.35
C GLU A 102 9.47 0.58 6.50
N GLN A 103 9.08 1.29 5.42
CA GLN A 103 7.91 2.15 5.50
C GLN A 103 6.63 1.33 5.42
N VAL A 104 6.66 0.21 4.69
CA VAL A 104 5.43 -0.56 4.53
C VAL A 104 5.10 -1.26 5.84
N LYS A 105 6.10 -1.82 6.53
CA LYS A 105 5.85 -2.51 7.80
C LYS A 105 5.37 -1.55 8.88
N LYS A 106 5.69 -0.26 8.77
CA LYS A 106 5.14 0.76 9.66
C LYS A 106 3.66 1.00 9.33
N LEU A 107 3.21 0.60 8.14
CA LEU A 107 1.79 0.64 7.80
C LEU A 107 1.10 -0.69 8.09
N LEU A 108 1.85 -1.75 8.37
CA LEU A 108 1.27 -3.05 8.75
C LEU A 108 1.09 -3.14 10.26
N ILE A 109 1.37 -2.04 10.97
CA ILE A 109 1.26 -1.94 12.42
C ILE A 109 0.43 -0.73 12.82
N PRO A 110 -0.80 -0.62 12.29
CA PRO A 110 -1.69 0.51 12.51
C PRO A 110 -2.22 0.55 13.94
N ALA A 111 -2.94 1.62 14.26
CA ALA A 111 -3.51 1.84 15.57
C ALA A 111 -5.02 1.63 15.53
N PRO A 112 -5.68 1.39 16.68
CA PRO A 112 -7.11 1.24 16.76
C PRO A 112 -7.84 2.52 16.32
N GLU A 113 -9.15 2.40 16.12
CA GLU A 113 -9.98 3.49 15.65
C GLU A 113 -10.05 4.63 16.67
N GLY A 114 -10.22 5.86 16.18
CA GLY A 114 -10.32 7.05 17.01
C GLY A 114 -8.95 7.56 17.49
N THR A 115 -7.86 6.90 17.11
CA THR A 115 -6.52 7.32 17.51
C THR A 115 -5.49 7.11 16.40
N ASP A 116 -5.94 7.01 15.15
CA ASP A 116 -5.06 6.87 14.00
C ASP A 116 -5.43 7.93 12.96
N GLU A 117 -4.84 9.12 13.09
CA GLU A 117 -5.18 10.25 12.25
C GLU A 117 -4.76 10.06 10.80
N LEU A 118 -3.94 9.04 10.50
CA LEU A 118 -3.55 8.76 9.13
C LEU A 118 -4.70 8.11 8.37
N LYS A 119 -5.70 7.60 9.08
CA LYS A 119 -6.92 7.12 8.44
C LYS A 119 -7.97 8.23 8.42
N ARG A 120 -7.92 9.19 9.35
CA ARG A 120 -8.91 10.25 9.42
C ARG A 120 -8.63 11.31 8.35
N LYS A 121 -7.35 11.63 8.14
CA LYS A 121 -6.95 12.67 7.21
C LYS A 121 -6.98 12.18 5.76
N GLN A 122 -6.84 10.88 5.54
CA GLN A 122 -6.85 10.31 4.20
C GLN A 122 -8.28 9.97 3.76
N LEU A 123 -9.19 9.76 4.72
CA LEU A 123 -10.58 9.49 4.39
C LEU A 123 -11.36 10.77 4.18
N MET A 124 -10.91 11.88 4.78
CA MET A 124 -11.55 13.16 4.51
C MET A 124 -11.17 13.60 3.10
N GLU A 125 -9.93 13.34 2.69
CA GLU A 125 -9.44 13.73 1.37
C GLU A 125 -10.12 12.88 0.28
N LEU A 126 -10.37 11.60 0.58
CA LEU A 126 -11.09 10.73 -0.33
C LEU A 126 -12.50 11.28 -0.54
N ALA A 127 -13.02 11.95 0.50
CA ALA A 127 -14.37 12.45 0.48
C ALA A 127 -14.49 13.83 -0.20
N ILE A 128 -13.38 14.54 -0.39
CA ILE A 128 -13.40 15.80 -1.12
C ILE A 128 -13.32 15.47 -2.62
N ILE A 129 -12.64 14.37 -2.91
CA ILE A 129 -12.38 13.90 -4.25
C ILE A 129 -13.62 13.30 -4.89
N ASN A 130 -14.45 12.60 -4.11
CA ASN A 130 -15.68 12.01 -4.61
C ASN A 130 -16.89 12.89 -4.28
N GLY A 131 -16.66 13.98 -3.54
CA GLY A 131 -17.72 14.94 -3.23
C GLY A 131 -18.72 14.44 -2.19
N THR A 132 -18.38 13.42 -1.41
CA THR A 132 -19.30 12.84 -0.44
C THR A 132 -18.96 13.26 1.00
N TYR A 133 -18.05 14.21 1.16
CA TYR A 133 -17.61 14.63 2.48
C TYR A 133 -18.75 15.25 3.29
N ARG A 134 -18.58 15.25 4.61
CA ARG A 134 -19.53 15.88 5.53
C ARG A 134 -18.78 16.88 6.41
N PRO A 135 -19.39 18.04 6.69
CA PRO A 135 -18.80 19.09 7.50
C PRO A 135 -18.81 18.75 8.99
N MET A 136 -19.39 17.60 9.34
CA MET A 136 -19.51 17.13 10.72
C MET A 136 -20.09 18.20 11.66
N LYS A 137 -20.92 19.09 11.13
CA LYS A 137 -21.51 20.19 11.89
C LYS A 137 -22.98 20.35 11.52
N SER A 138 -23.77 20.92 12.43
CA SER A 138 -25.19 21.15 12.25
C SER A 138 -25.58 22.50 12.88
N PRO A 139 -26.69 23.11 12.43
CA PRO A 139 -27.16 24.37 12.95
C PRO A 139 -27.68 24.22 14.38
N ASN A 140 -27.67 25.32 15.14
CA ASN A 140 -28.09 25.33 16.54
C ASN A 140 -28.75 26.66 16.95
N PRO A 141 -29.70 27.18 16.15
CA PRO A 141 -30.36 28.45 16.42
C PRO A 141 -31.32 28.35 17.62
N ALA A 142 -31.55 27.13 18.12
CA ALA A 142 -32.44 26.89 19.25
C ALA A 142 -31.91 25.71 20.09
N LEU A 1 26.21 7.15 -0.18
CA LEU A 1 26.02 5.94 -1.00
C LEU A 1 27.38 5.38 -1.48
N PRO A 2 27.50 4.05 -1.60
CA PRO A 2 28.71 3.40 -2.07
C PRO A 2 28.86 3.57 -3.58
N GLU A 3 30.00 3.11 -4.10
CA GLU A 3 30.31 3.21 -5.53
C GLU A 3 29.64 2.06 -6.29
N PRO A 4 29.45 2.21 -7.60
CA PRO A 4 28.85 1.20 -8.44
C PRO A 4 29.56 -0.14 -8.35
N ALA A 5 28.83 -1.23 -8.62
CA ALA A 5 29.37 -2.58 -8.56
C ALA A 5 29.79 -3.08 -9.94
N GLY A 6 29.22 -2.51 -11.00
CA GLY A 6 29.61 -2.81 -12.38
C GLY A 6 28.44 -3.34 -13.22
N ASP A 7 27.37 -3.79 -12.58
CA ASP A 7 26.21 -4.31 -13.28
C ASP A 7 24.91 -3.88 -12.59
N MET A 8 23.82 -3.80 -13.36
CA MET A 8 22.51 -3.46 -12.83
C MET A 8 21.83 -4.72 -12.31
N ILE A 9 21.30 -4.64 -11.09
CA ILE A 9 20.68 -5.78 -10.43
C ILE A 9 19.19 -5.51 -10.23
N SER A 10 18.40 -6.56 -10.03
CA SER A 10 16.98 -6.44 -9.72
C SER A 10 16.60 -7.47 -8.66
N ILE A 11 15.82 -7.04 -7.67
CA ILE A 11 15.40 -7.94 -6.60
C ILE A 11 14.09 -7.44 -5.98
N THR A 12 13.41 -8.32 -5.22
CA THR A 12 12.17 -7.97 -4.55
C THR A 12 12.01 -8.76 -3.26
N GLU A 13 11.22 -8.22 -2.33
CA GLU A 13 10.91 -8.88 -1.06
C GLU A 13 9.40 -9.07 -0.95
N LYS A 14 9.00 -10.24 -0.45
CA LYS A 14 7.59 -10.64 -0.35
C LYS A 14 7.22 -10.76 1.12
N ILE A 15 6.54 -9.73 1.64
CA ILE A 15 6.21 -9.63 3.05
C ILE A 15 4.70 -9.61 3.21
N TYR A 16 4.15 -10.63 3.88
CA TYR A 16 2.72 -10.71 4.10
C TYR A 16 2.26 -9.73 5.19
N VAL A 17 1.01 -9.28 5.07
CA VAL A 17 0.39 -8.39 6.04
C VAL A 17 0.01 -9.17 7.29
N PRO A 18 0.27 -8.63 8.49
CA PRO A 18 -0.04 -9.26 9.77
C PRO A 18 -1.53 -9.18 10.10
N LYS A 19 -2.39 -9.22 9.08
CA LYS A 19 -3.83 -9.10 9.24
C LYS A 19 -4.44 -10.20 10.09
N ASN A 20 -3.67 -11.22 10.46
CA ASN A 20 -4.17 -12.27 11.35
C ASN A 20 -4.27 -11.76 12.78
N GLU A 21 -3.72 -10.57 13.03
CA GLU A 21 -3.79 -9.92 14.34
C GLU A 21 -4.79 -8.75 14.26
N TYR A 22 -4.99 -8.22 13.05
CA TYR A 22 -5.88 -7.11 12.79
C TYR A 22 -6.89 -7.47 11.69
N PRO A 23 -7.71 -8.51 11.89
CA PRO A 23 -8.67 -8.97 10.90
C PRO A 23 -9.79 -7.94 10.69
N ASP A 24 -9.81 -6.89 11.50
CA ASP A 24 -10.79 -5.82 11.45
C ASP A 24 -10.24 -4.58 10.75
N TYR A 25 -9.03 -4.66 10.19
CA TYR A 25 -8.37 -3.51 9.59
C TYR A 25 -8.26 -3.62 8.08
N ASN A 26 -8.19 -2.47 7.39
CA ASN A 26 -8.10 -2.39 5.94
C ASN A 26 -6.75 -1.81 5.53
N PHE A 27 -5.76 -2.68 5.34
CA PHE A 27 -4.41 -2.26 5.01
C PHE A 27 -4.30 -1.74 3.58
N VAL A 28 -5.07 -2.30 2.65
CA VAL A 28 -4.98 -1.91 1.25
C VAL A 28 -5.38 -0.44 1.10
N GLY A 29 -6.30 0.03 1.94
CA GLY A 29 -6.73 1.42 1.89
C GLY A 29 -5.79 2.32 2.68
N ARG A 30 -5.07 1.79 3.66
CA ARG A 30 -4.12 2.56 4.45
C ARG A 30 -2.80 2.76 3.72
N ILE A 31 -2.35 1.75 2.97
CA ILE A 31 -1.08 1.81 2.28
C ILE A 31 -1.22 2.48 0.91
N LEU A 32 -2.34 2.28 0.21
CA LEU A 32 -2.54 2.89 -1.11
C LEU A 32 -3.08 4.31 -0.97
N GLY A 33 -3.91 4.55 0.04
CA GLY A 33 -4.50 5.86 0.28
C GLY A 33 -5.50 6.24 -0.81
N PRO A 34 -6.06 7.45 -0.72
CA PRO A 34 -7.03 7.93 -1.69
C PRO A 34 -6.37 8.12 -3.04
N ARG A 35 -7.05 7.64 -4.10
CA ARG A 35 -6.58 7.70 -5.48
C ARG A 35 -5.13 7.23 -5.64
N GLY A 36 -4.64 6.35 -4.75
CA GLY A 36 -3.30 5.80 -4.85
C GLY A 36 -2.22 6.78 -4.40
N MET A 37 -2.61 7.92 -3.81
CA MET A 37 -1.69 8.98 -3.45
C MET A 37 -0.61 8.55 -2.46
N THR A 38 -0.92 7.58 -1.58
CA THR A 38 0.06 7.15 -0.58
C THR A 38 1.03 6.15 -1.19
N ALA A 39 0.57 5.35 -2.15
CA ALA A 39 1.43 4.39 -2.83
C ALA A 39 2.34 5.11 -3.83
N LYS A 40 1.83 6.15 -4.48
CA LYS A 40 2.60 6.93 -5.45
C LYS A 40 3.67 7.75 -4.75
N GLN A 41 3.41 8.15 -3.50
CA GLN A 41 4.36 8.91 -2.71
C GLN A 41 5.50 8.01 -2.23
N LEU A 42 5.18 6.74 -1.93
CA LEU A 42 6.18 5.79 -1.45
C LEU A 42 7.10 5.35 -2.58
N GLU A 43 6.56 5.11 -3.78
CA GLU A 43 7.36 4.59 -4.89
C GLU A 43 8.26 5.65 -5.51
N GLN A 44 7.96 6.94 -5.32
CA GLN A 44 8.81 8.00 -5.84
C GLN A 44 9.88 8.38 -4.82
N ASP A 45 9.58 8.22 -3.53
CA ASP A 45 10.50 8.56 -2.45
C ASP A 45 11.60 7.52 -2.30
N THR A 46 11.27 6.24 -2.50
CA THR A 46 12.21 5.14 -2.33
C THR A 46 12.76 4.67 -3.67
N GLY A 47 12.11 5.09 -4.76
CA GLY A 47 12.49 4.64 -6.10
C GLY A 47 12.14 3.17 -6.32
N CYS A 48 11.45 2.54 -5.36
CA CYS A 48 11.06 1.15 -5.44
C CYS A 48 9.61 1.04 -5.91
N LYS A 49 9.26 -0.09 -6.53
CA LYS A 49 7.92 -0.30 -7.04
C LYS A 49 7.07 -1.01 -5.99
N ILE A 50 5.89 -0.46 -5.70
CA ILE A 50 5.03 -0.98 -4.65
C ILE A 50 3.93 -1.86 -5.24
N MET A 51 3.61 -2.94 -4.53
CA MET A 51 2.55 -3.87 -4.87
C MET A 51 1.89 -4.34 -3.58
N VAL A 52 0.60 -4.02 -3.41
CA VAL A 52 -0.13 -4.30 -2.19
C VAL A 52 -1.60 -4.51 -2.51
N ARG A 53 -2.16 -5.65 -2.09
CA ARG A 53 -3.57 -5.96 -2.32
C ARG A 53 -3.97 -7.26 -1.65
N GLY A 54 -5.27 -7.53 -1.63
CA GLY A 54 -5.80 -8.83 -1.21
C GLY A 54 -6.24 -9.63 -2.44
N LYS A 55 -5.98 -10.94 -2.42
CA LYS A 55 -6.38 -11.89 -3.45
C LYS A 55 -6.10 -11.43 -4.88
N GLY A 56 -5.05 -10.63 -5.10
CA GLY A 56 -4.74 -10.12 -6.43
C GLY A 56 -3.54 -9.17 -6.43
N SER A 57 -2.64 -9.29 -5.46
CA SER A 57 -1.50 -8.39 -5.32
C SER A 57 -0.29 -8.84 -6.13
N MET A 58 -0.30 -10.07 -6.63
CA MET A 58 0.84 -10.61 -7.36
C MET A 58 0.95 -9.99 -8.75
N ARG A 59 2.12 -10.16 -9.37
CA ARG A 59 2.42 -9.65 -10.70
C ARG A 59 2.45 -10.78 -11.73
N ASP A 60 2.01 -11.97 -11.31
CA ASP A 60 1.92 -13.13 -12.17
C ASP A 60 0.45 -13.40 -12.50
N LYS A 61 0.15 -13.45 -13.79
CA LYS A 61 -1.20 -13.67 -14.29
C LYS A 61 -1.43 -15.15 -14.59
N SER A 62 -2.65 -15.63 -14.34
CA SER A 62 -3.00 -17.03 -14.54
C SER A 62 -4.21 -17.20 -15.46
N LYS A 63 -4.99 -16.13 -15.63
CA LYS A 63 -6.09 -16.09 -16.57
C LYS A 63 -5.64 -15.32 -17.79
N GLU A 64 -4.99 -14.18 -17.53
CA GLU A 64 -4.33 -13.26 -18.46
C GLU A 64 -5.12 -12.87 -19.70
N SER A 65 -4.67 -11.80 -20.37
CA SER A 65 -5.20 -11.33 -21.65
C SER A 65 -6.73 -11.23 -21.69
N ALA A 66 -7.36 -10.85 -20.57
CA ALA A 66 -8.81 -10.73 -20.51
C ALA A 66 -9.25 -9.49 -19.75
N HIS A 67 -10.35 -8.87 -20.21
CA HIS A 67 -10.93 -7.68 -19.62
C HIS A 67 -12.46 -7.63 -19.82
N ARG A 68 -13.05 -8.68 -20.41
CA ARG A 68 -14.47 -8.73 -20.71
C ARG A 68 -15.22 -9.45 -19.60
N GLY A 69 -15.86 -10.58 -19.91
CA GLY A 69 -16.59 -11.37 -18.91
C GLY A 69 -15.64 -12.02 -17.91
N LYS A 70 -14.33 -11.94 -18.17
CA LYS A 70 -13.27 -12.44 -17.30
C LYS A 70 -12.16 -11.39 -17.25
N ALA A 71 -11.29 -11.51 -16.25
CA ALA A 71 -10.19 -10.56 -16.06
C ALA A 71 -8.85 -11.29 -16.05
N ASN A 72 -7.76 -10.53 -16.14
CA ASN A 72 -6.41 -11.08 -16.16
C ASN A 72 -5.90 -11.37 -14.75
N TRP A 73 -6.69 -11.02 -13.73
CA TRP A 73 -6.36 -11.18 -12.33
C TRP A 73 -7.59 -11.67 -11.57
N GLU A 74 -7.64 -11.42 -10.26
CA GLU A 74 -8.65 -11.95 -9.35
C GLU A 74 -8.58 -13.48 -9.26
N HIS A 75 -9.13 -14.03 -8.17
CA HIS A 75 -9.14 -15.46 -7.92
C HIS A 75 -7.75 -16.09 -8.04
N LEU A 76 -6.70 -15.30 -7.77
CA LEU A 76 -5.31 -15.76 -7.88
C LEU A 76 -4.87 -16.57 -6.65
N GLU A 77 -5.84 -16.99 -5.81
CA GLU A 77 -5.56 -17.73 -4.58
C GLU A 77 -4.58 -16.99 -3.66
N ASP A 78 -4.55 -15.67 -3.77
CA ASP A 78 -3.64 -14.82 -3.02
C ASP A 78 -4.31 -14.29 -1.74
N ASP A 79 -3.53 -13.63 -0.88
CA ASP A 79 -4.00 -13.05 0.38
C ASP A 79 -3.34 -11.69 0.59
N LEU A 80 -3.79 -10.94 1.60
CA LEU A 80 -3.23 -9.62 1.89
C LEU A 80 -1.72 -9.74 2.05
N HIS A 81 -0.97 -9.18 1.10
CA HIS A 81 0.48 -9.18 1.18
C HIS A 81 1.07 -7.94 0.52
N VAL A 82 2.35 -7.72 0.82
CA VAL A 82 3.10 -6.59 0.29
C VAL A 82 4.31 -7.11 -0.49
N LEU A 83 4.61 -6.46 -1.61
CA LEU A 83 5.78 -6.75 -2.41
C LEU A 83 6.47 -5.44 -2.75
N VAL A 84 7.81 -5.44 -2.78
CA VAL A 84 8.57 -4.24 -3.05
C VAL A 84 9.74 -4.59 -3.96
N GLN A 85 9.75 -4.04 -5.17
CA GLN A 85 10.78 -4.33 -6.15
C GLN A 85 11.70 -3.13 -6.35
N CYS A 86 13.00 -3.38 -6.56
CA CYS A 86 13.96 -2.32 -6.82
C CYS A 86 15.08 -2.82 -7.73
N GLU A 87 15.72 -1.89 -8.44
CA GLU A 87 16.85 -2.21 -9.30
C GLU A 87 17.94 -1.15 -9.18
N ASP A 88 19.16 -1.61 -8.91
CA ASP A 88 20.35 -0.77 -8.80
C ASP A 88 21.57 -1.69 -8.80
N THR A 89 22.77 -1.16 -8.53
CA THR A 89 23.97 -1.96 -8.45
C THR A 89 23.94 -2.88 -7.22
N GLU A 90 24.84 -3.85 -7.20
CA GLU A 90 24.92 -4.83 -6.10
C GLU A 90 25.15 -4.15 -4.75
N ASN A 91 25.48 -2.85 -4.78
CA ASN A 91 25.82 -2.10 -3.58
C ASN A 91 24.72 -1.13 -3.17
N ARG A 92 23.69 -0.95 -4.01
CA ARG A 92 22.65 0.04 -3.73
C ARG A 92 21.24 -0.49 -3.90
N VAL A 93 21.08 -1.64 -4.58
CA VAL A 93 19.76 -2.21 -4.83
C VAL A 93 19.12 -2.67 -3.52
N HIS A 94 19.93 -3.00 -2.52
CA HIS A 94 19.42 -3.48 -1.24
C HIS A 94 19.15 -2.31 -0.29
N ILE A 95 19.92 -1.23 -0.36
CA ILE A 95 19.72 -0.10 0.52
C ILE A 95 18.36 0.53 0.25
N LYS A 96 17.95 0.58 -1.02
CA LYS A 96 16.65 1.12 -1.41
C LYS A 96 15.54 0.14 -1.08
N LEU A 97 15.80 -1.16 -1.25
CA LEU A 97 14.79 -2.18 -0.95
C LEU A 97 14.47 -2.17 0.54
N GLN A 98 15.50 -2.09 1.39
CA GLN A 98 15.34 -2.13 2.83
C GLN A 98 14.64 -0.88 3.35
N ALA A 99 14.92 0.28 2.75
CA ALA A 99 14.31 1.53 3.17
C ALA A 99 12.82 1.54 2.79
N ALA A 100 12.49 0.99 1.63
CA ALA A 100 11.12 0.95 1.16
C ALA A 100 10.28 0.04 2.06
N LEU A 101 10.80 -1.14 2.41
CA LEU A 101 10.05 -2.06 3.24
C LEU A 101 10.01 -1.61 4.70
N GLU A 102 10.78 -0.58 5.05
CA GLU A 102 10.70 -0.01 6.39
C GLU A 102 9.46 0.88 6.51
N GLN A 103 9.09 1.54 5.42
CA GLN A 103 7.90 2.40 5.42
C GLN A 103 6.63 1.56 5.38
N VAL A 104 6.68 0.40 4.73
CA VAL A 104 5.47 -0.40 4.62
C VAL A 104 5.17 -1.05 5.96
N LYS A 105 6.19 -1.60 6.63
CA LYS A 105 5.99 -2.33 7.88
C LYS A 105 5.48 -1.42 8.99
N LYS A 106 5.79 -0.11 8.97
CA LYS A 106 5.22 0.81 9.93
C LYS A 106 3.77 1.15 9.60
N LEU A 107 3.35 0.86 8.37
CA LEU A 107 1.93 0.96 7.99
C LEU A 107 1.18 -0.35 8.25
N LEU A 108 1.88 -1.46 8.50
CA LEU A 108 1.25 -2.73 8.82
C LEU A 108 1.03 -2.88 10.33
N ILE A 109 1.32 -1.82 11.09
CA ILE A 109 1.19 -1.82 12.54
C ILE A 109 0.35 -0.63 13.03
N PRO A 110 -0.87 -0.47 12.48
CA PRO A 110 -1.78 0.61 12.81
C PRO A 110 -2.36 0.46 14.21
N ALA A 111 -3.12 1.45 14.65
CA ALA A 111 -3.74 1.47 15.97
C ALA A 111 -5.24 1.17 15.85
N PRO A 112 -5.91 0.87 16.98
CA PRO A 112 -7.33 0.65 17.04
C PRO A 112 -8.14 1.83 16.51
N GLU A 113 -9.45 1.64 16.35
CA GLU A 113 -10.35 2.66 15.83
C GLU A 113 -10.53 3.78 16.85
N GLY A 114 -10.71 5.01 16.35
CA GLY A 114 -10.91 6.19 17.17
C GLY A 114 -9.62 6.68 17.84
N THR A 115 -8.48 6.05 17.53
CA THR A 115 -7.19 6.45 18.07
C THR A 115 -6.11 6.42 16.98
N ASP A 116 -6.52 6.22 15.72
CA ASP A 116 -5.62 6.28 14.58
C ASP A 116 -6.12 7.37 13.64
N GLU A 117 -5.80 8.62 13.97
CA GLU A 117 -6.29 9.76 13.21
C GLU A 117 -5.66 9.83 11.82
N LEU A 118 -4.61 9.05 11.56
CA LEU A 118 -3.98 9.02 10.25
C LEU A 118 -4.88 8.27 9.26
N LYS A 119 -5.75 7.40 9.77
CA LYS A 119 -6.70 6.66 8.96
C LYS A 119 -7.99 7.47 8.78
N ARG A 120 -8.32 8.34 9.72
CA ARG A 120 -9.56 9.11 9.66
C ARG A 120 -9.37 10.41 8.88
N LYS A 121 -8.14 10.91 8.82
CA LYS A 121 -7.85 12.16 8.11
C LYS A 121 -7.61 11.93 6.62
N GLN A 122 -7.37 10.68 6.21
CA GLN A 122 -7.25 10.35 4.80
C GLN A 122 -8.62 9.95 4.23
N LEU A 123 -9.54 9.50 5.08
CA LEU A 123 -10.88 9.15 4.64
C LEU A 123 -11.74 10.39 4.40
N MET A 124 -11.42 11.52 5.03
CA MET A 124 -12.14 12.74 4.74
C MET A 124 -11.67 13.29 3.39
N GLU A 125 -10.39 13.08 3.04
CA GLU A 125 -9.84 13.58 1.80
C GLU A 125 -10.35 12.73 0.64
N LEU A 126 -10.55 11.43 0.89
CA LEU A 126 -11.15 10.54 -0.08
C LEU A 126 -12.57 11.02 -0.39
N ALA A 127 -13.20 11.67 0.60
CA ALA A 127 -14.57 12.12 0.49
C ALA A 127 -14.67 13.53 -0.11
N ILE A 128 -13.56 14.28 -0.20
CA ILE A 128 -13.56 15.57 -0.89
C ILE A 128 -13.36 15.28 -2.37
N ILE A 129 -12.62 14.21 -2.66
CA ILE A 129 -12.32 13.76 -4.00
C ILE A 129 -13.55 13.10 -4.64
N ASN A 130 -14.35 12.39 -3.84
CA ASN A 130 -15.54 11.72 -4.32
C ASN A 130 -16.79 12.58 -4.10
N GLY A 131 -16.64 13.71 -3.41
CA GLY A 131 -17.74 14.63 -3.17
C GLY A 131 -18.77 14.04 -2.20
N THR A 132 -18.41 12.98 -1.47
CA THR A 132 -19.32 12.31 -0.57
C THR A 132 -19.05 12.66 0.89
N TYR A 133 -18.29 13.73 1.13
CA TYR A 133 -17.95 14.14 2.49
C TYR A 133 -19.19 14.54 3.28
N ARG A 134 -19.07 14.51 4.61
CA ARG A 134 -20.16 14.87 5.51
C ARG A 134 -19.71 16.02 6.42
N PRO A 135 -20.45 17.12 6.47
CA PRO A 135 -20.17 18.22 7.39
C PRO A 135 -20.31 17.80 8.86
N MET A 136 -21.13 16.77 9.08
CA MET A 136 -21.47 16.23 10.40
C MET A 136 -21.86 17.31 11.41
N LYS A 137 -22.44 18.42 10.92
CA LYS A 137 -22.87 19.52 11.75
C LYS A 137 -24.16 20.14 11.19
N SER A 138 -24.82 20.98 11.99
CA SER A 138 -26.03 21.67 11.57
C SER A 138 -25.67 22.78 10.57
N PRO A 139 -26.61 23.14 9.67
CA PRO A 139 -26.40 24.16 8.66
C PRO A 139 -26.45 25.58 9.23
N ASN A 140 -26.72 25.72 10.54
CA ASN A 140 -26.81 27.00 11.24
C ASN A 140 -27.65 28.01 10.44
N PRO A 141 -28.96 27.75 10.31
CA PRO A 141 -29.87 28.59 9.54
C PRO A 141 -30.13 29.91 10.25
N ALA A 142 -30.66 30.89 9.52
CA ALA A 142 -30.98 32.21 10.05
C ALA A 142 -32.21 32.78 9.34
N LEU A 1 24.22 6.23 -1.95
CA LEU A 1 25.27 6.77 -1.08
C LEU A 1 26.67 6.40 -1.56
N PRO A 2 27.05 5.11 -1.62
CA PRO A 2 28.35 4.71 -2.11
C PRO A 2 28.44 4.83 -3.63
N GLU A 3 29.63 4.59 -4.18
CA GLU A 3 29.85 4.63 -5.62
C GLU A 3 29.20 3.41 -6.28
N PRO A 4 28.78 3.54 -7.55
CA PRO A 4 28.11 2.47 -8.25
C PRO A 4 29.06 1.30 -8.54
N ALA A 5 28.50 0.08 -8.58
CA ALA A 5 29.23 -1.13 -8.87
C ALA A 5 29.28 -1.38 -10.38
N GLY A 6 29.52 -2.63 -10.77
CA GLY A 6 29.82 -2.98 -12.15
C GLY A 6 28.60 -3.30 -13.04
N ASP A 7 27.47 -3.69 -12.44
CA ASP A 7 26.29 -4.07 -13.22
C ASP A 7 24.99 -3.71 -12.51
N MET A 8 23.89 -3.69 -13.28
CA MET A 8 22.57 -3.35 -12.79
C MET A 8 21.85 -4.60 -12.27
N ILE A 9 21.33 -4.53 -11.05
CA ILE A 9 20.70 -5.66 -10.39
C ILE A 9 19.21 -5.41 -10.21
N SER A 10 18.43 -6.47 -10.03
CA SER A 10 17.00 -6.37 -9.77
C SER A 10 16.59 -7.42 -8.73
N ILE A 11 15.78 -7.02 -7.76
CA ILE A 11 15.33 -7.91 -6.70
C ILE A 11 13.97 -7.47 -6.15
N THR A 12 13.34 -8.32 -5.35
CA THR A 12 12.08 -7.98 -4.70
C THR A 12 11.94 -8.71 -3.36
N GLU A 13 11.07 -8.20 -2.49
CA GLU A 13 10.80 -8.78 -1.18
C GLU A 13 9.31 -9.02 -0.99
N LYS A 14 8.99 -10.15 -0.34
CA LYS A 14 7.62 -10.51 -0.01
C LYS A 14 7.41 -10.23 1.47
N ILE A 15 6.38 -9.42 1.78
CA ILE A 15 6.04 -9.07 3.14
C ILE A 15 4.54 -9.18 3.34
N TYR A 16 4.09 -10.29 3.92
CA TYR A 16 2.67 -10.51 4.17
C TYR A 16 2.16 -9.54 5.23
N VAL A 17 0.87 -9.17 5.09
CA VAL A 17 0.21 -8.25 6.01
C VAL A 17 -0.19 -9.01 7.29
N PRO A 18 0.11 -8.46 8.47
CA PRO A 18 -0.19 -9.06 9.76
C PRO A 18 -1.67 -8.94 10.13
N LYS A 19 -2.55 -8.99 9.13
CA LYS A 19 -3.99 -8.86 9.32
C LYS A 19 -4.59 -9.90 10.27
N ASN A 20 -3.81 -10.91 10.67
CA ASN A 20 -4.27 -11.91 11.62
C ASN A 20 -4.36 -11.31 13.03
N GLU A 21 -3.86 -10.08 13.20
CA GLU A 21 -3.90 -9.36 14.46
C GLU A 21 -4.82 -8.15 14.35
N TYR A 22 -5.06 -7.71 13.11
CA TYR A 22 -5.92 -6.59 12.79
C TYR A 22 -6.99 -7.02 11.77
N PRO A 23 -7.85 -7.97 12.13
CA PRO A 23 -8.80 -8.60 11.21
C PRO A 23 -9.92 -7.65 10.76
N ASP A 24 -9.97 -6.45 11.34
CA ASP A 24 -10.98 -5.45 11.00
C ASP A 24 -10.35 -4.23 10.32
N TYR A 25 -9.08 -4.34 9.91
CA TYR A 25 -8.36 -3.23 9.34
C TYR A 25 -8.26 -3.33 7.82
N ASN A 26 -8.12 -2.19 7.15
CA ASN A 26 -8.06 -2.10 5.70
C ASN A 26 -6.69 -1.57 5.25
N PHE A 27 -5.70 -2.46 5.22
CA PHE A 27 -4.34 -2.09 4.89
C PHE A 27 -4.23 -1.59 3.46
N VAL A 28 -5.00 -2.18 2.53
CA VAL A 28 -4.92 -1.78 1.13
C VAL A 28 -5.35 -0.33 0.99
N GLY A 29 -6.32 0.10 1.80
CA GLY A 29 -6.80 1.47 1.76
C GLY A 29 -5.83 2.44 2.43
N ARG A 30 -4.88 1.95 3.24
CA ARG A 30 -3.86 2.80 3.83
C ARG A 30 -2.58 2.84 3.02
N ILE A 31 -2.16 1.70 2.45
CA ILE A 31 -0.93 1.66 1.66
C ILE A 31 -1.16 2.36 0.32
N LEU A 32 -2.35 2.22 -0.27
CA LEU A 32 -2.66 2.90 -1.53
C LEU A 32 -3.20 4.30 -1.29
N GLY A 33 -3.99 4.48 -0.21
CA GLY A 33 -4.57 5.77 0.11
C GLY A 33 -5.55 6.23 -0.97
N PRO A 34 -6.03 7.48 -0.87
CA PRO A 34 -6.95 8.04 -1.82
C PRO A 34 -6.30 8.20 -3.18
N ARG A 35 -7.02 7.81 -4.24
CA ARG A 35 -6.56 7.90 -5.63
C ARG A 35 -5.16 7.31 -5.86
N GLY A 36 -4.72 6.40 -5.01
CA GLY A 36 -3.41 5.75 -5.16
C GLY A 36 -2.26 6.68 -4.78
N MET A 37 -2.58 7.87 -4.27
CA MET A 37 -1.58 8.90 -3.99
C MET A 37 -0.56 8.47 -2.93
N THR A 38 -0.93 7.55 -2.03
CA THR A 38 -0.01 7.11 -0.99
C THR A 38 0.94 6.04 -1.53
N ALA A 39 0.46 5.24 -2.49
CA ALA A 39 1.30 4.26 -3.15
C ALA A 39 2.29 4.97 -4.07
N LYS A 40 1.85 6.06 -4.70
CA LYS A 40 2.67 6.85 -5.60
C LYS A 40 3.75 7.61 -4.83
N GLN A 41 3.45 7.99 -3.59
CA GLN A 41 4.39 8.73 -2.77
C GLN A 41 5.49 7.80 -2.24
N LEU A 42 5.14 6.54 -1.96
CA LEU A 42 6.10 5.58 -1.45
C LEU A 42 7.07 5.15 -2.55
N GLU A 43 6.57 4.94 -3.78
CA GLU A 43 7.41 4.45 -4.87
C GLU A 43 8.32 5.52 -5.46
N GLN A 44 8.00 6.81 -5.26
CA GLN A 44 8.86 7.87 -5.74
C GLN A 44 9.90 8.26 -4.69
N ASP A 45 9.57 8.05 -3.41
CA ASP A 45 10.46 8.39 -2.32
C ASP A 45 11.57 7.35 -2.16
N THR A 46 11.24 6.07 -2.37
CA THR A 46 12.20 4.98 -2.19
C THR A 46 12.80 4.54 -3.52
N GLY A 47 12.16 4.92 -4.63
CA GLY A 47 12.57 4.48 -5.94
C GLY A 47 12.22 3.02 -6.19
N CYS A 48 11.54 2.38 -5.25
CA CYS A 48 11.12 0.99 -5.34
C CYS A 48 9.66 0.93 -5.79
N LYS A 49 9.25 -0.20 -6.39
CA LYS A 49 7.91 -0.34 -6.93
C LYS A 49 7.01 -1.07 -5.93
N ILE A 50 5.82 -0.53 -5.70
CA ILE A 50 4.89 -1.08 -4.71
C ILE A 50 3.84 -1.96 -5.38
N MET A 51 3.50 -3.06 -4.71
CA MET A 51 2.52 -4.03 -5.17
C MET A 51 1.78 -4.61 -3.96
N VAL A 52 0.47 -4.83 -4.12
CA VAL A 52 -0.40 -5.31 -3.05
C VAL A 52 -1.50 -6.19 -3.64
N ARG A 53 -1.86 -7.28 -2.96
CA ARG A 53 -2.99 -8.13 -3.37
C ARG A 53 -3.50 -8.96 -2.20
N GLY A 54 -4.72 -9.49 -2.33
CA GLY A 54 -5.31 -10.39 -1.34
C GLY A 54 -6.83 -10.25 -1.33
N LYS A 55 -7.48 -10.73 -0.27
CA LYS A 55 -8.93 -10.60 -0.12
C LYS A 55 -9.36 -9.13 -0.14
N GLY A 56 -8.44 -8.19 0.07
CA GLY A 56 -8.74 -6.77 0.10
C GLY A 56 -8.68 -6.11 -1.28
N SER A 57 -8.14 -6.80 -2.28
CA SER A 57 -8.03 -6.26 -3.63
C SER A 57 -9.20 -6.72 -4.51
N MET A 58 -10.28 -7.16 -3.88
CA MET A 58 -11.49 -7.60 -4.56
C MET A 58 -12.33 -6.38 -4.99
N ARG A 59 -13.63 -6.61 -5.20
CA ARG A 59 -14.62 -5.62 -5.65
C ARG A 59 -14.20 -4.88 -6.93
N ASP A 60 -13.21 -5.40 -7.64
CA ASP A 60 -12.78 -4.87 -8.92
C ASP A 60 -13.71 -5.34 -10.05
N LYS A 61 -14.74 -6.12 -9.69
CA LYS A 61 -15.72 -6.65 -10.63
C LYS A 61 -17.12 -6.56 -10.02
N SER A 62 -18.15 -6.61 -10.87
CA SER A 62 -19.54 -6.54 -10.41
C SER A 62 -20.49 -7.35 -11.29
N LYS A 63 -20.09 -7.72 -12.51
CA LYS A 63 -20.93 -8.47 -13.44
C LYS A 63 -20.13 -9.44 -14.30
N GLU A 64 -18.85 -9.64 -13.99
CA GLU A 64 -17.97 -10.51 -14.76
C GLU A 64 -18.01 -11.93 -14.20
N SER A 65 -17.87 -12.93 -15.09
CA SER A 65 -17.88 -14.33 -14.72
C SER A 65 -16.80 -15.10 -15.49
N ALA A 66 -16.39 -16.25 -14.95
CA ALA A 66 -15.34 -17.09 -15.50
C ALA A 66 -14.02 -16.32 -15.70
N HIS A 67 -13.02 -16.99 -16.27
CA HIS A 67 -11.72 -16.38 -16.53
C HIS A 67 -11.18 -16.84 -17.89
N ARG A 68 -10.35 -15.99 -18.50
CA ARG A 68 -9.71 -16.28 -19.79
C ARG A 68 -8.39 -15.53 -19.85
N GLY A 69 -7.37 -16.13 -20.46
CA GLY A 69 -6.05 -15.52 -20.53
C GLY A 69 -5.43 -15.42 -19.16
N LYS A 70 -4.78 -14.28 -18.86
CA LYS A 70 -4.16 -14.02 -17.57
C LYS A 70 -4.61 -12.68 -17.02
N ALA A 71 -4.49 -12.50 -15.69
CA ALA A 71 -4.91 -11.29 -15.01
C ALA A 71 -3.92 -10.88 -13.93
N ASN A 72 -2.72 -11.46 -13.96
CA ASN A 72 -1.66 -11.23 -13.00
C ASN A 72 -2.00 -11.61 -11.57
N TRP A 73 -3.10 -12.34 -11.36
CA TRP A 73 -3.45 -12.89 -10.05
C TRP A 73 -4.30 -14.16 -10.22
N GLU A 74 -4.08 -15.10 -9.28
CA GLU A 74 -4.78 -16.36 -9.22
C GLU A 74 -5.03 -16.67 -7.74
N HIS A 75 -5.96 -17.60 -7.45
CA HIS A 75 -6.34 -17.89 -6.08
C HIS A 75 -6.57 -16.58 -5.33
N LEU A 76 -7.47 -15.76 -5.88
CA LEU A 76 -7.75 -14.41 -5.39
C LEU A 76 -8.15 -14.41 -3.90
N GLU A 77 -8.48 -15.59 -3.35
CA GLU A 77 -8.90 -15.72 -1.97
C GLU A 77 -7.71 -15.75 -1.00
N ASP A 78 -6.48 -15.58 -1.50
CA ASP A 78 -5.31 -15.53 -0.65
C ASP A 78 -5.34 -14.28 0.24
N ASP A 79 -4.65 -14.33 1.37
CA ASP A 79 -4.61 -13.22 2.32
C ASP A 79 -3.73 -12.08 1.80
N LEU A 80 -3.88 -10.92 2.45
CA LEU A 80 -3.19 -9.71 2.06
C LEU A 80 -1.68 -9.87 2.17
N HIS A 81 -0.96 -9.45 1.13
CA HIS A 81 0.49 -9.39 1.17
C HIS A 81 0.99 -8.17 0.40
N VAL A 82 2.20 -7.74 0.74
CA VAL A 82 2.84 -6.61 0.09
C VAL A 82 4.11 -7.09 -0.60
N LEU A 83 4.46 -6.46 -1.72
CA LEU A 83 5.68 -6.77 -2.46
C LEU A 83 6.41 -5.47 -2.75
N VAL A 84 7.75 -5.50 -2.76
CA VAL A 84 8.54 -4.31 -2.98
C VAL A 84 9.70 -4.65 -3.91
N GLN A 85 9.67 -4.12 -5.13
CA GLN A 85 10.68 -4.38 -6.12
C GLN A 85 11.69 -3.24 -6.20
N CYS A 86 12.96 -3.57 -6.41
CA CYS A 86 14.03 -2.58 -6.45
C CYS A 86 15.07 -2.96 -7.49
N GLU A 87 15.68 -1.96 -8.14
CA GLU A 87 16.75 -2.19 -9.08
C GLU A 87 17.83 -1.11 -8.99
N ASP A 88 19.06 -1.54 -8.79
CA ASP A 88 20.24 -0.68 -8.74
C ASP A 88 21.49 -1.57 -8.78
N THR A 89 22.67 -0.99 -8.60
CA THR A 89 23.90 -1.75 -8.57
C THR A 89 23.97 -2.65 -7.35
N GLU A 90 24.91 -3.61 -7.37
CA GLU A 90 25.12 -4.56 -6.28
C GLU A 90 25.47 -3.85 -4.97
N ASN A 91 25.65 -2.53 -5.04
CA ASN A 91 26.10 -1.73 -3.91
C ASN A 91 25.07 -0.69 -3.49
N ARG A 92 23.93 -0.61 -4.20
CA ARG A 92 22.89 0.37 -3.88
C ARG A 92 21.49 -0.23 -3.91
N VAL A 93 21.31 -1.40 -4.54
CA VAL A 93 19.99 -2.03 -4.65
C VAL A 93 19.47 -2.46 -3.29
N HIS A 94 20.39 -2.72 -2.35
CA HIS A 94 20.01 -3.18 -1.01
C HIS A 94 19.59 -2.02 -0.12
N ILE A 95 20.23 -0.85 -0.28
CA ILE A 95 19.95 0.30 0.56
C ILE A 95 18.54 0.83 0.28
N LYS A 96 18.14 0.85 -1.00
CA LYS A 96 16.82 1.32 -1.38
C LYS A 96 15.76 0.28 -1.06
N LEU A 97 16.13 -1.01 -1.11
CA LEU A 97 15.21 -2.09 -0.81
C LEU A 97 14.86 -2.10 0.68
N GLN A 98 15.89 -1.98 1.51
CA GLN A 98 15.74 -2.01 2.96
C GLN A 98 14.98 -0.78 3.45
N ALA A 99 15.17 0.37 2.80
CA ALA A 99 14.48 1.59 3.17
C ALA A 99 13.01 1.51 2.76
N ALA A 100 12.73 0.88 1.62
CA ALA A 100 11.37 0.77 1.13
C ALA A 100 10.55 -0.16 2.02
N LEU A 101 11.08 -1.33 2.34
CA LEU A 101 10.38 -2.30 3.16
C LEU A 101 10.30 -1.83 4.62
N GLU A 102 11.08 -0.80 4.97
CA GLU A 102 10.99 -0.21 6.30
C GLU A 102 9.71 0.61 6.40
N GLN A 103 9.33 1.31 5.33
CA GLN A 103 8.13 2.13 5.37
C GLN A 103 6.88 1.28 5.31
N VAL A 104 6.92 0.14 4.61
CA VAL A 104 5.70 -0.65 4.48
C VAL A 104 5.34 -1.23 5.85
N LYS A 105 6.32 -1.76 6.60
CA LYS A 105 6.06 -2.32 7.92
C LYS A 105 5.42 -1.28 8.84
N LYS A 106 5.85 -0.03 8.73
CA LYS A 106 5.26 1.05 9.51
C LYS A 106 3.80 1.31 9.10
N LEU A 107 3.40 0.83 7.92
CA LEU A 107 2.00 0.90 7.49
C LEU A 107 1.23 -0.37 7.84
N LEU A 108 1.92 -1.43 8.25
CA LEU A 108 1.29 -2.68 8.65
C LEU A 108 1.11 -2.75 10.17
N ILE A 109 1.35 -1.65 10.87
CA ILE A 109 1.28 -1.60 12.33
C ILE A 109 0.37 -0.48 12.85
N PRO A 110 -0.89 -0.42 12.37
CA PRO A 110 -1.88 0.53 12.82
C PRO A 110 -2.32 0.24 14.26
N ALA A 111 -3.09 1.17 14.83
CA ALA A 111 -3.63 1.06 16.18
C ALA A 111 -5.01 0.41 16.15
N PRO A 112 -5.57 0.04 17.31
CA PRO A 112 -6.91 -0.49 17.44
C PRO A 112 -7.97 0.46 16.85
N GLU A 113 -9.21 -0.03 16.76
CA GLU A 113 -10.31 0.71 16.16
C GLU A 113 -10.71 1.92 17.00
N GLY A 114 -11.19 2.96 16.32
CA GLY A 114 -11.65 4.20 16.93
C GLY A 114 -10.53 5.00 17.59
N THR A 115 -9.28 4.54 17.48
CA THR A 115 -8.13 5.23 18.07
C THR A 115 -6.96 5.29 17.09
N ASP A 116 -7.17 4.85 15.84
CA ASP A 116 -6.16 4.94 14.80
C ASP A 116 -6.45 6.15 13.93
N GLU A 117 -5.47 7.04 13.78
CA GLU A 117 -5.67 8.27 13.02
C GLU A 117 -5.32 8.08 11.55
N LEU A 118 -4.66 6.96 11.19
CA LEU A 118 -4.20 6.77 9.83
C LEU A 118 -5.34 6.24 8.94
N LYS A 119 -6.25 5.46 9.50
CA LYS A 119 -7.40 4.96 8.76
C LYS A 119 -8.52 5.99 8.73
N ARG A 120 -8.58 6.88 9.72
CA ARG A 120 -9.70 7.81 9.81
C ARG A 120 -9.44 9.13 9.08
N LYS A 121 -8.16 9.52 8.92
CA LYS A 121 -7.83 10.77 8.24
C LYS A 121 -7.69 10.59 6.73
N GLN A 122 -7.35 9.38 6.27
CA GLN A 122 -7.22 9.14 4.83
C GLN A 122 -8.60 9.02 4.20
N LEU A 123 -9.61 8.63 5.00
CA LEU A 123 -11.00 8.59 4.54
C LEU A 123 -11.59 9.99 4.50
N MET A 124 -10.97 10.95 5.18
CA MET A 124 -11.45 12.32 5.19
C MET A 124 -11.08 13.01 3.87
N GLU A 125 -9.81 12.89 3.46
CA GLU A 125 -9.34 13.49 2.22
C GLU A 125 -9.98 12.79 1.03
N LEU A 126 -10.28 11.50 1.15
CA LEU A 126 -10.98 10.76 0.10
C LEU A 126 -12.39 11.35 -0.05
N ALA A 127 -12.96 11.84 1.06
CA ALA A 127 -14.30 12.36 1.06
C ALA A 127 -14.36 13.79 0.49
N ILE A 128 -13.21 14.46 0.38
CA ILE A 128 -13.15 15.78 -0.24
C ILE A 128 -13.01 15.58 -1.76
N ILE A 129 -12.43 14.45 -2.14
CA ILE A 129 -12.16 14.09 -3.52
C ILE A 129 -13.42 13.59 -4.21
N ASN A 130 -14.32 12.92 -3.49
CA ASN A 130 -15.56 12.41 -4.06
C ASN A 130 -16.74 13.28 -3.65
N GLY A 131 -16.51 14.28 -2.79
CA GLY A 131 -17.53 15.25 -2.42
C GLY A 131 -18.58 14.72 -1.43
N THR A 132 -18.30 13.60 -0.75
CA THR A 132 -19.26 13.00 0.17
C THR A 132 -18.90 13.28 1.64
N TYR A 133 -17.99 14.23 1.88
CA TYR A 133 -17.51 14.54 3.21
C TYR A 133 -18.61 14.96 4.17
N ARG A 134 -18.36 14.77 5.46
CA ARG A 134 -19.24 15.22 6.52
C ARG A 134 -18.65 16.48 7.16
N PRO A 135 -19.48 17.50 7.44
CA PRO A 135 -19.06 18.77 7.99
C PRO A 135 -18.74 18.70 9.49
N MET A 136 -18.46 17.50 10.02
CA MET A 136 -18.17 17.33 11.43
C MET A 136 -16.98 18.21 11.82
N LYS A 137 -17.28 19.30 12.56
CA LYS A 137 -16.31 20.29 13.00
C LYS A 137 -15.33 20.67 11.88
N SER A 138 -15.85 20.88 10.67
CA SER A 138 -15.06 21.23 9.52
C SER A 138 -14.53 22.67 9.64
N PRO A 139 -13.41 22.98 8.97
CA PRO A 139 -12.80 24.30 8.99
C PRO A 139 -13.63 25.29 8.17
N ASN A 140 -13.39 26.59 8.40
CA ASN A 140 -14.08 27.65 7.69
C ASN A 140 -13.12 28.82 7.47
N PRO A 141 -12.79 29.16 6.23
CA PRO A 141 -11.94 30.29 5.88
C PRO A 141 -12.45 31.61 6.45
N ALA A 142 -11.56 32.60 6.56
CA ALA A 142 -11.88 33.92 7.09
C ALA A 142 -11.03 34.98 6.40
#